data_6E9P
#
_entry.id   6E9P
#
_cell.length_a   134.660
_cell.length_b   157.944
_cell.length_c   166.078
_cell.angle_alpha   90.000
_cell.angle_beta   90.000
_cell.angle_gamma   90.000
#
_symmetry.space_group_name_H-M   'P 21 21 21'
#
loop_
_entity.id
_entity.type
_entity.pdbx_description
1 polymer 'Tryptophan synthase alpha chain'
2 polymer 'Tryptophan synthase beta chain'
3 non-polymer 'MALONIC ACID'
4 non-polymer 'ACETATE ION'
5 non-polymer 1,2-ETHANEDIOL
6 non-polymer "(2R,3S,4R)-3-(2',6'-difluoro-4'-methyl[1,1'-biphenyl]-4-yl)-4-(fluoromethyl)azetidine-2-carbonitrile"
7 non-polymer D-MALATE
8 non-polymer 'FORMIC ACID'
9 water water
#
loop_
_entity_poly.entity_id
_entity_poly.type
_entity_poly.pdbx_seq_one_letter_code
_entity_poly.pdbx_strand_id
1 'polypeptide(L)'
;MVAVEQSEASRLGPVFDSCRANNRAALIGYLPTGYPDVPASVAAMTALVESGCDIIEVGVPYSDPGMDGPTIARATEAAL
RGGVRVRDTLAAVEAISIAGGRAVVMTYWNPVLRYGVDAFARDLAAAGGLGLITPDLIPDEAQQWLAASEEHRLDRIFLV
APSSTPERLAATVEASRGFVYAASTMGVTGARDAVSQAAPELVGRVKAVSDIPVGVGLGVRSRAQAAQIAQYADGVIVGS
ALVTALTEGLPRLRALTGELAAGVRLGMSAHHHHHH
;
A,C,E,G
2 'polypeptide(L)'
;MSAAIAEPTSHDPDSGGHFGGPSGWGGRYVPEALMAVIEEVTAAYQKERVSQDFLDDLDRLQANYAGRPSPLYEATRLSQ
HAGSARIFLKREDLNHTGSH(LLP)INNVLGQALLARRMGKTRVIAETGAGQHGVATATACALLGLDCVIYMGGIDTARQ
ALNVARMRLLGAEVVAVQTGSKTLKDAINEAFRDWVANADNTYYCFGTAAGPHPFPTMVRDFQRIIGMEARVQIQGQAGR
LPDAVVACVGGGSNAIGIFHAFLDDPGVRLVGFEAAGDGVETGRHAATFTAGSPGAFHGSFSYLLQDEDGQTIESHSISA
GLDYPGVGPEHAWLKEAGRVDYRPITDSEAMDAFGLLCRMEGIIPAIESAHAVAGALKLGVELGRGAVIVVNLSGRGDKD
VETAAKWFGLLGND
;
B,D,F,H
#
loop_
_chem_comp.id
_chem_comp.type
_chem_comp.name
_chem_comp.formula
ACT non-polymer 'ACETATE ION' 'C2 H3 O2 -1'
EDO non-polymer 1,2-ETHANEDIOL 'C2 H6 O2'
FMT non-polymer 'FORMIC ACID' 'C H2 O2'
HDJ non-polymer (2R,3S,4R)-3-(2',6'-difluoro-4'-methyl[1,1'-biphenyl]-4-yl)-4-(fluoromethyl)azetidine-2-carbonitrile 'C18 H15 F3 N2'
MLA non-polymer 'MALONIC ACID' 'C3 H4 O4'
MLT non-polymer D-MALATE 'C4 H6 O5'
#
# COMPACT_ATOMS: atom_id res chain seq x y z
N GLU A 8 -15.68 -8.70 -61.54
CA GLU A 8 -17.13 -8.60 -61.46
C GLU A 8 -17.56 -7.35 -60.69
N ALA A 9 -18.66 -6.74 -61.11
CA ALA A 9 -19.11 -5.46 -60.59
C ALA A 9 -20.21 -5.64 -59.54
N SER A 10 -20.33 -4.63 -58.68
CA SER A 10 -21.31 -4.64 -57.60
C SER A 10 -22.72 -4.43 -58.16
N ARG A 11 -23.71 -4.77 -57.33
CA ARG A 11 -25.10 -4.65 -57.76
C ARG A 11 -25.51 -3.19 -57.94
N LEU A 12 -25.03 -2.31 -57.06
CA LEU A 12 -25.38 -0.89 -57.14
C LEU A 12 -24.45 -0.10 -58.04
N GLY A 13 -23.43 -0.73 -58.61
CA GLY A 13 -22.52 -0.09 -59.52
C GLY A 13 -23.18 0.71 -60.63
N PRO A 14 -23.96 0.04 -61.49
CA PRO A 14 -24.57 0.74 -62.63
C PRO A 14 -25.46 1.91 -62.24
N VAL A 15 -26.06 1.87 -61.05
CA VAL A 15 -26.93 2.96 -60.62
C VAL A 15 -26.12 4.25 -60.47
N PHE A 16 -24.97 4.16 -59.82
CA PHE A 16 -24.13 5.33 -59.65
C PHE A 16 -23.50 5.77 -60.97
N ASP A 17 -23.15 4.81 -61.84
CA ASP A 17 -22.66 5.16 -63.16
C ASP A 17 -23.67 6.00 -63.91
N SER A 18 -24.91 5.54 -63.96
CA SER A 18 -25.97 6.29 -64.62
C SER A 18 -26.14 7.67 -64.01
N CYS A 19 -26.01 7.78 -62.69
CA CYS A 19 -26.16 9.08 -62.03
C CYS A 19 -24.99 10.00 -62.36
N ARG A 20 -23.76 9.47 -62.31
CA ARG A 20 -22.59 10.27 -62.65
C ARG A 20 -22.65 10.73 -64.11
N ALA A 21 -23.23 9.91 -64.98
CA ALA A 21 -23.39 10.31 -66.38
C ALA A 21 -24.32 11.51 -66.52
N ASN A 22 -25.41 11.53 -65.75
CA ASN A 22 -26.39 12.60 -65.80
C ASN A 22 -26.06 13.76 -64.86
N ASN A 23 -24.80 13.88 -64.44
CA ASN A 23 -24.35 15.00 -63.61
C ASN A 23 -25.25 15.18 -62.38
N ARG A 24 -25.42 14.09 -61.63
CA ARG A 24 -26.25 14.14 -60.44
C ARG A 24 -25.79 13.07 -59.46
N ALA A 25 -26.23 13.22 -58.21
CA ALA A 25 -26.02 12.20 -57.21
C ALA A 25 -27.23 11.28 -57.15
N ALA A 26 -27.00 10.07 -56.66
CA ALA A 26 -28.10 9.15 -56.42
C ALA A 26 -28.85 9.56 -55.16
N LEU A 27 -30.17 9.66 -55.27
CA LEU A 27 -31.01 9.92 -54.11
C LEU A 27 -31.32 8.60 -53.42
N ILE A 28 -30.91 8.48 -52.16
CA ILE A 28 -31.03 7.25 -51.39
C ILE A 28 -31.97 7.50 -50.23
N GLY A 29 -33.15 6.91 -50.27
CA GLY A 29 -34.20 7.16 -49.29
C GLY A 29 -34.38 5.99 -48.33
N TYR A 30 -34.56 6.30 -47.06
CA TYR A 30 -34.75 5.31 -46.01
C TYR A 30 -36.19 5.39 -45.48
N LEU A 31 -36.78 4.21 -45.25
CA LEU A 31 -38.06 4.09 -44.56
C LEU A 31 -38.07 2.78 -43.81
N PRO A 32 -38.61 2.75 -42.59
CA PRO A 32 -38.67 1.49 -41.83
C PRO A 32 -39.91 0.68 -42.15
N THR A 33 -39.72 -0.63 -42.28
CA THR A 33 -40.84 -1.53 -42.50
C THR A 33 -41.83 -1.43 -41.35
N GLY A 34 -43.12 -1.45 -41.68
CA GLY A 34 -44.16 -1.55 -40.67
C GLY A 34 -44.57 -0.25 -40.03
N TYR A 35 -44.06 0.89 -40.48
CA TYR A 35 -44.49 2.17 -39.95
C TYR A 35 -45.27 2.94 -41.00
N PRO A 36 -46.52 3.36 -40.72
CA PRO A 36 -47.25 3.14 -39.47
C PRO A 36 -47.80 1.71 -39.32
N ASP A 37 -47.94 1.03 -40.45
CA ASP A 37 -48.19 -0.41 -40.46
C ASP A 37 -47.49 -0.98 -41.69
N VAL A 38 -47.59 -2.29 -41.87
CA VAL A 38 -46.88 -2.94 -42.97
C VAL A 38 -47.44 -2.48 -44.31
N PRO A 39 -48.76 -2.54 -44.56
CA PRO A 39 -49.26 -2.05 -45.86
C PRO A 39 -48.91 -0.60 -46.15
N ALA A 40 -49.10 0.28 -45.17
CA ALA A 40 -48.83 1.70 -45.40
C ALA A 40 -47.36 1.95 -45.71
N SER A 41 -46.46 1.27 -45.00
CA SER A 41 -45.03 1.42 -45.26
C SER A 41 -44.67 0.93 -46.65
N VAL A 42 -45.28 -0.16 -47.09
CA VAL A 42 -45.05 -0.66 -48.44
C VAL A 42 -45.59 0.33 -49.46
N ALA A 43 -46.76 0.91 -49.19
CA ALA A 43 -47.28 1.95 -50.07
C ALA A 43 -46.34 3.14 -50.13
N ALA A 44 -45.76 3.51 -49.00
CA ALA A 44 -44.85 4.65 -48.97
C ALA A 44 -43.54 4.33 -49.67
N MET A 45 -42.99 3.14 -49.45
CA MET A 45 -41.77 2.74 -50.15
C MET A 45 -42.00 2.71 -51.66
N THR A 46 -43.18 2.25 -52.09
CA THR A 46 -43.52 2.28 -53.50
C THR A 46 -43.59 3.72 -54.00
N ALA A 47 -44.16 4.63 -53.20
CA ALA A 47 -44.20 6.03 -53.58
C ALA A 47 -42.80 6.62 -53.74
N LEU A 48 -41.84 6.18 -52.93
CA LEU A 48 -40.47 6.65 -53.07
C LEU A 48 -39.89 6.29 -54.44
N VAL A 49 -40.14 5.06 -54.90
CA VAL A 49 -39.73 4.66 -56.24
C VAL A 49 -40.40 5.54 -57.28
N GLU A 50 -41.70 5.81 -57.11
CA GLU A 50 -42.45 6.60 -58.08
C GLU A 50 -42.09 8.08 -58.05
N SER A 51 -41.41 8.56 -57.01
CA SER A 51 -41.13 9.97 -56.85
C SER A 51 -39.68 10.35 -57.10
N GLY A 52 -38.81 9.39 -57.38
CA GLY A 52 -37.46 9.72 -57.78
C GLY A 52 -36.33 9.18 -56.92
N CYS A 53 -36.62 8.15 -56.13
CA CYS A 53 -35.60 7.54 -55.30
C CYS A 53 -34.84 6.51 -56.12
N ASP A 54 -33.52 6.69 -56.23
CA ASP A 54 -32.70 5.76 -56.99
C ASP A 54 -32.45 4.47 -56.21
N ILE A 55 -32.31 4.56 -54.88
CA ILE A 55 -32.12 3.40 -54.01
C ILE A 55 -32.99 3.57 -52.79
N ILE A 56 -33.64 2.49 -52.36
CA ILE A 56 -34.43 2.49 -51.14
C ILE A 56 -33.66 1.76 -50.05
N GLU A 57 -33.66 2.34 -48.85
CA GLU A 57 -33.11 1.68 -47.66
C GLU A 57 -34.29 1.16 -46.85
N VAL A 58 -34.52 -0.15 -46.93
CA VAL A 58 -35.59 -0.79 -46.17
C VAL A 58 -35.06 -1.11 -44.78
N GLY A 59 -35.54 -0.37 -43.78
CA GLY A 59 -35.06 -0.56 -42.42
C GLY A 59 -35.81 -1.66 -41.70
N VAL A 60 -35.06 -2.57 -41.08
CA VAL A 60 -35.63 -3.61 -40.22
C VAL A 60 -35.77 -3.02 -38.81
N PRO A 61 -36.98 -2.80 -38.31
CA PRO A 61 -37.12 -2.20 -36.98
C PRO A 61 -36.53 -3.11 -35.91
N TYR A 62 -35.70 -2.51 -35.05
CA TYR A 62 -35.00 -3.25 -34.00
C TYR A 62 -35.34 -2.66 -32.64
N SER A 63 -35.46 -3.54 -31.64
CA SER A 63 -35.91 -3.14 -30.32
C SER A 63 -34.95 -2.19 -29.62
N ASP A 64 -33.66 -2.25 -29.95
CA ASP A 64 -32.64 -1.43 -29.30
C ASP A 64 -31.75 -0.76 -30.34
N PRO A 65 -32.29 0.21 -31.10
CA PRO A 65 -31.53 0.80 -32.21
C PRO A 65 -30.65 1.95 -31.74
N GLY A 66 -29.42 1.63 -31.31
CA GLY A 66 -28.55 2.64 -30.74
C GLY A 66 -28.20 3.77 -31.68
N MET A 67 -28.05 3.48 -32.98
CA MET A 67 -27.64 4.50 -33.93
C MET A 67 -28.80 5.32 -34.47
N ASP A 68 -30.04 4.96 -34.16
CA ASP A 68 -31.19 5.67 -34.70
C ASP A 68 -31.49 6.92 -33.88
N GLY A 69 -31.73 8.03 -34.57
CA GLY A 69 -32.17 9.24 -33.93
C GLY A 69 -33.62 9.16 -33.52
N PRO A 70 -34.07 10.17 -32.76
CA PRO A 70 -35.41 10.08 -32.13
C PRO A 70 -36.54 9.88 -33.10
N THR A 71 -36.49 10.52 -34.28
CA THR A 71 -37.57 10.39 -35.25
C THR A 71 -37.72 8.95 -35.71
N ILE A 72 -36.60 8.32 -36.10
CA ILE A 72 -36.67 6.95 -36.57
C ILE A 72 -36.87 5.98 -35.42
N ALA A 73 -36.30 6.28 -34.24
CA ALA A 73 -36.51 5.44 -33.07
C ALA A 73 -38.00 5.34 -32.72
N ARG A 74 -38.70 6.49 -32.70
CA ARG A 74 -40.12 6.46 -32.39
C ARG A 74 -40.91 5.71 -33.47
N ALA A 75 -40.50 5.84 -34.73
CA ALA A 75 -41.17 5.12 -35.80
C ALA A 75 -40.96 3.61 -35.67
N THR A 76 -39.74 3.17 -35.38
CA THR A 76 -39.51 1.73 -35.28
C THR A 76 -40.17 1.16 -34.01
N GLU A 77 -40.22 1.94 -32.93
CA GLU A 77 -40.97 1.52 -31.75
C GLU A 77 -42.44 1.31 -32.11
N ALA A 78 -43.04 2.27 -32.83
CA ALA A 78 -44.41 2.10 -33.27
C ALA A 78 -44.57 0.87 -34.16
N ALA A 79 -43.62 0.67 -35.08
CA ALA A 79 -43.73 -0.47 -36.01
C ALA A 79 -43.63 -1.80 -35.26
N LEU A 80 -42.80 -1.86 -34.22
CA LEU A 80 -42.70 -3.10 -33.45
C LEU A 80 -43.93 -3.32 -32.59
N ARG A 81 -44.55 -2.24 -32.10
CA ARG A 81 -45.82 -2.38 -31.39
C ARG A 81 -46.90 -2.96 -32.30
N GLY A 82 -46.91 -2.54 -33.56
CA GLY A 82 -47.80 -3.12 -34.55
C GLY A 82 -47.48 -4.55 -34.93
N GLY A 83 -46.45 -5.15 -34.33
CA GLY A 83 -46.14 -6.54 -34.59
C GLY A 83 -45.33 -6.79 -35.83
N VAL A 84 -44.52 -5.81 -36.28
CA VAL A 84 -43.77 -5.98 -37.51
C VAL A 84 -42.76 -7.11 -37.37
N ARG A 85 -42.54 -7.82 -38.46
CA ARG A 85 -41.65 -8.99 -38.47
C ARG A 85 -40.52 -8.78 -39.45
N VAL A 86 -39.44 -9.54 -39.25
CA VAL A 86 -38.31 -9.48 -40.18
C VAL A 86 -38.74 -9.94 -41.57
N ARG A 87 -39.65 -10.92 -41.65
CA ARG A 87 -40.12 -11.37 -42.95
C ARG A 87 -40.90 -10.28 -43.68
N ASP A 88 -41.48 -9.33 -42.94
CA ASP A 88 -42.14 -8.21 -43.60
C ASP A 88 -41.15 -7.35 -44.37
N THR A 89 -39.90 -7.28 -43.89
CA THR A 89 -38.89 -6.53 -44.63
C THR A 89 -38.55 -7.22 -45.95
N LEU A 90 -38.47 -8.56 -45.94
CA LEU A 90 -38.27 -9.28 -47.19
C LEU A 90 -39.42 -9.04 -48.16
N ALA A 91 -40.66 -9.00 -47.64
CA ALA A 91 -41.80 -8.73 -48.51
C ALA A 91 -41.78 -7.32 -49.05
N ALA A 92 -41.39 -6.34 -48.22
CA ALA A 92 -41.23 -4.98 -48.70
C ALA A 92 -40.23 -4.92 -49.86
N VAL A 93 -39.14 -5.67 -49.77
CA VAL A 93 -38.14 -5.67 -50.83
C VAL A 93 -38.73 -6.25 -52.12
N GLU A 94 -39.52 -7.32 -52.01
CA GLU A 94 -40.19 -7.87 -53.19
C GLU A 94 -41.11 -6.84 -53.83
N ALA A 95 -41.85 -6.10 -53.01
CA ALA A 95 -42.72 -5.05 -53.54
C ALA A 95 -41.92 -4.00 -54.28
N ILE A 96 -40.78 -3.58 -53.71
CA ILE A 96 -39.95 -2.55 -54.35
C ILE A 96 -39.38 -3.08 -55.66
N SER A 97 -38.95 -4.34 -55.70
CA SER A 97 -38.49 -4.94 -56.94
C SER A 97 -39.60 -4.95 -57.99
N ILE A 98 -40.81 -5.36 -57.59
CA ILE A 98 -41.94 -5.41 -58.52
C ILE A 98 -42.25 -4.02 -59.05
N ALA A 99 -42.17 -3.01 -58.20
CA ALA A 99 -42.39 -1.63 -58.61
C ALA A 99 -41.24 -1.05 -59.41
N GLY A 100 -40.26 -1.88 -59.78
CA GLY A 100 -39.13 -1.40 -60.56
C GLY A 100 -38.10 -0.62 -59.78
N GLY A 101 -38.13 -0.71 -58.44
CA GLY A 101 -37.18 -0.01 -57.62
C GLY A 101 -35.92 -0.81 -57.39
N ARG A 102 -35.05 -0.25 -56.55
CA ARG A 102 -33.82 -0.89 -56.14
C ARG A 102 -33.71 -0.76 -54.62
N ALA A 103 -33.74 -1.89 -53.93
CA ALA A 103 -33.79 -1.89 -52.48
C ALA A 103 -32.53 -2.55 -51.91
N VAL A 104 -31.94 -1.90 -50.91
CA VAL A 104 -31.06 -2.55 -49.97
C VAL A 104 -31.78 -2.59 -48.62
N VAL A 105 -31.24 -3.34 -47.68
CA VAL A 105 -31.80 -3.46 -46.35
C VAL A 105 -30.81 -2.90 -45.34
N MET A 106 -31.28 -2.02 -44.47
CA MET A 106 -30.49 -1.50 -43.35
C MET A 106 -30.97 -2.18 -42.07
N THR A 107 -30.07 -2.88 -41.40
CA THR A 107 -30.47 -3.66 -40.23
C THR A 107 -29.33 -3.76 -39.24
N TYR A 108 -29.68 -3.74 -37.96
CA TYR A 108 -28.75 -4.17 -36.93
C TYR A 108 -28.50 -5.66 -37.08
N TRP A 109 -27.35 -6.11 -36.56
CA TRP A 109 -26.89 -7.43 -36.93
C TRP A 109 -27.66 -8.55 -36.22
N ASN A 110 -28.14 -8.32 -35.01
CA ASN A 110 -28.75 -9.41 -34.26
C ASN A 110 -29.95 -10.05 -34.98
N PRO A 111 -30.88 -9.29 -35.59
CA PRO A 111 -31.91 -9.96 -36.40
C PRO A 111 -31.33 -10.86 -37.48
N VAL A 112 -30.21 -10.46 -38.08
CA VAL A 112 -29.59 -11.28 -39.11
C VAL A 112 -29.01 -12.55 -38.52
N LEU A 113 -28.31 -12.44 -37.39
CA LEU A 113 -27.79 -13.62 -36.70
C LEU A 113 -28.93 -14.55 -36.32
N ARG A 114 -30.03 -13.99 -35.83
CA ARG A 114 -31.17 -14.79 -35.43
C ARG A 114 -31.77 -15.53 -36.63
N TYR A 115 -31.94 -14.80 -37.74
CA TYR A 115 -32.46 -15.41 -38.97
C TYR A 115 -31.50 -16.46 -39.53
N GLY A 116 -30.20 -16.27 -39.31
CA GLY A 116 -29.20 -17.05 -40.02
C GLY A 116 -28.59 -16.23 -41.13
N VAL A 117 -27.28 -15.96 -41.04
CA VAL A 117 -26.63 -15.01 -41.94
C VAL A 117 -26.73 -15.49 -43.39
N ASP A 118 -26.40 -16.77 -43.63
CA ASP A 118 -26.49 -17.26 -45.00
C ASP A 118 -27.95 -17.35 -45.43
N ALA A 119 -28.84 -17.76 -44.53
CA ALA A 119 -30.26 -17.82 -44.86
C ALA A 119 -30.80 -16.45 -45.21
N PHE A 120 -30.38 -15.42 -44.47
CA PHE A 120 -30.91 -14.09 -44.73
C PHE A 120 -30.37 -13.52 -46.03
N ALA A 121 -29.09 -13.76 -46.33
CA ALA A 121 -28.52 -13.33 -47.60
C ALA A 121 -29.22 -14.02 -48.77
N ARG A 122 -29.45 -15.32 -48.65
CA ARG A 122 -30.15 -16.07 -49.68
C ARG A 122 -31.55 -15.51 -49.90
N ASP A 123 -32.34 -15.40 -48.84
CA ASP A 123 -33.72 -14.96 -48.99
C ASP A 123 -33.81 -13.50 -49.43
N LEU A 124 -32.90 -12.66 -48.97
CA LEU A 124 -32.88 -11.27 -49.42
C LEU A 124 -32.54 -11.18 -50.91
N ALA A 125 -31.57 -11.97 -51.37
CA ALA A 125 -31.22 -11.97 -52.79
C ALA A 125 -32.38 -12.47 -53.63
N ALA A 126 -33.04 -13.55 -53.19
CA ALA A 126 -34.20 -14.07 -53.89
C ALA A 126 -35.30 -13.03 -53.98
N ALA A 127 -35.49 -12.25 -52.91
CA ALA A 127 -36.49 -11.20 -52.86
C ALA A 127 -36.15 -10.00 -53.75
N GLY A 128 -35.05 -10.06 -54.51
CA GLY A 128 -34.65 -8.94 -55.34
C GLY A 128 -33.78 -7.92 -54.63
N GLY A 129 -33.38 -8.17 -53.39
CA GLY A 129 -32.49 -7.26 -52.70
C GLY A 129 -31.11 -7.20 -53.34
N LEU A 130 -30.50 -6.01 -53.28
CA LEU A 130 -29.23 -5.78 -53.91
C LEU A 130 -28.07 -5.68 -52.93
N GLY A 131 -28.33 -5.53 -51.64
CA GLY A 131 -27.24 -5.35 -50.69
C GLY A 131 -27.76 -5.13 -49.29
N LEU A 132 -26.83 -4.83 -48.39
CA LEU A 132 -27.12 -4.79 -46.97
C LEU A 132 -26.28 -3.71 -46.30
N ILE A 133 -26.94 -2.81 -45.57
CA ILE A 133 -26.27 -1.77 -44.77
C ILE A 133 -26.24 -2.23 -43.32
N THR A 134 -25.05 -2.27 -42.74
CA THR A 134 -24.83 -2.88 -41.42
C THR A 134 -24.23 -1.88 -40.45
N PRO A 135 -25.06 -1.08 -39.76
CA PRO A 135 -24.52 0.01 -38.94
C PRO A 135 -23.83 -0.46 -37.66
N ASP A 136 -24.14 -1.65 -37.13
CA ASP A 136 -23.44 -2.15 -35.96
C ASP A 136 -22.59 -3.38 -36.28
N LEU A 137 -22.24 -3.58 -37.55
CA LEU A 137 -21.33 -4.65 -37.95
C LEU A 137 -20.11 -4.01 -38.60
N ILE A 138 -18.97 -4.11 -37.93
CA ILE A 138 -17.71 -3.61 -38.49
C ILE A 138 -17.05 -4.75 -39.25
N PRO A 139 -16.14 -4.46 -40.18
CA PRO A 139 -15.44 -5.55 -40.89
C PRO A 139 -14.80 -6.58 -39.97
N ASP A 140 -14.36 -6.17 -38.78
CA ASP A 140 -13.69 -7.09 -37.86
C ASP A 140 -14.57 -8.29 -37.50
N GLU A 141 -15.89 -8.17 -37.61
CA GLU A 141 -16.81 -9.23 -37.22
C GLU A 141 -17.60 -9.78 -38.40
N ALA A 142 -17.21 -9.47 -39.63
CA ALA A 142 -18.03 -9.69 -40.81
C ALA A 142 -17.61 -10.91 -41.62
N GLN A 143 -16.96 -11.89 -40.99
CA GLN A 143 -16.46 -13.05 -41.74
C GLN A 143 -17.60 -13.82 -42.39
N GLN A 144 -18.63 -14.17 -41.60
CA GLN A 144 -19.79 -14.85 -42.18
C GLN A 144 -20.46 -13.97 -43.23
N TRP A 145 -20.61 -12.68 -42.93
CA TRP A 145 -21.31 -11.79 -43.85
C TRP A 145 -20.57 -11.65 -45.17
N LEU A 146 -19.24 -11.53 -45.13
CA LEU A 146 -18.47 -11.41 -46.36
C LEU A 146 -18.63 -12.66 -47.22
N ALA A 147 -18.67 -13.84 -46.60
CA ALA A 147 -18.84 -15.06 -47.36
C ALA A 147 -20.23 -15.16 -47.96
N ALA A 148 -21.26 -14.84 -47.18
CA ALA A 148 -22.63 -14.81 -47.71
C ALA A 148 -22.79 -13.68 -48.72
N SER A 149 -22.08 -12.56 -48.52
CA SER A 149 -22.14 -11.46 -49.49
C SER A 149 -21.62 -11.91 -50.86
N GLU A 150 -20.54 -12.70 -50.89
CA GLU A 150 -20.04 -13.21 -52.16
C GLU A 150 -20.89 -14.35 -52.68
N GLU A 151 -21.36 -15.23 -51.79
CA GLU A 151 -22.16 -16.38 -52.20
C GLU A 151 -23.45 -15.94 -52.90
N HIS A 152 -24.04 -14.84 -52.46
CA HIS A 152 -25.36 -14.43 -52.93
C HIS A 152 -25.34 -13.09 -53.65
N ARG A 153 -24.15 -12.61 -54.05
CA ARG A 153 -23.99 -11.43 -54.88
C ARG A 153 -24.74 -10.23 -54.31
N LEU A 154 -24.52 -9.98 -53.03
CA LEU A 154 -25.11 -8.83 -52.33
C LEU A 154 -24.03 -7.80 -52.04
N ASP A 155 -24.38 -6.53 -52.23
CA ASP A 155 -23.47 -5.45 -51.86
C ASP A 155 -23.40 -5.33 -50.34
N ARG A 156 -22.24 -4.91 -49.83
CA ARG A 156 -22.05 -4.72 -48.40
C ARG A 156 -21.63 -3.29 -48.13
N ILE A 157 -22.54 -2.52 -47.53
CA ILE A 157 -22.32 -1.11 -47.25
C ILE A 157 -21.96 -0.99 -45.77
N PHE A 158 -20.68 -0.83 -45.48
CA PHE A 158 -20.22 -0.50 -44.14
C PHE A 158 -20.22 1.01 -43.96
N LEU A 159 -19.99 1.44 -42.72
CA LEU A 159 -19.99 2.85 -42.36
C LEU A 159 -18.60 3.31 -41.98
N VAL A 160 -18.26 4.53 -42.38
CA VAL A 160 -17.09 5.24 -41.87
C VAL A 160 -17.61 6.47 -41.14
N ALA A 161 -16.76 7.05 -40.31
CA ALA A 161 -17.15 8.18 -39.48
C ALA A 161 -16.01 9.20 -39.50
N PRO A 162 -16.32 10.46 -39.16
CA PRO A 162 -15.25 11.47 -39.05
C PRO A 162 -14.08 11.03 -38.20
N SER A 163 -14.34 10.36 -37.08
CA SER A 163 -13.32 9.93 -36.14
C SER A 163 -12.61 8.66 -36.58
N SER A 164 -12.95 8.09 -37.73
CA SER A 164 -12.31 6.87 -38.18
C SER A 164 -10.82 7.12 -38.38
N THR A 165 -10.01 6.22 -37.82
CA THR A 165 -8.58 6.30 -38.01
C THR A 165 -8.24 6.00 -39.47
N PRO A 166 -7.12 6.53 -39.98
CA PRO A 166 -6.72 6.20 -41.36
C PRO A 166 -6.65 4.70 -41.62
N GLU A 167 -6.19 3.93 -40.64
CA GLU A 167 -6.08 2.48 -40.82
C GLU A 167 -7.47 1.84 -40.93
N ARG A 168 -8.36 2.17 -39.99
CA ARG A 168 -9.69 1.56 -40.03
C ARG A 168 -10.51 2.05 -41.22
N LEU A 169 -10.33 3.31 -41.61
CA LEU A 169 -11.09 3.84 -42.74
C LEU A 169 -10.75 3.09 -44.02
N ALA A 170 -9.46 2.87 -44.27
CA ALA A 170 -9.06 2.13 -45.45
C ALA A 170 -9.56 0.68 -45.40
N ALA A 171 -9.49 0.06 -44.22
CA ALA A 171 -9.98 -1.31 -44.08
C ALA A 171 -11.49 -1.38 -44.34
N THR A 172 -12.24 -0.44 -43.77
CA THR A 172 -13.69 -0.42 -43.98
C THR A 172 -14.04 -0.17 -45.45
N VAL A 173 -13.30 0.71 -46.11
CA VAL A 173 -13.56 0.97 -47.52
C VAL A 173 -13.19 -0.24 -48.37
N GLU A 174 -12.07 -0.88 -48.06
CA GLU A 174 -11.66 -2.06 -48.81
C GLU A 174 -12.64 -3.21 -48.66
N ALA A 175 -13.32 -3.30 -47.51
CA ALA A 175 -14.28 -4.36 -47.27
C ALA A 175 -15.67 -4.06 -47.85
N SER A 176 -15.90 -2.85 -48.33
CA SER A 176 -17.21 -2.45 -48.81
C SER A 176 -17.39 -2.82 -50.29
N ARG A 177 -18.65 -2.81 -50.71
CA ARG A 177 -19.06 -3.06 -52.08
C ARG A 177 -20.35 -2.28 -52.32
N GLY A 178 -20.48 -1.68 -53.51
CA GLY A 178 -21.64 -0.86 -53.81
C GLY A 178 -21.42 0.60 -53.49
N PHE A 179 -21.54 0.97 -52.22
CA PHE A 179 -21.04 2.26 -51.75
C PHE A 179 -20.62 2.10 -50.30
N VAL A 180 -19.88 3.10 -49.81
CA VAL A 180 -19.51 3.19 -48.41
C VAL A 180 -20.30 4.35 -47.81
N TYR A 181 -20.90 4.09 -46.65
CA TYR A 181 -21.81 5.03 -46.00
C TYR A 181 -20.97 5.95 -45.09
N ALA A 182 -20.91 7.24 -45.44
CA ALA A 182 -20.22 8.24 -44.64
C ALA A 182 -21.25 8.94 -43.76
N ALA A 183 -21.33 8.54 -42.50
CA ALA A 183 -22.35 9.03 -41.58
C ALA A 183 -21.78 10.15 -40.71
N SER A 184 -22.62 11.14 -40.44
CA SER A 184 -22.20 12.31 -39.69
C SER A 184 -23.38 13.04 -39.06
N SER A 196 -19.96 21.01 -39.32
CA SER A 196 -19.59 22.15 -40.17
C SER A 196 -19.04 21.66 -41.51
N GLN A 197 -17.80 21.20 -41.50
CA GLN A 197 -17.12 20.71 -42.69
C GLN A 197 -16.70 19.25 -42.56
N ALA A 198 -17.27 18.53 -41.58
CA ALA A 198 -16.84 17.17 -41.33
C ALA A 198 -17.17 16.24 -42.50
N ALA A 199 -18.38 16.36 -43.06
CA ALA A 199 -18.82 15.43 -44.10
C ALA A 199 -17.94 15.50 -45.36
N PRO A 200 -17.74 16.66 -46.00
CA PRO A 200 -16.87 16.66 -47.19
C PRO A 200 -15.45 16.20 -46.90
N GLU A 201 -14.91 16.53 -45.72
CA GLU A 201 -13.59 16.04 -45.36
C GLU A 201 -13.57 14.52 -45.26
N LEU A 202 -14.66 13.94 -44.74
CA LEU A 202 -14.76 12.48 -44.67
C LEU A 202 -14.81 11.86 -46.05
N VAL A 203 -15.64 12.42 -46.93
CA VAL A 203 -15.72 11.93 -48.31
C VAL A 203 -14.36 12.06 -48.99
N GLY A 204 -13.67 13.18 -48.76
CA GLY A 204 -12.32 13.33 -49.31
C GLY A 204 -11.40 12.20 -48.90
N ARG A 205 -11.44 11.83 -47.62
CA ARG A 205 -10.56 10.76 -47.15
C ARG A 205 -10.89 9.43 -47.82
N VAL A 206 -12.17 9.14 -48.01
CA VAL A 206 -12.53 7.90 -48.70
C VAL A 206 -12.04 7.94 -50.14
N LYS A 207 -12.27 9.05 -50.83
CA LYS A 207 -11.87 9.15 -52.23
C LYS A 207 -10.36 9.24 -52.39
N ALA A 208 -9.63 9.55 -51.33
CA ALA A 208 -8.18 9.53 -51.38
C ALA A 208 -7.63 8.11 -51.48
N VAL A 209 -8.41 7.10 -51.14
CA VAL A 209 -7.95 5.72 -51.14
C VAL A 209 -8.75 4.81 -52.05
N SER A 210 -9.90 5.26 -52.56
CA SER A 210 -10.72 4.39 -53.39
C SER A 210 -11.68 5.24 -54.22
N ASP A 211 -12.16 4.63 -55.31
CA ASP A 211 -13.17 5.22 -56.18
C ASP A 211 -14.56 4.69 -55.89
N ILE A 212 -14.73 3.94 -54.80
CA ILE A 212 -16.06 3.41 -54.48
C ILE A 212 -17.01 4.56 -54.26
N PRO A 213 -18.28 4.47 -54.70
CA PRO A 213 -19.23 5.55 -54.42
C PRO A 213 -19.36 5.79 -52.92
N VAL A 214 -19.62 7.03 -52.56
CA VAL A 214 -19.78 7.42 -51.16
C VAL A 214 -21.13 8.10 -51.01
N GLY A 215 -21.98 7.53 -50.15
CA GLY A 215 -23.20 8.18 -49.75
C GLY A 215 -23.00 8.97 -48.46
N VAL A 216 -23.73 10.07 -48.32
CA VAL A 216 -23.59 10.95 -47.17
C VAL A 216 -24.95 11.06 -46.50
N GLY A 217 -24.99 10.71 -45.21
CA GLY A 217 -26.13 10.99 -44.36
C GLY A 217 -25.79 12.18 -43.49
N LEU A 218 -26.70 13.15 -43.47
CA LEU A 218 -26.41 14.43 -42.82
C LEU A 218 -27.66 15.10 -42.29
N GLY A 219 -28.66 14.32 -41.87
CA GLY A 219 -29.93 14.91 -41.44
C GLY A 219 -30.56 15.77 -42.51
N VAL A 220 -30.50 15.33 -43.76
CA VAL A 220 -31.03 16.11 -44.87
C VAL A 220 -32.54 16.22 -44.76
N ARG A 221 -33.06 17.43 -44.92
CA ARG A 221 -34.51 17.62 -44.91
C ARG A 221 -34.97 18.70 -45.89
N SER A 222 -34.13 19.10 -46.84
CA SER A 222 -34.51 20.10 -47.82
C SER A 222 -33.72 19.89 -49.12
N ARG A 223 -34.25 20.47 -50.20
CA ARG A 223 -33.57 20.42 -51.49
C ARG A 223 -32.19 21.07 -51.43
N ALA A 224 -32.08 22.21 -50.73
CA ALA A 224 -30.82 22.92 -50.68
C ALA A 224 -29.73 22.08 -50.03
N GLN A 225 -30.05 21.37 -48.96
CA GLN A 225 -29.07 20.51 -48.33
C GLN A 225 -28.68 19.36 -49.24
N ALA A 226 -29.66 18.74 -49.91
CA ALA A 226 -29.37 17.70 -50.87
C ALA A 226 -28.41 18.21 -51.95
N ALA A 227 -28.60 19.44 -52.40
CA ALA A 227 -27.75 20.01 -53.45
C ALA A 227 -26.31 20.16 -52.96
N GLN A 228 -26.13 20.65 -51.73
CA GLN A 228 -24.78 20.83 -51.20
C GLN A 228 -24.00 19.53 -51.15
N ILE A 229 -24.66 18.45 -50.70
CA ILE A 229 -23.99 17.17 -50.56
C ILE A 229 -23.66 16.58 -51.91
N ALA A 230 -24.52 16.80 -52.91
CA ALA A 230 -24.27 16.26 -54.25
C ALA A 230 -23.03 16.87 -54.90
N GLN A 231 -22.56 18.01 -54.39
CA GLN A 231 -21.34 18.62 -54.93
C GLN A 231 -20.14 17.70 -54.76
N TYR A 232 -20.07 16.98 -53.64
CA TYR A 232 -18.91 16.16 -53.33
C TYR A 232 -19.23 14.68 -53.13
N ALA A 233 -20.49 14.31 -52.99
CA ALA A 233 -20.86 12.93 -52.70
C ALA A 233 -21.52 12.29 -53.92
N ASP A 234 -21.37 10.97 -54.02
CA ASP A 234 -22.03 10.20 -55.07
C ASP A 234 -23.48 9.91 -54.74
N GLY A 235 -23.85 9.93 -53.48
CA GLY A 235 -25.21 9.66 -53.06
C GLY A 235 -25.62 10.46 -51.86
N VAL A 236 -26.86 10.93 -51.86
CA VAL A 236 -27.43 11.68 -50.74
C VAL A 236 -28.43 10.77 -50.04
N ILE A 237 -28.20 10.51 -48.76
CA ILE A 237 -29.01 9.60 -47.96
C ILE A 237 -29.97 10.41 -47.12
N VAL A 238 -31.27 10.10 -47.22
CA VAL A 238 -32.31 10.82 -46.50
C VAL A 238 -33.18 9.81 -45.76
N GLY A 239 -33.28 9.95 -44.45
CA GLY A 239 -34.04 9.02 -43.64
C GLY A 239 -35.04 9.67 -42.72
N SER A 240 -34.55 10.43 -41.73
CA SER A 240 -35.42 11.06 -40.75
C SER A 240 -36.48 11.93 -41.42
N ALA A 241 -36.08 12.73 -42.40
CA ALA A 241 -37.03 13.65 -43.04
C ALA A 241 -38.16 12.91 -43.74
N LEU A 242 -37.88 11.75 -44.32
CA LEU A 242 -38.94 10.99 -44.98
C LEU A 242 -39.91 10.41 -43.97
N VAL A 243 -39.40 9.89 -42.85
CA VAL A 243 -40.28 9.39 -41.79
C VAL A 243 -41.19 10.51 -41.30
N THR A 244 -40.65 11.71 -41.13
CA THR A 244 -41.46 12.85 -40.73
C THR A 244 -42.50 13.19 -41.79
N ALA A 245 -42.09 13.21 -43.06
CA ALA A 245 -43.04 13.49 -44.14
C ALA A 245 -44.10 12.41 -44.23
N LEU A 246 -43.71 11.14 -44.11
CA LEU A 246 -44.69 10.06 -44.12
C LEU A 246 -45.70 10.21 -42.98
N THR A 247 -45.22 10.57 -41.78
CA THR A 247 -46.12 10.78 -40.66
C THR A 247 -47.21 11.79 -41.00
N GLU A 248 -46.86 12.86 -41.70
CA GLU A 248 -47.89 13.81 -42.15
C GLU A 248 -48.82 13.16 -43.16
N GLY A 249 -48.26 12.42 -44.12
CA GLY A 249 -49.08 11.72 -45.08
C GLY A 249 -48.29 11.38 -46.33
N LEU A 250 -48.85 10.44 -47.09
CA LEU A 250 -48.25 10.07 -48.36
C LEU A 250 -48.07 11.24 -49.32
N PRO A 251 -49.01 12.18 -49.48
CA PRO A 251 -48.76 13.30 -50.40
C PRO A 251 -47.57 14.16 -50.01
N ARG A 252 -47.40 14.45 -48.72
N ARG A 252 -47.38 14.43 -48.72
CA ARG A 252 -46.24 15.20 -48.26
CA ARG A 252 -46.23 15.23 -48.32
C ARG A 252 -44.95 14.47 -48.58
C ARG A 252 -44.92 14.47 -48.53
N LEU A 253 -44.95 13.14 -48.45
CA LEU A 253 -43.77 12.35 -48.75
C LEU A 253 -43.41 12.45 -50.23
N ARG A 254 -44.42 12.40 -51.11
CA ARG A 254 -44.16 12.56 -52.53
C ARG A 254 -43.60 13.93 -52.83
N ALA A 255 -44.16 14.97 -52.21
CA ALA A 255 -43.65 16.33 -52.39
C ALA A 255 -42.18 16.41 -51.98
N LEU A 256 -41.88 15.99 -50.75
CA LEU A 256 -40.52 16.09 -50.25
C LEU A 256 -39.53 15.35 -51.14
N THR A 257 -39.87 14.11 -51.55
CA THR A 257 -38.95 13.32 -52.35
C THR A 257 -38.68 13.97 -53.70
N GLY A 258 -39.70 14.62 -54.28
CA GLY A 258 -39.49 15.36 -55.51
C GLY A 258 -38.56 16.54 -55.32
N GLU A 259 -38.70 17.24 -54.19
CA GLU A 259 -37.76 18.32 -53.87
C GLU A 259 -36.34 17.80 -53.70
N LEU A 260 -36.19 16.59 -53.14
CA LEU A 260 -34.86 16.01 -52.97
C LEU A 260 -34.29 15.49 -54.27
N ALA A 261 -35.14 14.90 -55.12
CA ALA A 261 -34.70 14.47 -56.44
C ALA A 261 -34.21 15.65 -57.26
N ALA A 262 -34.85 16.81 -57.11
CA ALA A 262 -34.36 18.02 -57.77
C ALA A 262 -33.00 18.44 -57.22
N GLY A 263 -32.81 18.26 -55.90
CA GLY A 263 -31.58 18.73 -55.27
C GLY A 263 -30.34 17.98 -55.74
N VAL A 264 -30.44 16.66 -55.85
CA VAL A 264 -29.27 15.87 -56.25
C VAL A 264 -28.85 16.13 -57.67
N ARG A 265 -29.69 16.79 -58.47
CA ARG A 265 -29.39 17.06 -59.87
C ARG A 265 -28.71 18.41 -60.00
N LEU A 266 -27.46 18.41 -60.49
CA LEU A 266 -26.71 19.64 -60.69
C LEU A 266 -26.88 20.21 -62.09
N GLY A 267 -27.08 19.37 -63.10
CA GLY A 267 -27.26 19.85 -64.47
C GLY A 267 -26.76 18.88 -65.53
N ILE B 5 3.28 -9.28 -9.40
CA ILE B 5 2.53 -8.07 -9.69
C ILE B 5 1.20 -8.36 -10.41
N ALA B 6 1.23 -8.30 -11.73
CA ALA B 6 0.04 -8.55 -12.54
C ALA B 6 -0.10 -10.04 -12.81
N GLU B 7 -1.35 -10.53 -12.76
CA GLU B 7 -1.64 -11.94 -12.94
C GLU B 7 -1.59 -12.32 -14.42
N PRO B 8 -1.23 -13.56 -14.74
CA PRO B 8 -1.17 -13.98 -16.14
C PRO B 8 -2.52 -13.87 -16.84
N THR B 9 -2.49 -14.11 -18.15
CA THR B 9 -3.62 -13.90 -19.04
C THR B 9 -4.01 -15.20 -19.74
N SER B 10 -4.02 -16.30 -18.99
CA SER B 10 -4.30 -17.61 -19.58
C SER B 10 -5.72 -17.72 -20.11
N HIS B 11 -6.67 -17.01 -19.50
CA HIS B 11 -8.08 -17.11 -19.84
C HIS B 11 -8.58 -15.91 -20.64
N ASP B 12 -7.68 -15.13 -21.21
CA ASP B 12 -8.04 -13.89 -21.87
C ASP B 12 -8.52 -14.14 -23.29
N PRO B 13 -9.29 -13.22 -23.86
CA PRO B 13 -9.73 -13.36 -25.25
C PRO B 13 -8.59 -12.97 -26.19
N ASP B 14 -8.85 -13.08 -27.49
CA ASP B 14 -7.85 -12.72 -28.48
C ASP B 14 -7.83 -11.20 -28.65
N SER B 15 -7.04 -10.70 -29.60
CA SER B 15 -6.90 -9.27 -29.78
C SER B 15 -8.20 -8.62 -30.23
N GLY B 16 -9.11 -9.37 -30.84
CA GLY B 16 -10.43 -8.88 -31.18
C GLY B 16 -11.44 -8.96 -30.06
N GLY B 17 -11.06 -9.56 -28.92
CA GLY B 17 -11.96 -9.69 -27.80
C GLY B 17 -12.83 -10.93 -27.82
N HIS B 18 -12.40 -11.98 -28.51
CA HIS B 18 -13.18 -13.20 -28.67
C HIS B 18 -12.69 -14.29 -27.73
N PHE B 19 -13.63 -14.97 -27.07
CA PHE B 19 -13.36 -16.13 -26.25
C PHE B 19 -13.65 -17.40 -27.06
N GLY B 20 -12.73 -18.36 -27.00
CA GLY B 20 -12.95 -19.65 -27.62
C GLY B 20 -13.06 -19.66 -29.13
N GLY B 21 -12.16 -18.96 -29.81
CA GLY B 21 -12.17 -18.90 -31.25
C GLY B 21 -12.36 -17.49 -31.76
N PRO B 22 -11.84 -17.21 -32.96
CA PRO B 22 -11.96 -15.84 -33.51
C PRO B 22 -13.37 -15.47 -33.93
N SER B 23 -14.32 -16.40 -33.93
CA SER B 23 -15.73 -16.10 -34.16
C SER B 23 -16.57 -16.54 -32.97
N GLY B 24 -15.96 -16.54 -31.78
CA GLY B 24 -16.66 -16.97 -30.59
C GLY B 24 -17.33 -15.82 -29.86
N TRP B 25 -17.28 -15.87 -28.53
CA TRP B 25 -18.02 -14.95 -27.70
C TRP B 25 -17.27 -13.65 -27.50
N GLY B 26 -18.02 -12.57 -27.30
CA GLY B 26 -17.42 -11.26 -27.09
C GLY B 26 -17.34 -10.44 -28.37
N GLY B 27 -16.12 -10.13 -28.79
CA GLY B 27 -15.95 -9.31 -29.98
C GLY B 27 -16.38 -7.87 -29.74
N ARG B 28 -16.63 -7.17 -30.84
CA ARG B 28 -17.03 -5.76 -30.84
C ARG B 28 -18.17 -5.59 -31.84
N TYR B 29 -19.41 -5.59 -31.36
CA TYR B 29 -20.56 -5.30 -32.20
C TYR B 29 -20.99 -3.88 -31.89
N VAL B 30 -20.23 -2.93 -32.44
CA VAL B 30 -20.42 -1.51 -32.23
C VAL B 30 -20.34 -0.81 -33.58
N PRO B 31 -20.84 0.41 -33.68
CA PRO B 31 -20.64 1.17 -34.92
C PRO B 31 -19.20 1.64 -35.07
N GLU B 32 -18.79 1.79 -36.34
CA GLU B 32 -17.46 2.31 -36.64
C GLU B 32 -17.21 3.67 -35.98
N ALA B 33 -18.26 4.46 -35.78
CA ALA B 33 -18.11 5.77 -35.15
C ALA B 33 -17.57 5.69 -33.72
N LEU B 34 -17.63 4.50 -33.11
CA LEU B 34 -17.16 4.29 -31.75
C LEU B 34 -15.80 3.61 -31.68
N MET B 35 -15.27 3.14 -32.81
CA MET B 35 -14.08 2.29 -32.78
C MET B 35 -12.83 3.06 -32.41
N ALA B 36 -12.78 4.36 -32.72
CA ALA B 36 -11.61 5.14 -32.34
C ALA B 36 -11.46 5.20 -30.82
N VAL B 37 -12.53 5.58 -30.12
CA VAL B 37 -12.43 5.69 -28.67
C VAL B 37 -12.30 4.32 -28.02
N ILE B 38 -12.88 3.28 -28.62
CA ILE B 38 -12.72 1.93 -28.09
C ILE B 38 -11.26 1.48 -28.21
N GLU B 39 -10.63 1.76 -29.35
CA GLU B 39 -9.20 1.44 -29.49
C GLU B 39 -8.36 2.26 -28.53
N GLU B 40 -8.75 3.51 -28.28
CA GLU B 40 -8.04 4.35 -27.32
C GLU B 40 -8.13 3.76 -25.91
N VAL B 41 -9.31 3.29 -25.52
CA VAL B 41 -9.48 2.67 -24.21
C VAL B 41 -8.72 1.35 -24.15
N THR B 42 -8.82 0.54 -25.20
CA THR B 42 -8.14 -0.76 -25.22
C THR B 42 -6.63 -0.59 -25.10
N ALA B 43 -6.06 0.40 -25.78
CA ALA B 43 -4.63 0.63 -25.66
C ALA B 43 -4.28 1.20 -24.29
N ALA B 44 -5.09 2.11 -23.78
CA ALA B 44 -4.83 2.70 -22.47
C ALA B 44 -4.86 1.63 -21.39
N TYR B 45 -5.87 0.77 -21.42
CA TYR B 45 -5.95 -0.31 -20.43
C TYR B 45 -4.79 -1.29 -20.60
N GLN B 46 -4.45 -1.62 -21.85
CA GLN B 46 -3.37 -2.56 -22.09
C GLN B 46 -2.05 -2.05 -21.53
N LYS B 47 -1.83 -0.72 -21.60
CA LYS B 47 -0.64 -0.13 -21.00
C LYS B 47 -0.72 -0.14 -19.48
N GLU B 48 -1.85 0.30 -18.91
CA GLU B 48 -1.91 0.52 -17.48
C GLU B 48 -2.05 -0.77 -16.68
N ARG B 49 -2.66 -1.82 -17.25
CA ARG B 49 -2.84 -3.05 -16.51
C ARG B 49 -1.51 -3.72 -16.15
N VAL B 50 -0.43 -3.38 -16.84
CA VAL B 50 0.91 -3.84 -16.48
C VAL B 50 1.77 -2.74 -15.86
N SER B 51 1.21 -1.55 -15.64
CA SER B 51 1.96 -0.49 -14.98
C SER B 51 1.92 -0.70 -13.47
N GLN B 52 3.09 -0.88 -12.86
N GLN B 52 3.09 -0.88 -12.86
CA GLN B 52 3.13 -1.06 -11.41
CA GLN B 52 3.15 -1.06 -11.41
C GLN B 52 2.60 0.17 -10.68
C GLN B 52 2.61 0.17 -10.68
N ASP B 53 2.84 1.37 -11.23
CA ASP B 53 2.34 2.58 -10.60
C ASP B 53 0.83 2.66 -10.64
N PHE B 54 0.20 2.12 -11.69
CA PHE B 54 -1.26 2.12 -11.76
C PHE B 54 -1.84 1.11 -10.77
N LEU B 55 -1.28 -0.10 -10.73
CA LEU B 55 -1.74 -1.09 -9.77
C LEU B 55 -1.48 -0.64 -8.34
N ASP B 56 -0.39 0.10 -8.10
CA ASP B 56 -0.15 0.66 -6.78
C ASP B 56 -1.22 1.68 -6.41
N ASP B 57 -1.60 2.54 -7.37
CA ASP B 57 -2.66 3.52 -7.13
C ASP B 57 -3.98 2.83 -6.79
N LEU B 58 -4.35 1.81 -7.57
CA LEU B 58 -5.60 1.11 -7.34
C LEU B 58 -5.58 0.37 -6.01
N ASP B 59 -4.51 -0.37 -5.74
CA ASP B 59 -4.35 -1.04 -4.45
C ASP B 59 -4.50 -0.05 -3.30
N ARG B 60 -3.86 1.12 -3.41
CA ARG B 60 -3.93 2.13 -2.36
C ARG B 60 -5.37 2.55 -2.10
N LEU B 61 -6.15 2.77 -3.16
CA LEU B 61 -7.54 3.16 -2.98
C LEU B 61 -8.37 2.00 -2.46
N GLN B 62 -8.07 0.77 -2.90
CA GLN B 62 -8.81 -0.39 -2.41
C GLN B 62 -8.61 -0.57 -0.91
N ALA B 63 -7.40 -0.31 -0.41
CA ALA B 63 -7.12 -0.54 1.01
C ALA B 63 -7.66 0.58 1.88
N ASN B 64 -7.21 1.81 1.65
CA ASN B 64 -7.51 2.91 2.56
C ASN B 64 -8.85 3.56 2.28
N TYR B 65 -9.32 3.55 1.04
CA TYR B 65 -10.58 4.18 0.70
C TYR B 65 -11.73 3.20 0.65
N ALA B 66 -11.56 2.06 -0.03
CA ALA B 66 -12.65 1.11 -0.20
C ALA B 66 -12.79 0.15 0.98
N GLY B 67 -11.72 -0.13 1.71
CA GLY B 67 -11.77 -1.01 2.85
C GLY B 67 -11.35 -2.45 2.60
N ARG B 68 -10.64 -2.73 1.52
CA ARG B 68 -10.19 -4.08 1.25
C ARG B 68 -9.03 -4.46 2.18
N PRO B 69 -8.84 -5.76 2.44
CA PRO B 69 -9.68 -6.86 1.95
C PRO B 69 -11.02 -6.97 2.70
N SER B 70 -12.03 -7.44 1.99
CA SER B 70 -13.27 -7.80 2.65
C SER B 70 -13.12 -9.17 3.29
N PRO B 71 -13.73 -9.39 4.45
CA PRO B 71 -13.53 -10.65 5.16
C PRO B 71 -14.35 -11.78 4.58
N LEU B 72 -13.98 -12.99 4.97
CA LEU B 72 -14.73 -14.20 4.69
C LEU B 72 -15.35 -14.67 5.98
N TYR B 73 -16.68 -14.75 6.02
CA TYR B 73 -17.40 -15.10 7.24
C TYR B 73 -18.16 -16.41 7.06
N GLU B 74 -17.95 -17.35 7.97
CA GLU B 74 -18.64 -18.63 7.94
C GLU B 74 -19.99 -18.46 8.65
N ALA B 75 -21.07 -18.55 7.88
CA ALA B 75 -22.42 -18.40 8.40
C ALA B 75 -22.83 -19.72 9.07
N THR B 76 -22.36 -19.91 10.30
CA THR B 76 -22.59 -21.18 10.99
C THR B 76 -24.07 -21.42 11.27
N ARG B 77 -24.87 -20.36 11.41
CA ARG B 77 -26.28 -20.56 11.66
C ARG B 77 -27.09 -20.78 10.40
N LEU B 78 -26.47 -20.70 9.22
CA LEU B 78 -27.11 -21.11 7.97
C LEU B 78 -26.94 -22.60 7.67
N SER B 79 -26.03 -23.28 8.37
CA SER B 79 -25.70 -24.67 8.04
C SER B 79 -26.92 -25.55 8.01
N GLN B 80 -27.77 -25.45 9.04
CA GLN B 80 -28.93 -26.33 9.17
C GLN B 80 -29.82 -26.28 7.93
N HIS B 81 -29.92 -25.11 7.30
CA HIS B 81 -30.76 -24.92 6.13
C HIS B 81 -30.06 -25.24 4.82
N ALA B 82 -28.78 -25.61 4.87
CA ALA B 82 -28.00 -25.93 3.69
C ALA B 82 -27.46 -27.37 3.76
N GLY B 83 -28.30 -28.29 4.24
CA GLY B 83 -27.90 -29.68 4.33
C GLY B 83 -26.74 -29.96 5.23
N SER B 84 -26.51 -29.11 6.24
CA SER B 84 -25.35 -29.13 7.13
C SER B 84 -24.03 -28.86 6.38
N ALA B 85 -24.09 -28.37 5.15
CA ALA B 85 -22.89 -27.88 4.50
C ALA B 85 -22.44 -26.58 5.19
N ARG B 86 -21.27 -26.09 4.79
CA ARG B 86 -20.63 -24.96 5.45
C ARG B 86 -20.58 -23.78 4.49
N ILE B 87 -21.30 -22.73 4.82
CA ILE B 87 -21.48 -21.57 3.94
C ILE B 87 -20.51 -20.48 4.39
N PHE B 88 -19.57 -20.13 3.52
CA PHE B 88 -18.65 -19.02 3.76
C PHE B 88 -19.07 -17.85 2.87
N LEU B 89 -19.30 -16.69 3.48
CA LEU B 89 -19.80 -15.51 2.79
C LEU B 89 -18.63 -14.55 2.54
N LYS B 90 -18.29 -14.36 1.27
CA LYS B 90 -17.33 -13.31 0.89
C LYS B 90 -18.04 -11.97 0.98
N ARG B 91 -17.61 -11.13 1.92
CA ARG B 91 -18.42 -10.00 2.40
C ARG B 91 -18.15 -8.72 1.61
N GLU B 92 -18.46 -8.76 0.31
CA GLU B 92 -18.39 -7.52 -0.47
C GLU B 92 -19.44 -6.51 -0.02
N ASP B 93 -20.46 -6.94 0.73
CA ASP B 93 -21.42 -6.01 1.31
C ASP B 93 -20.76 -4.97 2.22
N LEU B 94 -19.53 -5.23 2.68
CA LEU B 94 -18.83 -4.31 3.56
C LEU B 94 -17.99 -3.27 2.82
N ASN B 95 -17.90 -3.35 1.49
CA ASN B 95 -17.14 -2.36 0.75
C ASN B 95 -17.77 -0.97 0.90
N HIS B 96 -16.93 0.04 0.74
CA HIS B 96 -17.45 1.40 0.61
C HIS B 96 -18.43 1.47 -0.56
N THR B 97 -19.54 2.18 -0.34
CA THR B 97 -20.75 2.29 -1.16
C THR B 97 -21.63 1.05 -1.03
N GLY B 98 -21.14 -0.07 -0.52
CA GLY B 98 -21.99 -1.20 -0.16
C GLY B 98 -22.06 -2.36 -1.13
N SER B 99 -21.29 -2.35 -2.21
CA SER B 99 -21.29 -3.47 -3.13
C SER B 99 -19.91 -3.61 -3.78
N HIS B 100 -19.74 -4.69 -4.52
CA HIS B 100 -18.52 -4.97 -5.28
C HIS B 100 -18.27 -3.94 -6.38
N1 LLP B 101 -25.14 -7.79 -6.77
C2 LLP B 101 -25.24 -6.50 -6.39
C2' LLP B 101 -25.21 -6.13 -4.89
C3 LLP B 101 -25.41 -5.49 -7.37
O3 LLP B 101 -25.53 -4.16 -6.97
C4 LLP B 101 -25.43 -5.82 -8.72
C4' LLP B 101 -25.61 -4.67 -9.83
C5 LLP B 101 -25.31 -7.13 -9.10
C6 LLP B 101 -25.17 -8.13 -8.14
C5' LLP B 101 -25.36 -7.52 -10.62
OP4 LLP B 101 -24.20 -7.08 -11.29
P LLP B 101 -23.17 -8.14 -11.73
OP1 LLP B 101 -23.90 -9.42 -12.15
OP2 LLP B 101 -22.29 -8.44 -10.59
OP3 LLP B 101 -22.37 -7.62 -12.86
N LLP B 101 -19.31 -3.18 -6.74
CA LLP B 101 -19.24 -2.28 -7.89
CB LLP B 101 -20.61 -1.68 -8.13
CG LLP B 101 -21.34 -2.55 -9.14
CD LLP B 101 -22.85 -2.28 -9.12
CE LLP B 101 -23.57 -3.42 -9.87
NZ LLP B 101 -24.96 -3.46 -9.40
C LLP B 101 -18.22 -1.21 -7.70
O LLP B 101 -17.79 -0.60 -8.69
N ILE B 102 -17.82 -0.97 -6.47
CA ILE B 102 -16.78 0.01 -6.16
C ILE B 102 -15.44 -0.43 -6.73
N ASN B 103 -15.20 -1.75 -6.79
CA ASN B 103 -13.96 -2.25 -7.38
C ASN B 103 -13.85 -1.82 -8.83
N ASN B 104 -14.97 -1.88 -9.55
CA ASN B 104 -14.98 -1.56 -10.97
C ASN B 104 -14.76 -0.07 -11.20
N VAL B 105 -15.53 0.77 -10.51
CA VAL B 105 -15.46 2.21 -10.79
C VAL B 105 -14.11 2.78 -10.36
N LEU B 106 -13.50 2.23 -9.32
CA LEU B 106 -12.17 2.73 -8.95
C LEU B 106 -11.15 2.48 -10.05
N GLY B 107 -11.19 1.31 -10.68
CA GLY B 107 -10.29 1.03 -11.78
C GLY B 107 -10.54 1.92 -12.99
N GLN B 108 -11.77 1.94 -13.48
CA GLN B 108 -12.08 2.72 -14.69
C GLN B 108 -11.92 4.23 -14.47
N ALA B 109 -12.18 4.72 -13.25
CA ALA B 109 -11.99 6.14 -12.99
C ALA B 109 -10.51 6.51 -12.98
N LEU B 110 -9.68 5.67 -12.38
CA LEU B 110 -8.24 5.84 -12.51
C LEU B 110 -7.82 5.84 -13.97
N LEU B 111 -8.40 4.93 -14.77
CA LEU B 111 -8.05 4.85 -16.18
C LEU B 111 -8.45 6.10 -16.93
N ALA B 112 -9.64 6.64 -16.64
CA ALA B 112 -10.09 7.85 -17.32
C ALA B 112 -9.18 9.03 -17.02
N ARG B 113 -8.68 9.11 -15.78
CA ARG B 113 -7.69 10.13 -15.45
C ARG B 113 -6.41 9.91 -16.23
N ARG B 114 -5.92 8.65 -16.26
CA ARG B 114 -4.70 8.34 -17.01
C ARG B 114 -4.84 8.75 -18.47
N MET B 115 -6.05 8.67 -19.03
CA MET B 115 -6.27 8.98 -20.43
C MET B 115 -6.47 10.46 -20.71
N GLY B 116 -6.52 11.30 -19.69
CA GLY B 116 -6.85 12.69 -19.88
C GLY B 116 -8.31 12.98 -20.12
N LYS B 117 -9.17 11.98 -20.03
CA LYS B 117 -10.61 12.25 -20.11
C LYS B 117 -11.05 13.05 -18.90
N THR B 118 -11.91 14.04 -19.13
CA THR B 118 -12.37 14.91 -18.06
C THR B 118 -13.82 14.67 -17.68
N ARG B 119 -14.56 13.90 -18.47
CA ARG B 119 -15.98 13.68 -18.27
C ARG B 119 -16.26 12.18 -18.26
N VAL B 120 -17.06 11.74 -17.31
CA VAL B 120 -17.41 10.33 -17.18
C VAL B 120 -18.93 10.18 -17.26
N ILE B 121 -19.38 9.27 -18.12
CA ILE B 121 -20.79 8.93 -18.18
C ILE B 121 -20.95 7.48 -17.76
N ALA B 122 -22.15 7.16 -17.28
CA ALA B 122 -22.45 5.80 -16.87
C ALA B 122 -23.95 5.60 -16.86
N GLU B 123 -24.36 4.35 -17.05
CA GLU B 123 -25.74 3.92 -16.94
C GLU B 123 -26.02 3.47 -15.50
N THR B 124 -27.30 3.43 -15.15
CA THR B 124 -27.67 2.76 -13.91
C THR B 124 -29.11 2.30 -13.96
N GLY B 125 -29.36 1.16 -13.31
CA GLY B 125 -30.70 0.62 -13.19
C GLY B 125 -31.49 1.31 -12.11
N ALA B 126 -31.43 0.78 -10.89
CA ALA B 126 -32.07 1.44 -9.76
C ALA B 126 -31.16 2.45 -9.06
N GLY B 127 -29.88 2.50 -9.41
CA GLY B 127 -29.01 3.53 -8.87
C GLY B 127 -27.69 3.05 -8.30
N GLN B 128 -27.50 1.73 -8.21
CA GLN B 128 -26.30 1.22 -7.57
C GLN B 128 -25.03 1.66 -8.30
N HIS B 129 -24.97 1.42 -9.61
CA HIS B 129 -23.75 1.74 -10.34
C HIS B 129 -23.59 3.24 -10.58
N GLY B 130 -24.70 3.98 -10.70
CA GLY B 130 -24.61 5.42 -10.82
C GLY B 130 -24.02 6.07 -9.59
N VAL B 131 -24.44 5.61 -8.40
CA VAL B 131 -23.87 6.10 -7.15
C VAL B 131 -22.40 5.71 -7.06
N ALA B 132 -22.06 4.48 -7.46
CA ALA B 132 -20.67 4.05 -7.42
C ALA B 132 -19.80 4.87 -8.36
N THR B 133 -20.30 5.12 -9.58
CA THR B 133 -19.56 5.95 -10.53
C THR B 133 -19.42 7.38 -10.03
N ALA B 134 -20.52 7.96 -9.54
CA ALA B 134 -20.46 9.32 -9.00
C ALA B 134 -19.53 9.41 -7.81
N THR B 135 -19.44 8.33 -7.03
CA THR B 135 -18.50 8.28 -5.92
C THR B 135 -17.06 8.40 -6.40
N ALA B 136 -16.67 7.55 -7.35
CA ALA B 136 -15.30 7.59 -7.86
C ALA B 136 -15.00 8.91 -8.56
N CYS B 137 -15.98 9.47 -9.28
CA CYS B 137 -15.76 10.73 -9.98
C CYS B 137 -15.60 11.89 -9.01
N ALA B 138 -16.34 11.86 -7.89
CA ALA B 138 -16.12 12.87 -6.85
C ALA B 138 -14.73 12.74 -6.26
N LEU B 139 -14.29 11.50 -5.99
CA LEU B 139 -12.99 11.26 -5.40
C LEU B 139 -11.86 11.76 -6.30
N LEU B 140 -12.01 11.59 -7.62
CA LEU B 140 -10.96 11.92 -8.58
C LEU B 140 -11.25 13.19 -9.35
N GLY B 141 -12.22 13.99 -8.91
CA GLY B 141 -12.48 15.27 -9.55
C GLY B 141 -12.91 15.19 -11.00
N LEU B 142 -13.52 14.09 -11.41
CA LEU B 142 -14.04 13.95 -12.76
C LEU B 142 -15.49 14.41 -12.82
N ASP B 143 -15.85 15.07 -13.91
CA ASP B 143 -17.24 15.42 -14.15
C ASP B 143 -18.04 14.17 -14.50
N CYS B 144 -19.19 14.01 -13.86
CA CYS B 144 -19.97 12.78 -13.93
C CYS B 144 -21.37 13.08 -14.44
N VAL B 145 -21.84 12.29 -15.40
CA VAL B 145 -23.20 12.35 -15.89
C VAL B 145 -23.76 10.93 -15.91
N ILE B 146 -24.83 10.70 -15.15
CA ILE B 146 -25.44 9.38 -15.02
C ILE B 146 -26.71 9.34 -15.85
N TYR B 147 -26.88 8.30 -16.65
CA TYR B 147 -28.10 8.06 -17.41
C TYR B 147 -28.94 7.00 -16.72
N MET B 148 -30.21 7.32 -16.50
CA MET B 148 -31.11 6.49 -15.72
C MET B 148 -32.50 6.57 -16.35
N GLY B 149 -33.16 5.41 -16.45
CA GLY B 149 -34.48 5.37 -17.06
C GLY B 149 -35.50 6.15 -16.27
N GLY B 150 -36.46 6.75 -16.99
CA GLY B 150 -37.43 7.64 -16.37
C GLY B 150 -38.37 6.93 -15.41
N ILE B 151 -38.58 5.63 -15.61
CA ILE B 151 -39.33 4.83 -14.64
C ILE B 151 -38.52 4.65 -13.37
N ASP B 152 -37.21 4.48 -13.51
CA ASP B 152 -36.35 4.27 -12.35
C ASP B 152 -36.04 5.58 -11.62
N THR B 153 -35.91 6.69 -12.35
CA THR B 153 -35.68 7.98 -11.69
C THR B 153 -36.87 8.35 -10.82
N ALA B 154 -38.09 8.24 -11.35
CA ALA B 154 -39.27 8.58 -10.58
C ALA B 154 -39.43 7.66 -9.38
N ARG B 155 -38.97 6.43 -9.48
CA ARG B 155 -39.09 5.44 -8.42
C ARG B 155 -37.93 5.48 -7.42
N GLN B 156 -36.79 6.08 -7.79
CA GLN B 156 -35.61 6.10 -6.93
C GLN B 156 -35.21 7.53 -6.58
N ALA B 157 -36.08 8.24 -5.86
CA ALA B 157 -35.87 9.66 -5.62
C ALA B 157 -34.59 9.91 -4.83
N LEU B 158 -34.29 9.05 -3.85
CA LEU B 158 -33.14 9.28 -2.99
C LEU B 158 -31.82 8.90 -3.66
N ASN B 159 -31.85 7.97 -4.61
CA ASN B 159 -30.62 7.63 -5.32
C ASN B 159 -30.22 8.76 -6.27
N VAL B 160 -31.21 9.40 -6.91
CA VAL B 160 -30.93 10.59 -7.67
C VAL B 160 -30.36 11.68 -6.77
N ALA B 161 -30.88 11.79 -5.56
CA ALA B 161 -30.35 12.77 -4.60
C ALA B 161 -28.92 12.44 -4.20
N ARG B 162 -28.64 11.16 -3.92
CA ARG B 162 -27.27 10.73 -3.64
C ARG B 162 -26.30 11.18 -4.74
N MET B 163 -26.63 10.85 -5.99
CA MET B 163 -25.75 11.18 -7.10
C MET B 163 -25.55 12.68 -7.21
N ARG B 164 -26.59 13.47 -6.92
CA ARG B 164 -26.44 14.92 -6.97
C ARG B 164 -25.60 15.44 -5.82
N LEU B 165 -25.82 14.93 -4.61
CA LEU B 165 -24.96 15.28 -3.48
C LEU B 165 -23.50 14.96 -3.76
N LEU B 166 -23.24 13.91 -4.57
CA LEU B 166 -21.90 13.55 -4.99
C LEU B 166 -21.40 14.40 -6.15
N GLY B 167 -22.19 15.36 -6.62
CA GLY B 167 -21.77 16.26 -7.67
C GLY B 167 -22.07 15.81 -9.08
N ALA B 168 -22.74 14.68 -9.25
CA ALA B 168 -23.03 14.19 -10.58
C ALA B 168 -24.34 14.77 -11.09
N GLU B 169 -24.57 14.62 -12.39
CA GLU B 169 -25.78 15.06 -13.06
C GLU B 169 -26.55 13.82 -13.52
N VAL B 170 -27.86 13.82 -13.30
CA VAL B 170 -28.72 12.69 -13.62
C VAL B 170 -29.63 13.07 -14.77
N VAL B 171 -29.67 12.23 -15.81
CA VAL B 171 -30.49 12.44 -16.99
C VAL B 171 -31.54 11.35 -17.03
N ALA B 172 -32.80 11.74 -17.23
CA ALA B 172 -33.91 10.78 -17.28
C ALA B 172 -34.10 10.30 -18.71
N VAL B 173 -33.99 8.99 -18.91
CA VAL B 173 -34.16 8.37 -20.21
C VAL B 173 -35.64 8.07 -20.40
N GLN B 174 -36.33 8.90 -21.19
CA GLN B 174 -37.76 8.75 -21.43
C GLN B 174 -38.05 8.10 -22.78
N THR B 175 -37.13 7.32 -23.31
CA THR B 175 -37.34 6.60 -24.57
C THR B 175 -37.19 5.11 -24.33
N GLY B 176 -37.69 4.32 -25.29
CA GLY B 176 -37.72 2.88 -25.12
C GLY B 176 -38.60 2.49 -23.95
N SER B 177 -38.21 1.39 -23.30
CA SER B 177 -38.90 0.94 -22.09
C SER B 177 -38.47 1.72 -20.84
N LYS B 178 -37.63 2.75 -21.00
CA LYS B 178 -37.29 3.69 -19.94
C LYS B 178 -36.74 2.98 -18.70
N THR B 179 -35.81 2.07 -18.92
CA THR B 179 -35.18 1.35 -17.82
C THR B 179 -33.71 1.11 -18.13
N LEU B 180 -33.14 0.10 -17.48
CA LEU B 180 -31.69 -0.11 -17.48
C LEU B 180 -31.12 -0.20 -18.89
N LYS B 181 -31.67 -1.08 -19.73
CA LYS B 181 -31.10 -1.32 -21.06
C LYS B 181 -31.31 -0.13 -21.99
N ASP B 182 -32.23 0.77 -21.66
CA ASP B 182 -32.39 1.98 -22.45
C ASP B 182 -31.52 3.12 -21.91
N ALA B 183 -31.19 3.09 -20.62
CA ALA B 183 -30.13 3.95 -20.11
C ALA B 183 -28.80 3.64 -20.80
N ILE B 184 -28.48 2.35 -20.94
CA ILE B 184 -27.27 1.93 -21.64
C ILE B 184 -27.26 2.47 -23.06
N ASN B 185 -28.39 2.39 -23.76
CA ASN B 185 -28.45 2.90 -25.13
C ASN B 185 -28.26 4.41 -25.17
N GLU B 186 -28.78 5.12 -24.16
CA GLU B 186 -28.61 6.58 -24.11
C GLU B 186 -27.17 6.95 -23.81
N ALA B 187 -26.53 6.22 -22.89
CA ALA B 187 -25.11 6.46 -22.62
C ALA B 187 -24.26 6.16 -23.86
N PHE B 188 -24.62 5.11 -24.60
CA PHE B 188 -23.91 4.77 -25.84
C PHE B 188 -23.99 5.92 -26.84
N ARG B 189 -25.15 6.58 -26.93
CA ARG B 189 -25.26 7.69 -27.86
C ARG B 189 -24.47 8.90 -27.38
N ASP B 190 -24.44 9.13 -26.07
CA ASP B 190 -23.62 10.21 -25.52
C ASP B 190 -22.15 10.00 -25.87
N TRP B 191 -21.66 8.77 -25.70
CA TRP B 191 -20.25 8.50 -25.95
C TRP B 191 -19.90 8.70 -27.42
N VAL B 192 -20.78 8.28 -28.33
CA VAL B 192 -20.55 8.46 -29.76
C VAL B 192 -20.36 9.94 -30.08
N ALA B 193 -21.09 10.80 -29.38
CA ALA B 193 -21.01 12.24 -29.64
C ALA B 193 -19.86 12.92 -28.91
N ASN B 194 -19.38 12.35 -27.80
CA ASN B 194 -18.44 13.05 -26.92
C ASN B 194 -17.19 12.23 -26.65
N ALA B 195 -16.83 11.32 -27.56
CA ALA B 195 -15.66 10.45 -27.34
C ALA B 195 -14.38 11.22 -27.06
N ASP B 196 -14.29 12.49 -27.47
CA ASP B 196 -13.04 13.23 -27.35
C ASP B 196 -12.64 13.45 -25.90
N ASN B 197 -13.60 13.76 -25.03
CA ASN B 197 -13.31 14.11 -23.65
C ASN B 197 -14.04 13.25 -22.64
N THR B 198 -14.78 12.23 -23.10
CA THR B 198 -15.69 11.48 -22.25
C THR B 198 -15.24 10.04 -22.16
N TYR B 199 -15.24 9.50 -20.94
CA TYR B 199 -15.03 8.09 -20.69
C TYR B 199 -16.35 7.46 -20.27
N TYR B 200 -16.65 6.29 -20.84
CA TYR B 200 -17.86 5.53 -20.48
C TYR B 200 -17.48 4.50 -19.43
N CYS B 201 -17.92 4.71 -18.19
CA CYS B 201 -17.67 3.80 -17.08
C CYS B 201 -18.77 2.75 -17.06
N PHE B 202 -18.52 1.60 -17.70
CA PHE B 202 -19.54 0.57 -17.83
C PHE B 202 -19.68 -0.25 -16.55
N GLY B 203 -20.92 -0.65 -16.26
CA GLY B 203 -21.28 -1.18 -14.96
C GLY B 203 -21.16 -2.67 -14.74
N THR B 204 -20.87 -3.46 -15.77
CA THR B 204 -20.76 -4.89 -15.58
C THR B 204 -19.74 -5.46 -16.57
N ALA B 205 -19.57 -6.77 -16.52
CA ALA B 205 -18.56 -7.44 -17.36
C ALA B 205 -19.16 -7.86 -18.70
N ALA B 206 -19.70 -6.88 -19.39
CA ALA B 206 -20.29 -7.09 -20.70
C ALA B 206 -19.83 -5.96 -21.61
N GLY B 207 -20.49 -5.80 -22.76
CA GLY B 207 -20.12 -4.77 -23.69
C GLY B 207 -19.02 -5.23 -24.63
N PRO B 208 -18.56 -4.33 -25.49
CA PRO B 208 -17.51 -4.69 -26.45
C PRO B 208 -16.14 -4.73 -25.77
N HIS B 209 -15.24 -5.46 -26.41
CA HIS B 209 -13.86 -5.50 -25.99
C HIS B 209 -13.31 -4.07 -25.89
N PRO B 210 -12.62 -3.72 -24.80
CA PRO B 210 -12.04 -4.57 -23.77
C PRO B 210 -12.81 -4.59 -22.46
N PHE B 211 -14.10 -4.26 -22.50
CA PHE B 211 -14.83 -4.05 -21.25
C PHE B 211 -15.10 -5.34 -20.47
N PRO B 212 -15.47 -6.45 -21.11
CA PRO B 212 -15.59 -7.69 -20.33
C PRO B 212 -14.29 -8.10 -19.64
N THR B 213 -13.16 -7.98 -20.33
CA THR B 213 -11.89 -8.31 -19.69
C THR B 213 -11.53 -7.30 -18.62
N MET B 214 -11.62 -6.00 -18.96
CA MET B 214 -11.22 -4.96 -18.02
C MET B 214 -12.04 -5.03 -16.72
N VAL B 215 -13.37 -5.12 -16.85
CA VAL B 215 -14.21 -5.17 -15.66
C VAL B 215 -13.91 -6.44 -14.85
N ARG B 216 -13.72 -7.56 -15.54
CA ARG B 216 -13.37 -8.79 -14.83
C ARG B 216 -12.06 -8.62 -14.06
N ASP B 217 -11.09 -7.91 -14.65
CA ASP B 217 -9.81 -7.74 -13.98
C ASP B 217 -9.93 -6.87 -12.74
N PHE B 218 -10.73 -5.81 -12.80
CA PHE B 218 -10.93 -4.99 -11.61
C PHE B 218 -11.73 -5.71 -10.52
N GLN B 219 -12.37 -6.84 -10.85
CA GLN B 219 -13.10 -7.61 -9.87
C GLN B 219 -12.39 -8.89 -9.45
N ARG B 220 -11.29 -9.26 -10.13
CA ARG B 220 -10.55 -10.47 -9.79
C ARG B 220 -10.09 -10.47 -8.33
N ILE B 221 -9.96 -9.28 -7.73
CA ILE B 221 -9.46 -9.17 -6.37
C ILE B 221 -10.33 -9.96 -5.41
N ILE B 222 -11.62 -10.08 -5.71
CA ILE B 222 -12.54 -10.82 -4.84
C ILE B 222 -12.12 -12.29 -4.74
N GLY B 223 -11.99 -12.95 -5.90
CA GLY B 223 -11.59 -14.35 -5.90
C GLY B 223 -10.19 -14.58 -5.38
N MET B 224 -9.27 -13.65 -5.65
CA MET B 224 -7.90 -13.79 -5.17
C MET B 224 -7.85 -13.77 -3.65
N GLU B 225 -8.59 -12.86 -3.02
CA GLU B 225 -8.66 -12.83 -1.57
C GLU B 225 -9.37 -14.06 -1.03
N ALA B 226 -10.52 -14.40 -1.61
CA ALA B 226 -11.32 -15.51 -1.11
C ALA B 226 -10.55 -16.83 -1.15
N ARG B 227 -9.74 -17.04 -2.20
CA ARG B 227 -9.01 -18.28 -2.32
C ARG B 227 -7.97 -18.43 -1.22
N VAL B 228 -7.37 -17.32 -0.78
CA VAL B 228 -6.46 -17.37 0.36
C VAL B 228 -7.24 -17.56 1.64
N GLN B 229 -8.35 -16.85 1.79
CA GLN B 229 -9.12 -16.86 3.02
C GLN B 229 -9.75 -18.23 3.27
N ILE B 230 -10.36 -18.82 2.24
CA ILE B 230 -11.03 -20.11 2.43
C ILE B 230 -10.02 -21.20 2.77
N GLN B 231 -8.79 -21.09 2.26
CA GLN B 231 -7.78 -22.08 2.65
C GLN B 231 -7.33 -21.89 4.09
N GLY B 232 -7.29 -20.64 4.56
CA GLY B 232 -6.90 -20.39 5.94
C GLY B 232 -7.97 -20.75 6.95
N GLN B 233 -9.24 -20.60 6.57
CA GLN B 233 -10.33 -20.84 7.51
C GLN B 233 -10.88 -22.27 7.44
N ALA B 234 -10.90 -22.88 6.24
CA ALA B 234 -11.39 -24.24 6.10
C ALA B 234 -10.28 -25.26 5.92
N GLY B 235 -9.06 -24.84 5.63
CA GLY B 235 -7.94 -25.74 5.48
C GLY B 235 -7.80 -26.40 4.12
N ARG B 236 -8.63 -26.02 3.15
CA ARG B 236 -8.59 -26.66 1.85
C ARG B 236 -9.34 -25.78 0.86
N LEU B 237 -9.15 -26.08 -0.43
CA LEU B 237 -9.97 -25.44 -1.44
C LEU B 237 -11.43 -25.83 -1.24
N PRO B 238 -12.36 -24.94 -1.55
CA PRO B 238 -13.77 -25.24 -1.33
C PRO B 238 -14.28 -26.25 -2.35
N ASP B 239 -15.40 -26.88 -2.00
CA ASP B 239 -16.08 -27.76 -2.94
C ASP B 239 -16.83 -26.97 -4.02
N ALA B 240 -17.13 -25.70 -3.77
CA ALA B 240 -17.90 -24.90 -4.72
C ALA B 240 -17.75 -23.42 -4.39
N VAL B 241 -17.74 -22.61 -5.44
CA VAL B 241 -17.80 -21.15 -5.33
C VAL B 241 -19.01 -20.70 -6.14
N VAL B 242 -19.93 -20.00 -5.49
CA VAL B 242 -21.17 -19.58 -6.14
C VAL B 242 -21.34 -18.08 -6.02
N ALA B 243 -22.14 -17.53 -6.93
CA ALA B 243 -22.41 -16.10 -6.99
C ALA B 243 -23.64 -15.87 -7.87
N CYS B 244 -24.27 -14.71 -7.70
CA CYS B 244 -25.36 -14.31 -8.56
C CYS B 244 -24.82 -13.67 -9.83
N VAL B 245 -25.60 -13.75 -10.91
CA VAL B 245 -25.16 -13.33 -12.24
C VAL B 245 -26.22 -12.41 -12.85
N GLY B 246 -25.96 -11.10 -12.81
CA GLY B 246 -26.68 -10.18 -13.65
C GLY B 246 -25.94 -10.03 -14.97
N GLY B 247 -25.12 -8.99 -15.09
CA GLY B 247 -24.22 -8.91 -16.22
C GLY B 247 -23.02 -9.82 -16.08
N GLY B 248 -22.63 -10.12 -14.84
CA GLY B 248 -21.59 -11.10 -14.56
C GLY B 248 -20.37 -10.60 -13.82
N SER B 249 -20.31 -9.34 -13.40
CA SER B 249 -19.05 -8.79 -12.89
C SER B 249 -18.66 -9.41 -11.55
N ASN B 250 -19.61 -9.53 -10.61
CA ASN B 250 -19.22 -10.07 -9.31
C ASN B 250 -18.99 -11.58 -9.38
N ALA B 251 -19.72 -12.28 -10.23
CA ALA B 251 -19.49 -13.71 -10.38
C ALA B 251 -18.12 -13.99 -10.99
N ILE B 252 -17.79 -13.32 -12.09
CA ILE B 252 -16.50 -13.56 -12.73
C ILE B 252 -15.36 -13.11 -11.82
N GLY B 253 -15.60 -12.09 -10.99
CA GLY B 253 -14.55 -11.62 -10.09
C GLY B 253 -14.19 -12.65 -9.05
N ILE B 254 -15.18 -13.38 -8.53
CA ILE B 254 -14.87 -14.41 -7.55
C ILE B 254 -14.58 -15.76 -8.21
N PHE B 255 -15.07 -16.01 -9.43
CA PHE B 255 -14.81 -17.27 -10.11
C PHE B 255 -13.35 -17.38 -10.55
N HIS B 256 -12.72 -16.27 -10.92
CA HIS B 256 -11.55 -16.35 -11.78
C HIS B 256 -10.38 -17.06 -11.10
N ALA B 257 -10.11 -16.71 -9.84
CA ALA B 257 -8.99 -17.33 -9.12
C ALA B 257 -9.15 -18.84 -8.98
N PHE B 258 -10.34 -19.38 -9.19
CA PHE B 258 -10.60 -20.81 -9.00
C PHE B 258 -10.69 -21.60 -10.31
N LEU B 259 -10.50 -20.95 -11.46
CA LEU B 259 -10.77 -21.60 -12.74
C LEU B 259 -9.92 -22.86 -12.91
N ASP B 260 -8.63 -22.78 -12.64
CA ASP B 260 -7.73 -23.92 -12.81
C ASP B 260 -7.68 -24.82 -11.59
N ASP B 261 -8.60 -24.65 -10.64
CA ASP B 261 -8.74 -25.56 -9.51
C ASP B 261 -9.73 -26.65 -9.90
N PRO B 262 -9.23 -27.85 -10.24
CA PRO B 262 -10.09 -28.83 -10.93
C PRO B 262 -11.26 -29.31 -10.09
N GLY B 263 -11.10 -29.37 -8.77
CA GLY B 263 -12.15 -29.89 -7.91
C GLY B 263 -13.17 -28.89 -7.43
N VAL B 264 -13.04 -27.62 -7.81
CA VAL B 264 -13.89 -26.56 -7.30
C VAL B 264 -15.04 -26.35 -8.29
N ARG B 265 -16.26 -26.67 -7.86
CA ARG B 265 -17.44 -26.39 -8.67
C ARG B 265 -17.69 -24.88 -8.71
N LEU B 266 -18.09 -24.39 -9.87
CA LEU B 266 -18.42 -22.98 -10.07
C LEU B 266 -19.85 -22.89 -10.55
N VAL B 267 -20.70 -22.24 -9.76
CA VAL B 267 -22.12 -22.16 -10.06
C VAL B 267 -22.56 -20.71 -9.98
N GLY B 268 -23.17 -20.22 -11.06
CA GLY B 268 -23.77 -18.89 -11.09
C GLY B 268 -25.28 -19.00 -11.07
N PHE B 269 -25.92 -18.17 -10.26
CA PHE B 269 -27.37 -18.20 -10.09
C PHE B 269 -27.98 -16.93 -10.64
N GLU B 270 -28.95 -17.09 -11.54
CA GLU B 270 -29.58 -15.97 -12.24
C GLU B 270 -31.04 -15.83 -11.83
N ALA B 271 -31.60 -14.66 -12.11
CA ALA B 271 -32.93 -14.29 -11.64
C ALA B 271 -34.00 -14.98 -12.48
N ALA B 272 -34.80 -15.83 -11.84
CA ALA B 272 -35.89 -16.49 -12.52
C ALA B 272 -37.23 -15.77 -12.35
N GLY B 273 -37.24 -14.64 -11.63
CA GLY B 273 -38.46 -13.84 -11.53
C GLY B 273 -39.62 -14.63 -10.97
N ASP B 274 -40.74 -14.61 -11.69
CA ASP B 274 -41.90 -15.42 -11.30
C ASP B 274 -41.75 -16.88 -11.66
N GLY B 275 -40.73 -17.23 -12.45
CA GLY B 275 -40.56 -18.58 -12.95
C GLY B 275 -40.14 -18.56 -14.40
N VAL B 276 -39.22 -19.45 -14.80
CA VAL B 276 -38.70 -19.42 -16.16
C VAL B 276 -39.76 -19.72 -17.20
N GLU B 277 -40.84 -20.40 -16.80
CA GLU B 277 -41.93 -20.72 -17.71
C GLU B 277 -42.98 -19.63 -17.79
N THR B 278 -42.91 -18.61 -16.93
CA THR B 278 -43.89 -17.53 -16.94
C THR B 278 -43.56 -16.43 -17.95
N GLY B 279 -42.35 -16.40 -18.48
CA GLY B 279 -41.98 -15.26 -19.29
C GLY B 279 -41.80 -13.96 -18.52
N ARG B 280 -41.87 -13.98 -17.20
CA ARG B 280 -41.50 -12.86 -16.35
C ARG B 280 -40.28 -13.32 -15.54
N HIS B 281 -39.10 -13.11 -16.13
CA HIS B 281 -37.86 -13.61 -15.54
C HIS B 281 -36.70 -12.88 -16.19
N ALA B 282 -35.49 -13.24 -15.76
CA ALA B 282 -34.25 -12.75 -16.35
C ALA B 282 -33.23 -13.88 -16.45
N ALA B 283 -33.70 -15.11 -16.64
CA ALA B 283 -32.86 -16.30 -16.66
C ALA B 283 -32.21 -16.43 -18.03
N THR B 284 -31.17 -15.62 -18.24
CA THR B 284 -30.58 -15.48 -19.56
C THR B 284 -30.04 -16.81 -20.08
N PHE B 285 -29.19 -17.48 -19.30
CA PHE B 285 -28.66 -18.77 -19.75
C PHE B 285 -29.74 -19.84 -19.79
N THR B 286 -30.72 -19.77 -18.89
CA THR B 286 -31.73 -20.83 -18.78
C THR B 286 -32.75 -20.76 -19.90
N ALA B 287 -33.12 -19.53 -20.33
CA ALA B 287 -34.15 -19.35 -21.33
C ALA B 287 -33.74 -18.49 -22.52
N GLY B 288 -32.54 -17.90 -22.51
CA GLY B 288 -32.09 -17.13 -23.64
C GLY B 288 -31.33 -17.98 -24.63
N SER B 289 -30.85 -17.33 -25.67
CA SER B 289 -30.09 -17.99 -26.73
C SER B 289 -28.99 -17.04 -27.18
N PRO B 290 -27.97 -17.55 -27.88
CA PRO B 290 -26.87 -16.69 -28.33
C PRO B 290 -27.34 -15.59 -29.27
N GLY B 291 -26.68 -14.43 -29.16
CA GLY B 291 -27.00 -13.31 -30.02
C GLY B 291 -26.12 -12.13 -29.67
N ALA B 292 -26.08 -11.18 -30.59
CA ALA B 292 -25.30 -9.96 -30.41
C ALA B 292 -26.15 -8.91 -29.70
N PHE B 293 -25.65 -8.39 -28.60
CA PHE B 293 -26.40 -7.41 -27.82
C PHE B 293 -25.44 -6.58 -26.99
N HIS B 294 -25.68 -5.27 -26.98
CA HIS B 294 -24.87 -4.33 -26.20
C HIS B 294 -23.37 -4.53 -26.45
N GLY B 295 -23.00 -4.73 -27.71
CA GLY B 295 -21.61 -4.71 -28.11
C GLY B 295 -20.88 -6.04 -28.09
N SER B 296 -21.50 -7.10 -27.58
CA SER B 296 -20.83 -8.40 -27.52
C SER B 296 -21.75 -9.49 -28.06
N PHE B 297 -21.15 -10.63 -28.38
CA PHE B 297 -21.88 -11.83 -28.76
C PHE B 297 -21.93 -12.76 -27.56
N SER B 298 -23.13 -13.03 -27.08
CA SER B 298 -23.31 -13.73 -25.82
C SER B 298 -24.72 -14.30 -25.80
N TYR B 299 -25.25 -14.58 -24.61
CA TYR B 299 -26.63 -14.98 -24.45
C TYR B 299 -27.49 -13.77 -24.12
N LEU B 300 -28.69 -13.72 -24.71
CA LEU B 300 -29.67 -12.73 -24.29
C LEU B 300 -31.06 -13.32 -24.46
N LEU B 301 -32.02 -12.67 -23.80
CA LEU B 301 -33.43 -13.01 -23.94
C LEU B 301 -33.97 -12.33 -25.20
N GLN B 302 -34.36 -13.11 -26.19
CA GLN B 302 -34.79 -12.56 -27.46
C GLN B 302 -35.89 -13.44 -28.05
N ASP B 303 -36.77 -12.83 -28.83
CA ASP B 303 -37.85 -13.56 -29.47
C ASP B 303 -37.35 -14.22 -30.75
N GLU B 304 -38.30 -14.70 -31.57
CA GLU B 304 -37.93 -15.41 -32.78
C GLU B 304 -37.25 -14.53 -33.81
N ASP B 305 -37.45 -13.22 -33.76
CA ASP B 305 -36.86 -12.31 -34.73
C ASP B 305 -35.54 -11.71 -34.28
N GLY B 306 -35.15 -11.91 -33.03
CA GLY B 306 -33.96 -11.28 -32.48
C GLY B 306 -34.21 -10.04 -31.67
N GLN B 307 -35.47 -9.70 -31.41
CA GLN B 307 -35.80 -8.53 -30.61
C GLN B 307 -35.61 -8.84 -29.13
N THR B 308 -35.19 -7.83 -28.38
CA THR B 308 -34.93 -8.01 -26.96
C THR B 308 -36.24 -8.16 -26.20
N ILE B 309 -36.35 -9.23 -25.43
CA ILE B 309 -37.49 -9.45 -24.55
C ILE B 309 -37.21 -8.75 -23.22
N GLU B 310 -38.20 -8.01 -22.73
CA GLU B 310 -38.02 -7.33 -21.45
C GLU B 310 -37.98 -8.34 -20.32
N SER B 311 -37.02 -8.16 -19.41
CA SER B 311 -36.82 -9.06 -18.29
C SER B 311 -37.52 -8.50 -17.04
N HIS B 312 -37.74 -9.39 -16.08
CA HIS B 312 -38.41 -9.03 -14.84
C HIS B 312 -37.78 -9.79 -13.69
N SER B 313 -37.52 -9.09 -12.59
CA SER B 313 -37.01 -9.71 -11.38
C SER B 313 -37.35 -8.79 -10.22
N ILE B 314 -37.51 -9.38 -9.03
CA ILE B 314 -37.73 -8.55 -7.87
C ILE B 314 -36.47 -7.79 -7.48
N SER B 315 -35.32 -8.21 -7.98
CA SER B 315 -34.08 -7.46 -7.81
C SER B 315 -33.82 -6.59 -9.04
N ALA B 316 -33.17 -5.46 -8.82
CA ALA B 316 -32.85 -4.56 -9.93
C ALA B 316 -31.58 -5.00 -10.63
N GLY B 317 -30.55 -5.38 -9.88
CA GLY B 317 -29.26 -5.70 -10.47
C GLY B 317 -29.29 -6.92 -11.36
N LEU B 318 -30.19 -7.86 -11.12
CA LEU B 318 -30.31 -9.02 -11.99
C LEU B 318 -31.31 -8.80 -13.12
N ASP B 319 -32.04 -7.69 -13.10
CA ASP B 319 -33.09 -7.39 -14.08
C ASP B 319 -32.43 -6.81 -15.33
N TYR B 320 -31.86 -7.71 -16.13
CA TYR B 320 -31.09 -7.37 -17.32
C TYR B 320 -31.19 -8.55 -18.28
N PRO B 321 -31.55 -8.33 -19.55
CA PRO B 321 -31.81 -9.46 -20.45
C PRO B 321 -30.57 -10.07 -21.07
N GLY B 322 -29.38 -9.52 -20.84
CA GLY B 322 -28.15 -10.07 -21.37
C GLY B 322 -27.23 -10.63 -20.28
N VAL B 323 -26.05 -11.06 -20.72
CA VAL B 323 -25.03 -11.59 -19.82
C VAL B 323 -23.69 -11.48 -20.52
N GLY B 324 -22.62 -11.34 -19.74
CA GLY B 324 -21.29 -11.13 -20.27
C GLY B 324 -20.76 -12.31 -21.06
N PRO B 325 -19.88 -12.04 -22.03
CA PRO B 325 -19.43 -13.11 -22.93
C PRO B 325 -18.51 -14.11 -22.27
N GLU B 326 -17.74 -13.72 -21.25
CA GLU B 326 -16.85 -14.69 -20.62
C GLU B 326 -17.65 -15.76 -19.89
N HIS B 327 -18.84 -15.43 -19.41
CA HIS B 327 -19.70 -16.46 -18.82
C HIS B 327 -20.24 -17.39 -19.89
N ALA B 328 -20.61 -16.86 -21.05
CA ALA B 328 -21.07 -17.71 -22.15
C ALA B 328 -20.00 -18.72 -22.54
N TRP B 329 -18.76 -18.27 -22.63
CA TRP B 329 -17.65 -19.17 -22.93
C TRP B 329 -17.49 -20.23 -21.85
N LEU B 330 -17.48 -19.80 -20.58
CA LEU B 330 -17.35 -20.76 -19.48
C LEU B 330 -18.52 -21.73 -19.45
N LYS B 331 -19.73 -21.27 -19.77
CA LYS B 331 -20.85 -22.19 -19.87
C LYS B 331 -20.64 -23.20 -20.99
N GLU B 332 -20.32 -22.72 -22.19
CA GLU B 332 -20.08 -23.63 -23.31
C GLU B 332 -18.97 -24.62 -23.00
N ALA B 333 -17.90 -24.15 -22.35
CA ALA B 333 -16.76 -25.01 -22.01
C ALA B 333 -17.04 -25.91 -20.82
N GLY B 334 -18.22 -25.83 -20.21
CA GLY B 334 -18.55 -26.66 -19.07
C GLY B 334 -17.81 -26.36 -17.79
N ARG B 335 -17.09 -25.23 -17.71
CA ARG B 335 -16.40 -24.90 -16.47
C ARG B 335 -17.36 -24.43 -15.39
N VAL B 336 -18.45 -23.75 -15.77
CA VAL B 336 -19.40 -23.17 -14.82
C VAL B 336 -20.80 -23.63 -15.19
N ASP B 337 -21.61 -23.95 -14.18
CA ASP B 337 -23.02 -24.24 -14.33
C ASP B 337 -23.83 -23.00 -13.95
N TYR B 338 -24.87 -22.73 -14.72
CA TYR B 338 -25.73 -21.59 -14.46
C TYR B 338 -27.14 -22.09 -14.20
N ARG B 339 -27.71 -21.68 -13.06
CA ARG B 339 -28.98 -22.22 -12.59
C ARG B 339 -29.91 -21.10 -12.15
N PRO B 340 -31.22 -21.28 -12.27
CA PRO B 340 -32.18 -20.23 -11.92
C PRO B 340 -32.63 -20.26 -10.47
N ILE B 341 -32.93 -19.06 -9.96
CA ILE B 341 -33.42 -18.85 -8.61
C ILE B 341 -34.58 -17.86 -8.69
N THR B 342 -35.74 -18.24 -8.16
CA THR B 342 -36.94 -17.43 -8.31
C THR B 342 -36.93 -16.26 -7.33
N ASP B 343 -37.89 -15.34 -7.54
CA ASP B 343 -38.12 -14.26 -6.59
C ASP B 343 -38.33 -14.80 -5.18
N SER B 344 -39.12 -15.87 -5.07
CA SER B 344 -39.50 -16.39 -3.76
C SER B 344 -38.32 -17.05 -3.07
N GLU B 345 -37.56 -17.88 -3.80
CA GLU B 345 -36.37 -18.49 -3.22
C GLU B 345 -35.41 -17.42 -2.68
N ALA B 346 -35.26 -16.32 -3.43
CA ALA B 346 -34.33 -15.27 -3.01
C ALA B 346 -34.84 -14.54 -1.79
N MET B 347 -36.11 -14.11 -1.81
CA MET B 347 -36.68 -13.44 -0.65
C MET B 347 -36.67 -14.35 0.57
N ASP B 348 -36.91 -15.64 0.35
CA ASP B 348 -36.76 -16.62 1.43
C ASP B 348 -35.34 -16.59 1.99
N ALA B 349 -34.34 -16.61 1.10
CA ALA B 349 -32.95 -16.54 1.55
C ALA B 349 -32.66 -15.19 2.19
N PHE B 350 -33.16 -14.09 1.58
CA PHE B 350 -32.98 -12.76 2.15
C PHE B 350 -33.38 -12.74 3.62
N GLY B 351 -34.58 -13.24 3.92
CA GLY B 351 -35.06 -13.20 5.29
C GLY B 351 -34.27 -14.10 6.21
N LEU B 352 -33.94 -15.30 5.74
CA LEU B 352 -33.21 -16.25 6.58
C LEU B 352 -31.84 -15.70 6.95
N LEU B 353 -31.17 -15.01 6.03
CA LEU B 353 -29.88 -14.41 6.36
C LEU B 353 -30.03 -13.28 7.37
N CYS B 354 -31.15 -12.57 7.34
CA CYS B 354 -31.39 -11.53 8.34
C CYS B 354 -31.56 -12.12 9.74
N ARG B 355 -32.33 -13.21 9.85
CA ARG B 355 -32.63 -13.78 11.17
C ARG B 355 -31.49 -14.63 11.71
N MET B 356 -30.74 -15.30 10.82
CA MET B 356 -29.73 -16.25 11.29
C MET B 356 -28.38 -15.61 11.56
N GLU B 357 -27.94 -14.67 10.73
CA GLU B 357 -26.62 -14.08 10.86
C GLU B 357 -26.64 -12.58 11.10
N GLY B 358 -27.80 -11.93 11.06
CA GLY B 358 -27.83 -10.49 11.22
C GLY B 358 -27.25 -9.72 10.06
N ILE B 359 -27.18 -10.33 8.88
CA ILE B 359 -26.68 -9.66 7.67
C ILE B 359 -27.86 -9.44 6.75
N ILE B 360 -28.14 -8.17 6.43
CA ILE B 360 -29.17 -7.84 5.47
C ILE B 360 -28.53 -7.84 4.09
N PRO B 361 -28.77 -8.84 3.25
CA PRO B 361 -28.10 -8.90 1.95
C PRO B 361 -28.86 -8.12 0.90
N ALA B 362 -28.15 -7.73 -0.14
CA ALA B 362 -28.84 -7.25 -1.33
C ALA B 362 -29.70 -8.37 -1.89
N ILE B 363 -30.82 -8.00 -2.51
CA ILE B 363 -31.70 -9.02 -3.08
C ILE B 363 -30.98 -9.75 -4.21
N GLU B 364 -30.10 -9.06 -4.93
CA GLU B 364 -29.25 -9.75 -5.89
C GLU B 364 -28.47 -10.87 -5.21
N SER B 365 -27.81 -10.55 -4.09
CA SER B 365 -27.01 -11.53 -3.38
C SER B 365 -27.87 -12.63 -2.77
N ALA B 366 -29.11 -12.31 -2.41
CA ALA B 366 -30.00 -13.34 -1.84
C ALA B 366 -30.24 -14.47 -2.83
N HIS B 367 -30.23 -14.17 -4.14
CA HIS B 367 -30.31 -15.23 -5.14
C HIS B 367 -29.14 -16.20 -4.99
N ALA B 368 -27.93 -15.66 -4.77
CA ALA B 368 -26.77 -16.51 -4.59
C ALA B 368 -26.84 -17.29 -3.29
N VAL B 369 -27.28 -16.63 -2.21
CA VAL B 369 -27.48 -17.34 -0.94
C VAL B 369 -28.49 -18.47 -1.13
N ALA B 370 -29.63 -18.16 -1.75
CA ALA B 370 -30.65 -19.18 -2.01
C ALA B 370 -30.05 -20.39 -2.72
N GLY B 371 -29.34 -20.15 -3.83
CA GLY B 371 -28.72 -21.23 -4.56
C GLY B 371 -27.70 -21.99 -3.74
N ALA B 372 -26.98 -21.26 -2.87
CA ALA B 372 -25.99 -21.91 -2.02
C ALA B 372 -26.64 -22.89 -1.06
N LEU B 373 -27.81 -22.54 -0.51
CA LEU B 373 -28.55 -23.47 0.33
C LEU B 373 -28.91 -24.74 -0.42
N LYS B 374 -29.45 -24.58 -1.64
CA LYS B 374 -29.80 -25.73 -2.46
C LYS B 374 -28.57 -26.58 -2.76
N LEU B 375 -27.44 -25.93 -3.05
CA LEU B 375 -26.22 -26.67 -3.37
C LEU B 375 -25.71 -27.42 -2.14
N GLY B 376 -25.82 -26.81 -0.97
CA GLY B 376 -25.43 -27.49 0.26
C GLY B 376 -26.21 -28.77 0.48
N VAL B 377 -27.51 -28.75 0.18
CA VAL B 377 -28.32 -29.97 0.28
C VAL B 377 -27.82 -31.02 -0.68
N GLU B 378 -27.50 -30.62 -1.91
CA GLU B 378 -26.99 -31.58 -2.89
C GLU B 378 -25.63 -32.13 -2.49
N LEU B 379 -24.72 -31.26 -2.03
CA LEU B 379 -23.36 -31.68 -1.71
C LEU B 379 -23.26 -32.36 -0.35
N GLY B 380 -24.10 -31.98 0.60
CA GLY B 380 -24.22 -32.71 1.84
C GLY B 380 -23.39 -32.15 2.98
N ARG B 381 -23.42 -32.90 4.08
CA ARG B 381 -22.78 -32.48 5.32
C ARG B 381 -21.29 -32.23 5.13
N GLY B 382 -20.83 -31.08 5.62
CA GLY B 382 -19.42 -30.76 5.61
C GLY B 382 -18.90 -30.10 4.36
N ALA B 383 -19.69 -30.04 3.29
CA ALA B 383 -19.24 -29.39 2.07
C ALA B 383 -18.92 -27.93 2.33
N VAL B 384 -17.82 -27.46 1.74
CA VAL B 384 -17.37 -26.08 1.88
C VAL B 384 -17.84 -25.32 0.65
N ILE B 385 -18.75 -24.37 0.84
CA ILE B 385 -19.29 -23.56 -0.23
C ILE B 385 -18.96 -22.11 0.07
N VAL B 386 -18.27 -21.45 -0.86
CA VAL B 386 -18.00 -20.01 -0.76
C VAL B 386 -19.08 -19.28 -1.55
N VAL B 387 -19.66 -18.26 -0.93
CA VAL B 387 -20.73 -17.47 -1.53
C VAL B 387 -20.26 -16.03 -1.62
N ASN B 388 -20.47 -15.41 -2.77
CA ASN B 388 -20.17 -14.00 -2.95
C ASN B 388 -21.37 -13.20 -2.47
N LEU B 389 -21.24 -12.56 -1.31
CA LEU B 389 -22.27 -11.65 -0.82
C LEU B 389 -21.99 -10.29 -1.46
N SER B 390 -22.51 -10.11 -2.67
CA SER B 390 -22.08 -9.02 -3.53
C SER B 390 -22.45 -7.64 -2.99
N GLY B 391 -23.47 -7.53 -2.14
CA GLY B 391 -23.83 -6.22 -1.62
C GLY B 391 -24.74 -6.31 -0.42
N ARG B 392 -24.84 -5.18 0.28
CA ARG B 392 -25.71 -5.05 1.42
C ARG B 392 -27.12 -4.65 0.97
N GLY B 393 -28.10 -4.97 1.81
CA GLY B 393 -29.48 -4.81 1.41
C GLY B 393 -30.20 -3.59 1.96
N ASP B 394 -29.46 -2.57 2.40
CA ASP B 394 -30.09 -1.34 2.84
C ASP B 394 -30.97 -0.75 1.74
N LYS B 395 -30.49 -0.78 0.50
CA LYS B 395 -31.27 -0.30 -0.64
C LYS B 395 -32.55 -1.10 -0.84
N ASP B 396 -32.64 -2.30 -0.26
CA ASP B 396 -33.75 -3.22 -0.53
C ASP B 396 -34.69 -3.39 0.65
N VAL B 397 -34.51 -2.64 1.73
CA VAL B 397 -35.34 -2.83 2.92
C VAL B 397 -36.80 -2.58 2.59
N GLU B 398 -37.10 -1.49 1.88
CA GLU B 398 -38.49 -1.18 1.57
C GLU B 398 -39.12 -2.27 0.73
N THR B 399 -38.38 -2.79 -0.26
CA THR B 399 -38.93 -3.87 -1.07
C THR B 399 -39.15 -5.13 -0.25
N ALA B 400 -38.19 -5.49 0.61
CA ALA B 400 -38.35 -6.67 1.44
C ALA B 400 -39.48 -6.48 2.47
N ALA B 401 -39.56 -5.29 3.07
CA ALA B 401 -40.60 -5.02 4.05
C ALA B 401 -41.98 -5.24 3.46
N LYS B 402 -42.22 -4.70 2.26
CA LYS B 402 -43.50 -4.94 1.57
C LYS B 402 -43.73 -6.42 1.33
N TRP B 403 -42.69 -7.13 0.87
CA TRP B 403 -42.82 -8.56 0.60
C TRP B 403 -43.30 -9.32 1.82
N PHE B 404 -42.71 -9.05 2.99
CA PHE B 404 -43.05 -9.74 4.23
C PHE B 404 -44.12 -9.03 5.04
N GLY B 405 -44.89 -8.14 4.42
CA GLY B 405 -45.98 -7.46 5.10
C GLY B 405 -45.57 -6.66 6.31
N LEU B 406 -44.36 -6.10 6.29
CA LEU B 406 -43.87 -5.28 7.39
C LEU B 406 -44.23 -3.81 7.26
N LEU B 407 -44.84 -3.40 6.15
CA LEU B 407 -45.30 -2.02 6.01
C LEU B 407 -46.81 -1.87 6.11
N GLY B 408 -47.57 -2.94 5.93
CA GLY B 408 -49.01 -2.84 6.00
C GLY B 408 -49.55 -1.98 4.87
N ASN B 409 -50.68 -1.33 5.15
CA ASN B 409 -51.31 -0.45 4.16
C ASN B 409 -51.66 0.91 4.79
N ALA C 9 12.80 -41.98 45.98
CA ALA C 9 13.77 -41.02 46.51
C ALA C 9 14.90 -40.80 45.50
N SER C 10 15.39 -39.57 45.42
CA SER C 10 16.42 -39.24 44.45
C SER C 10 17.79 -39.75 44.92
N ARG C 11 18.75 -39.75 43.99
CA ARG C 11 20.08 -40.24 44.31
C ARG C 11 20.86 -39.26 45.19
N LEU C 12 20.57 -37.97 45.07
CA LEU C 12 21.23 -36.95 45.87
C LEU C 12 20.48 -36.61 47.15
N GLY C 13 19.33 -37.25 47.38
CA GLY C 13 18.54 -37.03 48.58
C GLY C 13 19.30 -37.24 49.87
N PRO C 14 19.94 -38.41 50.03
CA PRO C 14 20.77 -38.63 51.21
C PRO C 14 21.79 -37.52 51.48
N VAL C 15 22.36 -36.92 50.43
CA VAL C 15 23.35 -35.87 50.61
C VAL C 15 22.71 -34.67 51.29
N PHE C 16 21.61 -34.17 50.73
CA PHE C 16 20.97 -32.99 51.30
C PHE C 16 20.31 -33.30 52.65
N ASP C 17 19.84 -34.53 52.85
CA ASP C 17 19.36 -34.94 54.17
C ASP C 17 20.49 -34.85 55.20
N SER C 18 21.68 -35.33 54.84
CA SER C 18 22.81 -35.26 55.76
C SER C 18 23.20 -33.82 56.05
N CYS C 19 23.22 -32.98 55.02
CA CYS C 19 23.55 -31.57 55.22
C CYS C 19 22.52 -30.89 56.11
N ARG C 20 21.24 -31.18 55.88
CA ARG C 20 20.17 -30.56 56.67
C ARG C 20 20.29 -30.95 58.13
N ALA C 21 20.57 -32.23 58.41
CA ALA C 21 20.73 -32.67 59.80
C ALA C 21 21.95 -32.02 60.45
N ASN C 22 22.95 -31.65 59.67
CA ASN C 22 24.15 -31.01 60.18
C ASN C 22 24.10 -29.49 60.08
N ASN C 23 22.91 -28.93 59.87
CA ASN C 23 22.68 -27.48 59.83
C ASN C 23 23.69 -26.78 58.91
N ARG C 24 23.66 -27.18 57.65
CA ARG C 24 24.55 -26.60 56.66
C ARG C 24 23.98 -26.87 55.27
N ALA C 25 24.53 -26.15 54.29
CA ALA C 25 24.21 -26.37 52.89
C ALA C 25 25.29 -27.22 52.23
N ALA C 26 24.90 -27.98 51.21
CA ALA C 26 25.86 -28.81 50.49
C ALA C 26 26.76 -27.92 49.64
N LEU C 27 28.06 -28.21 49.67
CA LEU C 27 29.02 -27.57 48.77
C LEU C 27 29.04 -28.34 47.45
N ILE C 28 28.79 -27.64 46.35
CA ILE C 28 28.66 -28.23 45.03
C ILE C 28 29.74 -27.60 44.14
N GLY C 29 30.73 -28.40 43.75
CA GLY C 29 31.90 -27.91 43.02
C GLY C 29 31.92 -28.39 41.58
N TYR C 30 32.20 -27.46 40.67
CA TYR C 30 32.28 -27.70 39.24
C TYR C 30 33.73 -27.64 38.77
N LEU C 31 34.09 -28.55 37.87
CA LEU C 31 35.36 -28.54 37.14
C LEU C 31 35.10 -29.18 35.78
N PRO C 32 35.64 -28.60 34.70
CA PRO C 32 35.51 -29.26 33.39
C PRO C 32 36.56 -30.35 33.21
N THR C 33 36.11 -31.47 32.63
CA THR C 33 37.02 -32.55 32.31
C THR C 33 38.12 -32.07 31.36
N GLY C 34 39.35 -32.49 31.61
CA GLY C 34 40.43 -32.23 30.70
C GLY C 34 41.07 -30.86 30.80
N TYR C 35 40.77 -30.08 31.82
CA TYR C 35 41.48 -28.82 32.02
C TYR C 35 42.36 -28.94 33.26
N PRO C 36 43.67 -28.61 33.16
CA PRO C 36 44.39 -28.20 31.95
C PRO C 36 44.76 -29.38 31.03
N ASP C 37 44.70 -30.59 31.56
CA ASP C 37 44.69 -31.80 30.77
C ASP C 37 43.89 -32.85 31.53
N VAL C 38 43.62 -33.98 30.87
CA VAL C 38 42.71 -34.97 31.45
C VAL C 38 43.25 -35.56 32.76
N PRO C 39 44.52 -35.98 32.86
CA PRO C 39 45.00 -36.45 34.18
C PRO C 39 44.98 -35.38 35.26
N ALA C 40 45.33 -34.14 34.92
CA ALA C 40 45.32 -33.08 35.91
C ALA C 40 43.91 -32.77 36.39
N SER C 41 42.92 -32.84 35.49
CA SER C 41 41.55 -32.62 35.91
C SER C 41 41.04 -33.73 36.82
N VAL C 42 41.54 -34.96 36.65
CA VAL C 42 41.16 -36.04 37.57
C VAL C 42 41.77 -35.80 38.95
N ALA C 43 43.04 -35.39 38.99
CA ALA C 43 43.64 -35.05 40.28
C ALA C 43 42.93 -33.86 40.91
N ALA C 44 42.51 -32.89 40.09
CA ALA C 44 41.79 -31.74 40.62
C ALA C 44 40.43 -32.15 41.19
N MET C 45 39.73 -33.06 40.51
CA MET C 45 38.41 -33.48 40.97
C MET C 45 38.50 -34.38 42.19
N THR C 46 39.54 -35.20 42.27
CA THR C 46 39.80 -35.95 43.49
C THR C 46 40.07 -35.01 44.66
N ALA C 47 40.87 -33.97 44.42
CA ALA C 47 41.16 -32.99 45.46
C ALA C 47 39.89 -32.32 45.96
N LEU C 48 38.89 -32.15 45.08
CA LEU C 48 37.62 -31.61 45.52
C LEU C 48 36.95 -32.52 46.54
N VAL C 49 36.99 -33.84 46.31
CA VAL C 49 36.41 -34.77 47.27
C VAL C 49 37.15 -34.68 48.60
N GLU C 50 38.48 -34.59 48.55
CA GLU C 50 39.28 -34.59 49.78
C GLU C 50 39.15 -33.27 50.55
N SER C 51 38.72 -32.20 49.90
CA SER C 51 38.68 -30.87 50.51
C SER C 51 37.28 -30.45 50.96
N GLY C 52 36.27 -31.29 50.80
CA GLY C 52 34.98 -31.02 51.40
C GLY C 52 33.80 -30.81 50.47
N CYS C 53 33.99 -31.03 49.18
CA CYS C 53 32.87 -30.97 48.24
C CYS C 53 31.93 -32.14 48.49
N ASP C 54 30.66 -31.84 48.73
CA ASP C 54 29.66 -32.88 48.92
C ASP C 54 29.21 -33.47 47.58
N ILE C 55 29.18 -32.66 46.54
CA ILE C 55 28.76 -33.07 45.21
C ILE C 55 29.71 -32.42 44.22
N ILE C 56 30.06 -33.14 43.16
CA ILE C 56 30.96 -32.63 42.14
C ILE C 56 30.23 -32.62 40.80
N GLU C 57 30.27 -31.46 40.14
CA GLU C 57 29.73 -31.33 38.78
C GLU C 57 30.88 -31.53 37.80
N VAL C 58 30.90 -32.67 37.12
CA VAL C 58 31.91 -32.95 36.10
C VAL C 58 31.42 -32.33 34.80
N GLY C 59 32.13 -31.29 34.33
CA GLY C 59 31.71 -30.55 33.17
C GLY C 59 32.25 -31.17 31.88
N VAL C 60 31.38 -31.31 30.89
CA VAL C 60 31.74 -31.84 29.59
C VAL C 60 32.07 -30.66 28.67
N PRO C 61 33.34 -30.46 28.31
CA PRO C 61 33.67 -29.31 27.45
C PRO C 61 32.94 -29.38 26.13
N TYR C 62 32.40 -28.24 25.71
CA TYR C 62 31.60 -28.14 24.49
C TYR C 62 32.13 -27.01 23.64
N SER C 63 32.13 -27.22 22.32
CA SER C 63 32.71 -26.24 21.41
C SER C 63 31.97 -24.91 21.43
N ASP C 64 30.70 -24.89 21.83
CA ASP C 64 29.88 -23.68 21.76
C ASP C 64 29.08 -23.51 23.06
N PRO C 65 29.78 -23.23 24.18
CA PRO C 65 29.08 -23.15 25.48
C PRO C 65 28.46 -21.78 25.74
N GLY C 66 27.19 -21.63 25.38
CA GLY C 66 26.56 -20.32 25.46
C GLY C 66 26.36 -19.82 26.88
N MET C 67 26.02 -20.72 27.80
CA MET C 67 25.75 -20.33 29.18
C MET C 67 27.00 -20.09 30.00
N ASP C 68 28.17 -20.53 29.54
CA ASP C 68 29.38 -20.42 30.34
C ASP C 68 29.98 -19.02 30.23
N GLY C 69 30.44 -18.51 31.37
CA GLY C 69 31.15 -17.25 31.40
C GLY C 69 32.57 -17.42 30.87
N PRO C 70 33.32 -16.31 30.86
CA PRO C 70 34.62 -16.32 30.18
C PRO C 70 35.64 -17.25 30.82
N THR C 71 35.67 -17.34 32.15
CA THR C 71 36.64 -18.20 32.81
C THR C 71 36.46 -19.66 32.40
N ILE C 72 35.24 -20.19 32.55
CA ILE C 72 34.98 -21.58 32.22
C ILE C 72 35.04 -21.79 30.71
N ALA C 73 34.74 -20.76 29.92
CA ALA C 73 34.83 -20.88 28.47
C ALA C 73 36.28 -21.05 28.01
N ARG C 74 37.21 -20.26 28.57
CA ARG C 74 38.62 -20.43 28.24
C ARG C 74 39.09 -21.84 28.59
N ALA C 75 38.73 -22.31 29.80
CA ALA C 75 39.19 -23.62 30.25
C ALA C 75 38.67 -24.74 29.35
N THR C 76 37.41 -24.66 28.90
CA THR C 76 36.89 -25.74 28.07
C THR C 76 37.46 -25.69 26.66
N GLU C 77 37.74 -24.50 26.14
CA GLU C 77 38.48 -24.40 24.88
C GLU C 77 39.86 -25.04 25.01
N ALA C 78 40.60 -24.67 26.06
CA ALA C 78 41.88 -25.31 26.34
C ALA C 78 41.73 -26.82 26.40
N ALA C 79 40.73 -27.30 27.15
CA ALA C 79 40.50 -28.74 27.26
C ALA C 79 40.22 -29.36 25.89
N LEU C 80 39.42 -28.68 25.06
CA LEU C 80 39.12 -29.21 23.74
C LEU C 80 40.34 -29.17 22.82
N ARG C 81 41.17 -28.14 22.94
CA ARG C 81 42.43 -28.11 22.19
C ARG C 81 43.33 -29.28 22.59
N GLY C 82 43.30 -29.67 23.87
CA GLY C 82 44.05 -30.81 24.35
C GLY C 82 43.46 -32.16 23.95
N GLY C 83 42.31 -32.17 23.30
CA GLY C 83 41.74 -33.42 22.83
C GLY C 83 40.86 -34.17 23.81
N VAL C 84 40.21 -33.46 24.73
CA VAL C 84 39.32 -34.13 25.68
C VAL C 84 38.17 -34.79 24.92
N ARG C 85 37.80 -35.99 25.36
CA ARG C 85 36.69 -36.71 24.78
C ARG C 85 35.57 -36.84 25.80
N VAL C 86 34.36 -37.13 25.32
CA VAL C 86 33.22 -37.29 26.21
C VAL C 86 33.44 -38.47 27.16
N ARG C 87 34.02 -39.57 26.64
CA ARG C 87 34.32 -40.71 27.48
C ARG C 87 35.28 -40.37 28.60
N ASP C 88 36.08 -39.30 28.45
CA ASP C 88 36.92 -38.85 29.56
C ASP C 88 36.08 -38.37 30.73
N THR C 89 34.93 -37.77 30.45
CA THR C 89 34.05 -37.36 31.54
C THR C 89 33.50 -38.57 32.28
N LEU C 90 33.16 -39.64 31.55
CA LEU C 90 32.77 -40.88 32.21
C LEU C 90 33.90 -41.44 33.06
N ALA C 91 35.15 -41.25 32.65
CA ALA C 91 36.27 -41.72 33.44
C ALA C 91 36.45 -40.87 34.71
N ALA C 92 36.30 -39.55 34.58
CA ALA C 92 36.38 -38.69 35.76
C ALA C 92 35.29 -39.02 36.77
N VAL C 93 34.08 -39.31 36.29
CA VAL C 93 32.99 -39.70 37.17
C VAL C 93 33.35 -40.97 37.93
N GLU C 94 33.97 -41.93 37.25
CA GLU C 94 34.32 -43.18 37.91
C GLU C 94 35.41 -42.98 38.95
N ALA C 95 36.43 -42.18 38.63
CA ALA C 95 37.49 -41.90 39.60
C ALA C 95 36.93 -41.20 40.83
N ILE C 96 36.02 -40.26 40.61
CA ILE C 96 35.40 -39.54 41.73
C ILE C 96 34.63 -40.51 42.63
N SER C 97 33.87 -41.43 42.02
CA SER C 97 33.11 -42.39 42.81
C SER C 97 34.03 -43.33 43.57
N ILE C 98 35.13 -43.75 42.93
CA ILE C 98 36.09 -44.64 43.58
C ILE C 98 36.73 -43.94 44.78
N ALA C 99 36.94 -42.64 44.67
CA ALA C 99 37.54 -41.85 45.74
C ALA C 99 36.55 -41.47 46.83
N GLY C 100 35.35 -42.04 46.82
CA GLY C 100 34.35 -41.75 47.82
C GLY C 100 33.53 -40.50 47.58
N GLY C 101 33.56 -39.94 46.37
CA GLY C 101 32.81 -38.75 46.06
C GLY C 101 31.48 -39.04 45.35
N ARG C 102 30.67 -38.00 45.24
CA ARG C 102 29.39 -38.06 44.55
C ARG C 102 29.44 -37.12 43.36
N ALA C 103 29.31 -37.67 42.15
CA ALA C 103 29.47 -36.89 40.92
C ALA C 103 28.17 -36.86 40.13
N VAL C 104 27.79 -35.67 39.69
CA VAL C 104 26.84 -35.50 38.59
C VAL C 104 27.61 -34.90 37.42
N VAL C 105 27.02 -34.98 36.23
CA VAL C 105 27.62 -34.45 35.02
C VAL C 105 26.81 -33.25 34.54
N MET C 106 27.49 -32.15 34.27
CA MET C 106 26.87 -30.98 33.65
C MET C 106 27.30 -30.94 32.19
N THR C 107 26.31 -30.93 31.29
CA THR C 107 26.61 -30.98 29.87
C THR C 107 25.52 -30.28 29.07
N TYR C 108 25.93 -29.64 27.98
CA TYR C 108 25.00 -29.22 26.95
C TYR C 108 24.44 -30.46 26.26
N TRP C 109 23.34 -30.26 25.52
CA TRP C 109 22.56 -31.43 25.13
C TRP C 109 23.09 -32.13 23.89
N ASN C 110 23.71 -31.39 22.95
CA ASN C 110 24.13 -32.06 21.72
C ASN C 110 25.15 -33.17 21.93
N PRO C 111 26.16 -33.05 22.81
CA PRO C 111 27.01 -34.22 23.07
C PRO C 111 26.22 -35.43 23.54
N VAL C 112 25.12 -35.21 24.27
CA VAL C 112 24.30 -36.32 24.73
C VAL C 112 23.50 -36.92 23.57
N LEU C 113 22.86 -36.08 22.77
CA LEU C 113 22.18 -36.55 21.57
C LEU C 113 23.12 -37.34 20.67
N ARG C 114 24.31 -36.78 20.40
CA ARG C 114 25.28 -37.44 19.55
C ARG C 114 25.69 -38.78 20.13
N TYR C 115 25.83 -38.85 21.46
CA TYR C 115 26.18 -40.10 22.13
C TYR C 115 25.02 -41.08 22.12
N GLY C 116 23.79 -40.58 22.17
CA GLY C 116 22.61 -41.39 22.45
C GLY C 116 22.16 -41.14 23.87
N VAL C 117 20.88 -40.79 24.06
CA VAL C 117 20.40 -40.44 25.38
C VAL C 117 20.38 -41.67 26.30
N ASP C 118 19.75 -42.75 25.84
CA ASP C 118 19.68 -43.96 26.66
C ASP C 118 21.08 -44.52 26.93
N ALA C 119 21.94 -44.52 25.91
CA ALA C 119 23.28 -45.07 26.06
C ALA C 119 24.12 -44.23 27.03
N PHE C 120 24.02 -42.90 26.92
CA PHE C 120 24.77 -42.06 27.85
C PHE C 120 24.26 -42.23 29.28
N ALA C 121 22.94 -42.38 29.45
CA ALA C 121 22.39 -42.64 30.77
C ALA C 121 22.93 -43.94 31.36
N ARG C 122 23.01 -45.00 30.55
CA ARG C 122 23.53 -46.28 31.01
C ARG C 122 25.00 -46.17 31.39
N ASP C 123 25.81 -45.51 30.55
CA ASP C 123 27.23 -45.39 30.82
C ASP C 123 27.49 -44.47 32.01
N LEU C 124 26.68 -43.43 32.19
CA LEU C 124 26.83 -42.59 33.36
C LEU C 124 26.51 -43.35 34.63
N ALA C 125 25.46 -44.20 34.59
CA ALA C 125 25.15 -45.02 35.74
C ALA C 125 26.24 -46.06 35.99
N ALA C 126 26.79 -46.64 34.93
CA ALA C 126 27.86 -47.62 35.08
C ALA C 126 29.13 -46.99 35.61
N ALA C 127 29.33 -45.69 35.37
CA ALA C 127 30.47 -44.99 35.93
C ALA C 127 30.26 -44.58 37.38
N GLY C 128 29.07 -44.83 37.94
CA GLY C 128 28.74 -44.34 39.26
C GLY C 128 28.12 -42.97 39.28
N GLY C 129 27.78 -42.41 38.12
CA GLY C 129 27.15 -41.11 38.10
C GLY C 129 25.79 -41.13 38.78
N LEU C 130 25.46 -40.04 39.43
CA LEU C 130 24.21 -39.92 40.18
C LEU C 130 23.16 -39.09 39.49
N GLY C 131 23.56 -38.17 38.61
CA GLY C 131 22.58 -37.33 37.95
C GLY C 131 23.19 -36.59 36.78
N LEU C 132 22.41 -35.65 36.26
CA LEU C 132 22.77 -34.90 35.07
C LEU C 132 22.19 -33.50 35.16
N ILE C 133 23.02 -32.50 34.90
CA ILE C 133 22.59 -31.10 34.88
C ILE C 133 22.56 -30.65 33.44
N THR C 134 21.40 -30.19 32.98
CA THR C 134 21.13 -29.95 31.56
C THR C 134 20.79 -28.47 31.36
N PRO C 135 21.79 -27.60 31.21
CA PRO C 135 21.52 -26.16 31.17
C PRO C 135 20.91 -25.65 29.86
N ASP C 136 20.99 -26.40 28.76
CA ASP C 136 20.30 -25.98 27.54
C ASP C 136 19.19 -26.96 27.15
N LEU C 137 18.73 -27.78 28.10
CA LEU C 137 17.60 -28.68 27.88
C LEU C 137 16.49 -28.31 28.85
N ILE C 138 15.41 -27.75 28.32
CA ILE C 138 14.22 -27.48 29.11
C ILE C 138 13.37 -28.74 29.13
N PRO C 139 12.47 -28.91 30.11
CA PRO C 139 11.60 -30.11 30.11
C PRO C 139 10.81 -30.27 28.82
N ASP C 140 10.46 -29.17 28.16
CA ASP C 140 9.67 -29.21 26.94
C ASP C 140 10.28 -30.10 25.86
N GLU C 141 11.60 -30.31 25.92
CA GLU C 141 12.31 -31.15 24.96
C GLU C 141 12.85 -32.43 25.58
N ALA C 142 12.55 -32.71 26.84
CA ALA C 142 13.27 -33.71 27.63
C ALA C 142 12.58 -35.06 27.66
N GLN C 143 11.72 -35.36 26.67
CA GLN C 143 10.94 -36.59 26.70
C GLN C 143 11.84 -37.82 26.78
N GLN C 144 12.83 -37.93 25.89
CA GLN C 144 13.76 -39.07 25.93
C GLN C 144 14.51 -39.12 27.25
N TRP C 145 15.01 -37.97 27.71
CA TRP C 145 15.82 -37.94 28.92
C TRP C 145 14.99 -38.23 30.16
N LEU C 146 13.74 -37.74 30.20
CA LEU C 146 12.86 -38.08 31.31
C LEU C 146 12.65 -39.58 31.41
N ALA C 147 12.56 -40.26 30.26
CA ALA C 147 12.40 -41.70 30.26
C ALA C 147 13.68 -42.40 30.73
N ALA C 148 14.83 -41.98 30.20
CA ALA C 148 16.10 -42.59 30.57
C ALA C 148 16.45 -42.31 32.03
N SER C 149 16.17 -41.09 32.49
CA SER C 149 16.40 -40.74 33.89
C SER C 149 15.66 -41.67 34.84
N GLU C 150 14.38 -41.94 34.55
CA GLU C 150 13.60 -42.84 35.40
C GLU C 150 14.13 -44.26 35.33
N GLU C 151 14.38 -44.75 34.11
CA GLU C 151 14.72 -46.16 33.95
C GLU C 151 16.06 -46.50 34.57
N HIS C 152 17.03 -45.59 34.48
CA HIS C 152 18.39 -45.86 34.93
C HIS C 152 18.74 -45.14 36.23
N ARG C 153 17.73 -44.65 36.95
CA ARG C 153 17.87 -44.11 38.29
C ARG C 153 18.95 -43.04 38.37
N LEU C 154 18.76 -41.99 37.56
CA LEU C 154 19.64 -40.83 37.57
C LEU C 154 18.81 -39.60 37.92
N ASP C 155 19.42 -38.68 38.66
CA ASP C 155 18.75 -37.43 38.95
C ASP C 155 18.79 -36.50 37.74
N ARG C 156 17.77 -35.66 37.62
CA ARG C 156 17.67 -34.72 36.51
C ARG C 156 17.53 -33.32 37.08
N ILE C 157 18.59 -32.52 36.96
CA ILE C 157 18.65 -31.18 37.51
C ILE C 157 18.40 -30.21 36.35
N PHE C 158 17.19 -29.66 36.29
CA PHE C 158 16.90 -28.56 35.38
C PHE C 158 17.19 -27.23 36.07
N LEU C 159 17.24 -26.18 35.26
CA LEU C 159 17.56 -24.84 35.75
C LEU C 159 16.30 -23.97 35.77
N VAL C 160 16.22 -23.10 36.77
CA VAL C 160 15.23 -22.03 36.82
C VAL C 160 16.00 -20.71 36.86
N ALA C 161 15.31 -19.64 36.49
CA ALA C 161 15.89 -18.32 36.32
C ALA C 161 15.03 -17.29 37.01
N PRO C 162 15.60 -16.11 37.35
CA PRO C 162 14.75 -15.02 37.86
C PRO C 162 13.58 -14.67 36.93
N SER C 163 13.81 -14.73 35.61
CA SER C 163 12.78 -14.38 34.65
C SER C 163 11.73 -15.48 34.47
N SER C 164 11.92 -16.65 35.08
CA SER C 164 11.01 -17.75 34.88
C SER C 164 9.58 -17.36 35.22
N THR C 165 8.67 -17.59 34.29
CA THR C 165 7.26 -17.36 34.56
C THR C 165 6.80 -18.31 35.68
N PRO C 166 5.74 -17.94 36.40
CA PRO C 166 5.24 -18.86 37.43
C PRO C 166 4.86 -20.23 36.89
N GLU C 167 4.26 -20.27 35.69
CA GLU C 167 3.90 -21.55 35.08
C GLU C 167 5.14 -22.40 34.78
N ARG C 168 6.13 -21.80 34.12
CA ARG C 168 7.31 -22.56 33.74
C ARG C 168 8.14 -22.96 34.96
N LEU C 169 8.19 -22.11 35.99
CA LEU C 169 8.94 -22.45 37.20
C LEU C 169 8.37 -23.70 37.85
N ALA C 170 7.04 -23.72 38.06
CA ALA C 170 6.40 -24.90 38.64
C ALA C 170 6.61 -26.13 37.77
N ALA C 171 6.49 -25.98 36.44
CA ALA C 171 6.73 -27.10 35.55
C ALA C 171 8.18 -27.58 35.65
N THR C 172 9.13 -26.66 35.65
CA THR C 172 10.54 -27.04 35.73
C THR C 172 10.83 -27.75 37.05
N VAL C 173 10.24 -27.26 38.15
CA VAL C 173 10.48 -27.87 39.45
C VAL C 173 9.89 -29.28 39.51
N GLU C 174 8.67 -29.46 38.99
CA GLU C 174 8.05 -30.77 39.06
C GLU C 174 8.77 -31.80 38.19
N ALA C 175 9.58 -31.37 37.23
CA ALA C 175 10.31 -32.28 36.37
C ALA C 175 11.70 -32.62 36.90
N SER C 176 12.19 -31.90 37.90
CA SER C 176 13.52 -32.13 38.43
C SER C 176 13.51 -33.22 39.51
N ARG C 177 14.59 -33.99 39.56
CA ARG C 177 14.88 -34.89 40.66
C ARG C 177 16.29 -34.60 41.15
N GLY C 178 16.51 -34.73 42.46
CA GLY C 178 17.79 -34.40 43.05
C GLY C 178 17.80 -33.00 43.62
N PHE C 179 18.00 -32.01 42.75
CA PHE C 179 17.80 -30.62 43.13
C PHE C 179 17.49 -29.83 41.87
N VAL C 180 17.02 -28.59 42.09
CA VAL C 180 16.77 -27.65 41.01
C VAL C 180 17.83 -26.57 41.08
N TYR C 181 18.42 -26.24 39.94
CA TYR C 181 19.56 -25.32 39.84
C TYR C 181 19.01 -23.91 39.60
N ALA C 182 19.10 -23.06 40.60
CA ALA C 182 18.67 -21.67 40.48
C ALA C 182 19.88 -20.82 40.08
N ALA C 183 19.89 -20.36 38.83
CA ALA C 183 21.03 -19.66 38.27
C ALA C 183 20.67 -18.22 37.95
N SER C 184 21.66 -17.33 38.06
CA SER C 184 21.47 -15.92 37.76
C SER C 184 22.41 -15.46 36.64
N VAL C 195 19.32 -6.79 41.07
CA VAL C 195 20.00 -8.07 40.90
C VAL C 195 20.58 -8.55 42.23
N SER C 196 20.39 -7.75 43.29
CA SER C 196 20.94 -8.09 44.60
C SER C 196 20.16 -9.25 45.24
N GLN C 197 18.87 -9.04 45.48
CA GLN C 197 18.01 -10.04 46.09
C GLN C 197 17.43 -11.03 45.10
N ALA C 198 17.95 -11.06 43.87
CA ALA C 198 17.36 -11.92 42.84
C ALA C 198 17.44 -13.38 43.23
N ALA C 199 18.59 -13.83 43.73
CA ALA C 199 18.75 -15.24 44.09
C ALA C 199 17.81 -15.68 45.19
N PRO C 200 17.71 -15.01 46.35
CA PRO C 200 16.81 -15.53 47.40
C PRO C 200 15.33 -15.48 47.03
N GLU C 201 14.90 -14.44 46.31
CA GLU C 201 13.52 -14.41 45.85
C GLU C 201 13.20 -15.61 44.96
N LEU C 202 14.14 -15.96 44.07
CA LEU C 202 13.96 -17.11 43.20
C LEU C 202 13.87 -18.41 44.00
N VAL C 203 14.74 -18.59 44.99
CA VAL C 203 14.68 -19.76 45.85
C VAL C 203 13.35 -19.80 46.59
N GLY C 204 12.87 -18.64 47.05
CA GLY C 204 11.57 -18.60 47.70
C GLY C 204 10.45 -19.04 46.80
N ARG C 205 10.52 -18.66 45.51
CA ARG C 205 9.50 -19.08 44.56
C ARG C 205 9.50 -20.59 44.38
N VAL C 206 10.69 -21.21 44.34
CA VAL C 206 10.76 -22.66 44.22
C VAL C 206 10.21 -23.33 45.48
N LYS C 207 10.57 -22.80 46.65
CA LYS C 207 10.14 -23.43 47.89
C LYS C 207 8.69 -23.19 48.22
N ALA C 208 8.05 -22.23 47.55
CA ALA C 208 6.61 -22.04 47.69
C ALA C 208 5.80 -23.12 46.98
N VAL C 209 6.44 -23.98 46.19
CA VAL C 209 5.71 -24.98 45.40
C VAL C 209 6.30 -26.38 45.58
N SER C 210 7.46 -26.47 46.25
CA SER C 210 8.10 -27.79 46.34
C SER C 210 9.13 -27.79 47.46
N ASP C 211 9.32 -28.96 48.05
CA ASP C 211 10.37 -29.19 49.04
C ASP C 211 11.67 -29.69 48.41
N ILE C 212 11.76 -29.75 47.08
CA ILE C 212 13.00 -30.25 46.46
C ILE C 212 14.15 -29.34 46.88
N PRO C 213 15.35 -29.87 47.11
CA PRO C 213 16.50 -28.99 47.39
C PRO C 213 16.77 -28.04 46.23
N VAL C 214 17.29 -26.87 46.56
CA VAL C 214 17.59 -25.82 45.58
C VAL C 214 19.07 -25.47 45.70
N GLY C 215 19.80 -25.68 44.61
CA GLY C 215 21.17 -25.22 44.52
C GLY C 215 21.23 -23.84 43.88
N VAL C 216 22.18 -23.02 44.32
CA VAL C 216 22.30 -21.64 43.87
C VAL C 216 23.70 -21.40 43.35
N GLY C 217 23.80 -21.05 42.07
CA GLY C 217 25.04 -20.55 41.49
C GLY C 217 24.93 -19.05 41.34
N LEU C 218 26.02 -18.35 41.69
CA LEU C 218 25.96 -16.90 41.80
C LEU C 218 27.35 -16.28 41.66
N GLY C 219 28.23 -16.92 40.91
CA GLY C 219 29.61 -16.47 40.81
C GLY C 219 30.30 -16.38 42.16
N VAL C 220 30.14 -17.42 42.98
CA VAL C 220 30.74 -17.43 44.32
C VAL C 220 32.25 -17.57 44.19
N ARG C 221 32.97 -16.72 44.93
CA ARG C 221 34.42 -16.80 44.98
C ARG C 221 35.01 -16.68 46.38
N SER C 222 34.19 -16.51 47.41
CA SER C 222 34.70 -16.32 48.76
C SER C 222 33.89 -17.14 49.76
N ARG C 223 34.46 -17.30 50.95
CA ARG C 223 33.77 -17.98 52.04
C ARG C 223 32.52 -17.23 52.47
N ALA C 224 32.61 -15.89 52.52
CA ALA C 224 31.46 -15.09 52.93
C ALA C 224 30.28 -15.28 51.99
N GLN C 225 30.54 -15.29 50.68
CA GLN C 225 29.46 -15.46 49.70
C GLN C 225 28.83 -16.85 49.80
N ALA C 226 29.66 -17.88 50.00
CA ALA C 226 29.11 -19.21 50.27
C ALA C 226 28.25 -19.20 51.52
N ALA C 227 28.69 -18.47 52.56
CA ALA C 227 27.92 -18.39 53.79
C ALA C 227 26.60 -17.64 53.59
N GLN C 228 26.61 -16.61 52.73
CA GLN C 228 25.38 -15.87 52.47
C GLN C 228 24.33 -16.74 51.82
N ILE C 229 24.71 -17.46 50.76
CA ILE C 229 23.78 -18.31 50.04
C ILE C 229 23.27 -19.45 50.93
N ALA C 230 24.14 -19.97 51.79
CA ALA C 230 23.76 -21.08 52.66
C ALA C 230 22.68 -20.72 53.65
N GLN C 231 22.33 -19.44 53.79
CA GLN C 231 21.26 -19.06 54.70
C GLN C 231 19.87 -19.37 54.13
N TYR C 232 19.73 -19.42 52.80
CA TYR C 232 18.44 -19.68 52.17
C TYR C 232 18.45 -20.84 51.17
N ALA C 233 19.61 -21.26 50.69
CA ALA C 233 19.68 -22.33 49.69
C ALA C 233 20.10 -23.64 50.33
N ASP C 234 19.73 -24.74 49.68
CA ASP C 234 20.11 -26.07 50.18
C ASP C 234 21.52 -26.46 49.75
N GLY C 235 21.97 -25.96 48.60
CA GLY C 235 23.34 -26.19 48.17
C GLY C 235 23.91 -24.94 47.53
N VAL C 236 25.22 -24.78 47.70
CA VAL C 236 25.96 -23.66 47.12
C VAL C 236 26.80 -24.20 45.98
N ILE C 237 26.61 -23.65 44.79
CA ILE C 237 27.29 -24.12 43.58
C ILE C 237 28.41 -23.16 43.25
N VAL C 238 29.63 -23.68 43.14
CA VAL C 238 30.81 -22.88 42.83
C VAL C 238 31.51 -23.51 41.62
N GLY C 239 31.75 -22.69 40.60
CA GLY C 239 32.37 -23.18 39.38
C GLY C 239 33.54 -22.35 38.91
N SER C 240 33.26 -21.11 38.47
CA SER C 240 34.31 -20.24 37.93
C SER C 240 35.47 -20.07 38.90
N ALA C 241 35.17 -19.94 40.19
CA ALA C 241 36.24 -19.72 41.17
C ALA C 241 37.14 -20.93 41.29
N LEU C 242 36.60 -22.14 41.13
CA LEU C 242 37.42 -23.35 41.20
C LEU C 242 38.34 -23.47 39.99
N VAL C 243 37.83 -23.08 38.81
CA VAL C 243 38.66 -23.08 37.62
C VAL C 243 39.79 -22.07 37.75
N THR C 244 39.45 -20.85 38.19
CA THR C 244 40.48 -19.84 38.45
C THR C 244 41.50 -20.34 39.47
N ALA C 245 41.02 -21.01 40.54
CA ALA C 245 41.94 -21.51 41.55
C ALA C 245 42.86 -22.59 40.99
N LEU C 246 42.30 -23.49 40.17
CA LEU C 246 43.12 -24.55 39.59
C LEU C 246 44.17 -23.98 38.65
N THR C 247 43.82 -22.93 37.90
CA THR C 247 44.79 -22.31 37.00
C THR C 247 46.01 -21.80 37.75
N GLU C 248 45.81 -21.29 38.97
CA GLU C 248 46.92 -20.90 39.80
C GLU C 248 47.70 -22.11 40.29
N GLY C 249 47.01 -23.20 40.57
CA GLY C 249 47.65 -24.43 40.99
C GLY C 249 46.74 -25.24 41.89
N LEU C 250 47.02 -26.54 41.95
CA LEU C 250 46.24 -27.44 42.80
C LEU C 250 46.29 -27.09 44.29
N PRO C 251 47.41 -26.62 44.87
CA PRO C 251 47.35 -26.18 46.27
C PRO C 251 46.35 -25.04 46.51
N ARG C 252 46.24 -24.10 45.57
CA ARG C 252 45.27 -23.02 45.71
C ARG C 252 43.85 -23.55 45.66
N LEU C 253 43.59 -24.50 44.77
CA LEU C 253 42.26 -25.13 44.71
C LEU C 253 41.91 -25.79 46.04
N ARG C 254 42.89 -26.47 46.65
CA ARG C 254 42.64 -27.11 47.95
C ARG C 254 42.31 -26.08 49.01
N ALA C 255 43.00 -24.94 48.99
CA ALA C 255 42.74 -23.88 49.97
C ALA C 255 41.36 -23.27 49.76
N LEU C 256 41.03 -22.93 48.51
CA LEU C 256 39.74 -22.29 48.23
C LEU C 256 38.57 -23.21 48.59
N THR C 257 38.69 -24.50 48.27
CA THR C 257 37.61 -25.43 48.58
C THR C 257 37.39 -25.56 50.08
N GLY C 258 38.48 -25.56 50.86
CA GLY C 258 38.34 -25.65 52.30
C GLY C 258 37.66 -24.43 52.90
N GLU C 259 37.95 -23.25 52.34
CA GLU C 259 37.27 -22.04 52.78
C GLU C 259 35.79 -22.08 52.44
N LEU C 260 35.46 -22.62 51.27
CA LEU C 260 34.06 -22.69 50.85
C LEU C 260 33.29 -23.74 51.66
N ALA C 261 33.95 -24.85 52.00
CA ALA C 261 33.30 -25.84 52.85
C ALA C 261 33.01 -25.28 54.24
N ALA C 262 33.92 -24.45 54.76
CA ALA C 262 33.64 -23.79 56.03
C ALA C 262 32.52 -22.76 55.89
N GLY C 263 32.40 -22.12 54.73
CA GLY C 263 31.38 -21.10 54.56
C GLY C 263 29.98 -21.65 54.59
N VAL C 264 29.77 -22.85 54.04
CA VAL C 264 28.43 -23.41 53.89
C VAL C 264 27.92 -23.93 55.22
N ARG C 265 28.75 -23.84 56.26
CA ARG C 265 28.37 -24.29 57.59
C ARG C 265 27.93 -23.16 58.51
N LEU C 266 28.26 -21.91 58.17
CA LEU C 266 27.88 -20.78 59.01
C LEU C 266 26.36 -20.58 59.02
N GLY C 267 25.89 -19.85 60.04
CA GLY C 267 24.47 -19.56 60.18
C GLY C 267 24.19 -18.48 61.19
N ILE D 5 -3.30 -10.06 3.20
CA ILE D 5 -3.94 -11.13 3.95
C ILE D 5 -2.90 -12.09 4.50
N ALA D 6 -3.23 -12.74 5.62
CA ALA D 6 -2.37 -13.75 6.20
C ALA D 6 -2.53 -15.08 5.46
N GLU D 7 -1.42 -15.65 5.03
CA GLU D 7 -1.42 -16.92 4.31
C GLU D 7 -1.72 -18.07 5.27
N PRO D 8 -2.18 -19.21 4.74
CA PRO D 8 -2.47 -20.37 5.60
C PRO D 8 -1.23 -20.88 6.33
N THR D 9 -1.47 -21.81 7.25
CA THR D 9 -0.44 -22.36 8.13
C THR D 9 -0.36 -23.87 8.00
N SER D 10 -0.49 -24.38 6.78
CA SER D 10 -0.52 -25.83 6.58
C SER D 10 0.83 -26.48 6.87
N HIS D 11 1.93 -25.75 6.65
CA HIS D 11 3.26 -26.30 6.83
C HIS D 11 3.93 -25.85 8.12
N ASP D 12 3.18 -25.23 9.03
CA ASP D 12 3.73 -24.70 10.25
C ASP D 12 4.01 -25.80 11.26
N PRO D 13 4.93 -25.57 12.20
CA PRO D 13 5.18 -26.55 13.25
C PRO D 13 4.07 -26.50 14.31
N ASP D 14 4.16 -27.41 15.27
CA ASP D 14 3.23 -27.39 16.39
C ASP D 14 3.59 -26.23 17.33
N SER D 15 2.86 -26.12 18.44
CA SER D 15 3.09 -25.02 19.36
C SER D 15 4.47 -25.06 19.99
N GLY D 16 5.10 -26.23 20.05
CA GLY D 16 6.46 -26.32 20.56
C GLY D 16 7.54 -26.01 19.57
N GLY D 17 7.19 -25.76 18.31
CA GLY D 17 8.16 -25.45 17.27
C GLY D 17 8.66 -26.64 16.47
N HIS D 18 7.97 -27.77 16.53
CA HIS D 18 8.46 -29.02 15.96
C HIS D 18 7.84 -29.26 14.60
N PHE D 19 8.68 -29.60 13.62
CA PHE D 19 8.24 -29.96 12.28
C PHE D 19 8.19 -31.47 12.15
N GLY D 20 7.09 -31.98 11.58
CA GLY D 20 6.99 -33.40 11.29
C GLY D 20 6.76 -34.30 12.48
N GLY D 21 6.16 -33.78 13.55
CA GLY D 21 5.89 -34.58 14.72
C GLY D 21 6.34 -33.90 16.00
N PRO D 22 5.80 -34.33 17.15
CA PRO D 22 6.11 -33.63 18.41
C PRO D 22 7.56 -33.74 18.83
N SER D 23 8.28 -34.78 18.41
CA SER D 23 9.70 -34.93 18.69
C SER D 23 10.55 -34.75 17.44
N GLY D 24 10.07 -33.96 16.49
CA GLY D 24 10.71 -33.78 15.21
C GLY D 24 11.71 -32.65 15.19
N TRP D 25 11.83 -32.02 14.02
CA TRP D 25 12.83 -31.00 13.80
C TRP D 25 12.37 -29.67 14.40
N GLY D 26 13.34 -28.85 14.79
CA GLY D 26 13.04 -27.53 15.32
C GLY D 26 13.11 -27.48 16.83
N GLY D 27 12.01 -27.11 17.46
CA GLY D 27 11.95 -27.05 18.91
C GLY D 27 12.61 -25.81 19.48
N ARG D 28 12.97 -25.92 20.77
CA ARG D 28 13.55 -24.82 21.54
C ARG D 28 14.67 -25.40 22.40
N TYR D 29 15.88 -25.45 21.86
CA TYR D 29 17.04 -25.96 22.60
C TYR D 29 17.83 -24.78 23.16
N VAL D 30 17.20 -24.14 24.14
CA VAL D 30 17.73 -22.91 24.75
C VAL D 30 17.66 -23.08 26.27
N PRO D 31 18.37 -22.25 27.01
CA PRO D 31 18.24 -22.27 28.47
C PRO D 31 16.91 -21.69 28.94
N GLU D 32 16.46 -22.18 30.10
CA GLU D 32 15.24 -21.65 30.71
C GLU D 32 15.33 -20.14 30.89
N ALA D 33 16.54 -19.61 31.09
CA ALA D 33 16.72 -18.17 31.27
C ALA D 33 16.13 -17.37 30.11
N LEU D 34 16.13 -17.96 28.92
CA LEU D 34 15.68 -17.25 27.72
C LEU D 34 14.20 -17.47 27.42
N MET D 35 13.53 -18.40 28.11
CA MET D 35 12.20 -18.83 27.69
C MET D 35 11.16 -17.73 27.87
N ALA D 36 11.35 -16.83 28.84
CA ALA D 36 10.40 -15.75 29.02
C ALA D 36 10.33 -14.86 27.79
N VAL D 37 11.49 -14.34 27.35
CA VAL D 37 11.49 -13.46 26.20
C VAL D 37 11.16 -14.22 24.92
N ILE D 38 11.52 -15.50 24.85
CA ILE D 38 11.14 -16.31 23.69
C ILE D 38 9.62 -16.46 23.63
N GLU D 39 8.98 -16.70 24.78
CA GLU D 39 7.52 -16.76 24.80
C GLU D 39 6.91 -15.40 24.51
N GLU D 40 7.54 -14.33 24.99
CA GLU D 40 7.05 -12.99 24.68
C GLU D 40 7.11 -12.71 23.18
N VAL D 41 8.23 -13.09 22.53
CA VAL D 41 8.35 -12.90 21.09
C VAL D 41 7.37 -13.80 20.34
N THR D 42 7.20 -15.04 20.81
CA THR D 42 6.25 -15.94 20.16
C THR D 42 4.83 -15.40 20.26
N ALA D 43 4.45 -14.86 21.41
CA ALA D 43 3.10 -14.32 21.57
C ALA D 43 2.90 -13.08 20.71
N ALA D 44 3.85 -12.16 20.73
CA ALA D 44 3.72 -10.95 19.93
C ALA D 44 3.64 -11.27 18.45
N TYR D 45 4.43 -12.23 17.99
CA TYR D 45 4.41 -12.58 16.57
C TYR D 45 3.11 -13.27 16.18
N GLN D 46 2.57 -14.13 17.06
CA GLN D 46 1.27 -14.74 16.78
C GLN D 46 0.21 -13.66 16.62
N LYS D 47 0.31 -12.58 17.40
CA LYS D 47 -0.65 -11.49 17.31
C LYS D 47 -0.46 -10.68 16.03
N GLU D 48 0.79 -10.34 15.70
CA GLU D 48 1.00 -9.41 14.59
C GLU D 48 0.92 -10.09 13.22
N ARG D 49 1.25 -11.38 13.13
CA ARG D 49 1.24 -12.06 11.83
C ARG D 49 -0.15 -12.13 11.22
N VAL D 50 -1.21 -12.06 12.02
CA VAL D 50 -2.57 -12.05 11.53
C VAL D 50 -3.20 -10.67 11.63
N SER D 51 -2.41 -9.65 11.97
CA SER D 51 -2.89 -8.28 12.09
C SER D 51 -2.79 -7.60 10.72
N GLN D 52 -3.92 -7.16 10.19
N GLN D 52 -3.92 -7.16 10.20
CA GLN D 52 -3.89 -6.49 8.89
CA GLN D 52 -3.95 -6.48 8.91
C GLN D 52 -3.10 -5.18 8.95
C GLN D 52 -3.12 -5.19 8.95
N ASP D 53 -3.12 -4.50 10.09
CA ASP D 53 -2.35 -3.27 10.21
C ASP D 53 -0.84 -3.55 10.22
N PHE D 54 -0.41 -4.67 10.80
CA PHE D 54 1.00 -5.02 10.76
C PHE D 54 1.42 -5.40 9.35
N LEU D 55 0.58 -6.16 8.65
CA LEU D 55 0.89 -6.53 7.27
C LEU D 55 0.90 -5.31 6.35
N ASP D 56 0.03 -4.32 6.63
CA ASP D 56 0.04 -3.12 5.82
C ASP D 56 1.33 -2.31 6.03
N ASP D 57 1.78 -2.19 7.29
CA ASP D 57 3.04 -1.50 7.57
C ASP D 57 4.20 -2.16 6.84
N LEU D 58 4.29 -3.49 6.93
CA LEU D 58 5.40 -4.20 6.30
C LEU D 58 5.32 -4.10 4.78
N ASP D 59 4.11 -4.22 4.22
CA ASP D 59 3.94 -4.11 2.78
C ASP D 59 4.31 -2.72 2.29
N ARG D 60 3.92 -1.69 3.04
CA ARG D 60 4.28 -0.31 2.69
C ARG D 60 5.79 -0.14 2.60
N LEU D 61 6.51 -0.66 3.61
CA LEU D 61 7.95 -0.58 3.61
C LEU D 61 8.56 -1.40 2.48
N GLN D 62 8.03 -2.61 2.24
CA GLN D 62 8.53 -3.43 1.15
C GLN D 62 8.40 -2.72 -0.20
N ALA D 63 7.29 -2.00 -0.40
CA ALA D 63 7.01 -1.39 -1.70
C ALA D 63 7.81 -0.10 -1.91
N ASN D 64 7.69 0.84 -0.97
CA ASN D 64 8.23 2.18 -1.16
C ASN D 64 9.68 2.33 -0.68
N TYR D 65 10.09 1.53 0.29
CA TYR D 65 11.41 1.66 0.87
C TYR D 65 12.39 0.62 0.34
N ALA D 66 11.94 -0.63 0.19
CA ALA D 66 12.79 -1.72 -0.24
C ALA D 66 12.78 -1.94 -1.75
N GLY D 67 11.70 -1.55 -2.42
CA GLY D 67 11.62 -1.68 -3.87
C GLY D 67 10.89 -2.88 -4.40
N ARG D 68 10.12 -3.58 -3.58
CA ARG D 68 9.36 -4.73 -4.05
C ARG D 68 8.22 -4.26 -4.97
N PRO D 69 7.79 -5.12 -5.90
CA PRO D 69 8.33 -6.46 -6.15
C PRO D 69 9.68 -6.42 -6.87
N SER D 70 10.50 -7.41 -6.59
CA SER D 70 11.71 -7.57 -7.38
C SER D 70 11.37 -8.29 -8.68
N PRO D 71 11.97 -7.89 -9.79
CA PRO D 71 11.59 -8.47 -11.09
C PRO D 71 12.08 -9.92 -11.23
N LEU D 72 11.51 -10.58 -12.23
CA LEU D 72 11.94 -11.91 -12.64
C LEU D 72 12.50 -11.79 -14.05
N TYR D 73 13.79 -12.08 -14.21
CA TYR D 73 14.49 -11.85 -15.46
C TYR D 73 14.93 -13.18 -16.05
N GLU D 74 14.44 -13.49 -17.25
CA GLU D 74 14.91 -14.68 -17.96
C GLU D 74 16.29 -14.40 -18.53
N ALA D 75 17.29 -15.12 -18.04
CA ALA D 75 18.67 -14.92 -18.47
C ALA D 75 18.92 -15.71 -19.75
N THR D 76 18.47 -15.13 -20.87
CA THR D 76 18.47 -15.85 -22.14
C THR D 76 19.88 -16.30 -22.56
N ARG D 77 20.91 -15.57 -22.13
CA ARG D 77 22.28 -15.89 -22.51
C ARG D 77 22.95 -16.89 -21.59
N LEU D 78 22.29 -17.30 -20.50
CA LEU D 78 22.75 -18.44 -19.73
C LEU D 78 22.30 -19.77 -20.33
N SER D 79 21.27 -19.73 -21.18
CA SER D 79 20.60 -20.95 -21.63
C SER D 79 21.58 -21.96 -22.20
N GLN D 80 22.50 -21.51 -23.07
CA GLN D 80 23.47 -22.40 -23.68
C GLN D 80 24.22 -23.23 -22.65
N HIS D 81 24.57 -22.62 -21.51
CA HIS D 81 25.37 -23.27 -20.49
C HIS D 81 24.56 -24.09 -19.50
N ALA D 82 23.23 -24.11 -19.66
CA ALA D 82 22.34 -24.86 -18.80
C ALA D 82 21.50 -25.84 -19.62
N GLY D 83 22.13 -26.48 -20.60
CA GLY D 83 21.43 -27.42 -21.46
C GLY D 83 20.31 -26.82 -22.27
N SER D 84 20.40 -25.53 -22.58
CA SER D 84 19.35 -24.79 -23.28
C SER D 84 18.04 -24.79 -22.51
N ALA D 85 18.09 -25.03 -21.21
CA ALA D 85 16.95 -24.74 -20.34
C ALA D 85 16.78 -23.23 -20.21
N ARG D 86 15.64 -22.82 -19.67
CA ARG D 86 15.33 -21.42 -19.49
C ARG D 86 15.53 -21.06 -18.02
N ILE D 87 16.47 -20.15 -17.76
CA ILE D 87 16.83 -19.75 -16.41
C ILE D 87 16.16 -18.41 -16.13
N PHE D 88 15.29 -18.38 -15.13
CA PHE D 88 14.63 -17.17 -14.67
C PHE D 88 15.24 -16.78 -13.32
N LEU D 89 15.84 -15.60 -13.25
CA LEU D 89 16.49 -15.11 -12.05
C LEU D 89 15.50 -14.24 -11.27
N LYS D 90 15.22 -14.63 -10.03
CA LYS D 90 14.43 -13.82 -9.12
C LYS D 90 15.36 -12.80 -8.49
N ARG D 91 15.16 -11.53 -8.82
CA ARG D 91 16.19 -10.50 -8.66
C ARG D 91 16.17 -9.87 -7.25
N GLU D 92 16.38 -10.71 -6.23
CA GLU D 92 16.53 -10.16 -4.89
C GLU D 92 17.75 -9.27 -4.76
N ASP D 93 18.71 -9.39 -5.68
CA ASP D 93 19.89 -8.52 -5.71
C ASP D 93 19.52 -7.05 -5.87
N LEU D 94 18.30 -6.75 -6.33
CA LEU D 94 17.87 -5.37 -6.55
C LEU D 94 17.18 -4.76 -5.33
N ASN D 95 17.08 -5.50 -4.23
CA ASN D 95 16.48 -4.93 -3.03
C ASN D 95 17.40 -3.89 -2.41
N HIS D 96 16.81 -2.94 -1.69
CA HIS D 96 17.60 -2.06 -0.83
C HIS D 96 18.49 -2.90 0.09
N THR D 97 19.76 -2.48 0.18
CA THR D 97 20.88 -3.16 0.84
C THR D 97 21.40 -4.33 0.01
N GLY D 98 20.69 -4.69 -1.05
CA GLY D 98 21.25 -5.58 -2.06
C GLY D 98 21.13 -7.07 -1.82
N SER D 99 20.28 -7.50 -0.89
CA SER D 99 20.00 -8.92 -0.74
C SER D 99 18.61 -9.08 -0.13
N HIS D 100 18.20 -10.33 0.02
CA HIS D 100 16.90 -10.68 0.58
C HIS D 100 16.79 -10.37 2.06
N1 LLP D 101 22.70 -15.17 -0.04
C2 LLP D 101 23.05 -13.94 0.32
C2' LLP D 101 23.18 -12.81 -0.74
C3 LLP D 101 23.31 -13.65 1.68
O3 LLP D 101 23.68 -12.34 2.05
C4 LLP D 101 23.20 -14.63 2.64
C4' LLP D 101 23.52 -14.21 4.17
C5 LLP D 101 22.85 -15.90 2.28
C6 LLP D 101 22.60 -16.18 0.93
C5' LLP D 101 22.72 -17.07 3.31
OP4 LLP D 101 21.62 -16.86 4.16
P LLP D 101 20.32 -17.69 4.01
OP1 LLP D 101 19.50 -17.12 2.85
OP2 LLP D 101 20.63 -19.11 3.76
OP3 LLP D 101 19.54 -17.56 5.25
N LLP D 101 17.94 -10.16 2.70
CA LLP D 101 17.99 -10.03 4.17
CB LLP D 101 19.43 -9.92 4.61
CG LLP D 101 20.00 -11.34 4.63
CD LLP D 101 21.31 -11.43 5.43
CE LLP D 101 21.90 -12.85 5.32
NZ LLP D 101 23.03 -12.87 4.38
C LLP D 101 17.17 -8.87 4.65
O LLP D 101 16.65 -8.92 5.75
N ILE D 102 17.00 -7.86 3.80
CA ILE D 102 16.16 -6.70 4.13
C ILE D 102 14.71 -7.10 4.42
N ASN D 103 14.21 -8.12 3.72
CA ASN D 103 12.85 -8.61 3.98
C ASN D 103 12.70 -8.99 5.44
N ASN D 104 13.67 -9.76 5.95
CA ASN D 104 13.60 -10.27 7.32
C ASN D 104 13.70 -9.13 8.33
N VAL D 105 14.67 -8.23 8.15
CA VAL D 105 14.91 -7.22 9.18
C VAL D 105 13.80 -6.19 9.21
N LEU D 106 13.10 -5.97 8.09
CA LEU D 106 11.97 -5.05 8.14
C LEU D 106 10.85 -5.59 9.02
N GLY D 107 10.50 -6.86 8.84
CA GLY D 107 9.46 -7.45 9.67
C GLY D 107 9.84 -7.50 11.13
N GLN D 108 11.05 -7.99 11.43
CA GLN D 108 11.46 -8.16 12.82
C GLN D 108 11.64 -6.82 13.53
N ALA D 109 12.08 -5.79 12.82
CA ALA D 109 12.23 -4.49 13.47
C ALA D 109 10.87 -3.85 13.72
N LEU D 110 9.93 -4.04 12.80
CA LEU D 110 8.54 -3.64 13.06
C LEU D 110 8.01 -4.37 14.29
N LEU D 111 8.25 -5.68 14.37
CA LEU D 111 7.82 -6.44 15.54
C LEU D 111 8.44 -5.90 16.82
N ALA D 112 9.75 -5.64 16.79
CA ALA D 112 10.43 -5.12 17.98
C ALA D 112 9.82 -3.80 18.44
N ARG D 113 9.47 -2.93 17.50
CA ARG D 113 8.73 -1.72 17.86
C ARG D 113 7.37 -2.06 18.47
N ARG D 114 6.64 -3.00 17.84
CA ARG D 114 5.35 -3.42 18.39
C ARG D 114 5.49 -3.91 19.82
N MET D 115 6.58 -4.62 20.12
CA MET D 115 6.80 -5.17 21.46
C MET D 115 7.29 -4.13 22.46
N GLY D 116 7.57 -2.90 22.02
CA GLY D 116 8.09 -1.90 22.92
C GLY D 116 9.55 -2.03 23.24
N LYS D 117 10.27 -2.95 22.60
CA LYS D 117 11.71 -3.01 22.75
C LYS D 117 12.34 -1.74 22.18
N THR D 118 13.41 -1.28 22.81
CA THR D 118 14.11 -0.08 22.39
C THR D 118 15.52 -0.36 21.88
N ARG D 119 16.01 -1.59 22.09
CA ARG D 119 17.36 -1.97 21.73
C ARG D 119 17.28 -3.24 20.87
N VAL D 120 18.05 -3.29 19.80
CA VAL D 120 18.09 -4.44 18.89
C VAL D 120 19.52 -4.94 18.80
N ILE D 121 19.70 -6.26 18.89
CA ILE D 121 21.01 -6.87 18.76
C ILE D 121 20.97 -7.88 17.61
N ALA D 122 22.11 -8.06 16.97
CA ALA D 122 22.19 -9.01 15.86
C ALA D 122 23.62 -9.49 15.69
N GLU D 123 23.75 -10.70 15.15
CA GLU D 123 25.02 -11.25 14.71
C GLU D 123 25.25 -10.90 13.24
N THR D 124 26.51 -10.97 12.82
CA THR D 124 26.81 -10.91 11.41
C THR D 124 28.13 -11.64 11.16
N GLY D 125 28.20 -12.32 10.01
CA GLY D 125 29.44 -12.94 9.58
C GLY D 125 30.38 -11.92 9.01
N ALA D 126 30.29 -11.69 7.69
CA ALA D 126 31.12 -10.68 7.04
C ALA D 126 30.49 -9.30 7.07
N GLY D 127 29.22 -9.17 7.44
CA GLY D 127 28.63 -7.87 7.62
C GLY D 127 27.25 -7.69 7.00
N GLN D 128 26.82 -8.66 6.19
CA GLN D 128 25.59 -8.49 5.41
C GLN D 128 24.38 -8.30 6.32
N HIS D 129 24.19 -9.22 7.27
CA HIS D 129 23.02 -9.11 8.13
C HIS D 129 23.14 -7.93 9.09
N GLY D 130 24.36 -7.66 9.56
CA GLY D 130 24.56 -6.51 10.44
C GLY D 130 24.23 -5.19 9.77
N VAL D 131 24.60 -5.04 8.49
CA VAL D 131 24.23 -3.84 7.74
C VAL D 131 22.72 -3.76 7.58
N ALA D 132 22.07 -4.89 7.29
CA ALA D 132 20.62 -4.87 7.12
C ALA D 132 19.91 -4.56 8.43
N THR D 133 20.34 -5.18 9.53
CA THR D 133 19.76 -4.88 10.84
C THR D 133 19.96 -3.41 11.18
N ALA D 134 21.18 -2.90 11.01
CA ALA D 134 21.44 -1.48 11.29
C ALA D 134 20.58 -0.57 10.40
N THR D 135 20.30 -1.00 9.17
CA THR D 135 19.46 -0.23 8.27
C THR D 135 18.03 -0.14 8.80
N ALA D 136 17.47 -1.28 9.22
CA ALA D 136 16.11 -1.26 9.75
C ALA D 136 16.03 -0.46 11.04
N CYS D 137 17.05 -0.59 11.89
CA CYS D 137 17.02 0.13 13.17
C CYS D 137 17.15 1.63 12.97
N ALA D 138 18.00 2.07 12.04
CA ALA D 138 18.06 3.49 11.73
C ALA D 138 16.72 4.00 11.19
N LEU D 139 16.11 3.22 10.30
CA LEU D 139 14.79 3.57 9.75
C LEU D 139 13.77 3.75 10.86
N LEU D 140 13.70 2.80 11.80
CA LEU D 140 12.67 2.78 12.82
C LEU D 140 13.12 3.41 14.13
N GLY D 141 14.28 4.05 14.17
CA GLY D 141 14.77 4.70 15.36
C GLY D 141 15.00 3.76 16.54
N LEU D 142 15.65 2.64 16.29
CA LEU D 142 15.95 1.66 17.31
C LEU D 142 17.45 1.63 17.58
N ASP D 143 17.81 1.48 18.85
CA ASP D 143 19.22 1.30 19.20
C ASP D 143 19.69 -0.07 18.72
N CYS D 144 20.82 -0.10 18.04
CA CYS D 144 21.30 -1.28 17.36
C CYS D 144 22.71 -1.61 17.83
N VAL D 145 22.93 -2.87 18.20
CA VAL D 145 24.25 -3.36 18.58
C VAL D 145 24.52 -4.62 17.77
N ILE D 146 25.60 -4.61 16.99
CA ILE D 146 25.95 -5.70 16.09
C ILE D 146 27.15 -6.44 16.68
N TYR D 147 27.05 -7.76 16.76
CA TYR D 147 28.14 -8.61 17.23
C TYR D 147 28.79 -9.29 16.04
N MET D 148 30.12 -9.20 15.96
CA MET D 148 30.87 -9.66 14.81
C MET D 148 32.21 -10.22 15.28
N GLY D 149 32.56 -11.40 14.79
CA GLY D 149 33.81 -12.02 15.22
C GLY D 149 35.01 -11.15 14.86
N GLY D 150 36.02 -11.19 15.75
CA GLY D 150 37.19 -10.35 15.57
C GLY D 150 37.96 -10.64 14.30
N ILE D 151 37.95 -11.90 13.84
CA ILE D 151 38.57 -12.23 12.56
C ILE D 151 37.84 -11.53 11.43
N ASP D 152 36.53 -11.33 11.58
CA ASP D 152 35.75 -10.69 10.53
C ASP D 152 35.81 -9.17 10.61
N THR D 153 35.83 -8.60 11.81
CA THR D 153 35.90 -7.14 11.94
C THR D 153 37.20 -6.60 11.36
N ALA D 154 38.33 -7.25 11.65
CA ALA D 154 39.61 -6.81 11.10
C ALA D 154 39.64 -6.93 9.58
N ARG D 155 38.80 -7.78 9.01
CA ARG D 155 38.80 -8.08 7.59
C ARG D 155 37.75 -7.30 6.81
N GLN D 156 36.73 -6.76 7.48
CA GLN D 156 35.62 -6.06 6.82
C GLN D 156 35.49 -4.65 7.40
N ALA D 157 36.53 -3.84 7.21
CA ALA D 157 36.54 -2.50 7.80
C ALA D 157 35.48 -1.60 7.20
N LEU D 158 35.16 -1.77 5.91
CA LEU D 158 34.16 -0.91 5.29
C LEU D 158 32.74 -1.24 5.77
N ASN D 159 32.47 -2.51 6.06
CA ASN D 159 31.15 -2.87 6.59
C ASN D 159 30.98 -2.35 8.02
N VAL D 160 32.03 -2.44 8.82
CA VAL D 160 31.99 -1.85 10.15
C VAL D 160 31.70 -0.35 10.06
N ALA D 161 32.26 0.31 9.04
CA ALA D 161 31.98 1.73 8.85
C ALA D 161 30.54 1.98 8.40
N ARG D 162 30.02 1.11 7.53
CA ARG D 162 28.60 1.19 7.15
C ARG D 162 27.71 1.13 8.38
N MET D 163 27.88 0.08 9.20
CA MET D 163 27.04 -0.10 10.36
C MET D 163 27.13 1.11 11.31
N ARG D 164 28.32 1.70 11.42
CA ARG D 164 28.47 2.88 12.27
C ARG D 164 27.92 4.13 11.60
N LEU D 165 28.01 4.23 10.26
CA LEU D 165 27.38 5.34 9.58
C LEU D 165 25.86 5.28 9.72
N LEU D 166 25.30 4.08 9.79
CA LEU D 166 23.88 3.87 10.02
C LEU D 166 23.48 4.06 11.47
N GLY D 167 24.43 4.32 12.36
CA GLY D 167 24.13 4.65 13.74
C GLY D 167 24.30 3.52 14.74
N ALA D 168 24.87 2.40 14.34
CA ALA D 168 24.93 1.22 15.20
C ALA D 168 26.30 1.09 15.84
N GLU D 169 26.32 0.42 17.00
CA GLU D 169 27.56 0.04 17.66
C GLU D 169 27.96 -1.36 17.20
N VAL D 170 29.22 -1.52 16.85
CA VAL D 170 29.75 -2.80 16.41
C VAL D 170 30.65 -3.34 17.51
N VAL D 171 30.36 -4.55 17.98
CA VAL D 171 31.14 -5.21 19.03
C VAL D 171 31.89 -6.37 18.41
N ALA D 172 33.21 -6.38 18.57
CA ALA D 172 34.07 -7.44 18.05
C ALA D 172 34.28 -8.50 19.11
N VAL D 173 33.93 -9.76 18.80
CA VAL D 173 34.04 -10.86 19.75
C VAL D 173 35.34 -11.62 19.49
N GLN D 174 36.08 -11.90 20.57
CA GLN D 174 37.37 -12.57 20.49
C GLN D 174 37.37 -13.92 21.20
N THR D 175 36.19 -14.49 21.42
CA THR D 175 36.05 -15.81 22.03
C THR D 175 35.77 -16.84 20.96
N GLY D 176 36.17 -18.08 21.23
CA GLY D 176 35.98 -19.14 20.26
C GLY D 176 36.83 -18.92 19.02
N SER D 177 36.28 -19.34 17.87
CA SER D 177 36.94 -19.14 16.59
C SER D 177 36.72 -17.74 16.01
N LYS D 178 36.08 -16.84 16.78
CA LYS D 178 35.97 -15.43 16.45
C LYS D 178 35.38 -15.23 15.05
N THR D 179 34.38 -16.03 14.71
CA THR D 179 33.69 -15.89 13.42
C THR D 179 32.19 -15.89 13.68
N LEU D 180 31.42 -16.24 12.65
CA LEU D 180 29.96 -16.10 12.67
C LEU D 180 29.34 -16.79 13.88
N LYS D 181 29.58 -18.10 14.01
CA LYS D 181 28.91 -18.87 15.05
C LYS D 181 29.31 -18.42 16.45
N ASP D 182 30.45 -17.75 16.59
CA ASP D 182 30.87 -17.22 17.87
C ASP D 182 30.27 -15.85 18.15
N ALA D 183 29.97 -15.08 17.10
CA ALA D 183 29.19 -13.86 17.29
C ALA D 183 27.77 -14.19 17.73
N ILE D 184 27.17 -15.22 17.13
CA ILE D 184 25.86 -15.69 17.53
C ILE D 184 25.82 -16.02 19.02
N ASN D 185 26.86 -16.69 19.51
CA ASN D 185 26.91 -17.06 20.92
C ASN D 185 26.99 -15.83 21.83
N GLU D 186 27.72 -14.80 21.39
CA GLU D 186 27.86 -13.61 22.22
C GLU D 186 26.57 -12.79 22.22
N ALA D 187 25.91 -12.68 21.06
CA ALA D 187 24.60 -12.03 21.01
C ALA D 187 23.59 -12.81 21.83
N PHE D 188 23.68 -14.14 21.81
CA PHE D 188 22.85 -14.98 22.67
C PHE D 188 23.01 -14.60 24.13
N ARG D 189 24.24 -14.32 24.56
CA ARG D 189 24.47 -13.92 25.94
C ARG D 189 23.92 -12.53 26.23
N ASP D 190 24.01 -11.62 25.24
CA ASP D 190 23.44 -10.28 25.41
C ASP D 190 21.95 -10.35 25.69
N TRP D 191 21.23 -11.21 24.96
CA TRP D 191 19.78 -11.30 25.11
C TRP D 191 19.41 -11.84 26.49
N VAL D 192 20.12 -12.87 26.96
CA VAL D 192 19.88 -13.43 28.30
C VAL D 192 19.98 -12.34 29.35
N ALA D 193 20.89 -11.39 29.16
CA ALA D 193 21.10 -10.34 30.14
C ALA D 193 20.16 -9.15 29.97
N ASN D 194 19.70 -8.87 28.74
CA ASN D 194 18.99 -7.64 28.46
C ASN D 194 17.63 -7.88 27.82
N ALA D 195 17.03 -9.05 28.04
CA ALA D 195 15.77 -9.40 27.38
C ALA D 195 14.65 -8.39 27.65
N ASP D 196 14.74 -7.61 28.72
CA ASP D 196 13.68 -6.67 29.05
C ASP D 196 13.48 -5.62 27.96
N ASN D 197 14.57 -5.02 27.48
CA ASN D 197 14.48 -3.95 26.50
C ASN D 197 15.07 -4.31 25.15
N THR D 198 15.61 -5.52 24.98
CA THR D 198 16.38 -5.89 23.81
C THR D 198 15.66 -6.95 22.99
N TYR D 199 15.60 -6.74 21.68
CA TYR D 199 15.08 -7.70 20.73
C TYR D 199 16.24 -8.26 19.92
N TYR D 200 16.33 -9.58 19.81
CA TYR D 200 17.38 -10.24 19.04
C TYR D 200 16.86 -10.48 17.63
N CYS D 201 17.38 -9.70 16.68
CA CYS D 201 17.02 -9.82 15.26
C CYS D 201 17.93 -10.85 14.62
N PHE D 202 17.45 -12.10 14.50
CA PHE D 202 18.25 -13.19 13.97
C PHE D 202 18.23 -13.20 12.45
N GLY D 203 19.37 -13.53 11.85
CA GLY D 203 19.61 -13.35 10.42
C GLY D 203 19.26 -14.48 9.49
N THR D 204 18.71 -15.59 9.99
CA THR D 204 18.38 -16.70 9.11
C THR D 204 17.20 -17.49 9.69
N ALA D 205 16.77 -18.50 8.95
CA ALA D 205 15.60 -19.29 9.33
C ALA D 205 16.00 -20.50 10.18
N ALA D 206 16.79 -20.25 11.21
CA ALA D 206 17.16 -21.26 12.19
C ALA D 206 16.87 -20.67 13.57
N GLY D 207 17.48 -21.25 14.60
CA GLY D 207 17.26 -20.80 15.94
C GLY D 207 16.06 -21.45 16.58
N PRO D 208 15.76 -21.09 17.82
CA PRO D 208 14.60 -21.66 18.50
C PRO D 208 13.30 -21.08 17.96
N HIS D 209 12.23 -21.85 18.14
CA HIS D 209 10.89 -21.39 17.84
C HIS D 209 10.62 -20.07 18.58
N PRO D 210 10.06 -19.05 17.91
CA PRO D 210 9.43 -19.04 16.59
C PRO D 210 10.31 -18.62 15.42
N PHE D 211 11.62 -18.51 15.62
CA PHE D 211 12.44 -17.85 14.61
C PHE D 211 12.47 -18.58 13.27
N PRO D 212 12.58 -19.90 13.19
CA PRO D 212 12.47 -20.54 11.87
C PRO D 212 11.18 -20.19 11.14
N THR D 213 10.04 -20.24 11.84
CA THR D 213 8.77 -19.91 11.19
C THR D 213 8.69 -18.41 10.88
N MET D 214 9.11 -17.56 11.81
CA MET D 214 8.95 -16.13 11.63
C MET D 214 9.81 -15.61 10.47
N VAL D 215 11.07 -16.03 10.40
CA VAL D 215 11.95 -15.57 9.33
C VAL D 215 11.45 -16.10 7.99
N ARG D 216 10.95 -17.32 7.97
CA ARG D 216 10.35 -17.84 6.75
C ARG D 216 9.17 -16.99 6.31
N ASP D 217 8.29 -16.63 7.24
CA ASP D 217 7.12 -15.82 6.87
C ASP D 217 7.52 -14.46 6.30
N PHE D 218 8.59 -13.84 6.81
CA PHE D 218 9.05 -12.57 6.25
C PHE D 218 9.76 -12.72 4.92
N GLN D 219 10.14 -13.94 4.52
CA GLN D 219 10.74 -14.17 3.22
C GLN D 219 9.77 -14.83 2.23
N ARG D 220 8.57 -15.22 2.69
N ARG D 220 8.57 -15.22 2.69
CA ARG D 220 7.60 -15.86 1.79
CA ARG D 220 7.58 -15.84 1.82
C ARG D 220 7.30 -14.99 0.57
C ARG D 220 7.30 -15.00 0.58
N ILE D 221 7.38 -13.67 0.72
CA ILE D 221 7.03 -12.75 -0.36
C ILE D 221 7.81 -13.04 -1.63
N ILE D 222 9.03 -13.60 -1.51
CA ILE D 222 9.83 -13.91 -2.69
C ILE D 222 9.11 -14.92 -3.57
N GLY D 223 8.81 -16.10 -3.03
CA GLY D 223 8.16 -17.13 -3.82
C GLY D 223 6.73 -16.80 -4.19
N MET D 224 6.06 -15.98 -3.37
CA MET D 224 4.71 -15.56 -3.73
C MET D 224 4.73 -14.68 -4.97
N GLU D 225 5.70 -13.77 -5.06
CA GLU D 225 5.86 -12.97 -6.27
C GLU D 225 6.31 -13.84 -7.43
N ALA D 226 7.32 -14.67 -7.21
CA ALA D 226 7.89 -15.46 -8.31
C ALA D 226 6.84 -16.37 -8.93
N ARG D 227 5.96 -16.94 -8.11
CA ARG D 227 4.96 -17.88 -8.63
C ARG D 227 3.99 -17.19 -9.59
N VAL D 228 3.63 -15.94 -9.30
CA VAL D 228 2.83 -15.16 -10.25
C VAL D 228 3.66 -14.81 -11.48
N GLN D 229 4.88 -14.32 -11.25
CA GLN D 229 5.71 -13.84 -12.36
C GLN D 229 6.07 -14.95 -13.33
N ILE D 230 6.41 -16.14 -12.81
CA ILE D 230 6.83 -17.22 -13.69
C ILE D 230 5.66 -17.70 -14.55
N GLN D 231 4.45 -17.67 -14.01
CA GLN D 231 3.30 -18.09 -14.82
C GLN D 231 2.96 -17.06 -15.89
N GLY D 232 3.29 -15.79 -15.65
CA GLY D 232 3.06 -14.76 -16.65
C GLY D 232 4.12 -14.70 -17.72
N GLN D 233 5.34 -15.14 -17.44
CA GLN D 233 6.44 -15.08 -18.40
C GLN D 233 6.70 -16.39 -19.13
N ALA D 234 6.53 -17.53 -18.45
CA ALA D 234 6.71 -18.82 -19.10
C ALA D 234 5.39 -19.47 -19.48
N GLY D 235 4.27 -18.93 -19.04
CA GLY D 235 2.96 -19.49 -19.33
C GLY D 235 2.57 -20.68 -18.47
N ARG D 236 3.41 -21.08 -17.52
CA ARG D 236 3.14 -22.26 -16.71
C ARG D 236 4.02 -22.22 -15.47
N LEU D 237 3.73 -23.12 -14.55
CA LEU D 237 4.56 -23.27 -13.36
C LEU D 237 5.91 -23.84 -13.77
N PRO D 238 6.97 -23.50 -13.03
CA PRO D 238 8.31 -23.93 -13.43
C PRO D 238 8.49 -25.43 -13.24
N ASP D 239 9.54 -25.95 -13.87
CA ASP D 239 9.93 -27.33 -13.64
C ASP D 239 10.73 -27.46 -12.35
N ALA D 240 11.45 -26.41 -11.96
CA ALA D 240 12.21 -26.43 -10.72
C ALA D 240 12.36 -25.00 -10.21
N VAL D 241 12.42 -24.87 -8.88
CA VAL D 241 12.80 -23.65 -8.19
C VAL D 241 14.02 -23.97 -7.34
N VAL D 242 15.10 -23.20 -7.51
CA VAL D 242 16.37 -23.49 -6.84
C VAL D 242 16.84 -22.28 -6.06
N ALA D 243 17.68 -22.55 -5.06
CA ALA D 243 18.27 -21.49 -4.25
C ALA D 243 19.47 -22.03 -3.51
N CYS D 244 20.35 -21.12 -3.08
CA CYS D 244 21.44 -21.49 -2.20
C CYS D 244 20.94 -21.55 -0.78
N VAL D 245 21.61 -22.37 0.04
CA VAL D 245 21.14 -22.70 1.39
C VAL D 245 22.31 -22.51 2.36
N GLY D 246 22.35 -21.37 3.02
CA GLY D 246 23.23 -21.19 4.15
C GLY D 246 22.47 -21.60 5.39
N GLY D 247 22.00 -20.62 6.16
CA GLY D 247 21.05 -20.94 7.22
C GLY D 247 19.71 -21.38 6.69
N GLY D 248 19.24 -20.77 5.60
CA GLY D 248 18.06 -21.27 4.91
C GLY D 248 16.98 -20.27 4.55
N SER D 249 17.17 -18.98 4.87
CA SER D 249 16.05 -18.03 4.76
C SER D 249 15.68 -17.74 3.31
N ASN D 250 16.66 -17.52 2.43
CA ASN D 250 16.30 -17.16 1.06
C ASN D 250 15.70 -18.35 0.32
N ALA D 251 16.20 -19.55 0.59
CA ALA D 251 15.63 -20.74 -0.05
C ALA D 251 14.21 -20.99 0.43
N ILE D 252 14.00 -21.04 1.74
CA ILE D 252 12.65 -21.30 2.26
C ILE D 252 11.70 -20.21 1.83
N GLY D 253 12.19 -18.99 1.65
CA GLY D 253 11.35 -17.91 1.17
C GLY D 253 10.83 -18.15 -0.23
N ILE D 254 11.73 -18.50 -1.16
CA ILE D 254 11.26 -18.75 -2.52
C ILE D 254 10.58 -20.11 -2.63
N PHE D 255 10.98 -21.09 -1.81
CA PHE D 255 10.40 -22.43 -1.92
C PHE D 255 8.93 -22.48 -1.54
N HIS D 256 8.52 -21.66 -0.57
CA HIS D 256 7.32 -21.99 0.19
C HIS D 256 6.07 -22.00 -0.68
N ALA D 257 5.89 -20.97 -1.51
CA ALA D 257 4.70 -20.88 -2.35
C ALA D 257 4.57 -22.03 -3.33
N PHE D 258 5.63 -22.82 -3.54
CA PHE D 258 5.60 -23.93 -4.49
C PHE D 258 5.45 -25.29 -3.82
N LEU D 259 5.41 -25.34 -2.49
CA LEU D 259 5.44 -26.64 -1.79
C LEU D 259 4.31 -27.55 -2.24
N ASP D 260 3.11 -27.00 -2.46
CA ASP D 260 1.94 -27.78 -2.83
C ASP D 260 1.73 -27.86 -4.34
N ASP D 261 2.69 -27.40 -5.13
CA ASP D 261 2.66 -27.64 -6.55
C ASP D 261 3.42 -28.94 -6.81
N PRO D 262 2.73 -30.07 -6.99
CA PRO D 262 3.43 -31.36 -7.01
C PRO D 262 4.42 -31.52 -8.16
N GLY D 263 4.22 -30.80 -9.27
CA GLY D 263 5.15 -30.96 -10.37
C GLY D 263 6.41 -30.14 -10.29
N VAL D 264 6.57 -29.30 -9.27
CA VAL D 264 7.66 -28.35 -9.20
C VAL D 264 8.76 -28.94 -8.33
N ARG D 265 9.89 -29.26 -8.95
CA ARG D 265 11.07 -29.69 -8.20
C ARG D 265 11.63 -28.53 -7.38
N LEU D 266 12.10 -28.84 -6.18
CA LEU D 266 12.72 -27.87 -5.28
C LEU D 266 14.12 -28.36 -4.93
N VAL D 267 15.14 -27.61 -5.32
CA VAL D 267 16.53 -27.98 -5.09
C VAL D 267 17.23 -26.83 -4.36
N GLY D 268 17.88 -27.15 -3.26
CA GLY D 268 18.70 -26.20 -2.53
C GLY D 268 20.16 -26.59 -2.67
N PHE D 269 21.01 -25.60 -2.90
CA PHE D 269 22.44 -25.82 -3.13
C PHE D 269 23.24 -25.25 -1.97
N GLU D 270 24.05 -26.10 -1.36
CA GLU D 270 24.89 -25.71 -0.23
C GLU D 270 26.36 -25.69 -0.64
N ALA D 271 27.16 -24.98 0.15
CA ALA D 271 28.55 -24.72 -0.16
C ALA D 271 29.39 -25.97 0.13
N ALA D 272 30.09 -26.47 -0.89
CA ALA D 272 30.97 -27.61 -0.72
C ALA D 272 32.44 -27.20 -0.54
N GLY D 273 32.73 -25.89 -0.53
CA GLY D 273 34.08 -25.45 -0.26
C GLY D 273 35.09 -26.04 -1.21
N ASP D 274 36.17 -26.60 -0.65
CA ASP D 274 37.16 -27.30 -1.47
C ASP D 274 36.65 -28.62 -2.02
N GLY D 275 35.57 -29.16 -1.45
CA GLY D 275 35.08 -30.48 -1.78
C GLY D 275 34.61 -31.17 -0.54
N VAL D 276 33.52 -31.95 -0.65
CA VAL D 276 32.93 -32.58 0.52
C VAL D 276 33.93 -33.50 1.20
N GLU D 277 34.71 -34.25 0.42
CA GLU D 277 35.67 -35.19 0.97
C GLU D 277 37.00 -34.54 1.37
N THR D 278 37.03 -33.22 1.53
CA THR D 278 38.23 -32.52 1.95
C THR D 278 38.16 -32.00 3.38
N GLY D 279 37.04 -32.16 4.06
CA GLY D 279 36.88 -31.58 5.37
C GLY D 279 36.84 -30.07 5.42
N ARG D 280 36.99 -29.39 4.28
CA ARG D 280 36.92 -27.92 4.22
C ARG D 280 35.72 -27.57 3.34
N HIS D 281 34.54 -27.61 3.93
CA HIS D 281 33.30 -27.37 3.20
C HIS D 281 32.28 -26.79 4.17
N ALA D 282 31.04 -26.63 3.69
CA ALA D 282 29.93 -26.22 4.53
C ALA D 282 28.67 -26.98 4.15
N ALA D 283 28.84 -28.22 3.68
CA ALA D 283 27.73 -29.01 3.13
C ALA D 283 27.01 -29.71 4.29
N THR D 284 26.12 -28.94 4.93
CA THR D 284 25.47 -29.41 6.14
C THR D 284 24.67 -30.69 5.89
N PHE D 285 23.78 -30.67 4.89
CA PHE D 285 22.98 -31.85 4.62
C PHE D 285 23.78 -32.97 3.95
N THR D 286 24.78 -32.61 3.16
CA THR D 286 25.53 -33.62 2.41
C THR D 286 26.43 -34.43 3.33
N ALA D 287 27.01 -33.78 4.33
CA ALA D 287 28.04 -34.40 5.16
C ALA D 287 27.81 -34.28 6.66
N GLY D 288 26.85 -33.47 7.12
CA GLY D 288 26.56 -33.35 8.53
C GLY D 288 25.55 -34.39 8.99
N SER D 289 25.16 -34.28 10.25
CA SER D 289 24.27 -35.24 10.88
C SER D 289 23.26 -34.49 11.75
N PRO D 290 22.16 -35.14 12.12
CA PRO D 290 21.19 -34.50 13.03
C PRO D 290 21.81 -34.19 14.39
N GLY D 291 21.30 -33.13 15.00
CA GLY D 291 21.78 -32.70 16.30
C GLY D 291 21.23 -31.34 16.64
N ALA D 292 21.42 -30.96 17.90
CA ALA D 292 20.91 -29.70 18.42
C ALA D 292 22.02 -28.66 18.40
N PHE D 293 21.70 -27.48 17.87
CA PHE D 293 22.69 -26.42 17.70
C PHE D 293 21.94 -25.12 17.46
N HIS D 294 22.37 -24.06 18.16
CA HIS D 294 21.79 -22.72 18.01
C HIS D 294 20.27 -22.74 18.19
N GLY D 295 19.80 -23.50 19.16
CA GLY D 295 18.42 -23.44 19.60
C GLY D 295 17.44 -24.35 18.90
N SER D 296 17.88 -25.12 17.90
CA SER D 296 16.97 -25.99 17.17
C SER D 296 17.59 -27.37 17.00
N PHE D 297 16.74 -28.34 16.66
CA PHE D 297 17.19 -29.66 16.26
C PHE D 297 17.12 -29.74 14.74
N SER D 298 18.27 -29.98 14.11
CA SER D 298 18.37 -29.93 12.66
C SER D 298 19.62 -30.70 12.24
N TYR D 299 20.19 -30.34 11.11
CA TYR D 299 21.47 -30.91 10.66
C TYR D 299 22.59 -29.93 10.97
N LEU D 300 23.75 -30.47 11.33
CA LEU D 300 24.91 -29.62 11.54
C LEU D 300 26.18 -30.43 11.32
N LEU D 301 27.27 -29.71 11.08
CA LEU D 301 28.58 -30.32 10.95
C LEU D 301 29.16 -30.53 12.34
N GLN D 302 29.37 -31.80 12.71
CA GLN D 302 29.81 -32.14 14.06
C GLN D 302 30.64 -33.42 14.00
N ASP D 303 31.52 -33.58 15.00
CA ASP D 303 32.39 -34.75 15.06
C ASP D 303 31.72 -35.88 15.85
N GLU D 304 32.50 -36.91 16.19
CA GLU D 304 31.96 -38.09 16.85
C GLU D 304 31.41 -37.77 18.24
N ASP D 305 31.91 -36.72 18.88
CA ASP D 305 31.45 -36.34 20.21
C ASP D 305 30.31 -35.32 20.18
N GLY D 306 30.01 -34.75 19.02
CA GLY D 306 29.01 -33.70 18.93
C GLY D 306 29.55 -32.29 18.97
N GLN D 307 30.87 -32.12 18.90
CA GLN D 307 31.46 -30.80 18.85
C GLN D 307 31.30 -30.23 17.45
N THR D 308 31.01 -28.94 17.36
CA THR D 308 30.84 -28.30 16.06
C THR D 308 32.15 -28.36 15.27
N ILE D 309 32.03 -28.73 14.00
CA ILE D 309 33.15 -28.66 13.07
C ILE D 309 33.17 -27.28 12.42
N GLU D 310 34.36 -26.68 12.35
CA GLU D 310 34.48 -25.42 11.64
C GLU D 310 34.26 -25.64 10.15
N SER D 311 33.50 -24.75 9.52
CA SER D 311 33.17 -24.85 8.11
C SER D 311 34.03 -23.86 7.31
N HIS D 312 34.14 -24.15 6.01
CA HIS D 312 34.93 -23.33 5.11
C HIS D 312 34.19 -23.18 3.79
N SER D 313 34.24 -21.98 3.22
CA SER D 313 33.64 -21.70 1.92
C SER D 313 34.18 -20.37 1.40
N ILE D 314 34.23 -20.25 0.07
CA ILE D 314 34.64 -18.99 -0.53
C ILE D 314 33.61 -17.90 -0.23
N SER D 315 32.36 -18.26 -0.04
CA SER D 315 31.31 -17.31 0.31
C SER D 315 31.13 -17.30 1.81
N ALA D 316 31.04 -16.09 2.39
CA ALA D 316 30.83 -15.97 3.82
C ALA D 316 29.42 -16.37 4.21
N GLY D 317 28.43 -15.99 3.42
CA GLY D 317 27.03 -16.23 3.76
C GLY D 317 26.63 -17.68 3.83
N LEU D 318 27.36 -18.56 3.15
CA LEU D 318 27.11 -20.01 3.22
C LEU D 318 28.05 -20.70 4.20
N ASP D 319 28.97 -19.97 4.80
CA ASP D 319 29.99 -20.51 5.71
C ASP D 319 29.38 -20.62 7.12
N TYR D 320 28.50 -21.60 7.28
CA TYR D 320 27.76 -21.80 8.52
C TYR D 320 27.60 -23.29 8.72
N PRO D 321 27.85 -23.81 9.93
CA PRO D 321 27.82 -25.26 10.15
C PRO D 321 26.42 -25.84 10.27
N GLY D 322 25.39 -25.01 10.46
CA GLY D 322 24.04 -25.49 10.65
C GLY D 322 23.13 -25.21 9.48
N VAL D 323 21.84 -25.50 9.69
CA VAL D 323 20.79 -25.24 8.71
C VAL D 323 19.46 -25.24 9.43
N GLY D 324 18.51 -24.47 8.92
CA GLY D 324 17.23 -24.32 9.56
C GLY D 324 16.44 -25.61 9.62
N PRO D 325 15.65 -25.79 10.68
CA PRO D 325 14.97 -27.07 10.85
C PRO D 325 13.91 -27.37 9.81
N GLU D 326 13.25 -26.35 9.25
CA GLU D 326 12.24 -26.63 8.24
C GLU D 326 12.85 -27.26 7.00
N HIS D 327 14.10 -26.92 6.67
CA HIS D 327 14.78 -27.61 5.57
C HIS D 327 15.07 -29.07 5.92
N ALA D 328 15.46 -29.32 7.17
CA ALA D 328 15.65 -30.71 7.61
C ALA D 328 14.37 -31.51 7.44
N TRP D 329 13.22 -30.91 7.76
CA TRP D 329 11.95 -31.59 7.60
C TRP D 329 11.60 -31.79 6.13
N LEU D 330 11.80 -30.76 5.30
CA LEU D 330 11.52 -30.90 3.87
C LEU D 330 12.41 -31.95 3.23
N LYS D 331 13.66 -32.09 3.71
CA LYS D 331 14.52 -33.15 3.21
C LYS D 331 14.00 -34.52 3.61
N GLU D 332 13.64 -34.70 4.90
CA GLU D 332 13.13 -35.98 5.35
C GLU D 332 11.85 -36.36 4.61
N ALA D 333 10.98 -35.38 4.36
CA ALA D 333 9.74 -35.65 3.65
C ALA D 333 9.95 -35.91 2.15
N GLY D 334 11.14 -35.65 1.64
CA GLY D 334 11.39 -35.82 0.22
C GLY D 334 10.89 -34.69 -0.66
N ARG D 335 10.50 -33.57 -0.07
CA ARG D 335 9.99 -32.47 -0.88
C ARG D 335 11.10 -31.67 -1.55
N VAL D 336 12.26 -31.55 -0.89
CA VAL D 336 13.38 -30.76 -1.42
C VAL D 336 14.62 -31.64 -1.45
N ASP D 337 15.39 -31.52 -2.53
CA ASP D 337 16.73 -32.09 -2.64
C ASP D 337 17.76 -31.02 -2.30
N TYR D 338 18.79 -31.41 -1.57
CA TYR D 338 19.87 -30.50 -1.22
C TYR D 338 21.17 -31.05 -1.78
N ARG D 339 21.86 -30.24 -2.58
CA ARG D 339 22.97 -30.67 -3.39
C ARG D 339 24.18 -29.79 -3.14
N PRO D 340 25.38 -30.35 -3.20
CA PRO D 340 26.60 -29.56 -2.95
C PRO D 340 27.15 -28.90 -4.20
N ILE D 341 27.71 -27.71 -4.00
CA ILE D 341 28.35 -26.92 -5.05
C ILE D 341 29.67 -26.39 -4.52
N THR D 342 30.76 -26.65 -5.24
CA THR D 342 32.10 -26.26 -4.79
C THR D 342 32.38 -24.78 -5.02
N ASP D 343 33.45 -24.30 -4.37
CA ASP D 343 33.97 -22.97 -4.67
C ASP D 343 34.16 -22.78 -6.17
N SER D 344 34.80 -23.75 -6.81
CA SER D 344 35.10 -23.64 -8.24
C SER D 344 33.82 -23.56 -9.06
N GLU D 345 32.85 -24.42 -8.78
CA GLU D 345 31.59 -24.37 -9.51
C GLU D 345 30.89 -23.03 -9.30
N ALA D 346 30.96 -22.49 -8.08
CA ALA D 346 30.32 -21.22 -7.80
C ALA D 346 31.01 -20.08 -8.54
N MET D 347 32.34 -20.04 -8.50
CA MET D 347 33.06 -18.93 -9.12
C MET D 347 32.91 -18.95 -10.64
N ASP D 348 32.89 -20.15 -11.25
CA ASP D 348 32.60 -20.24 -12.68
C ASP D 348 31.28 -19.58 -13.01
N ALA D 349 30.23 -19.94 -12.26
CA ALA D 349 28.92 -19.32 -12.47
C ALA D 349 28.96 -17.83 -12.23
N PHE D 350 29.71 -17.39 -11.21
CA PHE D 350 29.88 -15.97 -10.96
C PHE D 350 30.38 -15.24 -12.21
N GLY D 351 31.49 -15.72 -12.77
CA GLY D 351 32.03 -15.09 -13.96
C GLY D 351 31.10 -15.21 -15.15
N LEU D 352 30.42 -16.34 -15.28
CA LEU D 352 29.54 -16.53 -16.43
C LEU D 352 28.36 -15.58 -16.38
N LEU D 353 27.76 -15.40 -15.21
CA LEU D 353 26.65 -14.45 -15.10
C LEU D 353 27.13 -13.03 -15.35
N CYS D 354 28.37 -12.72 -14.99
CA CYS D 354 28.92 -11.39 -15.24
C CYS D 354 29.07 -11.13 -16.73
N ARG D 355 29.64 -12.10 -17.47
CA ARG D 355 29.87 -11.90 -18.90
C ARG D 355 28.59 -12.03 -19.70
N MET D 356 27.72 -12.97 -19.33
CA MET D 356 26.56 -13.27 -20.17
C MET D 356 25.39 -12.32 -19.92
N GLU D 357 25.17 -11.89 -18.68
CA GLU D 357 24.02 -11.06 -18.37
C GLU D 357 24.37 -9.70 -17.79
N GLY D 358 25.65 -9.45 -17.48
CA GLY D 358 26.00 -8.19 -16.85
C GLY D 358 25.49 -8.05 -15.43
N ILE D 359 25.28 -9.16 -14.75
CA ILE D 359 24.79 -9.19 -13.37
C ILE D 359 25.90 -9.76 -12.52
N ILE D 360 26.43 -8.94 -11.62
CA ILE D 360 27.42 -9.39 -10.65
C ILE D 360 26.65 -9.99 -9.47
N PRO D 361 26.69 -11.30 -9.26
CA PRO D 361 25.92 -11.91 -8.18
C PRO D 361 26.74 -12.03 -6.91
N ALA D 362 26.03 -12.16 -5.79
CA ALA D 362 26.70 -12.58 -4.57
C ALA D 362 27.27 -13.97 -4.77
N ILE D 363 28.45 -14.22 -4.20
CA ILE D 363 29.05 -15.55 -4.34
C ILE D 363 28.13 -16.61 -3.76
N GLU D 364 27.35 -16.25 -2.73
CA GLU D 364 26.30 -17.15 -2.25
C GLU D 364 25.32 -17.48 -3.38
N SER D 365 24.76 -16.46 -4.02
CA SER D 365 23.80 -16.68 -5.09
C SER D 365 24.42 -17.47 -6.24
N ALA D 366 25.72 -17.29 -6.49
CA ALA D 366 26.37 -17.99 -7.58
C ALA D 366 26.41 -19.49 -7.36
N HIS D 367 26.35 -19.95 -6.10
CA HIS D 367 26.18 -21.37 -5.86
C HIS D 367 24.86 -21.86 -6.44
N ALA D 368 23.79 -21.07 -6.26
CA ALA D 368 22.49 -21.44 -6.83
C ALA D 368 22.54 -21.42 -8.35
N VAL D 369 23.14 -20.37 -8.93
CA VAL D 369 23.26 -20.28 -10.39
C VAL D 369 24.03 -21.48 -10.92
N ALA D 370 25.18 -21.78 -10.31
CA ALA D 370 25.94 -22.96 -10.70
C ALA D 370 25.08 -24.21 -10.65
N GLY D 371 24.30 -24.35 -9.58
CA GLY D 371 23.39 -25.48 -9.48
C GLY D 371 22.33 -25.48 -10.57
N ALA D 372 21.79 -24.31 -10.90
CA ALA D 372 20.79 -24.24 -11.95
C ALA D 372 21.35 -24.72 -13.28
N LEU D 373 22.59 -24.34 -13.60
CA LEU D 373 23.20 -24.79 -14.85
C LEU D 373 23.27 -26.31 -14.90
N LYS D 374 23.73 -26.95 -13.82
CA LYS D 374 23.73 -28.41 -13.75
C LYS D 374 22.32 -28.97 -13.93
N LEU D 375 21.34 -28.38 -13.25
CA LEU D 375 19.97 -28.89 -13.31
C LEU D 375 19.37 -28.72 -14.69
N GLY D 376 19.67 -27.60 -15.36
CA GLY D 376 19.17 -27.39 -16.70
C GLY D 376 19.72 -28.41 -17.68
N VAL D 377 20.98 -28.79 -17.51
CA VAL D 377 21.54 -29.89 -18.29
C VAL D 377 20.78 -31.18 -18.00
N GLU D 378 20.42 -31.40 -16.73
CA GLU D 378 19.72 -32.62 -16.36
C GLU D 378 18.29 -32.62 -16.90
N LEU D 379 17.56 -31.51 -16.72
CA LEU D 379 16.18 -31.46 -17.17
C LEU D 379 16.09 -31.36 -18.69
N GLY D 380 17.05 -30.70 -19.33
CA GLY D 380 17.09 -30.65 -20.78
C GLY D 380 16.49 -29.38 -21.34
N ARG D 381 16.51 -29.32 -22.68
CA ARG D 381 16.11 -28.13 -23.41
C ARG D 381 14.66 -27.75 -23.12
N GLY D 382 14.44 -26.46 -22.87
CA GLY D 382 13.11 -25.93 -22.66
C GLY D 382 12.62 -25.97 -21.23
N ALA D 383 13.29 -26.71 -20.35
CA ALA D 383 12.91 -26.75 -18.95
C ALA D 383 12.93 -25.35 -18.36
N VAL D 384 11.97 -25.07 -17.49
CA VAL D 384 11.83 -23.77 -16.86
C VAL D 384 12.33 -23.89 -15.42
N ILE D 385 13.42 -23.18 -15.12
CA ILE D 385 14.04 -23.21 -13.80
C ILE D 385 14.05 -21.78 -13.26
N VAL D 386 13.45 -21.58 -12.09
CA VAL D 386 13.49 -20.31 -11.39
C VAL D 386 14.61 -20.36 -10.36
N VAL D 387 15.44 -19.32 -10.34
CA VAL D 387 16.61 -19.25 -9.48
C VAL D 387 16.49 -18.02 -8.59
N ASN D 388 16.60 -18.22 -7.29
CA ASN D 388 16.61 -17.10 -6.35
C ASN D 388 17.98 -16.45 -6.40
N LEU D 389 18.09 -15.31 -7.07
CA LEU D 389 19.35 -14.56 -7.08
C LEU D 389 19.35 -13.68 -5.84
N SER D 390 19.83 -14.26 -4.73
CA SER D 390 19.56 -13.73 -3.40
C SER D 390 20.27 -12.40 -3.13
N GLY D 391 21.35 -12.08 -3.83
CA GLY D 391 22.03 -10.84 -3.53
C GLY D 391 22.96 -10.42 -4.64
N ARG D 392 23.30 -9.14 -4.62
CA ARG D 392 24.27 -8.61 -5.56
C ARG D 392 25.69 -8.83 -5.04
N GLY D 393 26.65 -8.83 -5.97
CA GLY D 393 28.02 -9.19 -5.64
C GLY D 393 28.99 -8.05 -5.50
N ASP D 394 28.53 -6.81 -5.35
CA ASP D 394 29.45 -5.70 -5.09
C ASP D 394 30.39 -6.05 -3.93
N LYS D 395 29.84 -6.60 -2.85
CA LYS D 395 30.63 -6.97 -1.68
C LYS D 395 31.69 -8.02 -2.00
N ASP D 396 31.57 -8.73 -3.12
CA ASP D 396 32.44 -9.85 -3.45
C ASP D 396 33.42 -9.56 -4.57
N VAL D 397 33.47 -8.33 -5.08
CA VAL D 397 34.26 -8.02 -6.26
C VAL D 397 35.74 -8.31 -6.02
N GLU D 398 36.26 -7.90 -4.86
CA GLU D 398 37.67 -8.12 -4.56
C GLU D 398 37.99 -9.61 -4.49
N THR D 399 37.14 -10.37 -3.79
CA THR D 399 37.33 -11.82 -3.72
C THR D 399 37.33 -12.43 -5.12
N ALA D 400 36.37 -12.06 -5.96
CA ALA D 400 36.32 -12.61 -7.30
C ALA D 400 37.46 -12.10 -8.17
N ALA D 401 37.90 -10.86 -7.96
CA ALA D 401 39.01 -10.33 -8.73
C ALA D 401 40.30 -11.10 -8.43
N LYS D 402 40.55 -11.41 -7.16
CA LYS D 402 41.72 -12.22 -6.83
C LYS D 402 41.58 -13.62 -7.40
N TRP D 403 40.37 -14.18 -7.37
CA TRP D 403 40.16 -15.53 -7.89
C TRP D 403 40.54 -15.60 -9.36
N PHE D 404 40.09 -14.62 -10.16
CA PHE D 404 40.39 -14.59 -11.58
C PHE D 404 41.64 -13.77 -11.92
N GLY D 405 42.51 -13.54 -10.93
CA GLY D 405 43.78 -12.89 -11.18
C GLY D 405 43.69 -11.50 -11.79
N LEU D 406 42.64 -10.76 -11.46
CA LEU D 406 42.42 -9.43 -12.03
C LEU D 406 43.08 -8.32 -11.23
N LEU D 407 43.48 -8.58 -9.99
CA LEU D 407 44.22 -7.61 -9.19
C LEU D 407 45.73 -7.83 -9.24
N GLY D 408 46.18 -8.98 -9.74
CA GLY D 408 47.59 -9.28 -9.80
C GLY D 408 48.21 -9.32 -8.42
N ASN D 409 49.47 -8.90 -8.34
CA ASN D 409 50.19 -8.89 -7.08
C ASN D 409 50.74 -7.49 -6.81
N ALA E 9 37.40 37.96 -54.93
CA ALA E 9 38.71 37.33 -54.88
C ALA E 9 38.98 36.71 -53.52
N SER E 10 40.21 36.23 -53.33
CA SER E 10 40.62 35.58 -52.08
C SER E 10 41.80 36.33 -51.49
N ARG E 11 41.96 36.19 -50.16
CA ARG E 11 43.08 36.82 -49.47
C ARG E 11 44.37 36.05 -49.68
N LEU E 12 44.31 34.72 -49.60
CA LEU E 12 45.45 33.86 -49.89
C LEU E 12 45.54 33.46 -51.35
N GLY E 13 44.58 33.89 -52.17
CA GLY E 13 44.59 33.62 -53.59
C GLY E 13 45.89 33.97 -54.28
N PRO E 14 46.39 35.19 -54.09
CA PRO E 14 47.69 35.55 -54.67
C PRO E 14 48.83 34.61 -54.32
N VAL E 15 48.81 34.01 -53.13
CA VAL E 15 49.90 33.12 -52.74
C VAL E 15 49.88 31.83 -53.55
N PHE E 16 48.68 31.25 -53.75
CA PHE E 16 48.58 30.02 -54.51
C PHE E 16 48.73 30.23 -56.00
N ASP E 17 48.47 31.45 -56.48
CA ASP E 17 48.74 31.76 -57.88
C ASP E 17 50.23 31.67 -58.17
N SER E 18 51.05 32.37 -57.37
CA SER E 18 52.49 32.40 -57.61
C SER E 18 53.12 31.03 -57.48
N CYS E 19 52.51 30.14 -56.69
CA CYS E 19 53.06 28.79 -56.54
C CYS E 19 52.79 27.96 -57.80
N ARG E 20 51.56 27.99 -58.30
CA ARG E 20 51.26 27.30 -59.56
C ARG E 20 52.03 27.92 -60.72
N ALA E 21 52.24 29.25 -60.69
CA ALA E 21 53.00 29.90 -61.75
C ALA E 21 54.45 29.46 -61.74
N ASN E 22 55.03 29.27 -60.55
CA ASN E 22 56.39 28.76 -60.42
C ASN E 22 56.43 27.23 -60.39
N ASN E 23 55.37 26.57 -60.87
CA ASN E 23 55.32 25.12 -61.02
C ASN E 23 55.67 24.40 -59.72
N ARG E 24 54.98 24.81 -58.65
CA ARG E 24 55.14 24.20 -57.34
C ARG E 24 53.83 24.34 -56.58
N ALA E 25 53.79 23.75 -55.39
CA ALA E 25 52.66 23.92 -54.48
C ALA E 25 53.02 24.98 -53.44
N ALA E 26 52.30 24.99 -52.31
CA ALA E 26 52.60 25.90 -51.22
C ALA E 26 53.06 25.11 -50.01
N LEU E 27 54.10 25.61 -49.35
CA LEU E 27 54.59 25.01 -48.11
C LEU E 27 53.92 25.72 -46.93
N ILE E 28 53.13 24.98 -46.17
CA ILE E 28 52.34 25.52 -45.06
C ILE E 28 52.85 24.91 -43.77
N GLY E 29 53.48 25.74 -42.93
CA GLY E 29 54.14 25.27 -41.72
C GLY E 29 53.40 25.75 -40.48
N TYR E 30 53.21 24.83 -39.54
CA TYR E 30 52.51 25.08 -38.28
C TYR E 30 53.49 25.07 -37.12
N LEU E 31 53.35 26.05 -36.22
CA LEU E 31 54.05 26.07 -34.96
C LEU E 31 53.12 26.70 -33.91
N PRO E 32 53.15 26.21 -32.68
CA PRO E 32 52.28 26.78 -31.64
C PRO E 32 52.93 27.96 -30.93
N THR E 33 52.14 29.01 -30.73
CA THR E 33 52.60 30.16 -29.96
C THR E 33 53.06 29.71 -28.58
N GLY E 34 54.14 30.30 -28.09
CA GLY E 34 54.58 30.09 -26.73
C GLY E 34 55.32 28.79 -26.46
N TYR E 35 55.67 28.02 -27.49
CA TYR E 35 56.50 26.85 -27.29
C TYR E 35 57.86 27.03 -27.94
N PRO E 36 58.98 26.89 -27.19
CA PRO E 36 59.02 26.57 -25.76
C PRO E 36 58.70 27.76 -24.85
N ASP E 37 58.78 28.97 -25.41
CA ASP E 37 58.30 30.16 -24.75
C ASP E 37 57.87 31.14 -25.83
N VAL E 38 57.27 32.26 -25.41
CA VAL E 38 56.74 33.22 -26.37
C VAL E 38 57.83 33.81 -27.26
N PRO E 39 58.95 34.32 -26.73
CA PRO E 39 60.01 34.82 -27.63
C PRO E 39 60.59 33.73 -28.53
N ALA E 40 60.90 32.56 -27.95
CA ALA E 40 61.52 31.50 -28.74
C ALA E 40 60.62 31.05 -29.88
N SER E 41 59.31 30.99 -29.64
CA SER E 41 58.39 30.58 -30.70
C SER E 41 58.27 31.65 -31.78
N VAL E 42 58.43 32.93 -31.42
CA VAL E 42 58.47 33.98 -32.44
C VAL E 42 59.78 33.92 -33.19
N ALA E 43 60.87 33.53 -32.53
CA ALA E 43 62.12 33.30 -33.26
C ALA E 43 61.96 32.18 -34.28
N ALA E 44 61.26 31.11 -33.92
CA ALA E 44 61.09 29.97 -34.83
C ALA E 44 60.09 30.29 -35.94
N MET E 45 59.02 31.01 -35.62
CA MET E 45 58.06 31.39 -36.65
C MET E 45 58.68 32.36 -37.65
N THR E 46 59.57 33.24 -37.19
CA THR E 46 60.26 34.14 -38.10
C THR E 46 61.26 33.37 -38.96
N ALA E 47 61.87 32.31 -38.41
CA ALA E 47 62.78 31.49 -39.19
C ALA E 47 62.04 30.76 -40.31
N LEU E 48 60.75 30.47 -40.11
CA LEU E 48 59.99 29.79 -41.15
C LEU E 48 59.86 30.65 -42.40
N VAL E 49 59.66 31.96 -42.23
CA VAL E 49 59.66 32.85 -43.39
C VAL E 49 61.03 32.87 -44.04
N GLU E 50 62.08 32.93 -43.22
CA GLU E 50 63.44 32.96 -43.75
C GLU E 50 63.78 31.66 -44.47
N SER E 51 63.49 30.52 -43.83
CA SER E 51 63.81 29.21 -44.39
C SER E 51 62.83 28.77 -45.47
N GLY E 52 61.87 29.62 -45.85
CA GLY E 52 61.01 29.34 -46.99
C GLY E 52 59.67 28.69 -46.68
N CYS E 53 58.79 29.42 -46.00
CA CYS E 53 57.41 29.00 -45.76
C CYS E 53 56.49 30.02 -46.42
N ASP E 54 55.68 29.55 -47.38
CA ASP E 54 54.77 30.46 -48.06
C ASP E 54 53.66 30.94 -47.14
N ILE E 55 53.10 30.03 -46.33
CA ILE E 55 52.05 30.33 -45.38
C ILE E 55 52.43 29.72 -44.03
N ILE E 56 52.20 30.47 -42.95
CA ILE E 56 52.52 30.01 -41.60
C ILE E 56 51.23 29.86 -40.82
N GLU E 57 51.04 28.69 -40.21
CA GLU E 57 49.92 28.44 -39.31
C GLU E 57 50.35 28.75 -37.89
N VAL E 58 49.88 29.87 -37.35
CA VAL E 58 50.12 30.21 -35.96
C VAL E 58 49.05 29.52 -35.11
N GLY E 59 49.50 28.66 -34.19
CA GLY E 59 48.60 27.85 -33.39
C GLY E 59 48.33 28.47 -32.04
N VAL E 60 47.04 28.52 -31.68
CA VAL E 60 46.61 28.96 -30.36
C VAL E 60 46.54 27.73 -29.47
N PRO E 61 47.48 27.55 -28.52
CA PRO E 61 47.43 26.38 -27.64
C PRO E 61 46.13 26.33 -26.86
N TYR E 62 45.51 25.14 -26.84
CA TYR E 62 44.25 24.92 -26.16
C TYR E 62 44.42 23.81 -25.13
N SER E 63 43.63 23.89 -24.06
CA SER E 63 43.78 22.93 -22.97
C SER E 63 43.28 21.53 -23.36
N ASP E 64 42.35 21.45 -24.32
CA ASP E 64 41.76 20.17 -24.73
C ASP E 64 41.73 20.05 -26.24
N PRO E 65 42.89 19.87 -26.88
CA PRO E 65 42.92 19.73 -28.35
C PRO E 65 42.63 18.32 -28.80
N GLY E 66 41.36 18.02 -29.07
CA GLY E 66 40.99 16.67 -29.46
C GLY E 66 41.62 16.22 -30.76
N MET E 67 41.95 17.16 -31.64
CA MET E 67 42.43 16.83 -32.97
C MET E 67 43.95 16.81 -33.10
N ASP E 68 44.67 17.31 -32.11
CA ASP E 68 46.12 17.35 -32.19
C ASP E 68 46.71 16.03 -31.72
N GLY E 69 47.79 15.61 -32.40
CA GLY E 69 48.53 14.44 -31.99
C GLY E 69 49.38 14.71 -30.78
N PRO E 70 50.02 13.66 -30.26
CA PRO E 70 50.79 13.81 -29.02
C PRO E 70 51.96 14.78 -29.14
N THR E 71 52.51 14.95 -30.34
CA THR E 71 53.62 15.88 -30.51
C THR E 71 53.17 17.32 -30.30
N ILE E 72 52.08 17.72 -30.97
CA ILE E 72 51.60 19.09 -30.83
C ILE E 72 50.91 19.30 -29.49
N ALA E 73 50.25 18.26 -28.97
CA ALA E 73 49.51 18.40 -27.73
C ALA E 73 50.44 18.56 -26.53
N ARG E 74 51.58 17.86 -26.54
CA ARG E 74 52.54 18.02 -25.46
C ARG E 74 53.28 19.34 -25.56
N ALA E 75 53.40 19.87 -26.78
CA ALA E 75 54.00 21.20 -26.95
C ALA E 75 53.06 22.28 -26.44
N THR E 76 51.78 22.21 -26.84
CA THR E 76 50.82 23.21 -26.36
C THR E 76 50.63 23.11 -24.86
N GLU E 77 50.68 21.88 -24.31
CA GLU E 77 50.73 21.71 -22.86
C GLU E 77 51.90 22.49 -22.26
N ALA E 78 53.07 22.41 -22.89
CA ALA E 78 54.23 23.15 -22.40
C ALA E 78 54.00 24.65 -22.49
N ALA E 79 53.48 25.12 -23.63
CA ALA E 79 53.23 26.54 -23.81
C ALA E 79 52.25 27.07 -22.77
N LEU E 80 51.14 26.36 -22.58
CA LEU E 80 50.17 26.78 -21.56
C LEU E 80 50.78 26.74 -20.16
N ARG E 81 51.57 25.71 -19.87
CA ARG E 81 52.20 25.59 -18.56
C ARG E 81 53.18 26.74 -18.33
N GLY E 82 53.76 27.28 -19.40
CA GLY E 82 54.56 28.48 -19.33
C GLY E 82 53.79 29.78 -19.36
N GLY E 83 52.46 29.71 -19.39
CA GLY E 83 51.64 30.91 -19.27
C GLY E 83 51.33 31.63 -20.57
N VAL E 84 51.29 30.91 -21.70
CA VAL E 84 51.01 31.57 -22.97
C VAL E 84 49.60 32.15 -22.95
N ARG E 85 49.44 33.31 -23.59
CA ARG E 85 48.16 33.98 -23.67
C ARG E 85 47.72 34.01 -25.14
N VAL E 86 46.40 34.11 -25.34
CA VAL E 86 45.89 34.16 -26.70
C VAL E 86 46.39 35.40 -27.41
N ARG E 87 46.56 36.51 -26.68
CA ARG E 87 47.11 37.72 -27.29
C ARG E 87 48.54 37.50 -27.79
N ASP E 88 49.27 36.54 -27.20
CA ASP E 88 50.61 36.25 -27.69
C ASP E 88 50.56 35.70 -29.12
N THR E 89 49.45 35.08 -29.51
CA THR E 89 49.28 34.64 -30.89
C THR E 89 49.16 35.84 -31.82
N LEU E 90 48.40 36.86 -31.42
CA LEU E 90 48.32 38.08 -32.21
C LEU E 90 49.68 38.76 -32.31
N ALA E 91 50.49 38.68 -31.25
CA ALA E 91 51.85 39.20 -31.31
C ALA E 91 52.67 38.48 -32.36
N ALA E 92 52.51 37.16 -32.46
CA ALA E 92 53.25 36.40 -33.47
C ALA E 92 52.77 36.74 -34.88
N VAL E 93 51.47 36.99 -35.06
CA VAL E 93 50.95 37.33 -36.37
C VAL E 93 51.51 38.68 -36.82
N GLU E 94 51.62 39.64 -35.91
CA GLU E 94 52.20 40.93 -36.27
C GLU E 94 53.68 40.80 -36.56
N ALA E 95 54.39 39.93 -35.84
CA ALA E 95 55.81 39.74 -36.08
C ALA E 95 56.06 39.08 -37.43
N ILE E 96 55.30 38.03 -37.75
CA ILE E 96 55.48 37.35 -39.02
C ILE E 96 55.12 38.27 -40.18
N SER E 97 54.07 39.09 -40.01
CA SER E 97 53.69 40.03 -41.06
C SER E 97 54.78 41.07 -41.28
N ILE E 98 55.36 41.60 -40.21
CA ILE E 98 56.44 42.58 -40.32
C ILE E 98 57.65 41.98 -41.01
N ALA E 99 57.97 40.72 -40.70
CA ALA E 99 59.12 40.06 -41.29
C ALA E 99 58.85 39.51 -42.68
N GLY E 100 57.84 40.03 -43.38
CA GLY E 100 57.60 39.71 -44.77
C GLY E 100 56.64 38.57 -45.02
N GLY E 101 56.62 37.56 -44.15
CA GLY E 101 55.81 36.38 -44.37
C GLY E 101 54.33 36.64 -44.23
N ARG E 102 53.55 35.60 -44.52
CA ARG E 102 52.10 35.63 -44.40
C ARG E 102 51.64 34.56 -43.43
N ALA E 103 50.67 34.91 -42.57
CA ALA E 103 50.29 34.06 -41.45
C ALA E 103 48.78 33.94 -41.33
N VAL E 104 48.33 32.71 -41.06
CA VAL E 104 46.97 32.41 -40.67
C VAL E 104 47.02 31.82 -39.26
N VAL E 105 45.87 31.87 -38.57
CA VAL E 105 45.76 31.36 -37.21
C VAL E 105 44.93 30.08 -37.23
N MET E 106 45.48 29.02 -36.63
CA MET E 106 44.75 27.78 -36.43
C MET E 106 44.41 27.67 -34.95
N THR E 107 43.11 27.63 -34.64
CA THR E 107 42.69 27.61 -33.25
C THR E 107 41.40 26.82 -33.12
N TYR E 108 41.19 26.26 -31.93
CA TYR E 108 39.88 25.75 -31.57
C TYR E 108 38.94 26.92 -31.29
N TRP E 109 37.65 26.64 -31.27
CA TRP E 109 36.70 27.74 -31.35
C TRP E 109 36.47 28.43 -30.01
N ASN E 110 36.54 27.70 -28.89
CA ASN E 110 36.21 28.31 -27.61
C ASN E 110 37.08 29.52 -27.26
N PRO E 111 38.40 29.53 -27.49
CA PRO E 111 39.15 30.79 -27.25
C PRO E 111 38.64 31.95 -28.08
N VAL E 112 38.23 31.70 -29.33
CA VAL E 112 37.66 32.76 -30.16
C VAL E 112 36.33 33.23 -29.58
N LEU E 113 35.46 32.29 -29.18
CA LEU E 113 34.22 32.67 -28.50
C LEU E 113 34.52 33.49 -27.26
N ARG E 114 35.54 33.09 -26.50
CA ARG E 114 35.90 33.79 -25.28
C ARG E 114 36.40 35.21 -25.58
N TYR E 115 37.27 35.33 -26.58
CA TYR E 115 37.79 36.63 -27.01
C TYR E 115 36.68 37.49 -27.60
N GLY E 116 35.76 36.89 -28.34
CA GLY E 116 34.77 37.62 -29.10
C GLY E 116 35.01 37.44 -30.59
N VAL E 117 34.06 36.82 -31.31
CA VAL E 117 34.30 36.42 -32.69
C VAL E 117 34.62 37.64 -33.55
N ASP E 118 33.80 38.68 -33.48
CA ASP E 118 34.07 39.86 -34.29
C ASP E 118 35.31 40.58 -33.80
N ALA E 119 35.48 40.67 -32.48
CA ALA E 119 36.66 41.34 -31.93
C ALA E 119 37.94 40.60 -32.32
N PHE E 120 37.89 39.27 -32.34
CA PHE E 120 39.09 38.51 -32.69
C PHE E 120 39.41 38.64 -34.16
N ALA E 121 38.39 38.60 -35.02
CA ALA E 121 38.62 38.83 -36.45
C ALA E 121 39.12 40.24 -36.69
N ARG E 122 38.69 41.21 -35.88
CA ARG E 122 39.15 42.59 -36.00
C ARG E 122 40.65 42.69 -35.72
N ASP E 123 41.06 42.24 -34.53
CA ASP E 123 42.45 42.39 -34.12
C ASP E 123 43.39 41.52 -34.95
N LEU E 124 42.89 40.39 -35.48
CA LEU E 124 43.73 39.54 -36.32
C LEU E 124 43.99 40.18 -37.66
N ALA E 125 42.94 40.70 -38.31
CA ALA E 125 43.14 41.47 -39.53
C ALA E 125 43.95 42.72 -39.25
N ALA E 126 43.77 43.32 -38.07
CA ALA E 126 44.55 44.49 -37.69
C ALA E 126 46.03 44.14 -37.55
N ALA E 127 46.33 42.98 -36.98
CA ALA E 127 47.70 42.52 -36.84
C ALA E 127 48.29 42.00 -38.14
N GLY E 128 47.53 42.03 -39.24
CA GLY E 128 48.01 41.59 -40.52
C GLY E 128 47.65 40.16 -40.87
N GLY E 129 46.93 39.45 -40.00
CA GLY E 129 46.54 38.09 -40.32
C GLY E 129 45.67 38.02 -41.55
N LEU E 130 45.68 36.85 -42.19
CA LEU E 130 44.98 36.67 -43.45
C LEU E 130 43.92 35.59 -43.41
N GLY E 131 44.04 34.60 -42.53
CA GLY E 131 43.07 33.53 -42.50
C GLY E 131 42.87 32.97 -41.09
N LEU E 132 41.93 32.04 -41.00
CA LEU E 132 41.63 31.35 -39.75
C LEU E 132 41.33 29.90 -40.09
N ILE E 133 42.05 28.98 -39.45
CA ILE E 133 41.82 27.56 -39.63
C ILE E 133 41.05 27.05 -38.41
N THR E 134 39.85 26.55 -38.64
CA THR E 134 38.90 26.21 -37.57
C THR E 134 38.65 24.70 -37.56
N PRO E 135 39.47 23.91 -36.86
CA PRO E 135 39.31 22.45 -36.90
C PRO E 135 38.11 21.92 -36.12
N ASP E 136 37.50 22.70 -35.23
CA ASP E 136 36.33 22.24 -34.51
C ASP E 136 35.09 23.08 -34.79
N LEU E 137 35.13 23.94 -35.82
CA LEU E 137 34.00 24.75 -36.22
C LEU E 137 33.60 24.35 -37.62
N ILE E 138 32.55 23.54 -37.73
CA ILE E 138 31.98 23.19 -39.03
C ILE E 138 31.16 24.38 -39.51
N PRO E 139 30.83 24.46 -40.81
CA PRO E 139 29.95 25.55 -41.26
C PRO E 139 28.59 25.58 -40.58
N ASP E 140 28.11 24.43 -40.08
CA ASP E 140 26.81 24.41 -39.41
C ASP E 140 26.73 25.35 -38.22
N GLU E 141 27.87 25.76 -37.67
CA GLU E 141 27.91 26.64 -36.51
C GLU E 141 28.70 27.92 -36.78
N ALA E 142 29.03 28.22 -38.03
CA ALA E 142 29.94 29.30 -38.36
C ALA E 142 29.23 30.60 -38.73
N GLN E 143 28.01 30.81 -38.23
CA GLN E 143 27.24 31.98 -38.62
C GLN E 143 27.96 33.28 -38.25
N GLN E 144 28.38 33.40 -36.99
CA GLN E 144 29.11 34.59 -36.58
C GLN E 144 30.46 34.69 -37.28
N TRP E 145 31.09 33.55 -37.58
CA TRP E 145 32.37 33.58 -38.26
C TRP E 145 32.24 34.04 -39.70
N LEU E 146 31.18 33.60 -40.39
CA LEU E 146 30.97 34.01 -41.77
C LEU E 146 30.80 35.52 -41.88
N ALA E 147 30.06 36.12 -40.94
CA ALA E 147 29.90 37.58 -40.97
C ALA E 147 31.17 38.29 -40.57
N ALA E 148 31.96 37.71 -39.68
CA ALA E 148 33.18 38.37 -39.22
C ALA E 148 34.29 38.28 -40.25
N SER E 149 34.36 37.20 -41.03
CA SER E 149 35.39 37.08 -42.04
C SER E 149 35.12 38.01 -43.21
N GLU E 150 33.86 38.11 -43.62
CA GLU E 150 33.50 39.04 -44.69
C GLU E 150 33.69 40.49 -44.26
N GLU E 151 33.31 40.82 -43.02
CA GLU E 151 33.41 42.20 -42.54
C GLU E 151 34.86 42.64 -42.42
N HIS E 152 35.78 41.71 -42.17
CA HIS E 152 37.17 42.07 -41.92
C HIS E 152 38.13 41.48 -42.95
N ARG E 153 37.62 40.99 -44.08
CA ARG E 153 38.44 40.51 -45.20
C ARG E 153 39.43 39.44 -44.76
N LEU E 154 38.91 38.39 -44.12
CA LEU E 154 39.71 37.28 -43.60
C LEU E 154 39.30 35.98 -44.27
N ASP E 155 40.30 35.16 -44.62
CA ASP E 155 40.03 33.86 -45.20
C ASP E 155 39.54 32.89 -44.15
N ARG E 156 38.66 31.98 -44.58
CA ARG E 156 38.08 30.97 -43.70
C ARG E 156 38.42 29.59 -44.26
N ILE E 157 39.39 28.94 -43.64
CA ILE E 157 39.88 27.62 -44.08
C ILE E 157 39.17 26.57 -43.23
N PHE E 158 38.19 25.90 -43.82
CA PHE E 158 37.51 24.78 -43.16
C PHE E 158 38.22 23.47 -43.47
N LEU E 159 37.77 22.39 -42.85
CA LEU E 159 38.39 21.08 -43.01
C LEU E 159 37.41 20.09 -43.61
N VAL E 160 37.93 19.21 -44.48
CA VAL E 160 37.21 18.05 -44.97
C VAL E 160 37.97 16.81 -44.52
N ALA E 161 37.33 15.66 -44.66
CA ALA E 161 37.88 14.40 -44.17
C ALA E 161 37.51 13.28 -45.12
N PRO E 162 38.25 12.17 -45.08
CA PRO E 162 37.91 11.03 -45.96
C PRO E 162 36.48 10.55 -45.77
N SER E 163 35.94 10.64 -44.55
CA SER E 163 34.61 10.15 -44.23
C SER E 163 33.52 11.17 -44.49
N SER E 164 33.85 12.34 -45.03
CA SER E 164 32.86 13.37 -45.28
C SER E 164 31.87 12.91 -46.36
N THR E 165 30.58 13.10 -46.10
CA THR E 165 29.57 12.78 -47.09
C THR E 165 29.68 13.73 -48.28
N PRO E 166 29.24 13.31 -49.46
CA PRO E 166 29.25 14.22 -50.61
C PRO E 166 28.55 15.54 -50.34
N GLU E 167 27.45 15.52 -49.59
CA GLU E 167 26.71 16.74 -49.32
C GLU E 167 27.52 17.68 -48.44
N ARG E 168 28.13 17.15 -47.37
CA ARG E 168 28.88 18.00 -46.46
C ARG E 168 30.21 18.45 -47.07
N LEU E 169 30.84 17.62 -47.90
CA LEU E 169 32.07 18.07 -48.56
C LEU E 169 31.78 19.23 -49.50
N ALA E 170 30.67 19.17 -50.22
CA ALA E 170 30.31 20.27 -51.12
C ALA E 170 30.01 21.54 -50.35
N ALA E 171 29.27 21.43 -49.24
CA ALA E 171 28.91 22.61 -48.47
C ALA E 171 30.10 23.18 -47.71
N THR E 172 31.01 22.32 -47.26
CA THR E 172 32.20 22.80 -46.55
C THR E 172 33.16 23.49 -47.51
N VAL E 173 33.31 22.95 -48.72
CA VAL E 173 34.12 23.62 -49.73
C VAL E 173 33.49 24.96 -50.12
N GLU E 174 32.17 24.96 -50.30
CA GLU E 174 31.47 26.18 -50.74
C GLU E 174 31.56 27.30 -49.70
N ALA E 175 31.71 26.94 -48.43
CA ALA E 175 31.79 27.91 -47.34
C ALA E 175 33.22 28.35 -47.04
N SER E 176 34.21 27.80 -47.74
CA SER E 176 35.60 28.10 -47.46
C SER E 176 36.10 29.26 -48.30
N ARG E 177 37.14 29.91 -47.79
CA ARG E 177 37.90 30.92 -48.53
C ARG E 177 39.39 30.61 -48.36
N GLY E 178 40.19 31.15 -49.27
CA GLY E 178 41.61 30.87 -49.24
C GLY E 178 41.91 29.48 -49.75
N PHE E 179 41.77 28.47 -48.89
CA PHE E 179 41.93 27.08 -49.31
C PHE E 179 41.16 26.18 -48.36
N VAL E 180 41.16 24.89 -48.68
CA VAL E 180 40.47 23.87 -47.92
C VAL E 180 41.50 22.91 -47.32
N TYR E 181 41.40 22.69 -46.01
CA TYR E 181 42.33 21.82 -45.28
C TYR E 181 41.80 20.39 -45.37
N ALA E 182 42.43 19.57 -46.22
CA ALA E 182 42.08 18.15 -46.30
C ALA E 182 42.97 17.40 -45.31
N ALA E 183 42.41 17.07 -44.15
CA ALA E 183 43.16 16.38 -43.11
C ALA E 183 42.92 14.88 -43.24
N SER E 184 44.01 14.11 -43.16
CA SER E 184 43.94 12.67 -43.36
C SER E 184 44.87 11.92 -42.42
N SER E 196 46.13 5.50 -47.42
CA SER E 196 47.22 5.56 -48.38
C SER E 196 46.83 6.40 -49.60
N GLN E 197 45.80 5.95 -50.31
CA GLN E 197 45.22 6.73 -51.40
C GLN E 197 44.10 7.65 -50.91
N ALA E 198 43.93 7.78 -49.59
CA ALA E 198 42.86 8.62 -49.06
C ALA E 198 43.11 10.09 -49.37
N ALA E 199 44.32 10.58 -49.12
CA ALA E 199 44.63 11.97 -49.40
C ALA E 199 44.45 12.33 -50.87
N PRO E 200 44.94 11.54 -51.84
CA PRO E 200 44.62 11.88 -53.24
C PRO E 200 43.14 11.73 -53.56
N GLU E 201 42.50 10.68 -53.04
CA GLU E 201 41.07 10.48 -53.28
C GLU E 201 40.26 11.68 -52.75
N LEU E 202 40.62 12.18 -51.57
CA LEU E 202 39.89 13.30 -51.00
C LEU E 202 40.10 14.57 -51.82
N VAL E 203 41.35 14.86 -52.18
CA VAL E 203 41.65 16.06 -52.96
C VAL E 203 40.92 16.03 -54.30
N GLY E 204 40.82 14.84 -54.91
CA GLY E 204 40.06 14.71 -56.13
C GLY E 204 38.58 15.01 -55.94
N ARG E 205 38.04 14.59 -54.79
CA ARG E 205 36.64 14.90 -54.49
C ARG E 205 36.43 16.41 -54.39
N VAL E 206 37.39 17.13 -53.81
CA VAL E 206 37.27 18.57 -53.73
C VAL E 206 37.46 19.20 -55.10
N LYS E 207 38.48 18.75 -55.83
CA LYS E 207 38.75 19.32 -57.15
C LYS E 207 37.58 19.11 -58.11
N ALA E 208 36.83 18.02 -57.93
CA ALA E 208 35.65 17.78 -58.75
C ALA E 208 34.50 18.72 -58.43
N VAL E 209 34.63 19.58 -57.42
CA VAL E 209 33.53 20.40 -56.93
C VAL E 209 33.84 21.89 -57.06
N SER E 210 35.08 22.30 -56.83
CA SER E 210 35.42 23.71 -56.81
C SER E 210 36.85 23.92 -57.27
N ASP E 211 37.17 25.18 -57.59
CA ASP E 211 38.51 25.57 -58.00
C ASP E 211 39.45 25.80 -56.83
N ILE E 212 38.90 26.03 -55.64
CA ILE E 212 39.63 26.46 -54.45
C ILE E 212 40.86 25.58 -54.22
N PRO E 213 41.99 26.15 -53.79
CA PRO E 213 43.16 25.32 -53.48
C PRO E 213 42.89 24.36 -52.34
N VAL E 214 43.65 23.27 -52.32
CA VAL E 214 43.45 22.18 -51.37
C VAL E 214 44.77 21.92 -50.66
N GLY E 215 44.85 22.30 -49.39
CA GLY E 215 46.01 21.99 -48.57
C GLY E 215 45.85 20.63 -47.90
N VAL E 216 46.97 19.92 -47.78
CA VAL E 216 46.96 18.53 -47.35
C VAL E 216 47.96 18.33 -46.22
N GLY E 217 47.52 17.68 -45.15
CA GLY E 217 48.39 17.30 -44.06
C GLY E 217 48.38 15.80 -43.81
N LEU E 218 49.56 15.19 -43.80
CA LEU E 218 49.69 13.74 -43.61
C LEU E 218 50.71 13.41 -42.52
N GLY E 219 51.04 14.36 -41.66
CA GLY E 219 52.15 14.16 -40.76
C GLY E 219 53.43 13.96 -41.54
N VAL E 220 53.73 14.92 -42.41
CA VAL E 220 54.91 14.84 -43.27
C VAL E 220 56.17 14.88 -42.42
N ARG E 221 57.17 14.09 -42.81
CA ARG E 221 58.43 14.02 -42.09
C ARG E 221 59.65 14.40 -42.92
N SER E 222 59.65 14.13 -44.23
CA SER E 222 60.84 14.33 -45.05
C SER E 222 60.45 15.06 -46.33
N ARG E 223 61.48 15.36 -47.14
CA ARG E 223 61.24 16.02 -48.42
C ARG E 223 60.63 15.06 -49.44
N ALA E 224 60.97 13.77 -49.36
CA ALA E 224 60.38 12.78 -50.25
C ALA E 224 58.87 12.75 -50.09
N GLN E 225 58.39 12.68 -48.84
CA GLN E 225 56.95 12.76 -48.59
C GLN E 225 56.39 14.09 -49.07
N ALA E 226 57.13 15.18 -48.84
CA ALA E 226 56.65 16.50 -49.26
C ALA E 226 56.44 16.56 -50.77
N ALA E 227 57.35 15.95 -51.54
CA ALA E 227 57.23 15.99 -52.99
C ALA E 227 56.05 15.16 -53.48
N GLN E 228 55.72 14.08 -52.78
CA GLN E 228 54.62 13.21 -53.21
C GLN E 228 53.29 13.94 -53.14
N ILE E 229 53.04 14.69 -52.05
CA ILE E 229 51.78 15.39 -51.89
C ILE E 229 51.63 16.49 -52.93
N ALA E 230 52.73 17.18 -53.25
CA ALA E 230 52.66 18.30 -54.19
C ALA E 230 52.25 17.87 -55.60
N GLN E 231 52.30 16.57 -55.92
CA GLN E 231 51.87 16.12 -57.24
C GLN E 231 50.36 16.23 -57.44
N TYR E 232 49.58 16.27 -56.36
CA TYR E 232 48.14 16.36 -56.46
C TYR E 232 47.50 17.45 -55.60
N ALA E 233 48.27 18.14 -54.76
CA ALA E 233 47.72 19.08 -53.79
C ALA E 233 48.33 20.46 -53.98
N ASP E 234 47.47 21.49 -53.90
CA ASP E 234 47.91 22.88 -54.01
C ASP E 234 48.80 23.32 -52.86
N GLY E 235 48.85 22.57 -51.77
CA GLY E 235 49.68 22.93 -50.64
C GLY E 235 50.05 21.75 -49.77
N VAL E 236 51.27 21.74 -49.25
CA VAL E 236 51.73 20.70 -48.32
C VAL E 236 51.74 21.31 -46.93
N ILE E 237 50.96 20.73 -46.03
CA ILE E 237 50.85 21.20 -44.66
C ILE E 237 51.72 20.32 -43.76
N VAL E 238 52.73 20.92 -43.15
CA VAL E 238 53.59 20.23 -42.18
C VAL E 238 53.54 20.99 -40.87
N GLY E 239 53.47 20.27 -39.76
CA GLY E 239 53.42 20.88 -38.45
C GLY E 239 54.03 20.03 -37.35
N SER E 240 53.66 18.75 -37.32
CA SER E 240 54.17 17.86 -36.27
C SER E 240 55.68 17.68 -36.37
N ALA E 241 56.21 17.63 -37.60
CA ALA E 241 57.65 17.49 -37.77
C ALA E 241 58.38 18.76 -37.38
N LEU E 242 57.78 19.92 -37.61
CA LEU E 242 58.42 21.19 -37.25
C LEU E 242 58.60 21.30 -35.74
N VAL E 243 57.59 20.86 -34.97
CA VAL E 243 57.70 20.93 -33.52
C VAL E 243 58.81 20.03 -33.02
N THR E 244 58.86 18.80 -33.52
CA THR E 244 59.94 17.89 -33.12
C THR E 244 61.30 18.42 -33.56
N ALA E 245 61.35 19.12 -34.70
CA ALA E 245 62.60 19.74 -35.14
C ALA E 245 62.97 20.93 -34.26
N LEU E 246 61.96 21.70 -33.84
CA LEU E 246 62.22 22.81 -32.93
C LEU E 246 62.71 22.30 -31.57
N THR E 247 62.24 21.13 -31.15
CA THR E 247 62.68 20.56 -29.88
C THR E 247 64.16 20.22 -29.92
N GLU E 248 64.65 19.73 -31.07
CA GLU E 248 66.09 19.55 -31.24
C GLU E 248 66.83 20.86 -31.09
N GLY E 249 66.44 21.87 -31.87
CA GLY E 249 67.05 23.17 -31.85
C GLY E 249 66.62 24.03 -33.02
N LEU E 250 66.77 25.34 -32.88
CA LEU E 250 66.46 26.25 -33.97
C LEU E 250 67.24 25.94 -35.25
N PRO E 251 68.52 25.54 -35.23
CA PRO E 251 69.17 25.16 -36.49
C PRO E 251 68.52 23.98 -37.19
N ARG E 252 68.11 22.97 -36.42
CA ARG E 252 67.46 21.81 -37.04
C ARG E 252 66.15 22.19 -37.69
N LEU E 253 65.46 23.20 -37.16
CA LEU E 253 64.21 23.64 -37.78
C LEU E 253 64.46 24.14 -39.21
N ARG E 254 65.47 24.99 -39.39
CA ARG E 254 65.77 25.52 -40.72
C ARG E 254 66.19 24.43 -41.69
N ALA E 255 66.88 23.40 -41.18
CA ALA E 255 67.32 22.31 -42.04
C ALA E 255 66.13 21.59 -42.68
N LEU E 256 65.22 21.08 -41.84
CA LEU E 256 64.04 20.38 -42.36
C LEU E 256 63.18 21.32 -43.19
N THR E 257 63.05 22.58 -42.76
CA THR E 257 62.25 23.54 -43.52
C THR E 257 62.86 23.80 -44.89
N GLY E 258 64.19 23.81 -44.98
CA GLY E 258 64.83 23.96 -46.27
C GLY E 258 64.48 22.83 -47.23
N GLU E 259 64.45 21.60 -46.72
CA GLU E 259 64.13 20.45 -47.57
C GLU E 259 62.72 20.55 -48.12
N LEU E 260 61.73 20.71 -47.22
CA LEU E 260 60.33 20.74 -47.65
C LEU E 260 60.08 21.84 -48.68
N ALA E 261 60.78 22.97 -48.55
CA ALA E 261 60.59 24.07 -49.50
C ALA E 261 61.06 23.68 -50.90
N ALA E 262 62.02 22.77 -51.01
CA ALA E 262 62.45 22.26 -52.31
C ALA E 262 61.60 21.08 -52.78
N GLY E 263 61.16 20.24 -51.86
CA GLY E 263 60.30 19.13 -52.23
C GLY E 263 58.97 19.59 -52.81
N VAL E 264 58.52 20.78 -52.42
CA VAL E 264 57.31 21.34 -52.99
C VAL E 264 57.51 21.69 -54.46
N ARG E 265 58.74 21.99 -54.87
CA ARG E 265 59.05 22.29 -56.26
C ARG E 265 59.91 21.19 -56.89
N THR F 9 8.21 17.10 -26.86
CA THR F 9 8.67 17.49 -28.19
C THR F 9 8.68 19.01 -28.33
N SER F 10 7.80 19.68 -27.60
CA SER F 10 7.80 21.14 -27.55
C SER F 10 9.04 21.69 -26.88
N HIS F 11 9.86 20.84 -26.26
CA HIS F 11 11.09 21.24 -25.61
C HIS F 11 12.33 20.74 -26.35
N ASP F 12 12.15 20.16 -27.53
CA ASP F 12 13.26 19.63 -28.30
C ASP F 12 14.00 20.74 -29.04
N PRO F 13 15.26 20.52 -29.40
CA PRO F 13 16.01 21.53 -30.15
C PRO F 13 15.63 21.51 -31.62
N ASP F 14 16.26 22.39 -32.39
CA ASP F 14 16.05 22.40 -33.83
C ASP F 14 16.85 21.28 -34.47
N SER F 15 16.82 21.22 -35.80
CA SER F 15 17.51 20.15 -36.53
C SER F 15 19.00 20.16 -36.27
N GLY F 16 19.59 21.35 -36.08
CA GLY F 16 20.99 21.44 -35.72
C GLY F 16 21.30 21.18 -34.26
N GLY F 17 20.27 21.00 -33.43
CA GLY F 17 20.46 20.68 -32.04
C GLY F 17 20.57 21.87 -31.11
N HIS F 18 20.10 23.04 -31.52
CA HIS F 18 20.17 24.24 -30.70
C HIS F 18 18.92 24.39 -29.86
N PHE F 19 19.10 24.70 -28.59
CA PHE F 19 18.02 25.06 -27.69
C PHE F 19 17.91 26.59 -27.62
N GLY F 20 16.68 27.08 -27.60
CA GLY F 20 16.46 28.50 -27.36
C GLY F 20 16.69 29.42 -28.53
N GLY F 21 16.72 28.90 -29.76
CA GLY F 21 16.84 29.71 -30.95
C GLY F 21 18.14 30.49 -31.02
N PRO F 22 18.05 31.83 -30.91
CA PRO F 22 19.24 32.67 -31.18
C PRO F 22 20.42 32.41 -30.26
N SER F 23 20.20 32.22 -28.95
CA SER F 23 21.31 32.00 -28.04
C SER F 23 22.11 30.74 -28.38
N GLY F 24 21.48 29.79 -29.05
CA GLY F 24 22.20 28.67 -29.65
C GLY F 24 22.78 27.66 -28.69
N TRP F 25 22.07 27.33 -27.61
CA TRP F 25 22.58 26.35 -26.66
C TRP F 25 22.66 24.97 -27.33
N GLY F 26 23.83 24.34 -27.24
CA GLY F 26 24.00 23.01 -27.80
C GLY F 26 24.70 22.99 -29.14
N GLY F 27 24.01 22.50 -30.16
CA GLY F 27 24.61 22.42 -31.48
C GLY F 27 25.60 21.28 -31.63
N ARG F 28 26.54 21.44 -32.55
CA ARG F 28 27.55 20.43 -32.87
C ARG F 28 28.89 21.12 -33.06
N TYR F 29 29.68 21.22 -31.99
CA TYR F 29 31.01 21.82 -32.05
C TYR F 29 32.05 20.70 -32.12
N VAL F 30 32.06 20.06 -33.28
CA VAL F 30 32.87 18.86 -33.52
C VAL F 30 33.59 19.04 -34.85
N PRO F 31 34.66 18.29 -35.09
CA PRO F 31 35.32 18.35 -36.40
C PRO F 31 34.46 17.70 -37.48
N GLU F 32 34.67 18.15 -38.72
CA GLU F 32 33.98 17.55 -39.86
C GLU F 32 34.23 16.06 -39.94
N ALA F 33 35.40 15.59 -39.45
CA ALA F 33 35.75 14.19 -39.51
C ALA F 33 34.78 13.30 -38.73
N LEU F 34 33.99 13.88 -37.83
CA LEU F 34 33.05 13.14 -37.01
C LEU F 34 31.60 13.33 -37.44
N MET F 35 31.32 14.23 -38.38
CA MET F 35 29.95 14.55 -38.72
C MET F 35 29.23 13.39 -39.42
N ALA F 36 29.99 12.51 -40.08
CA ALA F 36 29.36 11.37 -40.73
C ALA F 36 28.75 10.42 -39.70
N VAL F 37 29.52 10.08 -38.66
CA VAL F 37 28.98 9.16 -37.66
C VAL F 37 27.99 9.86 -36.74
N ILE F 38 28.17 11.17 -36.51
CA ILE F 38 27.16 11.93 -35.75
C ILE F 38 25.82 11.92 -36.48
N GLU F 39 25.84 12.18 -37.79
CA GLU F 39 24.59 12.16 -38.55
C GLU F 39 24.01 10.76 -38.62
N GLU F 40 24.86 9.73 -38.61
CA GLU F 40 24.39 8.35 -38.61
C GLU F 40 23.64 8.02 -37.32
N VAL F 41 24.17 8.46 -36.17
CA VAL F 41 23.49 8.24 -34.90
C VAL F 41 22.19 9.03 -34.82
N THR F 42 22.21 10.28 -35.31
CA THR F 42 21.01 11.09 -35.30
C THR F 42 19.90 10.45 -36.12
N ALA F 43 20.25 9.92 -37.29
CA ALA F 43 19.24 9.28 -38.13
C ALA F 43 18.73 7.99 -37.51
N ALA F 44 19.63 7.21 -36.91
CA ALA F 44 19.21 5.96 -36.28
C ALA F 44 18.30 6.23 -35.10
N TYR F 45 18.66 7.20 -34.27
CA TYR F 45 17.81 7.53 -33.13
C TYR F 45 16.48 8.11 -33.58
N GLN F 46 16.50 8.97 -34.61
CA GLN F 46 15.24 9.47 -35.17
C GLN F 46 14.34 8.32 -35.62
N LYS F 47 14.94 7.29 -36.22
CA LYS F 47 14.17 6.15 -36.67
C LYS F 47 13.62 5.35 -35.48
N GLU F 48 14.47 5.07 -34.51
CA GLU F 48 14.14 4.07 -33.49
C GLU F 48 13.28 4.65 -32.36
N ARG F 49 13.36 5.95 -32.09
CA ARG F 49 12.56 6.52 -31.01
C ARG F 49 11.05 6.39 -31.27
N VAL F 50 10.65 6.17 -32.53
CA VAL F 50 9.26 5.91 -32.86
C VAL F 50 9.01 4.46 -33.23
N SER F 51 10.02 3.60 -33.16
CA SER F 51 9.86 2.19 -33.47
C SER F 51 9.28 1.45 -32.27
N GLN F 52 8.18 0.73 -32.48
CA GLN F 52 7.58 -0.01 -31.38
C GLN F 52 8.46 -1.15 -30.92
N ASP F 53 9.17 -1.79 -31.85
CA ASP F 53 10.08 -2.87 -31.46
C ASP F 53 11.17 -2.33 -30.54
N PHE F 54 11.67 -1.13 -30.82
CA PHE F 54 12.72 -0.56 -29.97
C PHE F 54 12.17 -0.17 -28.62
N LEU F 55 11.04 0.54 -28.60
CA LEU F 55 10.46 0.96 -27.32
C LEU F 55 10.08 -0.23 -26.47
N ASP F 56 9.61 -1.31 -27.09
CA ASP F 56 9.23 -2.50 -26.33
C ASP F 56 10.46 -3.23 -25.78
N ASP F 57 11.53 -3.31 -26.58
CA ASP F 57 12.79 -3.87 -26.07
C ASP F 57 13.28 -3.08 -24.87
N LEU F 58 13.21 -1.75 -24.95
CA LEU F 58 13.70 -0.92 -23.87
C LEU F 58 12.83 -1.07 -22.62
N ASP F 59 11.51 -1.08 -22.78
CA ASP F 59 10.64 -1.19 -21.62
C ASP F 59 10.81 -2.54 -20.92
N ARG F 60 10.92 -3.61 -21.71
CA ARG F 60 11.07 -4.94 -21.14
C ARG F 60 12.33 -5.04 -20.30
N LEU F 61 13.44 -4.46 -20.78
CA LEU F 61 14.68 -4.46 -20.00
C LEU F 61 14.57 -3.63 -18.74
N GLN F 62 13.98 -2.43 -18.85
CA GLN F 62 13.82 -1.57 -17.68
C GLN F 62 13.03 -2.27 -16.58
N ALA F 63 11.98 -3.01 -16.95
CA ALA F 63 11.15 -3.67 -15.95
C ALA F 63 11.81 -4.94 -15.41
N ASN F 64 12.13 -5.88 -16.30
CA ASN F 64 12.60 -7.20 -15.86
C ASN F 64 14.08 -7.21 -15.52
N TYR F 65 14.88 -6.37 -16.15
CA TYR F 65 16.32 -6.42 -15.94
C TYR F 65 16.82 -5.35 -14.98
N ALA F 66 16.36 -4.11 -15.14
CA ALA F 66 16.87 -3.00 -14.35
C ALA F 66 16.04 -2.73 -13.10
N GLY F 67 14.78 -3.18 -13.08
CA GLY F 67 13.96 -3.08 -11.90
C GLY F 67 12.99 -1.91 -11.85
N ARG F 68 12.65 -1.32 -13.00
CA ARG F 68 11.74 -0.19 -13.02
C ARG F 68 10.29 -0.65 -12.82
N PRO F 69 9.43 0.20 -12.24
CA PRO F 69 9.74 1.55 -11.76
C PRO F 69 10.49 1.53 -10.44
N SER F 70 11.28 2.57 -10.21
CA SER F 70 11.89 2.73 -8.91
C SER F 70 10.87 3.33 -7.95
N PRO F 71 10.92 2.98 -6.68
CA PRO F 71 9.91 3.47 -5.74
C PRO F 71 10.12 4.94 -5.42
N LEU F 72 9.06 5.55 -4.91
CA LEU F 72 9.11 6.89 -4.32
C LEU F 72 8.86 6.74 -2.83
N TYR F 73 9.81 7.20 -2.02
CA TYR F 73 9.75 6.97 -0.58
C TYR F 73 9.70 8.30 0.15
N GLU F 74 8.71 8.45 1.05
CA GLU F 74 8.61 9.65 1.88
C GLU F 74 9.51 9.48 3.09
N ALA F 75 10.56 10.31 3.17
CA ALA F 75 11.55 10.22 4.24
C ALA F 75 11.06 11.04 5.43
N THR F 76 10.17 10.44 6.22
CA THR F 76 9.52 11.18 7.31
C THR F 76 10.48 11.52 8.45
N ARG F 77 11.55 10.75 8.62
CA ARG F 77 12.52 11.07 9.67
C ARG F 77 13.46 12.20 9.26
N LEU F 78 13.43 12.63 8.00
CA LEU F 78 14.15 13.82 7.57
C LEU F 78 13.37 15.10 7.83
N SER F 79 12.04 14.99 8.01
CA SER F 79 11.18 16.16 7.99
C SER F 79 11.58 17.19 9.05
N GLN F 80 11.87 16.72 10.27
CA GLN F 80 12.29 17.64 11.32
C GLN F 80 13.54 18.41 10.93
N HIS F 81 14.39 17.84 10.07
CA HIS F 81 15.60 18.48 9.60
C HIS F 81 15.39 19.28 8.32
N ALA F 82 14.15 19.44 7.88
CA ALA F 82 13.83 20.14 6.65
C ALA F 82 12.69 21.12 6.86
N GLY F 83 12.69 21.81 8.01
CA GLY F 83 11.62 22.73 8.30
C GLY F 83 10.25 22.09 8.37
N SER F 84 10.19 20.80 8.69
CA SER F 84 8.96 20.02 8.71
C SER F 84 8.29 19.95 7.34
N ALA F 85 9.08 20.12 6.27
CA ALA F 85 8.59 19.79 4.94
C ALA F 85 8.52 18.28 4.77
N ARG F 86 7.98 17.85 3.64
CA ARG F 86 7.82 16.44 3.33
C ARG F 86 8.76 16.09 2.18
N ILE F 87 9.85 15.38 2.49
CA ILE F 87 10.87 15.03 1.52
C ILE F 87 10.54 13.66 0.96
N PHE F 88 10.28 13.58 -0.34
CA PHE F 88 10.07 12.32 -1.04
C PHE F 88 11.32 12.01 -1.84
N LEU F 89 11.79 10.76 -1.76
CA LEU F 89 13.01 10.32 -2.43
C LEU F 89 12.64 9.42 -3.61
N LYS F 90 13.07 9.81 -4.80
CA LYS F 90 12.92 8.98 -5.99
C LYS F 90 14.12 8.03 -6.05
N ARG F 91 13.87 6.76 -5.78
CA ARG F 91 14.93 5.82 -5.39
C ARG F 91 15.62 5.19 -6.60
N GLU F 92 16.24 6.04 -7.43
CA GLU F 92 17.11 5.51 -8.48
C GLU F 92 18.28 4.71 -7.90
N ASP F 93 18.61 4.93 -6.62
CA ASP F 93 19.65 4.13 -5.97
C ASP F 93 19.35 2.63 -6.01
N LEU F 94 18.09 2.25 -6.20
CA LEU F 94 17.71 0.84 -6.22
C LEU F 94 17.77 0.22 -7.61
N ASN F 95 18.11 0.98 -8.65
CA ASN F 95 18.25 0.42 -9.98
C ASN F 95 19.38 -0.59 -10.01
N HIS F 96 19.29 -1.52 -10.96
CA HIS F 96 20.44 -2.35 -11.28
C HIS F 96 21.64 -1.47 -11.59
N THR F 97 22.78 -1.80 -10.97
CA THR F 97 24.06 -1.09 -10.93
C THR F 97 24.03 0.06 -9.91
N GLY F 98 22.88 0.43 -9.39
CA GLY F 98 22.84 1.34 -8.26
C GLY F 98 22.73 2.81 -8.56
N SER F 99 22.49 3.20 -9.81
CA SER F 99 22.33 4.60 -10.14
C SER F 99 21.40 4.73 -11.35
N HIS F 100 21.13 5.97 -11.71
CA HIS F 100 20.28 6.30 -12.85
C HIS F 100 20.96 6.01 -14.18
N1 LLP F 101 24.61 11.04 -9.29
C2 LLP F 101 25.16 9.83 -9.43
C2' LLP F 101 24.85 8.68 -8.44
C3 LLP F 101 26.07 9.59 -10.50
O3 LLP F 101 26.65 8.32 -10.64
C4 LLP F 101 26.36 10.59 -11.40
C4' LLP F 101 27.39 10.25 -12.61
C5 LLP F 101 25.80 11.83 -11.27
C6 LLP F 101 24.91 12.06 -10.20
C5' LLP F 101 26.11 12.99 -12.25
OP4 LLP F 101 25.71 12.68 -13.56
P LLP F 101 24.53 13.45 -14.18
OP1 LLP F 101 24.61 14.92 -13.77
OP2 LLP F 101 23.25 12.87 -13.71
OP3 LLP F 101 24.61 13.32 -15.66
N LLP F 101 22.27 5.79 -14.14
CA LLP F 101 23.05 5.63 -15.39
CB LLP F 101 24.53 5.60 -15.07
CG LLP F 101 24.91 6.93 -14.43
CD LLP F 101 26.39 7.27 -14.68
CE LLP F 101 26.63 8.77 -14.35
NZ LLP F 101 27.16 8.88 -12.98
C LLP F 101 22.63 4.41 -16.15
O LLP F 101 22.89 4.34 -17.34
N ILE F 102 21.96 3.47 -15.49
CA ILE F 102 21.54 2.25 -16.17
C ILE F 102 20.49 2.59 -17.25
N ASN F 103 19.69 3.63 -16.99
CA ASN F 103 18.68 4.06 -17.97
C ASN F 103 19.34 4.50 -19.26
N ASN F 104 20.44 5.25 -19.15
CA ASN F 104 21.12 5.77 -20.33
C ASN F 104 21.77 4.64 -21.14
N VAL F 105 22.54 3.77 -20.49
CA VAL F 105 23.31 2.79 -21.24
C VAL F 105 22.42 1.74 -21.89
N LEU F 106 21.28 1.41 -21.28
CA LEU F 106 20.36 0.46 -21.92
C LEU F 106 19.79 1.04 -23.21
N GLY F 107 19.40 2.31 -23.19
CA GLY F 107 18.92 2.93 -24.41
C GLY F 107 19.98 2.98 -25.49
N GLN F 108 21.16 3.51 -25.15
CA GLN F 108 22.21 3.69 -26.14
C GLN F 108 22.75 2.35 -26.65
N ALA F 109 22.89 1.36 -25.76
CA ALA F 109 23.42 0.08 -26.20
C ALA F 109 22.44 -0.65 -27.11
N LEU F 110 21.14 -0.54 -26.85
CA LEU F 110 20.15 -1.08 -27.79
C LEU F 110 20.25 -0.41 -29.14
N LEU F 111 20.38 0.93 -29.14
CA LEU F 111 20.56 1.66 -30.39
C LEU F 111 21.83 1.24 -31.12
N ALA F 112 22.92 1.08 -30.38
CA ALA F 112 24.19 0.65 -30.99
C ALA F 112 24.02 -0.69 -31.70
N ARG F 113 23.28 -1.62 -31.10
CA ARG F 113 23.07 -2.90 -31.77
C ARG F 113 22.12 -2.78 -32.95
N ARG F 114 21.11 -1.89 -32.85
CA ARG F 114 20.24 -1.66 -34.00
C ARG F 114 21.02 -1.05 -35.16
N MET F 115 22.06 -0.27 -34.87
CA MET F 115 22.86 0.35 -35.91
C MET F 115 23.86 -0.60 -36.56
N GLY F 116 24.02 -1.80 -36.02
CA GLY F 116 25.04 -2.69 -36.53
C GLY F 116 26.43 -2.44 -36.01
N LYS F 117 26.59 -1.52 -35.05
CA LYS F 117 27.88 -1.36 -34.39
C LYS F 117 28.16 -2.57 -33.52
N THR F 118 29.40 -3.05 -33.57
CA THR F 118 29.82 -4.20 -32.78
C THR F 118 30.68 -3.81 -31.59
N ARG F 119 31.05 -2.53 -31.49
CA ARG F 119 32.02 -2.05 -30.51
C ARG F 119 31.47 -0.79 -29.88
N VAL F 120 31.52 -0.73 -28.55
CA VAL F 120 30.99 0.41 -27.79
C VAL F 120 32.11 0.94 -26.91
N ILE F 121 32.42 2.23 -27.06
CA ILE F 121 33.38 2.90 -26.19
C ILE F 121 32.65 3.88 -25.30
N ALA F 122 33.19 4.09 -24.11
CA ALA F 122 32.62 5.03 -23.16
C ALA F 122 33.72 5.55 -22.26
N GLU F 123 33.54 6.77 -21.78
CA GLU F 123 34.41 7.35 -20.77
C GLU F 123 33.86 7.05 -19.38
N THR F 124 34.70 7.28 -18.38
CA THR F 124 34.22 7.26 -17.01
C THR F 124 35.20 8.03 -16.14
N GLY F 125 34.69 8.63 -15.07
CA GLY F 125 35.50 9.33 -14.11
C GLY F 125 36.05 8.37 -13.07
N ALA F 126 35.23 8.00 -12.10
CA ALA F 126 35.65 7.05 -11.07
C ALA F 126 35.18 5.63 -11.35
N GLY F 127 34.36 5.42 -12.38
CA GLY F 127 33.99 4.07 -12.76
C GLY F 127 32.51 3.83 -12.94
N GLN F 128 31.68 4.77 -12.48
CA GLN F 128 30.24 4.55 -12.48
C GLN F 128 29.71 4.28 -13.89
N HIS F 129 29.92 5.22 -14.81
CA HIS F 129 29.41 5.03 -16.17
C HIS F 129 30.17 3.95 -16.92
N GLY F 130 31.42 3.70 -16.55
CA GLY F 130 32.14 2.58 -17.13
C GLY F 130 31.54 1.24 -16.75
N VAL F 131 31.16 1.09 -15.48
CA VAL F 131 30.52 -0.15 -15.03
C VAL F 131 29.14 -0.30 -15.66
N ALA F 132 28.37 0.79 -15.70
CA ALA F 132 27.06 0.75 -16.35
C ALA F 132 27.19 0.34 -17.81
N THR F 133 28.11 0.98 -18.54
CA THR F 133 28.28 0.67 -19.96
C THR F 133 28.73 -0.77 -20.17
N ALA F 134 29.74 -1.20 -19.41
CA ALA F 134 30.14 -2.60 -19.44
C ALA F 134 28.96 -3.52 -19.16
N THR F 135 28.11 -3.14 -18.21
CA THR F 135 26.95 -3.96 -17.86
C THR F 135 26.01 -4.12 -19.05
N ALA F 136 25.63 -3.00 -19.68
CA ALA F 136 24.76 -3.08 -20.86
C ALA F 136 25.44 -3.81 -22.01
N CYS F 137 26.76 -3.67 -22.15
CA CYS F 137 27.45 -4.35 -23.24
C CYS F 137 27.57 -5.84 -22.99
N ALA F 138 27.75 -6.26 -21.73
CA ALA F 138 27.70 -7.69 -21.42
C ALA F 138 26.32 -8.25 -21.74
N LEU F 139 25.27 -7.51 -21.38
CA LEU F 139 23.90 -7.98 -21.59
C LEU F 139 23.61 -8.21 -23.07
N LEU F 140 23.94 -7.24 -23.92
CA LEU F 140 23.60 -7.31 -25.33
C LEU F 140 24.68 -7.94 -26.19
N GLY F 141 25.79 -8.38 -25.59
CA GLY F 141 26.83 -9.04 -26.36
C GLY F 141 27.69 -8.12 -27.19
N LEU F 142 27.73 -6.83 -26.88
CA LEU F 142 28.58 -5.87 -27.58
C LEU F 142 29.93 -5.76 -26.88
N ASP F 143 31.00 -5.71 -27.69
CA ASP F 143 32.33 -5.56 -27.13
C ASP F 143 32.53 -4.13 -26.63
N CYS F 144 33.20 -4.01 -25.47
CA CYS F 144 33.21 -2.76 -24.73
C CYS F 144 34.63 -2.36 -24.35
N VAL F 145 34.96 -1.10 -24.60
CA VAL F 145 36.23 -0.51 -24.18
C VAL F 145 35.92 0.75 -23.40
N ILE F 146 36.43 0.84 -22.18
CA ILE F 146 36.18 1.97 -21.30
C ILE F 146 37.44 2.81 -21.19
N TYR F 147 37.32 4.11 -21.44
CA TYR F 147 38.41 5.05 -21.24
C TYR F 147 38.28 5.70 -19.86
N MET F 148 39.37 5.69 -19.11
CA MET F 148 39.38 6.14 -17.73
C MET F 148 40.68 6.89 -17.48
N GLY F 149 40.60 7.99 -16.73
CA GLY F 149 41.80 8.76 -16.43
C GLY F 149 42.81 7.94 -15.64
N GLY F 150 44.08 8.03 -16.04
CA GLY F 150 45.14 7.27 -15.40
C GLY F 150 45.34 7.59 -13.93
N ILE F 151 44.93 8.79 -13.50
CA ILE F 151 44.85 9.09 -12.07
C ILE F 151 43.70 8.31 -11.44
N ASP F 152 42.63 8.08 -12.20
CA ASP F 152 41.46 7.40 -11.65
C ASP F 152 41.63 5.88 -11.61
N THR F 153 42.20 5.29 -12.67
CA THR F 153 42.41 3.85 -12.67
C THR F 153 43.34 3.43 -11.52
N ALA F 154 44.28 4.30 -11.14
CA ALA F 154 45.25 3.95 -10.12
C ALA F 154 44.65 3.93 -8.72
N ARG F 155 43.50 4.57 -8.52
CA ARG F 155 42.85 4.57 -7.20
C ARG F 155 41.44 4.00 -7.23
N GLN F 156 41.01 3.43 -8.35
CA GLN F 156 39.71 2.77 -8.47
C GLN F 156 39.90 1.34 -8.98
N ALA F 157 40.82 0.60 -8.35
CA ALA F 157 41.20 -0.71 -8.85
C ALA F 157 40.01 -1.67 -8.89
N LEU F 158 39.12 -1.59 -7.91
CA LEU F 158 38.00 -2.54 -7.87
C LEU F 158 36.98 -2.26 -8.96
N ASN F 159 36.78 -0.99 -9.31
CA ASN F 159 35.89 -0.66 -10.42
C ASN F 159 36.46 -1.16 -11.74
N VAL F 160 37.78 -1.09 -11.89
CA VAL F 160 38.41 -1.66 -13.09
C VAL F 160 38.20 -3.18 -13.10
N ALA F 161 38.37 -3.82 -11.95
CA ALA F 161 38.09 -5.25 -11.87
C ALA F 161 36.64 -5.56 -12.23
N ARG F 162 35.71 -4.71 -11.77
CA ARG F 162 34.30 -4.87 -12.15
C ARG F 162 34.12 -4.91 -13.66
N MET F 163 34.65 -3.89 -14.35
CA MET F 163 34.52 -3.82 -15.80
C MET F 163 35.15 -5.02 -16.48
N ARG F 164 36.31 -5.47 -15.97
CA ARG F 164 36.95 -6.66 -16.52
C ARG F 164 36.09 -7.90 -16.30
N LEU F 165 35.50 -8.04 -15.09
CA LEU F 165 34.60 -9.16 -14.83
C LEU F 165 33.40 -9.14 -15.77
N LEU F 166 32.98 -7.95 -16.20
CA LEU F 166 31.88 -7.82 -17.16
C LEU F 166 32.34 -8.00 -18.59
N GLY F 167 33.60 -8.37 -18.81
CA GLY F 167 34.09 -8.68 -20.14
C GLY F 167 34.56 -7.50 -20.96
N ALA F 168 34.69 -6.33 -20.36
CA ALA F 168 35.13 -5.14 -21.06
C ALA F 168 36.63 -4.92 -20.84
N GLU F 169 37.22 -4.16 -21.74
CA GLU F 169 38.59 -3.69 -21.59
C GLU F 169 38.57 -2.28 -21.00
N VAL F 170 39.63 -1.94 -20.29
CA VAL F 170 39.79 -0.63 -19.67
C VAL F 170 41.11 -0.05 -20.17
N VAL F 171 41.07 1.17 -20.68
CA VAL F 171 42.24 1.88 -21.16
C VAL F 171 42.50 3.04 -20.21
N ALA F 172 43.65 3.01 -19.54
CA ALA F 172 44.06 4.11 -18.68
C ALA F 172 44.59 5.25 -19.56
N VAL F 173 43.95 6.41 -19.48
CA VAL F 173 44.30 7.55 -20.32
C VAL F 173 45.34 8.38 -19.60
N GLN F 174 46.51 8.55 -20.22
CA GLN F 174 47.62 9.28 -19.62
C GLN F 174 47.86 10.63 -20.28
N THR F 175 46.97 11.07 -21.15
CA THR F 175 47.09 12.37 -21.78
C THR F 175 46.46 13.45 -20.90
N GLY F 176 46.84 14.70 -21.17
CA GLY F 176 46.29 15.83 -20.44
C GLY F 176 46.45 15.69 -18.95
N SER F 177 45.41 16.09 -18.21
CA SER F 177 45.39 16.00 -16.76
C SER F 177 44.96 14.63 -16.26
N LYS F 178 44.82 13.64 -17.16
CA LYS F 178 44.61 12.25 -16.81
C LYS F 178 43.38 12.05 -15.91
N THR F 179 42.30 12.75 -16.24
CA THR F 179 41.06 12.62 -15.48
C THR F 179 39.90 12.56 -16.47
N LEU F 180 38.69 12.79 -15.96
CA LEU F 180 37.48 12.51 -16.73
C LEU F 180 37.47 13.23 -18.07
N LYS F 181 37.68 14.54 -18.08
CA LYS F 181 37.61 15.28 -19.33
C LYS F 181 38.64 14.78 -20.33
N ASP F 182 39.76 14.24 -19.84
CA ASP F 182 40.78 13.69 -20.73
C ASP F 182 40.39 12.31 -21.23
N ALA F 183 39.72 11.52 -20.39
CA ALA F 183 39.14 10.26 -20.87
C ALA F 183 38.12 10.52 -21.98
N ILE F 184 37.33 11.58 -21.83
CA ILE F 184 36.38 11.96 -22.88
C ILE F 184 37.13 12.29 -24.17
N ASN F 185 38.22 13.05 -24.05
CA ASN F 185 38.99 13.42 -25.24
C ASN F 185 39.56 12.20 -25.94
N GLU F 186 40.00 11.20 -25.17
CA GLU F 186 40.60 10.02 -25.78
C GLU F 186 39.54 9.16 -26.46
N ALA F 187 38.38 8.99 -25.81
CA ALA F 187 37.28 8.28 -26.46
C ALA F 187 36.83 9.00 -27.72
N PHE F 188 36.91 10.33 -27.71
CA PHE F 188 36.57 11.10 -28.91
C PHE F 188 37.52 10.77 -30.06
N ARG F 189 38.82 10.67 -29.79
CA ARG F 189 39.77 10.29 -30.82
C ARG F 189 39.56 8.85 -31.27
N ASP F 190 39.17 7.97 -30.34
CA ASP F 190 38.84 6.60 -30.73
C ASP F 190 37.69 6.58 -31.72
N TRP F 191 36.66 7.38 -31.46
CA TRP F 191 35.47 7.38 -32.30
C TRP F 191 35.76 7.95 -33.68
N VAL F 192 36.65 8.94 -33.77
CA VAL F 192 37.04 9.47 -35.07
C VAL F 192 37.71 8.38 -35.89
N ALA F 193 38.59 7.59 -35.27
CA ALA F 193 39.34 6.56 -35.97
C ALA F 193 38.55 5.28 -36.21
N ASN F 194 37.47 5.04 -35.46
CA ASN F 194 36.83 3.73 -35.48
C ASN F 194 35.33 3.81 -35.71
N ALA F 195 34.85 4.91 -36.31
CA ALA F 195 33.41 5.16 -36.40
C ALA F 195 32.66 4.12 -37.24
N ASP F 196 33.34 3.40 -38.12
CA ASP F 196 32.64 2.44 -38.98
C ASP F 196 31.94 1.35 -38.18
N ASN F 197 32.54 0.94 -37.06
CA ASN F 197 31.97 -0.14 -36.27
C ASN F 197 31.84 0.19 -34.79
N THR F 198 32.26 1.38 -34.36
CA THR F 198 32.21 1.75 -32.94
C THR F 198 31.08 2.74 -32.68
N TYR F 199 30.40 2.53 -31.55
CA TYR F 199 29.40 3.46 -31.03
C TYR F 199 29.94 4.09 -29.76
N TYR F 200 29.77 5.41 -29.62
CA TYR F 200 30.21 6.14 -28.43
C TYR F 200 29.03 6.30 -27.48
N CYS F 201 29.05 5.55 -26.38
CA CYS F 201 28.00 5.62 -25.36
C CYS F 201 28.39 6.69 -24.36
N PHE F 202 27.94 7.92 -24.62
CA PHE F 202 28.29 9.05 -23.75
C PHE F 202 27.48 9.00 -22.46
N GLY F 203 28.11 9.44 -21.37
CA GLY F 203 27.59 9.22 -20.04
C GLY F 203 26.70 10.27 -19.42
N THR F 204 26.42 11.37 -20.10
CA THR F 204 25.61 12.42 -19.50
C THR F 204 24.84 13.15 -20.60
N ALA F 205 24.01 14.10 -20.18
CA ALA F 205 23.12 14.84 -21.09
C ALA F 205 23.84 16.05 -21.70
N ALA F 206 25.05 15.82 -22.19
CA ALA F 206 25.83 16.85 -22.85
C ALA F 206 26.28 16.29 -24.19
N GLY F 207 27.28 16.93 -24.80
CA GLY F 207 27.83 16.49 -26.06
C GLY F 207 27.18 17.15 -27.25
N PRO F 208 27.62 16.79 -28.45
CA PRO F 208 26.97 17.31 -29.66
C PRO F 208 25.62 16.62 -29.88
N HIS F 209 24.72 17.37 -30.51
CA HIS F 209 23.46 16.80 -30.98
C HIS F 209 23.75 15.49 -31.71
N PRO F 210 23.01 14.41 -31.42
CA PRO F 210 21.78 14.33 -30.63
C PRO F 210 21.95 13.84 -29.20
N PHE F 211 23.16 13.88 -28.66
CA PHE F 211 23.37 13.23 -27.37
C PHE F 211 22.65 13.91 -26.20
N PRO F 212 22.65 15.25 -26.08
CA PRO F 212 21.86 15.84 -24.98
C PRO F 212 20.38 15.48 -25.05
N THR F 213 19.80 15.48 -26.24
CA THR F 213 18.39 15.14 -26.37
C THR F 213 18.17 13.64 -26.20
N MET F 214 19.06 12.83 -26.77
CA MET F 214 18.91 11.38 -26.66
C MET F 214 19.05 10.91 -25.22
N VAL F 215 20.09 11.39 -24.53
CA VAL F 215 20.31 10.97 -23.15
C VAL F 215 19.18 11.45 -22.25
N ARG F 216 18.67 12.66 -22.50
CA ARG F 216 17.53 13.14 -21.75
C ARG F 216 16.31 12.25 -21.96
N ASP F 217 16.08 11.82 -23.20
CA ASP F 217 14.92 10.96 -23.48
C ASP F 217 15.03 9.62 -22.77
N PHE F 218 16.23 9.06 -22.70
CA PHE F 218 16.39 7.79 -21.99
C PHE F 218 16.23 7.94 -20.49
N GLN F 219 16.36 9.17 -19.96
CA GLN F 219 16.19 9.44 -18.53
C GLN F 219 14.82 10.03 -18.18
N ARG F 220 14.01 10.41 -19.18
CA ARG F 220 12.69 10.97 -18.91
C ARG F 220 11.85 10.07 -18.03
N ILE F 221 12.11 8.76 -18.07
CA ILE F 221 11.29 7.80 -17.34
C ILE F 221 11.27 8.10 -15.84
N ILE F 222 12.33 8.73 -15.32
CA ILE F 222 12.37 9.11 -13.91
C ILE F 222 11.25 10.09 -13.59
N GLY F 223 11.20 11.20 -14.35
CA GLY F 223 10.20 12.22 -14.07
C GLY F 223 8.79 11.75 -14.33
N MET F 224 8.58 10.98 -15.39
CA MET F 224 7.25 10.46 -15.68
C MET F 224 6.76 9.59 -14.53
N GLU F 225 7.60 8.65 -14.08
CA GLU F 225 7.23 7.83 -12.93
C GLU F 225 6.96 8.70 -11.71
N ALA F 226 7.86 9.64 -11.42
CA ALA F 226 7.74 10.44 -10.21
C ALA F 226 6.47 11.28 -10.21
N ARG F 227 6.08 11.80 -11.38
CA ARG F 227 4.87 12.60 -11.47
C ARG F 227 3.63 11.78 -11.14
N VAL F 228 3.57 10.55 -11.65
CA VAL F 228 2.48 9.64 -11.31
C VAL F 228 2.54 9.30 -9.82
N GLN F 229 3.74 8.96 -9.33
CA GLN F 229 3.87 8.48 -7.97
C GLN F 229 3.56 9.56 -6.95
N ILE F 230 4.00 10.80 -7.20
CA ILE F 230 3.77 11.85 -6.21
C ILE F 230 2.30 12.23 -6.14
N GLN F 231 1.57 12.13 -7.26
CA GLN F 231 0.13 12.36 -7.20
C GLN F 231 -0.59 11.22 -6.50
N GLY F 232 -0.10 9.98 -6.67
CA GLY F 232 -0.73 8.85 -6.01
C GLY F 232 -0.54 8.86 -4.51
N GLN F 233 0.66 9.21 -4.05
CA GLN F 233 1.01 9.11 -2.63
C GLN F 233 0.69 10.39 -1.87
N ALA F 234 0.90 11.55 -2.48
CA ALA F 234 0.64 12.82 -1.79
C ALA F 234 -0.66 13.48 -2.21
N GLY F 235 -1.25 13.06 -3.33
CA GLY F 235 -2.50 13.62 -3.76
C GLY F 235 -2.41 14.94 -4.48
N ARG F 236 -1.21 15.38 -4.86
CA ARG F 236 -1.05 16.61 -5.62
C ARG F 236 0.35 16.64 -6.22
N LEU F 237 0.58 17.63 -7.09
CA LEU F 237 1.90 17.84 -7.66
C LEU F 237 2.82 18.46 -6.63
N PRO F 238 4.12 18.16 -6.68
CA PRO F 238 5.03 18.65 -5.63
C PRO F 238 5.21 20.16 -5.71
N ASP F 239 5.62 20.72 -4.57
CA ASP F 239 5.97 22.12 -4.52
C ASP F 239 7.33 22.37 -5.15
N ALA F 240 8.21 21.37 -5.14
CA ALA F 240 9.49 21.46 -5.81
C ALA F 240 9.96 20.06 -6.19
N VAL F 241 10.77 20.00 -7.24
CA VAL F 241 11.50 18.81 -7.65
C VAL F 241 12.97 19.18 -7.75
N VAL F 242 13.83 18.45 -7.05
CA VAL F 242 15.24 18.82 -6.95
C VAL F 242 16.11 17.64 -7.37
N ALA F 243 17.33 17.96 -7.78
CA ALA F 243 18.28 16.96 -8.24
C ALA F 243 19.67 17.60 -8.28
N CYS F 244 20.68 16.74 -8.18
CA CYS F 244 22.06 17.21 -8.33
C CYS F 244 22.43 17.25 -9.81
N VAL F 245 23.34 18.15 -10.16
CA VAL F 245 23.65 18.45 -11.55
C VAL F 245 25.17 18.38 -11.73
N GLY F 246 25.64 17.30 -12.34
CA GLY F 246 27.00 17.26 -12.85
C GLY F 246 26.97 17.66 -14.31
N GLY F 247 26.93 16.64 -15.18
CA GLY F 247 26.62 16.89 -16.57
C GLY F 247 25.14 17.13 -16.81
N GLY F 248 24.28 16.50 -16.02
CA GLY F 248 22.87 16.86 -15.99
C GLY F 248 21.87 15.78 -16.38
N SER F 249 22.30 14.52 -16.47
CA SER F 249 21.40 13.50 -17.01
C SER F 249 20.30 13.15 -16.00
N ASN F 250 20.64 12.98 -14.73
CA ASN F 250 19.60 12.60 -13.77
C ASN F 250 18.69 13.78 -13.45
N ALA F 251 19.23 15.00 -13.42
CA ALA F 251 18.41 16.18 -13.15
C ALA F 251 17.42 16.42 -14.29
N ILE F 252 17.89 16.35 -15.53
CA ILE F 252 17.00 16.55 -16.66
C ILE F 252 16.00 15.41 -16.78
N GLY F 253 16.37 14.22 -16.28
CA GLY F 253 15.46 13.09 -16.33
C GLY F 253 14.24 13.27 -15.44
N ILE F 254 14.46 13.74 -14.21
CA ILE F 254 13.34 13.93 -13.31
C ILE F 254 12.64 15.25 -13.55
N PHE F 255 13.31 16.23 -14.16
CA PHE F 255 12.69 17.55 -14.38
C PHE F 255 11.65 17.51 -15.50
N HIS F 256 11.91 16.73 -16.56
CA HIS F 256 11.24 16.98 -17.84
C HIS F 256 9.73 16.84 -17.74
N ALA F 257 9.26 15.82 -17.02
CA ALA F 257 7.83 15.62 -16.89
C ALA F 257 7.13 16.80 -16.23
N PHE F 258 7.85 17.62 -15.47
CA PHE F 258 7.26 18.73 -14.72
C PHE F 258 7.46 20.08 -15.39
N LEU F 259 8.06 20.13 -16.59
CA LEU F 259 8.40 21.42 -17.20
C LEU F 259 7.16 22.30 -17.41
N ASP F 260 6.03 21.70 -17.77
CA ASP F 260 4.82 22.45 -18.07
C ASP F 260 3.85 22.51 -16.88
N ASP F 261 4.33 22.18 -15.68
CA ASP F 261 3.56 22.36 -14.46
C ASP F 261 4.02 23.65 -13.78
N PRO F 262 3.35 24.78 -14.01
CA PRO F 262 3.88 26.06 -13.56
C PRO F 262 3.97 26.23 -12.05
N GLY F 263 3.34 25.36 -11.26
CA GLY F 263 3.46 25.47 -9.81
C GLY F 263 4.65 24.73 -9.22
N VAL F 264 5.30 23.86 -10.00
CA VAL F 264 6.35 22.99 -9.49
C VAL F 264 7.69 23.69 -9.68
N ARG F 265 8.31 24.10 -8.57
CA ARG F 265 9.66 24.62 -8.62
C ARG F 265 10.64 23.53 -9.02
N LEU F 266 11.65 23.93 -9.79
CA LEU F 266 12.69 23.01 -10.23
C LEU F 266 14.04 23.59 -9.83
N VAL F 267 14.78 22.85 -9.02
CA VAL F 267 16.06 23.32 -8.48
C VAL F 267 17.12 22.26 -8.73
N GLY F 268 18.20 22.65 -9.42
CA GLY F 268 19.36 21.81 -9.58
C GLY F 268 20.47 22.29 -8.66
N PHE F 269 21.11 21.35 -7.98
CA PHE F 269 22.15 21.67 -7.00
C PHE F 269 23.50 21.21 -7.52
N GLU F 270 24.48 22.10 -7.52
CA GLU F 270 25.81 21.83 -8.03
C GLU F 270 26.80 21.64 -6.89
N ALA F 271 27.95 21.06 -7.23
CA ALA F 271 29.01 20.76 -6.28
C ALA F 271 29.87 22.02 -6.11
N ALA F 272 29.79 22.64 -4.93
CA ALA F 272 30.55 23.84 -4.64
C ALA F 272 31.90 23.56 -3.98
N GLY F 273 32.20 22.31 -3.68
CA GLY F 273 33.53 21.97 -3.18
C GLY F 273 33.82 22.65 -1.86
N ASP F 274 34.96 23.34 -1.80
CA ASP F 274 35.28 24.16 -0.63
C ASP F 274 34.43 25.42 -0.57
N GLY F 275 33.81 25.80 -1.69
CA GLY F 275 33.04 27.02 -1.79
C GLY F 275 33.25 27.65 -3.15
N VAL F 276 32.21 28.23 -3.74
CA VAL F 276 32.37 28.87 -5.04
C VAL F 276 33.26 30.10 -4.97
N GLU F 277 33.53 30.60 -3.76
CA GLU F 277 34.42 31.73 -3.55
C GLU F 277 35.87 31.31 -3.38
N THR F 278 36.20 30.03 -3.56
CA THR F 278 37.54 29.52 -3.26
C THR F 278 38.30 28.97 -4.46
N GLY F 279 37.65 28.76 -5.61
CA GLY F 279 38.34 28.14 -6.73
C GLY F 279 38.59 26.65 -6.60
N ARG F 280 38.09 25.99 -5.56
CA ARG F 280 38.07 24.54 -5.46
C ARG F 280 36.61 24.08 -5.45
N HIS F 281 35.95 24.20 -6.61
CA HIS F 281 34.54 23.88 -6.74
C HIS F 281 34.30 23.24 -8.11
N ALA F 282 33.04 22.87 -8.35
CA ALA F 282 32.59 22.37 -9.65
C ALA F 282 31.20 22.90 -9.98
N ALA F 283 30.89 24.12 -9.55
CA ALA F 283 29.57 24.72 -9.75
C ALA F 283 29.57 25.42 -11.09
N THR F 284 29.20 24.66 -12.12
CA THR F 284 29.34 25.12 -13.50
C THR F 284 28.48 26.34 -13.79
N PHE F 285 27.22 26.33 -13.34
CA PHE F 285 26.32 27.46 -13.56
C PHE F 285 26.59 28.61 -12.61
N THR F 286 27.00 28.32 -11.38
CA THR F 286 27.19 29.36 -10.38
C THR F 286 28.45 30.19 -10.65
N ALA F 287 29.51 29.57 -11.16
CA ALA F 287 30.79 30.24 -11.32
C ALA F 287 31.36 30.19 -12.74
N GLY F 288 30.93 29.25 -13.57
CA GLY F 288 31.43 29.16 -14.93
C GLY F 288 30.85 30.23 -15.83
N SER F 289 31.05 30.03 -17.14
CA SER F 289 30.57 30.99 -18.13
C SER F 289 30.28 30.23 -19.41
N PRO F 290 29.53 30.84 -20.34
CA PRO F 290 29.26 30.17 -21.61
C PRO F 290 30.51 29.88 -22.42
N GLY F 291 30.44 28.84 -23.23
CA GLY F 291 31.55 28.46 -24.08
C GLY F 291 31.24 27.16 -24.79
N ALA F 292 32.09 26.84 -25.76
CA ALA F 292 31.99 25.59 -26.50
C ALA F 292 32.98 24.59 -25.94
N PHE F 293 32.46 23.41 -25.57
CA PHE F 293 33.29 22.41 -24.90
C PHE F 293 32.64 21.05 -25.06
N HIS F 294 33.44 20.05 -25.43
CA HIS F 294 32.96 18.68 -25.64
C HIS F 294 31.74 18.63 -26.55
N GLY F 295 31.78 19.44 -27.62
CA GLY F 295 30.81 19.32 -28.69
C GLY F 295 29.53 20.10 -28.53
N SER F 296 29.40 20.93 -27.50
CA SER F 296 28.19 21.72 -27.33
C SER F 296 28.54 23.11 -26.83
N PHE F 297 27.61 24.03 -27.03
CA PHE F 297 27.71 25.37 -26.46
C PHE F 297 26.85 25.41 -25.20
N SER F 298 27.49 25.57 -24.06
CA SER F 298 26.81 25.55 -22.76
C SER F 298 27.68 26.34 -21.79
N TYR F 299 27.47 26.12 -20.49
CA TYR F 299 28.35 26.68 -19.48
C TYR F 299 29.50 25.72 -19.20
N LEU F 300 30.64 26.29 -18.81
CA LEU F 300 31.78 25.47 -18.38
C LEU F 300 32.68 26.33 -17.52
N LEU F 301 33.57 25.66 -16.79
CA LEU F 301 34.60 26.33 -16.01
C LEU F 301 35.79 26.66 -16.92
N GLN F 302 36.08 27.95 -17.08
CA GLN F 302 37.12 28.36 -18.00
C GLN F 302 37.73 29.67 -17.52
N ASP F 303 38.97 29.93 -17.96
CA ASP F 303 39.70 31.12 -17.55
C ASP F 303 39.45 32.26 -18.55
N GLU F 304 40.22 33.34 -18.41
CA GLU F 304 40.04 34.53 -19.24
C GLU F 304 40.24 34.24 -20.73
N ASP F 305 40.99 33.19 -21.07
CA ASP F 305 41.28 32.88 -22.46
C ASP F 305 40.37 31.80 -23.05
N GLY F 306 39.55 31.16 -22.22
CA GLY F 306 38.74 30.05 -22.67
C GLY F 306 39.33 28.67 -22.41
N GLN F 307 40.45 28.59 -21.71
CA GLN F 307 41.02 27.31 -21.34
C GLN F 307 40.24 26.69 -20.19
N THR F 308 40.17 25.36 -20.17
CA THR F 308 39.38 24.65 -19.18
C THR F 308 40.10 24.61 -17.84
N ILE F 309 39.34 24.85 -16.77
CA ILE F 309 39.87 24.90 -15.41
C ILE F 309 39.55 23.60 -14.70
N GLU F 310 40.49 23.13 -13.85
CA GLU F 310 40.24 21.97 -13.01
C GLU F 310 39.04 22.21 -12.10
N SER F 311 38.22 21.18 -11.95
CA SER F 311 37.13 21.19 -10.99
C SER F 311 37.52 20.39 -9.76
N HIS F 312 36.90 20.73 -8.63
CA HIS F 312 37.16 20.04 -7.37
C HIS F 312 35.84 19.78 -6.66
N SER F 313 35.68 18.56 -6.16
CA SER F 313 34.52 18.22 -5.33
C SER F 313 34.85 16.94 -4.58
N ILE F 314 34.22 16.77 -3.42
CA ILE F 314 34.38 15.50 -2.72
C ILE F 314 33.66 14.38 -3.46
N SER F 315 32.68 14.71 -4.31
CA SER F 315 32.00 13.71 -5.13
C SER F 315 32.69 13.61 -6.48
N ALA F 316 32.89 12.37 -6.93
CA ALA F 316 33.50 12.16 -8.23
C ALA F 316 32.52 12.43 -9.37
N GLY F 317 31.24 12.11 -9.17
CA GLY F 317 30.28 12.20 -10.26
C GLY F 317 29.92 13.62 -10.66
N LEU F 318 30.03 14.56 -9.73
CA LEU F 318 29.79 15.97 -10.04
C LEU F 318 31.06 16.70 -10.43
N ASP F 319 32.20 16.00 -10.46
CA ASP F 319 33.52 16.60 -10.72
C ASP F 319 33.75 16.66 -12.23
N TYR F 320 32.94 17.48 -12.89
CA TYR F 320 33.00 17.69 -14.33
C TYR F 320 32.91 19.18 -14.60
N PRO F 321 33.81 19.74 -15.41
CA PRO F 321 33.82 21.19 -15.61
C PRO F 321 32.74 21.72 -16.53
N GLY F 322 31.90 20.86 -17.12
CA GLY F 322 30.83 21.30 -17.98
C GLY F 322 29.44 21.01 -17.45
N VAL F 323 28.45 21.28 -18.30
CA VAL F 323 27.05 21.00 -17.98
C VAL F 323 26.28 20.95 -19.30
N GLY F 324 25.19 20.18 -19.31
CA GLY F 324 24.43 19.95 -20.52
C GLY F 324 23.75 21.19 -21.04
N PRO F 325 23.62 21.28 -22.38
CA PRO F 325 23.06 22.51 -22.97
C PRO F 325 21.58 22.72 -22.68
N GLU F 326 20.79 21.65 -22.51
CA GLU F 326 19.38 21.88 -22.21
C GLU F 326 19.20 22.55 -20.86
N HIS F 327 20.09 22.27 -19.89
CA HIS F 327 20.04 22.98 -18.62
C HIS F 327 20.39 24.46 -18.80
N ALA F 328 21.35 24.76 -19.68
CA ALA F 328 21.69 26.16 -19.94
C ALA F 328 20.48 26.92 -20.47
N TRP F 329 19.67 26.29 -21.31
CA TRP F 329 18.47 26.93 -21.84
C TRP F 329 17.40 27.07 -20.77
N LEU F 330 17.21 26.03 -19.94
CA LEU F 330 16.23 26.12 -18.87
C LEU F 330 16.62 27.16 -17.83
N LYS F 331 17.91 27.41 -17.65
CA LYS F 331 18.35 28.50 -16.78
C LYS F 331 18.06 29.85 -17.42
N GLU F 332 18.47 30.01 -18.68
CA GLU F 332 18.20 31.26 -19.39
C GLU F 332 16.72 31.60 -19.38
N ALA F 333 15.86 30.59 -19.58
CA ALA F 333 14.42 30.76 -19.62
C ALA F 333 13.78 30.89 -18.24
N GLY F 334 14.59 30.92 -17.18
CA GLY F 334 14.05 31.08 -15.84
C GLY F 334 13.21 29.92 -15.34
N ARG F 335 13.25 28.77 -16.01
CA ARG F 335 12.39 27.67 -15.60
C ARG F 335 13.02 26.85 -14.47
N VAL F 336 14.34 26.73 -14.45
CA VAL F 336 15.02 25.97 -13.41
C VAL F 336 16.02 26.88 -12.72
N ASP F 337 16.16 26.70 -11.41
CA ASP F 337 17.11 27.43 -10.58
C ASP F 337 18.26 26.49 -10.21
N TYR F 338 19.50 27.01 -10.29
CA TYR F 338 20.68 26.20 -10.03
C TYR F 338 21.47 26.81 -8.88
N ARG F 339 21.64 26.05 -7.80
CA ARG F 339 22.21 26.57 -6.57
C ARG F 339 23.36 25.69 -6.10
N PRO F 340 24.36 26.28 -5.44
CA PRO F 340 25.54 25.51 -5.00
C PRO F 340 25.37 24.85 -3.63
N ILE F 341 25.91 23.65 -3.52
CA ILE F 341 25.98 22.91 -2.26
C ILE F 341 27.43 22.49 -2.02
N THR F 342 27.96 22.84 -0.84
CA THR F 342 29.36 22.57 -0.54
C THR F 342 29.58 21.12 -0.12
N ASP F 343 30.86 20.73 -0.08
CA ASP F 343 31.23 19.41 0.43
C ASP F 343 30.65 19.17 1.82
N SER F 344 30.76 20.17 2.70
CA SER F 344 30.32 19.99 4.08
C SER F 344 28.81 19.81 4.16
N GLU F 345 28.05 20.65 3.45
CA GLU F 345 26.61 20.49 3.41
C GLU F 345 26.24 19.11 2.90
N ALA F 346 26.90 18.63 1.84
CA ALA F 346 26.57 17.34 1.27
C ALA F 346 26.93 16.20 2.22
N MET F 347 28.11 16.26 2.84
CA MET F 347 28.50 15.19 3.75
C MET F 347 27.61 15.15 4.99
N ASP F 348 27.12 16.31 5.43
CA ASP F 348 26.17 16.34 6.53
C ASP F 348 24.87 15.65 6.13
N ALA F 349 24.34 15.99 4.95
CA ALA F 349 23.15 15.32 4.45
C ALA F 349 23.40 13.83 4.26
N PHE F 350 24.58 13.46 3.75
CA PHE F 350 24.95 12.05 3.65
C PHE F 350 24.77 11.35 4.99
N GLY F 351 25.44 11.86 6.02
CA GLY F 351 25.38 11.23 7.33
C GLY F 351 23.99 11.27 7.93
N LEU F 352 23.21 12.28 7.60
CA LEU F 352 21.85 12.40 8.14
C LEU F 352 20.91 11.38 7.50
N LEU F 353 21.11 11.08 6.21
CA LEU F 353 20.26 10.10 5.56
C LEU F 353 20.60 8.67 5.99
N CYS F 354 21.86 8.43 6.37
CA CYS F 354 22.23 7.13 6.92
C CYS F 354 21.55 6.89 8.27
N ARG F 355 21.62 7.88 9.17
CA ARG F 355 21.10 7.71 10.52
C ARG F 355 19.59 7.87 10.61
N MET F 356 18.99 8.69 9.75
CA MET F 356 17.56 8.93 9.84
C MET F 356 16.73 7.89 9.09
N GLU F 357 17.15 7.54 7.86
CA GLU F 357 16.38 6.64 7.02
C GLU F 357 17.06 5.32 6.71
N GLY F 358 18.32 5.15 7.11
CA GLY F 358 19.01 3.92 6.78
C GLY F 358 19.34 3.76 5.31
N ILE F 359 19.41 4.87 4.58
CA ILE F 359 19.75 4.89 3.16
C ILE F 359 21.13 5.53 3.04
N ILE F 360 22.09 4.80 2.49
CA ILE F 360 23.43 5.34 2.27
C ILE F 360 23.47 5.96 0.87
N PRO F 361 23.39 7.27 0.75
CA PRO F 361 23.28 7.89 -0.57
C PRO F 361 24.63 8.05 -1.26
N ALA F 362 24.59 8.06 -2.58
CA ALA F 362 25.73 8.55 -3.34
C ALA F 362 26.05 9.97 -2.92
N ILE F 363 27.34 10.28 -2.80
CA ILE F 363 27.73 11.63 -2.38
C ILE F 363 27.21 12.67 -3.36
N GLU F 364 27.14 12.33 -4.65
CA GLU F 364 26.43 13.17 -5.60
C GLU F 364 25.00 13.41 -5.13
N SER F 365 24.26 12.33 -4.87
CA SER F 365 22.88 12.44 -4.44
C SER F 365 22.75 13.26 -3.16
N ALA F 366 23.73 13.14 -2.26
CA ALA F 366 23.68 13.87 -1.00
C ALA F 366 23.67 15.38 -1.20
N HIS F 367 24.26 15.86 -2.29
CA HIS F 367 24.15 17.28 -2.63
C HIS F 367 22.69 17.67 -2.84
N ALA F 368 21.91 16.78 -3.47
CA ALA F 368 20.49 17.07 -3.69
C ALA F 368 19.70 16.97 -2.40
N VAL F 369 20.05 16.01 -1.53
CA VAL F 369 19.40 15.92 -0.23
C VAL F 369 19.67 17.18 0.57
N ALA F 370 20.93 17.62 0.60
CA ALA F 370 21.28 18.83 1.33
C ALA F 370 20.48 20.02 0.84
N GLY F 371 20.36 20.17 -0.48
CA GLY F 371 19.59 21.28 -1.02
C GLY F 371 18.11 21.16 -0.66
N ALA F 372 17.59 19.93 -0.65
CA ALA F 372 16.20 19.72 -0.25
C ALA F 372 15.96 20.17 1.18
N LEU F 373 16.90 19.88 2.09
CA LEU F 373 16.77 20.30 3.48
C LEU F 373 16.72 21.82 3.58
N LYS F 374 17.63 22.50 2.87
CA LYS F 374 17.60 23.95 2.84
C LYS F 374 16.30 24.46 2.23
N LEU F 375 15.84 23.81 1.15
CA LEU F 375 14.60 24.22 0.52
C LEU F 375 13.40 23.94 1.42
N GLY F 376 13.50 22.91 2.27
CA GLY F 376 12.40 22.62 3.17
C GLY F 376 12.23 23.70 4.23
N VAL F 377 13.32 24.11 4.86
CA VAL F 377 13.26 25.24 5.79
C VAL F 377 12.68 26.45 5.08
N GLU F 378 13.01 26.62 3.80
CA GLU F 378 12.59 27.79 3.04
C GLU F 378 11.10 27.75 2.70
N LEU F 379 10.58 26.58 2.31
CA LEU F 379 9.18 26.46 1.89
C LEU F 379 8.22 26.18 3.03
N GLY F 380 8.68 25.63 4.15
CA GLY F 380 7.87 25.52 5.35
C GLY F 380 7.18 24.19 5.48
N ARG F 381 6.43 24.07 6.59
CA ARG F 381 5.80 22.82 6.97
C ARG F 381 4.79 22.36 5.93
N GLY F 382 4.74 21.04 5.71
CA GLY F 382 3.80 20.44 4.78
C GLY F 382 4.16 20.54 3.31
N ALA F 383 5.17 21.35 2.94
CA ALA F 383 5.56 21.45 1.55
C ALA F 383 6.12 20.12 1.05
N VAL F 384 5.72 19.74 -0.15
CA VAL F 384 6.13 18.47 -0.75
C VAL F 384 7.29 18.73 -1.70
N ILE F 385 8.44 18.12 -1.41
CA ILE F 385 9.65 18.26 -2.20
C ILE F 385 10.06 16.88 -2.67
N VAL F 386 10.12 16.68 -3.99
CA VAL F 386 10.56 15.42 -4.55
C VAL F 386 12.04 15.52 -4.91
N VAL F 387 12.83 14.59 -4.40
CA VAL F 387 14.29 14.60 -4.52
C VAL F 387 14.73 13.37 -5.29
N ASN F 388 15.52 13.58 -6.35
CA ASN F 388 16.06 12.46 -7.12
C ASN F 388 17.24 11.87 -6.36
N LEU F 389 17.03 10.69 -5.77
CA LEU F 389 18.14 9.96 -5.13
C LEU F 389 18.85 9.16 -6.22
N SER F 390 19.84 9.81 -6.85
CA SER F 390 20.36 9.33 -8.13
C SER F 390 21.22 8.09 -8.00
N GLY F 391 21.76 7.78 -6.83
CA GLY F 391 22.54 6.57 -6.70
C GLY F 391 22.77 6.18 -5.25
N ARG F 392 23.21 4.93 -5.07
CA ARG F 392 23.57 4.46 -3.75
C ARG F 392 25.01 4.84 -3.42
N GLY F 393 25.32 4.82 -2.13
CA GLY F 393 26.59 5.31 -1.65
C GLY F 393 27.53 4.23 -1.18
N ASP F 394 27.30 2.99 -1.60
CA ASP F 394 28.25 1.92 -1.33
C ASP F 394 29.64 2.30 -1.81
N LYS F 395 29.73 2.86 -3.02
CA LYS F 395 31.00 3.29 -3.59
C LYS F 395 31.66 4.40 -2.79
N ASP F 396 30.95 5.03 -1.86
CA ASP F 396 31.45 6.20 -1.15
C ASP F 396 31.71 5.91 0.32
N VAL F 397 31.59 4.67 0.77
CA VAL F 397 31.67 4.37 2.20
C VAL F 397 33.04 4.77 2.74
N GLU F 398 34.12 4.44 2.02
CA GLU F 398 35.44 4.78 2.50
C GLU F 398 35.64 6.29 2.58
N THR F 399 35.18 7.03 1.56
CA THR F 399 35.28 8.48 1.59
C THR F 399 34.53 9.07 2.78
N ALA F 400 33.31 8.60 3.03
CA ALA F 400 32.52 9.14 4.13
C ALA F 400 33.07 8.73 5.49
N ALA F 401 33.62 7.52 5.58
CA ALA F 401 34.18 7.09 6.85
C ALA F 401 35.41 7.92 7.23
N LYS F 402 36.24 8.26 6.24
CA LYS F 402 37.37 9.13 6.53
C LYS F 402 36.91 10.53 6.90
N TRP F 403 35.81 10.98 6.30
CA TRP F 403 35.30 12.32 6.59
C TRP F 403 34.81 12.41 8.03
N PHE F 404 34.04 11.42 8.49
CA PHE F 404 33.52 11.42 9.85
C PHE F 404 34.45 10.74 10.84
N GLY F 405 35.67 10.39 10.42
CA GLY F 405 36.66 9.84 11.34
C GLY F 405 36.33 8.46 11.88
N LEU F 406 35.75 7.60 11.06
CA LEU F 406 35.45 6.24 11.46
C LEU F 406 36.52 5.24 11.06
N LEU F 407 37.50 5.66 10.25
CA LEU F 407 38.60 4.80 9.86
C LEU F 407 39.93 5.33 10.39
N GLU G 8 -30.77 10.68 69.03
CA GLU G 8 -30.66 9.24 69.26
C GLU G 8 -31.74 8.47 68.50
N ALA G 9 -33.00 8.74 68.85
CA ALA G 9 -34.13 8.11 68.18
C ALA G 9 -34.43 8.82 66.86
N SER G 10 -35.15 8.11 65.98
CA SER G 10 -35.53 8.71 64.71
C SER G 10 -36.69 9.67 64.90
N ARG G 11 -36.90 10.51 63.89
CA ARG G 11 -37.99 11.49 63.95
C ARG G 11 -39.36 10.82 63.83
N LEU G 12 -39.48 9.84 62.95
CA LEU G 12 -40.72 9.09 62.79
C LEU G 12 -40.90 7.99 63.83
N GLY G 13 -39.90 7.79 64.69
CA GLY G 13 -39.98 6.84 65.77
C GLY G 13 -41.23 6.98 66.62
N PRO G 14 -41.49 8.19 67.14
CA PRO G 14 -42.74 8.39 67.91
C PRO G 14 -44.00 8.01 67.14
N VAL G 15 -44.03 8.26 65.83
CA VAL G 15 -45.23 7.97 65.05
C VAL G 15 -45.50 6.47 64.99
N PHE G 16 -44.45 5.68 64.72
CA PHE G 16 -44.64 4.23 64.69
C PHE G 16 -44.84 3.66 66.08
N ASP G 17 -44.28 4.30 67.11
CA ASP G 17 -44.54 3.88 68.47
C ASP G 17 -46.01 4.04 68.81
N SER G 18 -46.57 5.21 68.48
CA SER G 18 -48.00 5.45 68.73
C SER G 18 -48.87 4.47 67.95
N CYS G 19 -48.39 3.95 66.83
CA CYS G 19 -49.18 3.04 66.01
C CYS G 19 -49.19 1.63 66.58
N ARG G 20 -48.05 1.15 67.07
CA ARG G 20 -48.02 -0.17 67.70
C ARG G 20 -48.83 -0.17 69.00
N ALA G 21 -48.77 0.93 69.76
CA ALA G 21 -49.52 1.04 71.00
C ALA G 21 -51.04 1.09 70.76
N ASN G 22 -51.48 1.32 69.52
CA ASN G 22 -52.90 1.33 69.19
C ASN G 22 -53.28 0.21 68.23
N ASN G 23 -52.45 -0.84 68.15
CA ASN G 23 -52.76 -2.06 67.39
C ASN G 23 -53.17 -1.74 65.95
N ARG G 24 -52.30 -0.99 65.26
CA ARG G 24 -52.56 -0.61 63.89
C ARG G 24 -51.24 -0.24 63.23
N ALA G 25 -51.21 -0.39 61.91
CA ALA G 25 -50.08 0.09 61.13
C ALA G 25 -50.27 1.57 60.78
N ALA G 26 -49.19 2.20 60.32
CA ALA G 26 -49.24 3.61 59.96
C ALA G 26 -49.76 3.76 58.53
N LEU G 27 -50.58 4.79 58.31
CA LEU G 27 -51.08 5.14 56.99
C LEU G 27 -50.18 6.22 56.41
N ILE G 28 -49.40 5.87 55.39
CA ILE G 28 -48.42 6.75 54.78
C ILE G 28 -48.94 7.11 53.40
N GLY G 29 -49.32 8.38 53.22
CA GLY G 29 -49.95 8.85 52.00
C GLY G 29 -48.99 9.72 51.19
N TYR G 30 -48.96 9.49 49.88
CA TYR G 30 -48.13 10.23 48.95
C TYR G 30 -49.00 11.10 48.04
N LEU G 31 -48.52 12.31 47.75
CA LEU G 31 -49.08 13.17 46.73
C LEU G 31 -47.95 13.96 46.11
N PRO G 32 -48.02 14.30 44.82
CA PRO G 32 -47.01 15.18 44.22
C PRO G 32 -47.39 16.65 44.32
N THR G 33 -46.38 17.47 44.63
CA THR G 33 -46.60 18.90 44.71
C THR G 33 -47.04 19.44 43.35
N GLY G 34 -48.00 20.36 43.38
CA GLY G 34 -48.40 21.03 42.16
C GLY G 34 -49.36 20.28 41.27
N TYR G 35 -49.97 19.19 41.74
CA TYR G 35 -51.01 18.56 40.95
C TYR G 35 -52.35 18.69 41.64
N PRO G 36 -53.40 19.21 40.98
CA PRO G 36 -53.37 19.74 39.60
C PRO G 36 -52.73 21.12 39.50
N ASP G 37 -52.55 21.77 40.65
CA ASP G 37 -51.74 22.97 40.77
C ASP G 37 -51.24 23.05 42.20
N VAL G 38 -50.34 24.01 42.46
CA VAL G 38 -49.72 24.10 43.79
C VAL G 38 -50.74 24.33 44.90
N PRO G 39 -51.63 25.34 44.82
CA PRO G 39 -52.61 25.51 45.90
C PRO G 39 -53.52 24.31 46.10
N ALA G 40 -53.98 23.70 45.01
CA ALA G 40 -54.84 22.53 45.13
C ALA G 40 -54.11 21.36 45.79
N SER G 41 -52.84 21.16 45.42
CA SER G 41 -52.08 20.06 46.01
C SER G 41 -51.87 20.27 47.51
N VAL G 42 -51.61 21.51 47.93
CA VAL G 42 -51.49 21.78 49.35
C VAL G 42 -52.83 21.57 50.05
N ALA G 43 -53.93 21.98 49.40
CA ALA G 43 -55.25 21.71 49.95
C ALA G 43 -55.48 20.22 50.12
N ALA G 44 -54.99 19.41 49.16
CA ALA G 44 -55.17 17.97 49.23
C ALA G 44 -54.27 17.36 50.30
N MET G 45 -53.05 17.87 50.43
CA MET G 45 -52.16 17.34 51.46
C MET G 45 -52.66 17.68 52.86
N THR G 46 -53.23 18.88 53.02
CA THR G 46 -53.89 19.20 54.28
C THR G 46 -55.08 18.28 54.52
N ALA G 47 -55.83 17.95 53.47
CA ALA G 47 -56.96 17.04 53.61
C ALA G 47 -56.52 15.65 54.03
N LEU G 48 -55.33 15.21 53.61
CA LEU G 48 -54.82 13.91 54.05
C LEU G 48 -54.58 13.91 55.56
N VAL G 49 -54.04 15.01 56.09
CA VAL G 49 -53.81 15.10 57.53
C VAL G 49 -55.14 15.05 58.28
N GLU G 50 -56.16 15.72 57.75
CA GLU G 50 -57.46 15.71 58.40
C GLU G 50 -58.13 14.34 58.28
N SER G 51 -58.02 13.70 57.12
CA SER G 51 -58.69 12.43 56.86
C SER G 51 -58.00 11.23 57.49
N GLY G 52 -56.95 11.42 58.28
CA GLY G 52 -56.35 10.36 59.05
C GLY G 52 -55.06 9.77 58.53
N CYS G 53 -54.23 10.55 57.84
CA CYS G 53 -52.93 10.07 57.39
C CYS G 53 -51.88 10.27 58.46
N ASP G 54 -51.12 9.22 58.75
CA ASP G 54 -50.11 9.30 59.80
C ASP G 54 -48.85 9.99 59.31
N ILE G 55 -48.42 9.70 58.09
CA ILE G 55 -47.23 10.32 57.49
C ILE G 55 -47.57 10.70 56.06
N ILE G 56 -47.18 11.91 55.65
CA ILE G 56 -47.41 12.41 54.30
C ILE G 56 -46.10 12.33 53.52
N GLU G 57 -46.17 11.77 52.31
CA GLU G 57 -45.03 11.78 51.39
C GLU G 57 -45.27 12.91 50.39
N VAL G 58 -44.57 14.02 50.59
CA VAL G 58 -44.64 15.13 49.64
C VAL G 58 -43.68 14.81 48.49
N GLY G 59 -44.22 14.61 47.29
CA GLY G 59 -43.43 14.23 46.15
C GLY G 59 -42.94 15.44 45.38
N VAL G 60 -41.66 15.41 45.01
CA VAL G 60 -41.06 16.45 44.17
C VAL G 60 -41.20 16.00 42.72
N PRO G 61 -42.04 16.65 41.92
CA PRO G 61 -42.18 16.25 40.51
C PRO G 61 -40.85 16.33 39.78
N TYR G 62 -40.49 15.25 39.10
CA TYR G 62 -39.24 15.16 38.36
C TYR G 62 -39.52 14.87 36.89
N SER G 63 -38.69 15.43 36.02
CA SER G 63 -38.93 15.33 34.58
C SER G 63 -38.74 13.92 34.04
N ASP G 64 -38.03 13.04 34.74
CA ASP G 64 -37.78 11.68 34.27
C ASP G 64 -37.89 10.70 35.43
N PRO G 65 -39.10 10.50 35.96
CA PRO G 65 -39.27 9.62 37.13
C PRO G 65 -39.24 8.15 36.76
N GLY G 66 -38.05 7.54 36.77
CA GLY G 66 -37.91 6.17 36.31
C GLY G 66 -38.68 5.16 37.14
N MET G 67 -38.81 5.41 38.45
CA MET G 67 -39.43 4.45 39.35
C MET G 67 -40.91 4.68 39.58
N ASP G 68 -41.52 5.66 38.90
CA ASP G 68 -42.92 5.98 39.11
C ASP G 68 -43.77 5.38 38.00
N GLY G 69 -44.96 4.88 38.39
CA GLY G 69 -45.89 4.33 37.45
C GLY G 69 -46.60 5.42 36.66
N PRO G 70 -47.53 5.01 35.80
CA PRO G 70 -48.16 5.98 34.90
C PRO G 70 -49.07 6.98 35.60
N THR G 71 -49.76 6.56 36.67
CA THR G 71 -50.67 7.49 37.34
C THR G 71 -49.90 8.62 38.03
N ILE G 72 -48.79 8.31 38.66
CA ILE G 72 -48.02 9.35 39.31
C ILE G 72 -47.15 10.11 38.30
N ALA G 73 -46.64 9.44 37.27
CA ALA G 73 -45.81 10.12 36.28
C ALA G 73 -46.62 11.13 35.48
N ARG G 74 -47.85 10.79 35.11
CA ARG G 74 -48.69 11.73 34.38
C ARG G 74 -49.11 12.91 35.25
N ALA G 75 -49.24 12.69 36.56
CA ALA G 75 -49.56 13.80 37.45
C ALA G 75 -48.38 14.75 37.59
N THR G 76 -47.17 14.21 37.74
CA THR G 76 -46.00 15.08 37.86
C THR G 76 -45.64 15.72 36.52
N GLU G 77 -46.00 15.08 35.40
CA GLU G 77 -45.93 15.75 34.11
C GLU G 77 -46.86 16.95 34.07
N ALA G 78 -48.10 16.78 34.56
CA ALA G 78 -49.05 17.89 34.61
C ALA G 78 -48.57 18.97 35.55
N ALA G 79 -48.02 18.59 36.71
CA ALA G 79 -47.52 19.57 37.67
C ALA G 79 -46.37 20.38 37.09
N LEU G 80 -45.42 19.70 36.43
CA LEU G 80 -44.31 20.41 35.80
C LEU G 80 -44.80 21.31 34.68
N ARG G 81 -45.78 20.82 33.90
CA ARG G 81 -46.39 21.66 32.87
C ARG G 81 -47.02 22.91 33.46
N GLY G 82 -47.56 22.81 34.68
CA GLY G 82 -48.08 23.93 35.43
C GLY G 82 -47.03 24.86 36.01
N GLY G 83 -45.75 24.51 35.91
CA GLY G 83 -44.69 25.38 36.38
C GLY G 83 -44.25 25.15 37.81
N VAL G 84 -44.49 23.95 38.37
CA VAL G 84 -44.13 23.71 39.76
C VAL G 84 -42.62 23.83 39.94
N ARG G 85 -42.21 24.38 41.07
CA ARG G 85 -40.80 24.50 41.41
C ARG G 85 -40.52 23.67 42.66
N VAL G 86 -39.23 23.40 42.89
CA VAL G 86 -38.83 22.61 44.05
C VAL G 86 -39.17 23.35 45.34
N ARG G 87 -39.06 24.67 45.33
CA ARG G 87 -39.42 25.45 46.52
C ARG G 87 -40.89 25.27 46.89
N ASP G 88 -41.74 24.95 45.91
CA ASP G 88 -43.15 24.70 46.21
C ASP G 88 -43.33 23.49 47.11
N THR G 89 -42.43 22.50 47.00
CA THR G 89 -42.50 21.33 47.86
C THR G 89 -42.21 21.70 49.32
N LEU G 90 -41.28 22.63 49.53
CA LEU G 90 -40.97 23.05 50.90
C LEU G 90 -42.10 23.87 51.50
N ALA G 91 -42.82 24.66 50.69
CA ALA G 91 -43.98 25.37 51.19
C ALA G 91 -45.08 24.40 51.62
N ALA G 92 -45.24 23.30 50.87
CA ALA G 92 -46.24 22.30 51.24
C ALA G 92 -45.86 21.60 52.55
N VAL G 93 -44.59 21.23 52.70
CA VAL G 93 -44.12 20.63 53.95
C VAL G 93 -44.39 21.55 55.11
N GLU G 94 -44.24 22.86 54.90
CA GLU G 94 -44.53 23.82 55.95
C GLU G 94 -46.03 23.85 56.28
N ALA G 95 -46.88 23.77 55.26
CA ALA G 95 -48.32 23.81 55.50
C ALA G 95 -48.78 22.55 56.21
N ILE G 96 -48.29 21.39 55.79
CA ILE G 96 -48.63 20.15 56.49
C ILE G 96 -48.20 20.22 57.94
N SER G 97 -47.01 20.78 58.20
CA SER G 97 -46.51 20.87 59.56
C SER G 97 -47.40 21.75 60.42
N ILE G 98 -47.79 22.92 59.90
CA ILE G 98 -48.63 23.85 60.65
C ILE G 98 -50.00 23.24 60.93
N ALA G 99 -50.49 22.42 60.03
CA ALA G 99 -51.76 21.70 60.23
C ALA G 99 -51.60 20.50 61.16
N GLY G 100 -50.45 20.34 61.81
CA GLY G 100 -50.23 19.23 62.70
C GLY G 100 -49.82 17.94 62.03
N GLY G 101 -49.72 17.91 60.70
CA GLY G 101 -49.33 16.71 60.00
C GLY G 101 -47.84 16.44 60.11
N ARG G 102 -47.46 15.25 59.65
CA ARG G 102 -46.08 14.77 59.70
C ARG G 102 -45.63 14.41 58.29
N ALA G 103 -44.69 15.18 57.76
CA ALA G 103 -44.37 15.17 56.33
C ALA G 103 -42.92 14.74 56.10
N VAL G 104 -42.72 13.77 55.21
CA VAL G 104 -41.43 13.48 54.62
C VAL G 104 -41.53 13.79 53.13
N VAL G 105 -40.38 14.08 52.52
CA VAL G 105 -40.31 14.39 51.10
C VAL G 105 -39.75 13.18 50.37
N MET G 106 -40.40 12.82 49.26
CA MET G 106 -39.87 11.82 48.34
C MET G 106 -39.44 12.54 47.06
N THR G 107 -38.22 12.27 46.62
CA THR G 107 -37.65 12.98 45.48
C THR G 107 -36.54 12.14 44.87
N TYR G 108 -36.37 12.30 43.56
CA TYR G 108 -35.18 11.81 42.89
C TYR G 108 -33.99 12.70 43.26
N TRP G 109 -32.78 12.21 43.00
CA TRP G 109 -31.63 12.84 43.64
C TRP G 109 -31.12 14.07 42.89
N ASN G 110 -31.32 14.17 41.58
CA ASN G 110 -30.76 15.31 40.86
C ASN G 110 -31.36 16.65 41.29
N PRO G 111 -32.66 16.79 41.55
CA PRO G 111 -33.15 18.07 42.08
C PRO G 111 -32.50 18.43 43.41
N VAL G 112 -32.08 17.44 44.19
CA VAL G 112 -31.38 17.71 45.44
C VAL G 112 -29.96 18.15 45.18
N LEU G 113 -29.27 17.50 44.23
CA LEU G 113 -27.94 17.97 43.84
C LEU G 113 -27.99 19.39 43.30
N ARG G 114 -29.01 19.69 42.50
CA ARG G 114 -29.15 21.04 41.95
C ARG G 114 -29.41 22.07 43.04
N TYR G 115 -30.18 21.69 44.06
CA TYR G 115 -30.48 22.59 45.17
C TYR G 115 -29.26 22.75 46.08
N GLY G 116 -28.51 21.66 46.27
CA GLY G 116 -27.49 21.58 47.30
C GLY G 116 -27.97 20.66 48.40
N VAL G 117 -27.29 19.53 48.60
CA VAL G 117 -27.78 18.52 49.54
C VAL G 117 -27.88 19.10 50.94
N ASP G 118 -26.83 19.76 51.40
CA ASP G 118 -26.88 20.33 52.75
C ASP G 118 -27.88 21.48 52.84
N ALA G 119 -28.03 22.25 51.76
CA ALA G 119 -29.01 23.33 51.77
C ALA G 119 -30.44 22.79 51.73
N PHE G 120 -30.65 21.73 50.96
CA PHE G 120 -31.99 21.13 50.92
C PHE G 120 -32.36 20.52 52.27
N ALA G 121 -31.43 19.80 52.89
CA ALA G 121 -31.69 19.25 54.22
C ALA G 121 -31.98 20.36 55.22
N ARG G 122 -31.20 21.44 55.18
CA ARG G 122 -31.41 22.56 56.08
C ARG G 122 -32.80 23.15 55.91
N ASP G 123 -33.16 23.50 54.67
CA ASP G 123 -34.45 24.14 54.42
C ASP G 123 -35.62 23.17 54.60
N LEU G 124 -35.38 21.88 54.36
CA LEU G 124 -36.42 20.89 54.65
C LEU G 124 -36.63 20.76 56.15
N ALA G 125 -35.54 20.69 56.92
CA ALA G 125 -35.65 20.67 58.38
C ALA G 125 -36.36 21.92 58.88
N ALA G 126 -36.01 23.09 58.33
CA ALA G 126 -36.61 24.34 58.76
C ALA G 126 -38.09 24.44 58.43
N ALA G 127 -38.58 23.65 57.48
CA ALA G 127 -39.99 23.66 57.12
C ALA G 127 -40.83 22.70 57.97
N GLY G 128 -40.20 21.92 58.85
CA GLY G 128 -40.89 20.91 59.62
C GLY G 128 -40.81 19.52 59.04
N GLY G 129 -40.16 19.34 57.89
CA GLY G 129 -40.03 18.03 57.32
C GLY G 129 -39.26 17.09 58.23
N LEU G 130 -39.64 15.82 58.19
CA LEU G 130 -39.09 14.84 59.11
C LEU G 130 -38.12 13.86 58.47
N GLY G 131 -38.17 13.69 57.15
CA GLY G 131 -37.30 12.71 56.53
C GLY G 131 -37.31 12.82 55.02
N LEU G 132 -36.49 11.99 54.39
CA LEU G 132 -36.31 12.01 52.95
C LEU G 132 -36.33 10.58 52.43
N ILE G 133 -37.21 10.31 51.47
CA ILE G 133 -37.24 9.03 50.77
C ILE G 133 -36.52 9.21 49.44
N THR G 134 -35.54 8.34 49.16
CA THR G 134 -34.59 8.55 48.08
C THR G 134 -34.59 7.34 47.14
N PRO G 135 -35.57 7.25 46.23
CA PRO G 135 -35.69 6.04 45.39
C PRO G 135 -34.52 5.79 44.44
N ASP G 136 -33.81 6.82 43.98
CA ASP G 136 -32.66 6.57 43.10
C ASP G 136 -31.33 6.93 43.75
N LEU G 137 -31.28 6.98 45.08
CA LEU G 137 -30.03 7.13 45.82
C LEU G 137 -29.84 5.90 46.68
N ILE G 138 -28.82 5.10 46.37
CA ILE G 138 -28.43 3.96 47.19
C ILE G 138 -27.41 4.44 48.21
N PRO G 139 -27.23 3.73 49.34
CA PRO G 139 -26.23 4.19 50.32
C PRO G 139 -24.84 4.34 49.73
N ASP G 140 -24.51 3.55 48.71
CA ASP G 140 -23.20 3.63 48.05
C ASP G 140 -22.89 5.05 47.57
N GLU G 141 -23.90 5.83 47.23
CA GLU G 141 -23.70 7.20 46.74
C GLU G 141 -24.22 8.24 47.73
N ALA G 142 -24.40 7.87 49.00
CA ALA G 142 -25.11 8.72 49.96
C ALA G 142 -24.19 9.35 50.99
N GLN G 143 -22.92 9.57 50.65
CA GLN G 143 -21.99 10.20 51.58
C GLN G 143 -22.47 11.57 52.00
N GLN G 144 -22.69 12.47 51.02
CA GLN G 144 -23.19 13.80 51.32
C GLN G 144 -24.53 13.75 52.04
N TRP G 145 -25.41 12.83 51.63
CA TRP G 145 -26.73 12.75 52.24
C TRP G 145 -26.65 12.28 53.70
N LEU G 146 -25.83 11.27 53.98
CA LEU G 146 -25.67 10.80 55.35
C LEU G 146 -25.18 11.92 56.26
N ALA G 147 -24.24 12.73 55.79
CA ALA G 147 -23.73 13.84 56.60
C ALA G 147 -24.83 14.85 56.88
N ALA G 148 -25.55 15.28 55.85
CA ALA G 148 -26.63 16.25 56.04
C ALA G 148 -27.77 15.66 56.86
N SER G 149 -28.04 14.37 56.71
CA SER G 149 -29.12 13.73 57.46
C SER G 149 -28.84 13.77 58.97
N GLU G 150 -27.57 13.64 59.36
CA GLU G 150 -27.22 13.73 60.77
C GLU G 150 -27.19 15.18 61.22
N GLU G 151 -26.54 16.05 60.45
CA GLU G 151 -26.43 17.46 60.83
C GLU G 151 -27.79 18.10 61.09
N HIS G 152 -28.79 17.77 60.27
CA HIS G 152 -30.09 18.42 60.35
C HIS G 152 -31.16 17.53 60.95
N ARG G 153 -30.79 16.34 61.42
CA ARG G 153 -31.69 15.45 62.17
C ARG G 153 -32.92 15.08 61.35
N LEU G 154 -32.66 14.52 60.17
CA LEU G 154 -33.70 14.04 59.28
C LEU G 154 -33.55 12.54 59.09
N ASP G 155 -34.68 11.84 58.99
CA ASP G 155 -34.64 10.42 58.72
C ASP G 155 -34.26 10.17 57.26
N ARG G 156 -33.55 9.08 57.02
CA ARG G 156 -33.17 8.68 55.68
C ARG G 156 -33.85 7.35 55.37
N ILE G 157 -34.86 7.41 54.52
CA ILE G 157 -35.66 6.24 54.17
C ILE G 157 -35.15 5.73 52.83
N PHE G 158 -34.27 4.73 52.88
CA PHE G 158 -33.81 4.05 51.68
C PHE G 158 -34.81 2.96 51.29
N LEU G 159 -34.63 2.43 50.08
CA LEU G 159 -35.49 1.38 49.57
C LEU G 159 -34.75 0.06 49.51
N VAL G 160 -35.48 -1.02 49.77
CA VAL G 160 -35.03 -2.38 49.47
C VAL G 160 -35.96 -2.95 48.42
N ALA G 161 -35.58 -4.10 47.87
CA ALA G 161 -36.33 -4.72 46.80
C ALA G 161 -36.37 -6.22 47.02
N PRO G 162 -37.32 -6.91 46.40
CA PRO G 162 -37.31 -8.38 46.46
C PRO G 162 -36.02 -8.99 45.94
N SER G 163 -35.35 -8.32 44.99
CA SER G 163 -34.12 -8.82 44.41
C SER G 163 -32.86 -8.41 45.17
N SER G 164 -33.00 -7.64 46.26
CA SER G 164 -31.84 -7.18 47.01
C SER G 164 -31.07 -8.37 47.58
N THR G 165 -29.75 -8.33 47.44
CA THR G 165 -28.92 -9.39 47.98
C THR G 165 -28.88 -9.29 49.51
N PRO G 166 -28.58 -10.39 50.20
CA PRO G 166 -28.45 -10.33 51.67
C PRO G 166 -27.50 -9.24 52.15
N GLU G 167 -26.32 -9.12 51.54
CA GLU G 167 -25.37 -8.09 51.96
C GLU G 167 -25.94 -6.70 51.70
N ARG G 168 -26.59 -6.50 50.55
CA ARG G 168 -27.09 -5.18 50.22
C ARG G 168 -28.31 -4.81 51.06
N LEU G 169 -29.16 -5.79 51.38
CA LEU G 169 -30.32 -5.51 52.21
C LEU G 169 -29.90 -5.10 53.61
N ALA G 170 -28.96 -5.84 54.21
CA ALA G 170 -28.47 -5.50 55.54
C ALA G 170 -27.83 -4.12 55.54
N ALA G 171 -26.97 -3.85 54.56
CA ALA G 171 -26.33 -2.54 54.47
C ALA G 171 -27.35 -1.42 54.26
N THR G 172 -28.36 -1.67 53.43
CA THR G 172 -29.38 -0.65 53.19
C THR G 172 -30.24 -0.44 54.43
N VAL G 173 -30.66 -1.52 55.08
CA VAL G 173 -31.41 -1.40 56.33
C VAL G 173 -30.58 -0.66 57.38
N GLU G 174 -29.28 -0.96 57.45
CA GLU G 174 -28.41 -0.34 58.44
C GLU G 174 -28.26 1.16 58.20
N ALA G 175 -28.22 1.57 56.93
CA ALA G 175 -28.10 2.99 56.61
C ALA G 175 -29.42 3.74 56.73
N SER G 176 -30.54 3.04 56.90
CA SER G 176 -31.83 3.70 56.98
C SER G 176 -32.11 4.17 58.39
N ARG G 177 -32.97 5.19 58.47
CA ARG G 177 -33.42 5.79 59.73
C ARG G 177 -34.86 6.21 59.53
N GLY G 178 -35.67 6.01 60.56
CA GLY G 178 -37.09 6.29 60.45
C GLY G 178 -37.89 5.07 60.04
N PHE G 179 -37.79 4.67 58.77
CA PHE G 179 -38.28 3.38 58.32
C PHE G 179 -37.62 3.02 57.00
N VAL G 180 -37.86 1.78 56.57
CA VAL G 180 -37.35 1.26 55.31
C VAL G 180 -38.51 1.07 54.36
N TYR G 181 -38.41 1.67 53.17
CA TYR G 181 -39.43 1.52 52.14
C TYR G 181 -39.17 0.21 51.40
N ALA G 182 -40.07 -0.75 51.59
CA ALA G 182 -40.03 -2.01 50.83
C ALA G 182 -40.97 -1.87 49.64
N ALA G 183 -40.39 -1.78 48.44
CA ALA G 183 -41.15 -1.53 47.22
C ALA G 183 -41.23 -2.79 46.37
N SER G 184 -42.43 -3.07 45.84
CA SER G 184 -42.69 -4.22 44.98
C SER G 184 -43.80 -3.83 43.99
N THR G 185 -43.48 -2.91 43.09
CA THR G 185 -44.46 -2.44 42.10
C THR G 185 -43.89 -2.46 40.69
N SER G 196 -47.09 -11.87 44.80
CA SER G 196 -48.14 -11.92 45.82
C SER G 196 -47.53 -12.17 47.19
N GLN G 197 -46.53 -13.04 47.21
CA GLN G 197 -45.80 -13.39 48.44
C GLN G 197 -44.48 -12.63 48.57
N ALA G 198 -44.15 -11.76 47.61
CA ALA G 198 -42.86 -11.08 47.63
C ALA G 198 -42.80 -10.03 48.74
N ALA G 199 -43.87 -9.25 48.90
CA ALA G 199 -43.86 -8.18 49.89
C ALA G 199 -43.74 -8.69 51.32
N PRO G 200 -44.51 -9.68 51.78
CA PRO G 200 -44.30 -10.16 53.16
C PRO G 200 -42.93 -10.79 53.37
N GLU G 201 -42.41 -11.50 52.36
CA GLU G 201 -41.08 -12.09 52.48
C GLU G 201 -40.00 -11.02 52.60
N LEU G 202 -40.15 -9.93 51.84
CA LEU G 202 -39.20 -8.83 51.95
C LEU G 202 -39.20 -8.24 53.35
N VAL G 203 -40.39 -8.00 53.90
CA VAL G 203 -40.50 -7.49 55.27
C VAL G 203 -39.91 -8.49 56.26
N GLY G 204 -40.08 -9.79 56.00
CA GLY G 204 -39.47 -10.80 56.84
C GLY G 204 -37.96 -10.73 56.81
N ARG G 205 -37.39 -10.53 55.62
CA ARG G 205 -35.94 -10.42 55.50
C ARG G 205 -35.40 -9.19 56.23
N VAL G 206 -36.15 -8.10 56.24
CA VAL G 206 -35.69 -6.91 56.95
C VAL G 206 -35.76 -7.12 58.46
N LYS G 207 -36.91 -7.63 58.94
CA LYS G 207 -37.07 -7.80 60.37
C LYS G 207 -36.15 -8.87 60.94
N ALA G 208 -35.56 -9.71 60.10
CA ALA G 208 -34.58 -10.69 60.56
C ALA G 208 -33.21 -10.07 60.85
N VAL G 209 -32.99 -8.80 60.50
CA VAL G 209 -31.70 -8.18 60.69
C VAL G 209 -31.82 -6.86 61.45
N SER G 210 -33.05 -6.36 61.59
CA SER G 210 -33.24 -5.09 62.27
C SER G 210 -34.68 -4.97 62.74
N ASP G 211 -34.89 -4.07 63.70
CA ASP G 211 -36.21 -3.74 64.24
C ASP G 211 -36.74 -2.41 63.69
N ILE G 212 -36.07 -1.82 62.71
CA ILE G 212 -36.56 -0.57 62.13
C ILE G 212 -37.93 -0.81 61.52
N PRO G 213 -38.87 0.14 61.61
CA PRO G 213 -40.16 -0.05 60.95
C PRO G 213 -39.99 -0.25 59.45
N VAL G 214 -40.97 -0.92 58.85
CA VAL G 214 -40.95 -1.25 57.43
C VAL G 214 -42.25 -0.73 56.81
N GLY G 215 -42.12 0.11 55.80
CA GLY G 215 -43.26 0.54 55.00
C GLY G 215 -43.36 -0.33 53.75
N VAL G 216 -44.58 -0.51 53.26
CA VAL G 216 -44.85 -1.35 52.11
C VAL G 216 -45.74 -0.60 51.13
N GLY G 217 -45.34 -0.58 49.85
CA GLY G 217 -46.15 -0.03 48.79
C GLY G 217 -46.46 -1.07 47.73
N LEU G 218 -47.74 -1.41 47.57
CA LEU G 218 -48.17 -2.45 46.65
C LEU G 218 -49.27 -1.94 45.72
N GLY G 219 -49.34 -0.64 45.50
CA GLY G 219 -50.49 -0.11 44.77
C GLY G 219 -51.79 -0.33 45.52
N VAL G 220 -51.80 -0.09 46.83
CA VAL G 220 -53.02 -0.21 47.61
C VAL G 220 -54.07 0.73 47.06
N ARG G 221 -55.29 0.23 46.88
CA ARG G 221 -56.39 1.06 46.45
C ARG G 221 -57.68 0.81 47.23
N SER G 222 -57.69 -0.11 48.19
CA SER G 222 -58.91 -0.46 48.89
C SER G 222 -58.65 -0.55 50.39
N ARG G 223 -59.75 -0.64 51.13
CA ARG G 223 -59.69 -0.84 52.58
C ARG G 223 -59.15 -2.23 52.91
N ALA G 224 -59.52 -3.23 52.11
CA ALA G 224 -59.08 -4.60 52.38
C ALA G 224 -57.60 -4.76 52.09
N GLN G 225 -57.11 -4.12 51.03
CA GLN G 225 -55.68 -4.22 50.71
C GLN G 225 -54.83 -3.58 51.79
N ALA G 226 -55.32 -2.50 52.41
CA ALA G 226 -54.58 -1.89 53.52
C ALA G 226 -54.52 -2.82 54.71
N ALA G 227 -55.61 -3.53 55.00
CA ALA G 227 -55.63 -4.44 56.14
C ALA G 227 -54.71 -5.64 55.91
N GLN G 228 -54.69 -6.17 54.69
CA GLN G 228 -53.79 -7.28 54.39
C GLN G 228 -52.34 -6.94 54.69
N ILE G 229 -51.95 -5.70 54.40
CA ILE G 229 -50.56 -5.27 54.57
C ILE G 229 -50.28 -4.90 56.03
N ALA G 230 -51.26 -4.31 56.72
CA ALA G 230 -51.09 -4.02 58.14
C ALA G 230 -50.90 -5.27 58.98
N GLN G 231 -51.19 -6.46 58.42
CA GLN G 231 -50.96 -7.70 59.13
C GLN G 231 -49.48 -8.04 59.29
N TYR G 232 -48.61 -7.46 58.46
CA TYR G 232 -47.18 -7.74 58.57
C TYR G 232 -46.29 -6.52 58.45
N ALA G 233 -46.74 -5.41 57.87
CA ALA G 233 -45.92 -4.24 57.68
C ALA G 233 -46.19 -3.18 58.74
N ASP G 234 -45.13 -2.54 59.21
CA ASP G 234 -45.26 -1.44 60.17
C ASP G 234 -45.90 -0.20 59.55
N GLY G 235 -46.07 -0.15 58.24
CA GLY G 235 -46.70 0.98 57.59
C GLY G 235 -47.21 0.65 56.20
N VAL G 236 -48.36 1.19 55.82
CA VAL G 236 -48.95 0.96 54.51
C VAL G 236 -48.83 2.25 53.71
N ILE G 237 -48.14 2.17 52.58
CA ILE G 237 -47.87 3.31 51.71
C ILE G 237 -48.88 3.30 50.57
N VAL G 238 -49.56 4.43 50.36
CA VAL G 238 -50.55 4.57 49.31
C VAL G 238 -50.21 5.82 48.51
N GLY G 239 -50.05 5.65 47.19
CA GLY G 239 -49.70 6.77 46.34
C GLY G 239 -50.58 6.93 45.12
N SER G 240 -50.49 5.97 44.19
CA SER G 240 -51.26 6.07 42.94
C SER G 240 -52.75 6.22 43.20
N ALA G 241 -53.28 5.52 44.21
CA ALA G 241 -54.71 5.58 44.50
C ALA G 241 -55.13 6.97 44.98
N LEU G 242 -54.27 7.65 45.73
CA LEU G 242 -54.60 8.99 46.19
C LEU G 242 -54.57 10.00 45.05
N VAL G 243 -53.68 9.82 44.08
CA VAL G 243 -53.65 10.71 42.92
C VAL G 243 -54.90 10.53 42.09
N THR G 244 -55.30 9.27 41.83
CA THR G 244 -56.51 9.03 41.06
C THR G 244 -57.74 9.58 41.76
N ALA G 245 -57.80 9.42 43.09
CA ALA G 245 -58.93 9.96 43.84
C ALA G 245 -58.97 11.48 43.76
N LEU G 246 -57.81 12.13 43.87
CA LEU G 246 -57.77 13.59 43.77
C LEU G 246 -58.19 14.08 42.39
N THR G 247 -57.89 13.30 41.35
CA THR G 247 -58.32 13.67 40.01
C THR G 247 -59.84 13.74 39.92
N GLU G 248 -60.52 12.74 40.47
CA GLU G 248 -61.97 12.78 40.56
C GLU G 248 -62.44 13.99 41.35
N GLY G 249 -61.83 14.24 42.50
CA GLY G 249 -62.15 15.40 43.29
C GLY G 249 -61.64 15.26 44.70
N LEU G 250 -61.56 16.40 45.38
CA LEU G 250 -61.13 16.40 46.77
C LEU G 250 -62.07 15.61 47.69
N PRO G 251 -63.40 15.64 47.51
CA PRO G 251 -64.24 14.76 48.36
C PRO G 251 -63.96 13.29 48.16
N ARG G 252 -63.62 12.87 46.93
CA ARG G 252 -63.27 11.48 46.71
C ARG G 252 -61.95 11.13 47.41
N LEU G 253 -61.01 12.09 47.44
CA LEU G 253 -59.77 11.86 48.19
C LEU G 253 -60.05 11.69 49.68
N ARG G 254 -60.89 12.56 50.25
CA ARG G 254 -61.23 12.47 51.66
C ARG G 254 -61.89 11.13 51.99
N ALA G 255 -62.74 10.64 51.09
CA ALA G 255 -63.43 9.38 51.33
C ALA G 255 -62.45 8.21 51.33
N LEU G 256 -61.69 8.07 50.25
CA LEU G 256 -60.76 6.95 50.12
C LEU G 256 -59.72 6.95 51.25
N THR G 257 -59.20 8.13 51.60
CA THR G 257 -58.27 8.20 52.73
C THR G 257 -58.94 7.77 54.02
N GLY G 258 -60.25 8.03 54.15
CA GLY G 258 -60.97 7.52 55.31
C GLY G 258 -61.01 6.00 55.35
N GLU G 259 -61.31 5.37 54.21
CA GLU G 259 -61.35 3.91 54.17
C GLU G 259 -59.98 3.30 54.42
N LEU G 260 -58.92 3.96 53.96
CA LEU G 260 -57.57 3.44 54.19
C LEU G 260 -57.18 3.56 55.65
N ALA G 261 -57.59 4.64 56.33
CA ALA G 261 -57.36 4.76 57.75
C ALA G 261 -58.12 3.72 58.54
N ALA G 262 -59.23 3.21 58.00
CA ALA G 262 -59.95 2.11 58.62
C ALA G 262 -59.26 0.77 58.39
N GLY G 263 -58.63 0.60 57.22
CA GLY G 263 -57.99 -0.67 56.92
C GLY G 263 -56.80 -0.97 57.80
N VAL G 264 -56.04 0.08 58.16
CA VAL G 264 -54.81 -0.14 58.91
C VAL G 264 -55.06 -0.57 60.35
N ARG G 265 -56.25 -0.29 60.89
CA ARG G 265 -56.56 -0.73 62.24
C ARG G 265 -57.08 -2.17 62.29
N LEU G 266 -57.34 -2.79 61.14
CA LEU G 266 -57.79 -4.17 61.10
C LEU G 266 -56.61 -5.13 61.23
N THR H 9 -6.41 0.12 32.85
CA THR H 9 -6.65 0.23 34.29
C THR H 9 -6.05 1.53 34.81
N SER H 10 -5.38 2.27 33.93
CA SER H 10 -4.74 3.52 34.33
C SER H 10 -5.75 4.65 34.42
N HIS H 11 -6.71 4.70 33.51
CA HIS H 11 -7.75 5.71 33.51
C HIS H 11 -9.09 5.15 33.95
N ASP H 12 -9.08 3.99 34.61
CA ASP H 12 -10.30 3.30 35.00
C ASP H 12 -10.87 3.91 36.28
N PRO H 13 -12.17 3.76 36.51
CA PRO H 13 -12.77 4.25 37.74
C PRO H 13 -12.46 3.33 38.90
N ASP H 14 -12.95 3.69 40.08
CA ASP H 14 -12.79 2.83 41.25
C ASP H 14 -13.89 1.77 41.26
N SER H 15 -13.90 0.95 42.31
CA SER H 15 -14.86 -0.15 42.39
C SER H 15 -16.31 0.35 42.33
N GLY H 16 -16.55 1.59 42.77
CA GLY H 16 -17.87 2.18 42.69
C GLY H 16 -18.21 2.85 41.37
N GLY H 17 -17.26 2.92 40.44
CA GLY H 17 -17.50 3.52 39.15
C GLY H 17 -17.24 5.01 39.06
N HIS H 18 -16.45 5.57 39.96
CA HIS H 18 -16.21 7.00 40.02
C HIS H 18 -14.90 7.35 39.35
N PHE H 19 -14.93 8.37 38.49
CA PHE H 19 -13.74 8.92 37.86
C PHE H 19 -13.32 10.19 38.58
N GLY H 20 -12.03 10.32 38.85
CA GLY H 20 -11.50 11.56 39.37
C GLY H 20 -11.66 11.76 40.87
N GLY H 21 -11.93 10.70 41.61
CA GLY H 21 -11.95 10.77 43.05
C GLY H 21 -13.03 11.66 43.62
N PRO H 22 -12.63 12.77 44.25
CA PRO H 22 -13.59 13.61 44.97
C PRO H 22 -14.67 14.24 44.10
N SER H 23 -14.38 14.56 42.83
CA SER H 23 -15.41 15.13 41.98
C SER H 23 -16.54 14.13 41.71
N GLY H 24 -16.23 12.84 41.73
CA GLY H 24 -17.24 11.79 41.71
C GLY H 24 -17.98 11.61 40.40
N TRP H 25 -17.29 11.75 39.26
CA TRP H 25 -17.94 11.51 37.97
C TRP H 25 -18.28 10.03 37.83
N GLY H 26 -19.47 9.75 37.34
CA GLY H 26 -19.91 8.38 37.13
C GLY H 26 -20.74 7.87 38.30
N GLY H 27 -20.37 6.70 38.81
CA GLY H 27 -21.07 6.11 39.93
C GLY H 27 -22.25 5.26 39.48
N ARG H 28 -23.20 5.10 40.40
CA ARG H 28 -24.41 4.31 40.18
C ARG H 28 -25.59 5.04 40.81
N TYR H 29 -26.24 5.90 40.03
CA TYR H 29 -27.44 6.59 40.47
C TYR H 29 -28.64 5.82 39.92
N VAL H 30 -28.89 4.69 40.58
CA VAL H 30 -29.93 3.74 40.19
C VAL H 30 -30.67 3.31 41.45
N PRO H 31 -31.88 2.79 41.31
CA PRO H 31 -32.58 2.24 42.47
C PRO H 31 -32.00 0.91 42.91
N GLU H 32 -32.24 0.58 44.19
CA GLU H 32 -31.75 -0.67 44.74
C GLU H 32 -32.31 -1.88 44.00
N ALA H 33 -33.50 -1.74 43.41
CA ALA H 33 -34.10 -2.84 42.65
C ALA H 33 -33.24 -3.29 41.48
N LEU H 34 -32.34 -2.44 40.99
CA LEU H 34 -31.49 -2.78 39.86
C LEU H 34 -30.08 -3.18 40.27
N MET H 35 -29.72 -3.05 41.55
CA MET H 35 -28.32 -3.23 41.95
C MET H 35 -27.88 -4.70 41.88
N ALA H 36 -28.82 -5.64 41.97
CA ALA H 36 -28.42 -7.04 41.88
C ALA H 36 -27.97 -7.39 40.45
N VAL H 37 -28.71 -6.93 39.45
CA VAL H 37 -28.32 -7.24 38.07
C VAL H 37 -27.13 -6.38 37.63
N ILE H 38 -27.00 -5.16 38.20
CA ILE H 38 -25.84 -4.33 37.89
C ILE H 38 -24.57 -4.94 38.47
N GLU H 39 -24.65 -5.48 39.69
CA GLU H 39 -23.49 -6.18 40.24
C GLU H 39 -23.23 -7.47 39.50
N GLU H 40 -24.27 -8.11 38.95
CA GLU H 40 -24.10 -9.32 38.16
C GLU H 40 -23.37 -9.01 36.85
N VAL H 41 -23.77 -7.93 36.17
CA VAL H 41 -23.10 -7.54 34.93
C VAL H 41 -21.67 -7.12 35.20
N THR H 42 -21.45 -6.37 36.28
CA THR H 42 -20.09 -5.95 36.62
C THR H 42 -19.20 -7.15 36.88
N ALA H 43 -19.68 -8.10 37.67
CA ALA H 43 -18.90 -9.30 37.95
C ALA H 43 -18.68 -10.11 36.68
N ALA H 44 -19.71 -10.20 35.83
CA ALA H 44 -19.58 -10.96 34.60
C ALA H 44 -18.56 -10.31 33.67
N TYR H 45 -18.53 -8.98 33.64
CA TYR H 45 -17.62 -8.29 32.73
C TYR H 45 -16.17 -8.42 33.19
N GLN H 46 -15.92 -8.20 34.48
CA GLN H 46 -14.55 -8.33 34.97
C GLN H 46 -14.02 -9.75 34.82
N LYS H 47 -14.90 -10.75 34.77
CA LYS H 47 -14.47 -12.12 34.52
C LYS H 47 -14.11 -12.32 33.06
N GLU H 48 -15.01 -11.94 32.14
CA GLU H 48 -14.75 -12.15 30.73
C GLU H 48 -13.74 -11.15 30.18
N ARG H 49 -13.61 -9.99 30.83
CA ARG H 49 -12.61 -8.99 30.44
C ARG H 49 -11.23 -9.62 30.26
N VAL H 50 -10.88 -10.57 31.13
CA VAL H 50 -9.58 -11.21 31.14
C VAL H 50 -9.66 -12.68 30.71
N SER H 51 -10.78 -13.10 30.16
CA SER H 51 -10.94 -14.47 29.66
C SER H 51 -10.45 -14.53 28.23
N GLN H 52 -9.53 -15.47 27.95
CA GLN H 52 -9.00 -15.56 26.60
C GLN H 52 -10.04 -16.06 25.61
N ASP H 53 -10.93 -16.96 26.04
CA ASP H 53 -12.01 -17.40 25.17
C ASP H 53 -12.89 -16.23 24.75
N PHE H 54 -13.23 -15.36 25.70
CA PHE H 54 -14.09 -14.23 25.39
C PHE H 54 -13.41 -13.27 24.42
N LEU H 55 -12.13 -12.96 24.67
CA LEU H 55 -11.41 -12.05 23.79
C LEU H 55 -11.24 -12.65 22.39
N ASP H 56 -11.07 -13.97 22.29
CA ASP H 56 -10.90 -14.60 21.00
C ASP H 56 -12.22 -14.67 20.22
N ASP H 57 -13.34 -14.87 20.93
CA ASP H 57 -14.64 -14.78 20.28
C ASP H 57 -14.88 -13.39 19.72
N LEU H 58 -14.55 -12.36 20.51
CA LEU H 58 -14.81 -10.99 20.08
C LEU H 58 -13.91 -10.60 18.92
N ASP H 59 -12.61 -10.92 19.00
CA ASP H 59 -11.69 -10.57 17.92
C ASP H 59 -12.09 -11.28 16.63
N ARG H 60 -12.56 -12.53 16.72
CA ARG H 60 -13.01 -13.22 15.53
C ARG H 60 -14.21 -12.51 14.90
N LEU H 61 -15.19 -12.14 15.72
CA LEU H 61 -16.36 -11.43 15.20
C LEU H 61 -15.96 -10.08 14.61
N GLN H 62 -15.15 -9.30 15.33
CA GLN H 62 -14.71 -8.00 14.82
C GLN H 62 -14.01 -8.15 13.47
N ALA H 63 -13.21 -9.20 13.31
CA ALA H 63 -12.47 -9.38 12.06
C ALA H 63 -13.36 -9.88 10.94
N ASN H 64 -13.97 -11.06 11.14
CA ASN H 64 -14.64 -11.75 10.03
C ASN H 64 -16.08 -11.30 9.82
N TYR H 65 -16.75 -10.83 10.87
CA TYR H 65 -18.13 -10.40 10.78
C TYR H 65 -18.26 -8.89 10.59
N ALA H 66 -17.61 -8.10 11.44
CA ALA H 66 -17.75 -6.65 11.41
C ALA H 66 -16.86 -5.97 10.37
N GLY H 67 -15.77 -6.63 9.97
CA GLY H 67 -14.89 -6.07 8.97
C GLY H 67 -13.69 -5.30 9.50
N ARG H 68 -13.37 -5.46 10.78
CA ARG H 68 -12.23 -4.76 11.35
C ARG H 68 -10.92 -5.35 10.82
N PRO H 69 -9.86 -4.54 10.71
CA PRO H 69 -9.82 -3.13 11.08
C PRO H 69 -10.46 -2.23 10.04
N SER H 70 -11.02 -1.12 10.49
CA SER H 70 -11.45 -0.11 9.54
C SER H 70 -10.23 0.67 9.07
N PRO H 71 -10.25 1.15 7.83
CA PRO H 71 -9.06 1.84 7.30
C PRO H 71 -8.97 3.28 7.79
N LEU H 72 -7.77 3.83 7.64
CA LEU H 72 -7.52 5.25 7.84
C LEU H 72 -7.23 5.87 6.48
N TYR H 73 -8.08 6.81 6.05
CA TYR H 73 -8.00 7.38 4.71
C TYR H 73 -7.63 8.85 4.77
N GLU H 74 -6.57 9.23 4.07
CA GLU H 74 -6.15 10.63 4.01
C GLU H 74 -6.96 11.35 2.94
N ALA H 75 -7.90 12.19 3.39
CA ALA H 75 -8.82 12.89 2.49
C ALA H 75 -8.12 14.14 1.95
N THR H 76 -7.27 13.92 0.92
CA THR H 76 -6.43 15.00 0.41
C THR H 76 -7.23 16.11 -0.26
N ARG H 77 -8.39 15.79 -0.84
CA ARG H 77 -9.18 16.84 -1.48
C ARG H 77 -9.91 17.73 -0.49
N LEU H 78 -9.90 17.37 0.80
CA LEU H 78 -10.38 18.25 1.85
C LEU H 78 -9.33 19.25 2.33
N SER H 79 -8.07 19.04 1.95
CA SER H 79 -6.98 19.79 2.55
C SER H 79 -7.11 21.29 2.30
N GLN H 80 -7.40 21.67 1.05
CA GLN H 80 -7.57 23.08 0.71
C GLN H 80 -8.64 23.76 1.55
N HIS H 81 -9.61 23.01 2.07
CA HIS H 81 -10.67 23.55 2.90
C HIS H 81 -10.38 23.45 4.38
N ALA H 82 -9.23 22.89 4.76
CA ALA H 82 -8.82 22.73 6.14
C ALA H 82 -7.51 23.45 6.40
N GLY H 83 -7.31 24.60 5.75
CA GLY H 83 -6.08 25.36 5.91
C GLY H 83 -4.84 24.65 5.42
N SER H 84 -4.99 23.73 4.47
CA SER H 84 -3.92 22.88 3.95
C SER H 84 -3.40 21.89 4.98
N ALA H 85 -4.11 21.72 6.09
CA ALA H 85 -3.81 20.61 6.99
C ALA H 85 -4.11 19.28 6.28
N ARG H 86 -3.77 18.18 6.96
CA ARG H 86 -3.96 16.85 6.42
C ARG H 86 -5.00 16.12 7.27
N ILE H 87 -6.20 15.94 6.72
CA ILE H 87 -7.30 15.31 7.42
C ILE H 87 -7.30 13.82 7.11
N PHE H 88 -7.18 12.99 8.14
CA PHE H 88 -7.28 11.55 7.99
C PHE H 88 -8.62 11.09 8.58
N LEU H 89 -9.34 10.26 7.83
CA LEU H 89 -10.66 9.78 8.25
C LEU H 89 -10.55 8.34 8.72
N LYS H 90 -10.77 8.13 10.02
CA LYS H 90 -10.89 6.78 10.57
C LYS H 90 -12.27 6.24 10.18
N ARG H 91 -12.29 5.28 9.25
CA ARG H 91 -13.48 4.95 8.47
C ARG H 91 -14.36 3.93 9.19
N GLU H 92 -14.93 4.35 10.34
CA GLU H 92 -15.92 3.51 11.00
C GLU H 92 -17.20 3.37 10.16
N ASP H 93 -17.41 4.26 9.19
CA ASP H 93 -18.56 4.17 8.30
C ASP H 93 -18.58 2.87 7.51
N LEU H 94 -17.43 2.23 7.34
CA LEU H 94 -17.32 0.99 6.56
C LEU H 94 -17.61 -0.26 7.38
N ASN H 95 -17.83 -0.11 8.69
CA ASN H 95 -18.18 -1.26 9.52
C ASN H 95 -19.51 -1.88 9.09
N HIS H 96 -19.66 -3.16 9.37
CA HIS H 96 -20.96 -3.81 9.30
C HIS H 96 -21.99 -3.00 10.09
N THR H 97 -23.15 -2.76 9.45
CA THR H 97 -24.26 -1.92 9.91
C THR H 97 -23.93 -0.43 9.79
N GLY H 98 -22.68 -0.10 9.48
CA GLY H 98 -22.33 1.23 9.03
C GLY H 98 -21.95 2.25 10.08
N SER H 99 -21.63 1.82 11.30
CA SER H 99 -21.16 2.76 12.31
C SER H 99 -20.37 1.99 13.38
N HIS H 100 -19.82 2.75 14.33
CA HIS H 100 -19.04 2.21 15.42
C HIS H 100 -19.87 1.40 16.41
N1 LLP H 101 -22.17 9.05 15.23
C2 LLP H 101 -22.96 8.09 14.75
C2' LLP H 101 -22.84 7.62 13.28
C3 LLP H 101 -23.95 7.49 15.59
O3 LLP H 101 -24.77 6.49 15.06
C4 LLP H 101 -24.09 7.88 16.90
C4' LLP H 101 -25.24 7.17 17.81
C5 LLP H 101 -23.28 8.88 17.40
C6 LLP H 101 -22.31 9.47 16.56
C5' LLP H 101 -23.40 9.38 18.88
OP4 LLP H 101 -23.15 8.36 19.82
P LLP H 101 -21.82 8.39 20.59
OP1 LLP H 101 -21.54 9.82 21.08
OP2 LLP H 101 -21.94 7.49 21.75
OP3 LLP H 101 -20.69 7.95 19.72
N LLP H 101 -21.19 1.52 16.33
CA LLP H 101 -22.07 0.89 17.32
CB LLP H 101 -23.49 1.38 17.12
CG LLP H 101 -23.51 2.89 17.40
CD LLP H 101 -24.90 3.40 17.81
CE LLP H 101 -24.77 4.85 18.32
NZ LLP H 101 -25.41 5.80 17.38
C LLP H 101 -21.98 -0.59 17.27
O LLP H 101 -22.29 -1.26 18.24
N ILE H 102 -21.52 -1.13 16.13
CA ILE H 102 -21.35 -2.58 16.02
C ILE H 102 -20.27 -3.04 17.01
N ASN H 103 -19.24 -2.21 17.22
CA ASN H 103 -18.21 -2.54 18.20
C ASN H 103 -18.82 -2.81 19.57
N ASN H 104 -19.68 -1.89 20.03
CA ASN H 104 -20.27 -2.01 21.36
C ASN H 104 -21.20 -3.22 21.47
N VAL H 105 -22.08 -3.39 20.48
CA VAL H 105 -23.11 -4.42 20.63
C VAL H 105 -22.53 -5.82 20.53
N LEU H 106 -21.44 -6.00 19.77
CA LEU H 106 -20.81 -7.31 19.73
C LEU H 106 -20.26 -7.70 21.09
N GLY H 107 -19.56 -6.78 21.76
CA GLY H 107 -19.04 -7.06 23.08
C GLY H 107 -20.13 -7.38 24.09
N GLN H 108 -21.18 -6.56 24.13
CA GLN H 108 -22.21 -6.73 25.15
C GLN H 108 -23.06 -7.97 24.86
N ALA H 109 -23.33 -8.26 23.60
CA ALA H 109 -24.15 -9.43 23.26
C ALA H 109 -23.42 -10.73 23.59
N LEU H 110 -22.11 -10.79 23.31
CA LEU H 110 -21.32 -11.94 23.75
C LEU H 110 -21.33 -12.07 25.26
N LEU H 111 -21.27 -10.94 25.97
CA LEU H 111 -21.35 -10.95 27.41
C LEU H 111 -22.69 -11.50 27.87
N ALA H 112 -23.78 -11.04 27.24
CA ALA H 112 -25.11 -11.46 27.66
C ALA H 112 -25.30 -12.96 27.50
N ARG H 113 -24.71 -13.55 26.45
CA ARG H 113 -24.81 -15.00 26.30
C ARG H 113 -23.91 -15.72 27.30
N ARG H 114 -22.72 -15.16 27.57
CA ARG H 114 -21.89 -15.69 28.64
C ARG H 114 -22.62 -15.69 29.98
N MET H 115 -23.42 -14.63 30.23
CA MET H 115 -24.15 -14.50 31.48
C MET H 115 -25.34 -15.45 31.59
N GLY H 116 -25.70 -16.14 30.52
CA GLY H 116 -26.89 -16.95 30.54
C GLY H 116 -28.18 -16.19 30.31
N LYS H 117 -28.12 -14.88 30.08
CA LYS H 117 -29.31 -14.13 29.73
C LYS H 117 -29.80 -14.56 28.35
N THR H 118 -31.12 -14.64 28.21
CA THR H 118 -31.74 -15.06 26.96
C THR H 118 -32.49 -13.94 26.25
N ARG H 119 -32.58 -12.77 26.87
CA ARG H 119 -33.31 -11.62 26.34
C ARG H 119 -32.41 -10.39 26.41
N VAL H 120 -32.39 -9.61 25.34
CA VAL H 120 -31.64 -8.36 25.29
C VAL H 120 -32.62 -7.24 24.95
N ILE H 121 -32.59 -6.18 25.75
CA ILE H 121 -33.32 -4.96 25.43
C ILE H 121 -32.31 -3.86 25.16
N ALA H 122 -32.72 -2.90 24.36
CA ALA H 122 -31.89 -1.75 24.05
C ALA H 122 -32.78 -0.59 23.61
N GLU H 123 -32.32 0.62 23.87
CA GLU H 123 -32.98 1.83 23.46
C GLU H 123 -32.47 2.26 22.08
N THR H 124 -33.22 3.16 21.44
CA THR H 124 -32.72 3.76 20.22
C THR H 124 -33.48 5.05 19.94
N GLY H 125 -32.81 5.96 19.23
CA GLY H 125 -33.43 7.21 18.84
C GLY H 125 -34.00 7.12 17.45
N ALA H 126 -33.20 7.39 16.42
CA ALA H 126 -33.69 7.22 15.06
C ALA H 126 -33.61 5.77 14.58
N GLY H 127 -32.87 4.91 15.28
CA GLY H 127 -32.84 3.51 14.94
C GLY H 127 -31.47 2.89 14.84
N GLN H 128 -30.42 3.71 14.96
CA GLN H 128 -29.06 3.22 14.73
C GLN H 128 -28.68 2.13 15.72
N HIS H 129 -28.72 2.43 17.02
CA HIS H 129 -28.34 1.43 18.02
C HIS H 129 -29.34 0.28 18.06
N GLY H 130 -30.60 0.55 17.73
CA GLY H 130 -31.58 -0.52 17.68
C GLY H 130 -31.28 -1.54 16.60
N VAL H 131 -30.88 -1.07 15.42
CA VAL H 131 -30.51 -1.97 14.33
C VAL H 131 -29.24 -2.73 14.68
N ALA H 132 -28.29 -2.05 15.33
CA ALA H 132 -27.04 -2.71 15.70
C ALA H 132 -27.30 -3.81 16.72
N THR H 133 -28.12 -3.51 17.74
CA THR H 133 -28.42 -4.50 18.76
C THR H 133 -29.18 -5.68 18.18
N ALA H 134 -30.21 -5.41 17.36
CA ALA H 134 -30.92 -6.50 16.71
C ALA H 134 -29.99 -7.32 15.83
N THR H 135 -29.02 -6.66 15.19
CA THR H 135 -28.02 -7.36 14.40
C THR H 135 -27.24 -8.36 15.25
N ALA H 136 -26.65 -7.89 16.36
CA ALA H 136 -25.87 -8.76 17.20
C ALA H 136 -26.73 -9.88 17.82
N CYS H 137 -28.00 -9.57 18.11
CA CYS H 137 -28.86 -10.59 18.71
C CYS H 137 -29.25 -11.64 17.69
N ALA H 138 -29.57 -11.24 16.46
CA ALA H 138 -29.80 -12.22 15.41
C ALA H 138 -28.60 -13.14 15.25
N LEU H 139 -27.40 -12.57 15.33
CA LEU H 139 -26.18 -13.34 15.12
C LEU H 139 -25.99 -14.39 16.21
N LEU H 140 -26.29 -14.04 17.44
CA LEU H 140 -26.00 -14.90 18.58
C LEU H 140 -27.23 -15.67 19.08
N GLY H 141 -28.36 -15.56 18.38
CA GLY H 141 -29.55 -16.26 18.81
C GLY H 141 -30.16 -15.76 20.09
N LEU H 142 -30.08 -14.47 20.36
CA LEU H 142 -30.70 -13.87 21.53
C LEU H 142 -32.01 -13.19 21.14
N ASP H 143 -33.03 -13.35 21.98
CA ASP H 143 -34.27 -12.62 21.76
C ASP H 143 -34.06 -11.14 22.06
N CYS H 144 -34.61 -10.28 21.22
CA CYS H 144 -34.27 -8.87 21.21
C CYS H 144 -35.52 -8.01 21.19
N VAL H 145 -35.56 -7.01 22.07
CA VAL H 145 -36.67 -6.06 22.14
C VAL H 145 -36.07 -4.67 22.15
N ILE H 146 -36.49 -3.82 21.21
CA ILE H 146 -35.96 -2.47 21.07
C ILE H 146 -37.01 -1.48 21.53
N TYR H 147 -36.62 -0.53 22.38
CA TYR H 147 -37.48 0.56 22.82
C TYR H 147 -37.13 1.81 22.04
N MET H 148 -38.13 2.40 21.39
CA MET H 148 -37.95 3.53 20.50
C MET H 148 -39.03 4.57 20.77
N GLY H 149 -38.63 5.84 20.73
CA GLY H 149 -39.59 6.90 21.04
C GLY H 149 -40.69 6.98 19.99
N GLY H 150 -41.92 7.16 20.47
CA GLY H 150 -43.07 7.18 19.58
C GLY H 150 -42.99 8.22 18.48
N ILE H 151 -42.35 9.36 18.76
CA ILE H 151 -42.08 10.34 17.71
C ILE H 151 -41.07 9.78 16.71
N ASP H 152 -40.20 8.88 17.15
CA ASP H 152 -39.18 8.35 16.26
C ASP H 152 -39.71 7.20 15.41
N THR H 153 -40.47 6.27 16.02
CA THR H 153 -41.05 5.19 15.24
C THR H 153 -41.94 5.73 14.13
N ALA H 154 -42.66 6.82 14.40
CA ALA H 154 -43.61 7.35 13.43
C ALA H 154 -42.95 7.85 12.16
N ARG H 155 -41.67 8.24 12.22
CA ARG H 155 -40.97 8.78 11.06
C ARG H 155 -39.74 7.97 10.66
N GLN H 156 -39.61 6.74 11.17
CA GLN H 156 -38.47 5.87 10.87
C GLN H 156 -38.96 4.47 10.57
N ALA H 157 -39.97 4.37 9.70
CA ALA H 157 -40.62 3.08 9.44
C ALA H 157 -39.63 2.04 8.92
N LEU H 158 -38.68 2.46 8.08
CA LEU H 158 -37.76 1.48 7.49
C LEU H 158 -36.77 0.92 8.50
N ASN H 159 -36.34 1.74 9.48
CA ASN H 159 -35.49 1.19 10.53
C ASN H 159 -36.24 0.20 11.39
N VAL H 160 -37.51 0.50 11.71
CA VAL H 160 -38.35 -0.47 12.41
C VAL H 160 -38.45 -1.77 11.60
N ALA H 161 -38.59 -1.64 10.28
CA ALA H 161 -38.66 -2.83 9.43
C ALA H 161 -37.32 -3.58 9.41
N ARG H 162 -36.20 -2.84 9.43
CA ARG H 162 -34.89 -3.48 9.57
C ARG H 162 -34.83 -4.35 10.81
N MET H 163 -35.24 -3.79 11.97
CA MET H 163 -35.20 -4.54 13.21
C MET H 163 -36.10 -5.76 13.15
N ARG H 164 -37.30 -5.59 12.59
CA ARG H 164 -38.23 -6.71 12.48
C ARG H 164 -37.67 -7.78 11.54
N LEU H 165 -37.08 -7.36 10.41
CA LEU H 165 -36.43 -8.32 9.53
C LEU H 165 -35.33 -9.09 10.25
N LEU H 166 -34.61 -8.43 11.16
CA LEU H 166 -33.57 -9.09 11.93
C LEU H 166 -34.12 -10.00 13.03
N GLY H 167 -35.44 -10.05 13.22
CA GLY H 167 -36.04 -10.93 14.20
C GLY H 167 -36.29 -10.32 15.56
N ALA H 168 -36.14 -9.01 15.69
CA ALA H 168 -36.37 -8.32 16.95
C ALA H 168 -37.80 -7.81 17.01
N GLU H 169 -38.21 -7.42 18.21
CA GLU H 169 -39.46 -6.71 18.42
C GLU H 169 -39.15 -5.24 18.69
N VAL H 170 -40.05 -4.37 18.23
CA VAL H 170 -39.91 -2.93 18.44
C VAL H 170 -41.13 -2.44 19.22
N VAL H 171 -40.86 -1.70 20.29
CA VAL H 171 -41.88 -1.12 21.15
C VAL H 171 -41.81 0.38 21.01
N ALA H 172 -42.90 1.00 20.57
CA ALA H 172 -42.98 2.45 20.53
C ALA H 172 -43.33 2.98 21.91
N VAL H 173 -42.56 3.95 22.39
CA VAL H 173 -42.71 4.47 23.74
C VAL H 173 -43.48 5.79 23.65
N GLN H 174 -44.69 5.80 24.20
CA GLN H 174 -45.52 7.00 24.20
C GLN H 174 -45.46 7.76 25.52
N THR H 175 -44.76 7.23 26.53
CA THR H 175 -44.60 7.96 27.78
C THR H 175 -43.60 9.10 27.59
N GLY H 176 -43.61 10.02 28.56
CA GLY H 176 -42.70 11.16 28.50
C GLY H 176 -42.91 11.96 27.23
N SER H 177 -41.80 12.45 26.68
CA SER H 177 -41.83 13.23 25.45
C SER H 177 -41.66 12.37 24.20
N LYS H 178 -41.67 11.04 24.35
CA LYS H 178 -41.65 10.12 23.21
C LYS H 178 -40.35 10.23 22.40
N THR H 179 -39.24 10.49 23.08
CA THR H 179 -37.95 10.58 22.39
C THR H 179 -36.93 9.62 22.98
N LEU H 180 -35.65 9.85 22.68
CA LEU H 180 -34.60 8.91 23.05
C LEU H 180 -34.48 8.75 24.55
N LYS H 181 -34.42 9.87 25.29
CA LYS H 181 -34.30 9.77 26.74
C LYS H 181 -35.50 9.05 27.35
N ASP H 182 -36.65 9.11 26.68
CA ASP H 182 -37.84 8.42 27.17
C ASP H 182 -37.80 6.93 26.82
N ALA H 183 -37.18 6.56 25.69
CA ALA H 183 -36.95 5.15 25.41
C ALA H 183 -35.99 4.54 26.41
N ILE H 184 -34.99 5.31 26.85
CA ILE H 184 -34.07 4.83 27.88
C ILE H 184 -34.80 4.65 29.20
N ASN H 185 -35.67 5.59 29.55
CA ASN H 185 -36.47 5.45 30.77
C ASN H 185 -37.33 4.19 30.72
N GLU H 186 -37.87 3.87 29.55
CA GLU H 186 -38.75 2.70 29.44
C GLU H 186 -37.95 1.41 29.44
N ALA H 187 -36.77 1.40 28.79
CA ALA H 187 -35.92 0.23 28.85
C ALA H 187 -35.42 -0.02 30.26
N PHE H 188 -35.23 1.06 31.03
CA PHE H 188 -34.89 0.94 32.44
C PHE H 188 -35.96 0.17 33.21
N ARG H 189 -37.22 0.57 33.04
CA ARG H 189 -38.32 -0.10 33.74
C ARG H 189 -38.43 -1.57 33.34
N ASP H 190 -38.25 -1.88 32.06
CA ASP H 190 -38.21 -3.27 31.63
C ASP H 190 -37.16 -4.04 32.41
N TRP H 191 -35.94 -3.50 32.48
CA TRP H 191 -34.84 -4.21 33.13
C TRP H 191 -35.12 -4.44 34.60
N VAL H 192 -35.76 -3.47 35.27
CA VAL H 192 -36.12 -3.64 36.67
C VAL H 192 -37.01 -4.86 36.85
N ALA H 193 -37.99 -5.03 35.96
CA ALA H 193 -38.95 -6.12 36.09
C ALA H 193 -38.42 -7.45 35.56
N ASN H 194 -37.51 -7.42 34.58
CA ASN H 194 -37.10 -8.63 33.88
C ASN H 194 -35.62 -8.97 34.07
N ALA H 195 -34.98 -8.42 35.11
CA ALA H 195 -33.54 -8.58 35.28
C ALA H 195 -33.10 -10.04 35.37
N ASP H 196 -34.02 -10.96 35.69
CA ASP H 196 -33.67 -12.38 35.78
C ASP H 196 -33.11 -12.90 34.47
N ASN H 197 -33.79 -12.63 33.36
CA ASN H 197 -33.42 -13.19 32.08
C ASN H 197 -33.02 -12.13 31.05
N THR H 198 -32.91 -10.87 31.43
CA THR H 198 -32.73 -9.78 30.48
C THR H 198 -31.41 -9.06 30.73
N TYR H 199 -30.70 -8.79 29.64
CA TYR H 199 -29.51 -7.95 29.64
C TYR H 199 -29.84 -6.64 28.91
N TYR H 200 -29.56 -5.51 29.55
CA TYR H 200 -29.74 -4.20 28.93
C TYR H 200 -28.47 -3.85 28.16
N CYS H 201 -28.55 -3.88 26.84
CA CYS H 201 -27.45 -3.52 25.96
C CYS H 201 -27.51 -2.02 25.69
N PHE H 202 -26.86 -1.24 26.56
CA PHE H 202 -26.88 0.21 26.46
C PHE H 202 -26.04 0.68 25.27
N GLY H 203 -26.45 1.82 24.71
CA GLY H 203 -25.97 2.28 23.42
C GLY H 203 -24.86 3.31 23.38
N THR H 204 -24.41 3.82 24.53
CA THR H 204 -23.33 4.79 24.56
C THR H 204 -22.53 4.61 25.86
N ALA H 205 -21.49 5.43 25.99
CA ALA H 205 -20.58 5.33 27.14
C ALA H 205 -21.09 6.16 28.32
N ALA H 206 -22.35 5.94 28.69
CA ALA H 206 -22.96 6.59 29.84
C ALA H 206 -23.62 5.49 30.67
N GLY H 207 -24.55 5.88 31.53
CA GLY H 207 -25.22 4.96 32.40
C GLY H 207 -24.41 4.69 33.66
N PRO H 208 -24.91 3.79 34.51
CA PRO H 208 -24.19 3.49 35.75
C PRO H 208 -23.04 2.53 35.50
N HIS H 209 -22.07 2.58 36.38
CA HIS H 209 -21.00 1.59 36.39
C HIS H 209 -21.61 0.19 36.34
N PRO H 210 -21.12 -0.70 35.46
CA PRO H 210 -19.88 -0.61 34.68
C PRO H 210 -20.02 -0.11 33.24
N PHE H 211 -21.15 0.51 32.89
CA PHE H 211 -21.43 0.73 31.48
C PHE H 211 -20.51 1.77 30.84
N PRO H 212 -20.22 2.93 31.45
CA PRO H 212 -19.27 3.84 30.79
C PRO H 212 -17.91 3.20 30.56
N THR H 213 -17.41 2.42 31.51
CA THR H 213 -16.11 1.79 31.31
C THR H 213 -16.21 0.67 30.28
N MET H 214 -17.19 -0.22 30.45
CA MET H 214 -17.32 -1.36 29.55
C MET H 214 -17.51 -0.92 28.11
N VAL H 215 -18.40 0.04 27.87
CA VAL H 215 -18.66 0.49 26.51
C VAL H 215 -17.41 1.10 25.90
N ARG H 216 -16.67 1.91 26.67
CA ARG H 216 -15.42 2.46 26.19
C ARG H 216 -14.42 1.36 25.83
N ASP H 217 -14.35 0.32 26.67
CA ASP H 217 -13.43 -0.79 26.39
C ASP H 217 -13.80 -1.49 25.09
N PHE H 218 -15.10 -1.60 24.79
CA PHE H 218 -15.49 -2.22 23.53
C PHE H 218 -15.24 -1.30 22.34
N GLN H 219 -15.11 0.01 22.56
CA GLN H 219 -14.79 0.95 21.50
C GLN H 219 -13.31 1.27 21.41
N ARG H 220 -12.49 0.85 22.39
CA ARG H 220 -11.08 1.21 22.41
C ARG H 220 -10.36 0.77 21.15
N ILE H 221 -10.88 -0.24 20.45
CA ILE H 221 -10.19 -0.78 19.28
C ILE H 221 -10.06 0.28 18.19
N ILE H 222 -10.97 1.26 18.15
CA ILE H 222 -10.88 2.34 17.17
C ILE H 222 -9.58 3.12 17.36
N GLY H 223 -9.36 3.60 18.60
CA GLY H 223 -8.16 4.39 18.86
C GLY H 223 -6.88 3.57 18.70
N MET H 224 -6.90 2.33 19.15
CA MET H 224 -5.71 1.49 19.05
C MET H 224 -5.29 1.27 17.60
N GLU H 225 -6.26 0.91 16.74
CA GLU H 225 -5.97 0.82 15.31
C GLU H 225 -5.50 2.16 14.76
N ALA H 226 -6.23 3.23 15.10
CA ALA H 226 -5.91 4.55 14.54
C ALA H 226 -4.51 5.01 14.94
N ARG H 227 -4.07 4.65 16.14
CA ARG H 227 -2.75 5.06 16.59
C ARG H 227 -1.66 4.30 15.83
N VAL H 228 -1.90 3.02 15.55
CA VAL H 228 -0.98 2.26 14.70
C VAL H 228 -1.01 2.80 13.28
N GLN H 229 -2.21 3.02 12.73
CA GLN H 229 -2.33 3.39 11.32
C GLN H 229 -1.77 4.78 11.05
N ILE H 230 -1.92 5.72 12.00
CA ILE H 230 -1.43 7.07 11.72
C ILE H 230 0.09 7.13 11.76
N GLN H 231 0.72 6.33 12.62
CA GLN H 231 2.19 6.26 12.60
C GLN H 231 2.68 5.58 11.33
N GLY H 232 1.94 4.56 10.86
CA GLY H 232 2.34 3.90 9.63
C GLY H 232 2.26 4.83 8.42
N GLN H 233 1.14 5.53 8.29
CA GLN H 233 0.89 6.30 7.08
C GLN H 233 1.56 7.67 7.09
N ALA H 234 1.60 8.33 8.24
CA ALA H 234 2.16 9.67 8.32
C ALA H 234 3.56 9.71 8.93
N GLY H 235 3.97 8.66 9.63
CA GLY H 235 5.29 8.60 10.20
C GLY H 235 5.43 9.23 11.57
N ARG H 236 4.32 9.67 12.17
CA ARG H 236 4.37 10.30 13.49
C ARG H 236 2.96 10.30 14.07
N LEU H 237 2.89 10.59 15.37
CA LEU H 237 1.60 10.75 16.02
C LEU H 237 0.93 12.02 15.53
N PRO H 238 -0.41 12.04 15.48
CA PRO H 238 -1.10 13.19 14.89
C PRO H 238 -1.01 14.42 15.78
N ASP H 239 -1.28 15.57 15.19
CA ASP H 239 -1.35 16.81 15.95
C ASP H 239 -2.64 16.93 16.73
N ALA H 240 -3.69 16.25 16.29
CA ALA H 240 -4.99 16.30 16.95
C ALA H 240 -5.82 15.11 16.51
N VAL H 241 -6.64 14.62 17.43
CA VAL H 241 -7.62 13.58 17.15
C VAL H 241 -8.97 14.13 17.58
N VAL H 242 -9.92 14.15 16.65
CA VAL H 242 -11.23 14.75 16.91
C VAL H 242 -12.32 13.72 16.64
N ALA H 243 -13.47 13.95 17.26
CA ALA H 243 -14.64 13.10 17.09
C ALA H 243 -15.87 13.85 17.57
N CYS H 244 -17.03 13.47 17.03
CA CYS H 244 -18.29 14.03 17.52
C CYS H 244 -18.71 13.35 18.81
N VAL H 245 -19.44 14.08 19.64
CA VAL H 245 -19.80 13.63 20.98
C VAL H 245 -21.30 13.78 21.17
N GLY H 246 -22.00 12.65 21.23
CA GLY H 246 -23.37 12.57 21.69
C GLY H 246 -23.39 12.12 23.15
N GLY H 247 -23.54 10.81 23.37
CA GLY H 247 -23.29 10.25 24.68
C GLY H 247 -21.83 9.98 24.97
N GLY H 248 -21.01 9.80 23.92
CA GLY H 248 -19.58 9.79 24.05
C GLY H 248 -18.85 8.52 23.63
N SER H 249 -19.54 7.57 23.00
CA SER H 249 -18.92 6.26 22.79
C SER H 249 -17.91 6.27 21.66
N ASN H 250 -18.20 6.93 20.53
CA ASN H 250 -17.20 6.91 19.47
C ASN H 250 -16.04 7.84 19.79
N ALA H 251 -16.29 8.95 20.49
CA ALA H 251 -15.19 9.85 20.88
C ALA H 251 -14.24 9.16 21.86
N ILE H 252 -14.80 8.55 22.92
CA ILE H 252 -13.94 7.90 23.91
C ILE H 252 -13.21 6.72 23.28
N GLY H 253 -13.79 6.10 22.25
CA GLY H 253 -13.13 4.97 21.62
C GLY H 253 -11.86 5.38 20.90
N ILE H 254 -11.91 6.47 20.14
CA ILE H 254 -10.72 6.88 19.39
C ILE H 254 -9.78 7.72 20.26
N PHE H 255 -10.28 8.34 21.34
CA PHE H 255 -9.41 9.15 22.19
C PHE H 255 -8.48 8.30 23.05
N HIS H 256 -8.92 7.11 23.45
CA HIS H 256 -8.33 6.47 24.63
C HIS H 256 -6.87 6.09 24.39
N ALA H 257 -6.56 5.50 23.23
CA ALA H 257 -5.19 5.12 22.95
C ALA H 257 -4.24 6.31 22.93
N PHE H 258 -4.75 7.52 22.72
CA PHE H 258 -3.94 8.73 22.65
C PHE H 258 -3.84 9.49 23.97
N LEU H 259 -4.45 8.97 25.05
CA LEU H 259 -4.59 9.77 26.26
C LEU H 259 -3.26 10.15 26.87
N ASP H 260 -2.27 9.26 26.82
CA ASP H 260 -0.97 9.52 27.41
C ASP H 260 0.06 9.98 26.40
N ASP H 261 -0.40 10.46 25.23
CA ASP H 261 0.46 11.08 24.24
C ASP H 261 0.39 12.58 24.42
N PRO H 262 1.37 13.22 25.05
CA PRO H 262 1.20 14.61 25.51
C PRO H 262 1.18 15.64 24.39
N GLY H 263 1.60 15.28 23.17
CA GLY H 263 1.52 16.22 22.08
C GLY H 263 0.25 16.16 21.26
N VAL H 264 -0.59 15.16 21.51
CA VAL H 264 -1.78 14.92 20.70
C VAL H 264 -2.96 15.67 21.30
N ARG H 265 -3.49 16.64 20.54
CA ARG H 265 -4.69 17.33 20.96
C ARG H 265 -5.91 16.43 20.78
N LEU H 266 -6.84 16.52 21.71
CA LEU H 266 -8.10 15.79 21.64
C LEU H 266 -9.23 16.80 21.70
N VAL H 267 -10.10 16.78 20.70
CA VAL H 267 -11.22 17.71 20.62
C VAL H 267 -12.47 16.94 20.27
N GLY H 268 -13.46 16.99 21.15
CA GLY H 268 -14.78 16.46 20.88
C GLY H 268 -15.71 17.60 20.46
N PHE H 269 -16.47 17.36 19.40
CA PHE H 269 -17.40 18.35 18.84
C PHE H 269 -18.82 17.90 19.10
N GLU H 270 -19.60 18.76 19.74
CA GLU H 270 -20.97 18.45 20.12
C GLU H 270 -21.95 19.31 19.32
N ALA H 271 -23.20 18.83 19.24
CA ALA H 271 -24.20 19.42 18.38
C ALA H 271 -24.72 20.71 18.99
N ALA H 272 -24.56 21.81 18.27
CA ALA H 272 -25.05 23.12 18.71
C ALA H 272 -26.38 23.49 18.06
N GLY H 273 -26.99 22.59 17.29
CA GLY H 273 -28.30 22.84 16.74
C GLY H 273 -28.37 24.12 15.95
N ASP H 274 -29.32 24.97 16.29
CA ASP H 274 -29.47 26.29 15.68
C ASP H 274 -28.48 27.31 16.24
N GLY H 275 -27.70 26.93 17.24
CA GLY H 275 -26.84 27.87 17.94
C GLY H 275 -26.99 27.75 19.43
N VAL H 276 -25.88 27.86 20.17
CA VAL H 276 -25.95 27.73 21.62
C VAL H 276 -26.76 28.86 22.23
N GLU H 277 -26.77 30.02 21.59
CA GLU H 277 -27.52 31.18 22.06
C GLU H 277 -29.01 31.09 21.81
N THR H 278 -29.51 29.95 21.31
CA THR H 278 -30.88 29.85 20.84
C THR H 278 -31.76 28.90 21.63
N GLY H 279 -31.19 28.11 22.55
CA GLY H 279 -32.00 27.16 23.28
C GLY H 279 -32.55 26.03 22.44
N ARG H 280 -32.01 25.82 21.24
CA ARG H 280 -32.34 24.68 20.39
C ARG H 280 -31.00 24.04 19.98
N HIS H 281 -30.40 23.31 20.92
CA HIS H 281 -29.10 22.71 20.72
C HIS H 281 -29.02 21.42 21.53
N ALA H 282 -27.87 20.76 21.45
CA ALA H 282 -27.58 19.58 22.25
C ALA H 282 -26.16 19.66 22.78
N ALA H 283 -25.74 20.87 23.14
CA ALA H 283 -24.34 21.14 23.50
C ALA H 283 -24.19 20.96 25.01
N THR H 284 -24.04 19.69 25.39
CA THR H 284 -24.07 19.31 26.81
C THR H 284 -22.95 19.99 27.60
N PHE H 285 -21.72 19.93 27.09
CA PHE H 285 -20.61 20.57 27.81
C PHE H 285 -20.63 22.08 27.66
N THR H 286 -21.00 22.59 26.47
CA THR H 286 -20.98 24.02 26.26
C THR H 286 -22.01 24.74 27.11
N ALA H 287 -23.20 24.14 27.30
CA ALA H 287 -24.31 24.83 27.93
C ALA H 287 -24.96 24.08 29.09
N GLY H 288 -24.57 22.83 29.37
CA GLY H 288 -25.12 22.08 30.47
C GLY H 288 -24.34 22.27 31.75
N SER H 289 -24.60 21.40 32.72
CA SER H 289 -24.01 21.53 34.05
C SER H 289 -24.02 20.16 34.73
N PRO H 290 -23.19 19.97 35.76
CA PRO H 290 -23.15 18.68 36.46
C PRO H 290 -24.49 18.30 37.08
N GLY H 291 -24.80 17.01 36.99
CA GLY H 291 -26.02 16.48 37.58
C GLY H 291 -26.07 14.98 37.43
N ALA H 292 -27.00 14.37 38.15
CA ALA H 292 -27.21 12.94 38.10
C ALA H 292 -28.33 12.63 37.12
N PHE H 293 -28.04 11.80 36.14
CA PHE H 293 -29.00 11.52 35.08
C PHE H 293 -28.66 10.17 34.46
N HIS H 294 -29.69 9.34 34.27
CA HIS H 294 -29.53 8.04 33.62
C HIS H 294 -28.45 7.19 34.28
N GLY H 295 -28.37 7.28 35.61
CA GLY H 295 -27.51 6.40 36.38
C GLY H 295 -26.09 6.89 36.61
N SER H 296 -25.72 8.05 36.10
CA SER H 296 -24.37 8.56 36.26
C SER H 296 -24.39 10.02 36.69
N PHE H 297 -23.35 10.43 37.41
CA PHE H 297 -23.08 11.84 37.65
C PHE H 297 -22.16 12.35 36.54
N SER H 298 -22.68 13.29 35.75
CA SER H 298 -21.96 13.81 34.60
C SER H 298 -22.58 15.16 34.26
N TYR H 299 -22.42 15.60 33.02
CA TYR H 299 -23.04 16.82 32.54
C TYR H 299 -24.36 16.50 31.85
N LEU H 300 -25.32 17.40 31.99
CA LEU H 300 -26.55 17.30 31.22
C LEU H 300 -27.19 18.66 31.08
N LEU H 301 -28.09 18.78 30.10
CA LEU H 301 -28.89 19.98 29.92
C LEU H 301 -30.07 19.95 30.89
N GLN H 302 -30.09 20.91 31.82
CA GLN H 302 -31.10 20.93 32.86
C GLN H 302 -31.45 22.38 33.19
N ASP H 303 -32.58 22.57 33.86
CA ASP H 303 -33.01 23.91 34.25
C ASP H 303 -32.53 24.20 35.67
N GLU H 304 -33.06 25.27 36.29
CA GLU H 304 -32.60 25.67 37.61
C GLU H 304 -32.95 24.66 38.69
N ASP H 305 -34.02 23.89 38.51
CA ASP H 305 -34.42 22.90 39.49
C ASP H 305 -33.81 21.53 39.24
N GLY H 306 -33.04 21.37 38.17
CA GLY H 306 -32.51 20.07 37.81
C GLY H 306 -33.38 19.23 36.91
N GLN H 307 -34.40 19.81 36.28
CA GLN H 307 -35.21 19.09 35.32
C GLN H 307 -34.51 19.03 33.97
N THR H 308 -34.61 17.87 33.32
CA THR H 308 -34.01 17.71 32.00
C THR H 308 -34.74 18.60 31.00
N ILE H 309 -33.97 19.31 30.17
CA ILE H 309 -34.55 20.16 29.14
C ILE H 309 -34.36 19.50 27.79
N GLU H 310 -35.25 19.82 26.86
CA GLU H 310 -35.24 19.18 25.56
C GLU H 310 -34.01 19.59 24.76
N SER H 311 -33.40 18.63 24.10
CA SER H 311 -32.28 18.87 23.20
C SER H 311 -32.76 18.89 21.76
N HIS H 312 -32.04 19.65 20.92
CA HIS H 312 -32.39 19.78 19.51
C HIS H 312 -31.13 19.72 18.67
N SER H 313 -31.17 18.95 17.59
CA SER H 313 -30.09 18.90 16.63
C SER H 313 -30.64 18.32 15.33
N ILE H 314 -30.13 18.80 14.20
CA ILE H 314 -30.51 18.19 12.94
C ILE H 314 -29.98 16.76 12.86
N SER H 315 -29.02 16.42 13.73
CA SER H 315 -28.52 15.06 13.83
C SER H 315 -29.27 14.31 14.91
N ALA H 316 -29.66 13.07 14.60
CA ALA H 316 -30.40 12.28 15.57
C ALA H 316 -29.50 11.66 16.62
N GLY H 317 -28.28 11.27 16.24
CA GLY H 317 -27.38 10.60 17.16
C GLY H 317 -26.77 11.51 18.21
N LEU H 318 -26.69 12.81 17.94
CA LEU H 318 -26.20 13.78 18.92
C LEU H 318 -27.32 14.42 19.72
N ASP H 319 -28.58 14.10 19.41
CA ASP H 319 -29.75 14.70 20.04
C ASP H 319 -30.04 13.97 21.36
N TYR H 320 -29.19 14.25 22.35
CA TYR H 320 -29.27 13.60 23.64
C TYR H 320 -28.83 14.61 24.70
N PRO H 321 -29.60 14.79 25.77
CA PRO H 321 -29.29 15.86 26.73
C PRO H 321 -28.10 15.57 27.63
N GLY H 322 -27.58 14.34 27.65
CA GLY H 322 -26.51 13.97 28.54
C GLY H 322 -25.20 13.69 27.84
N VAL H 323 -24.24 13.19 28.62
CA VAL H 323 -22.90 12.89 28.13
C VAL H 323 -22.22 11.98 29.15
N GLY H 324 -21.35 11.08 28.67
CA GLY H 324 -20.72 10.08 29.51
C GLY H 324 -19.81 10.67 30.57
N PRO H 325 -19.69 9.99 31.71
CA PRO H 325 -18.93 10.56 32.84
C PRO H 325 -17.42 10.62 32.60
N GLU H 326 -16.85 9.70 31.83
CA GLU H 326 -15.42 9.77 31.58
C GLU H 326 -15.06 11.02 30.77
N HIS H 327 -15.97 11.49 29.92
CA HIS H 327 -15.74 12.75 29.22
C HIS H 327 -15.76 13.92 30.19
N ALA H 328 -16.72 13.94 31.12
CA ALA H 328 -16.77 15.01 32.12
C ALA H 328 -15.47 15.06 32.91
N TRP H 329 -14.91 13.90 33.22
CA TRP H 329 -13.62 13.85 33.91
C TRP H 329 -12.49 14.39 33.03
N LEU H 330 -12.42 13.94 31.78
CA LEU H 330 -11.37 14.41 30.89
C LEU H 330 -11.49 15.91 30.61
N LYS H 331 -12.72 16.45 30.66
CA LYS H 331 -12.88 17.89 30.54
C LYS H 331 -12.39 18.60 31.79
N GLU H 332 -12.74 18.08 32.96
CA GLU H 332 -12.26 18.69 34.20
C GLU H 332 -10.75 18.62 34.30
N ALA H 333 -10.16 17.52 33.83
CA ALA H 333 -8.71 17.35 33.85
C ALA H 333 -8.00 18.19 32.79
N GLY H 334 -8.72 18.80 31.87
CA GLY H 334 -8.09 19.59 30.83
C GLY H 334 -7.48 18.81 29.69
N ARG H 335 -7.68 17.48 29.66
CA ARG H 335 -7.07 16.66 28.63
C ARG H 335 -7.78 16.79 27.29
N VAL H 336 -9.09 17.00 27.29
CA VAL H 336 -9.90 17.10 26.08
C VAL H 336 -10.69 18.41 26.11
N ASP H 337 -10.74 19.09 24.97
CA ASP H 337 -11.60 20.25 24.79
C ASP H 337 -12.88 19.84 24.05
N TYR H 338 -13.99 20.46 24.41
CA TYR H 338 -15.29 20.17 23.81
C TYR H 338 -15.86 21.45 23.22
N ARG H 339 -16.01 21.48 21.89
CA ARG H 339 -16.42 22.67 21.16
C ARG H 339 -17.73 22.42 20.42
N PRO H 340 -18.54 23.44 20.23
CA PRO H 340 -19.83 23.28 19.55
C PRO H 340 -19.75 23.46 18.04
N ILE H 341 -20.58 22.68 17.34
CA ILE H 341 -20.73 22.75 15.89
C ILE H 341 -22.21 22.85 15.57
N THR H 342 -22.58 23.86 14.77
CA THR H 342 -23.98 24.13 14.46
C THR H 342 -24.49 23.23 13.34
N ASP H 343 -25.81 23.23 13.17
CA ASP H 343 -26.44 22.53 12.05
C ASP H 343 -25.80 22.94 10.73
N SER H 344 -25.72 24.26 10.48
CA SER H 344 -25.20 24.75 9.21
C SER H 344 -23.78 24.27 8.97
N GLU H 345 -22.90 24.40 9.99
CA GLU H 345 -21.52 23.97 9.84
C GLU H 345 -21.44 22.48 9.51
N ALA H 346 -22.21 21.66 10.23
CA ALA H 346 -22.21 20.23 9.98
C ALA H 346 -22.69 19.92 8.57
N MET H 347 -23.79 20.55 8.15
CA MET H 347 -24.31 20.27 6.82
C MET H 347 -23.39 20.76 5.71
N ASP H 348 -22.68 21.87 5.95
CA ASP H 348 -21.70 22.32 4.96
C ASP H 348 -20.56 21.31 4.83
N ALA H 349 -20.14 20.72 5.95
CA ALA H 349 -19.13 19.67 5.90
C ALA H 349 -19.67 18.40 5.25
N PHE H 350 -20.95 18.07 5.53
CA PHE H 350 -21.60 16.94 4.88
C PHE H 350 -21.47 17.04 3.36
N GLY H 351 -21.89 18.16 2.80
CA GLY H 351 -21.84 18.31 1.34
C GLY H 351 -20.42 18.32 0.82
N LEU H 352 -19.52 18.98 1.54
CA LEU H 352 -18.13 19.05 1.10
C LEU H 352 -17.50 17.67 1.04
N LEU H 353 -17.77 16.82 2.04
CA LEU H 353 -17.20 15.47 2.02
C LEU H 353 -17.79 14.64 0.89
N CYS H 354 -19.04 14.91 0.52
CA CYS H 354 -19.63 14.23 -0.63
C CYS H 354 -18.95 14.64 -1.93
N ARG H 355 -18.80 15.94 -2.16
CA ARG H 355 -18.25 16.44 -3.42
C ARG H 355 -16.75 16.20 -3.55
N MET H 356 -16.00 16.26 -2.44
CA MET H 356 -14.56 16.18 -2.49
C MET H 356 -14.03 14.76 -2.45
N GLU H 357 -14.57 13.92 -1.58
CA GLU H 357 -14.06 12.57 -1.38
C GLU H 357 -15.02 11.48 -1.79
N GLY H 358 -16.25 11.80 -2.18
CA GLY H 358 -17.21 10.77 -2.52
C GLY H 358 -17.68 9.95 -1.34
N ILE H 359 -17.54 10.46 -0.13
CA ILE H 359 -17.94 9.74 1.09
C ILE H 359 -19.17 10.45 1.63
N ILE H 360 -20.25 9.71 1.82
CA ILE H 360 -21.48 10.27 2.37
C ILE H 360 -21.47 10.04 3.87
N PRO H 361 -21.22 11.06 4.68
CA PRO H 361 -21.06 10.86 6.12
C PRO H 361 -22.37 10.96 6.89
N ALA H 362 -22.45 10.22 7.99
CA ALA H 362 -23.52 10.44 8.95
C ALA H 362 -23.48 11.89 9.41
N ILE H 363 -24.66 12.49 9.60
CA ILE H 363 -24.71 13.89 9.99
C ILE H 363 -24.03 14.09 11.35
N GLU H 364 -24.12 13.09 12.23
CA GLU H 364 -23.29 13.09 13.44
C GLU H 364 -21.82 13.30 13.09
N SER H 365 -21.30 12.47 12.18
CA SER H 365 -19.89 12.54 11.82
C SER H 365 -19.54 13.87 11.16
N ALA H 366 -20.48 14.46 10.41
CA ALA H 366 -20.20 15.74 9.76
C ALA H 366 -19.90 16.85 10.75
N HIS H 367 -20.38 16.73 11.99
CA HIS H 367 -19.98 17.67 13.03
C HIS H 367 -18.47 17.58 13.27
N ALA H 368 -17.93 16.36 13.32
CA ALA H 368 -16.50 16.20 13.53
C ALA H 368 -15.70 16.71 12.34
N VAL H 369 -16.14 16.40 11.12
CA VAL H 369 -15.47 16.91 9.93
C VAL H 369 -15.48 18.43 9.95
N ALA H 370 -16.65 19.03 10.19
CA ALA H 370 -16.74 20.49 10.27
C ALA H 370 -15.77 21.04 11.30
N GLY H 371 -15.66 20.39 12.45
CA GLY H 371 -14.70 20.84 13.45
C GLY H 371 -13.26 20.65 13.02
N ALA H 372 -12.97 19.59 12.27
CA ALA H 372 -11.62 19.39 11.75
C ALA H 372 -11.25 20.46 10.74
N LEU H 373 -12.22 20.90 9.93
CA LEU H 373 -11.94 21.98 8.98
C LEU H 373 -11.56 23.26 9.72
N LYS H 374 -12.28 23.60 10.79
CA LYS H 374 -11.91 24.77 11.58
C LYS H 374 -10.57 24.59 12.27
N LEU H 375 -10.32 23.38 12.79
CA LEU H 375 -9.07 23.13 13.50
C LEU H 375 -7.86 23.13 12.57
N GLY H 376 -8.02 22.65 11.33
CA GLY H 376 -6.93 22.70 10.38
C GLY H 376 -6.58 24.11 9.96
N VAL H 377 -7.59 24.99 9.86
CA VAL H 377 -7.34 26.39 9.54
C VAL H 377 -6.51 27.05 10.63
N GLU H 378 -6.65 26.60 11.88
CA GLU H 378 -5.91 27.22 12.97
C GLU H 378 -4.59 26.51 13.25
N LEU H 379 -4.44 25.25 12.84
CA LEU H 379 -3.16 24.55 13.04
C LEU H 379 -2.21 24.72 11.87
N GLY H 380 -2.70 25.11 10.69
CA GLY H 380 -1.83 25.45 9.59
C GLY H 380 -1.50 24.29 8.68
N ARG H 381 -0.75 24.61 7.62
CA ARG H 381 -0.37 23.62 6.62
C ARG H 381 0.46 22.50 7.23
N GLY H 382 0.17 21.27 6.81
CA GLY H 382 0.95 20.12 7.21
C GLY H 382 0.53 19.47 8.51
N ALA H 383 -0.33 20.12 9.29
CA ALA H 383 -0.83 19.52 10.52
C ALA H 383 -1.62 18.26 10.21
N VAL H 384 -1.43 17.24 11.04
CA VAL H 384 -2.10 15.95 10.88
C VAL H 384 -3.25 15.88 11.89
N ILE H 385 -4.47 15.73 11.38
CA ILE H 385 -5.68 15.65 12.19
C ILE H 385 -6.37 14.34 11.87
N VAL H 386 -6.52 13.48 12.87
CA VAL H 386 -7.28 12.25 12.71
C VAL H 386 -8.73 12.51 13.13
N VAL H 387 -9.68 12.23 12.25
CA VAL H 387 -11.10 12.42 12.51
C VAL H 387 -11.76 11.05 12.57
N ASN H 388 -12.50 10.79 13.63
CA ASN H 388 -13.32 9.58 13.69
C ASN H 388 -14.56 9.81 12.84
N LEU H 389 -14.65 9.12 11.71
CA LEU H 389 -15.82 9.17 10.85
C LEU H 389 -16.77 8.08 11.31
N SER H 390 -17.59 8.42 12.31
CA SER H 390 -18.28 7.41 13.10
C SER H 390 -19.29 6.60 12.30
N GLY H 391 -19.94 7.20 11.31
CA GLY H 391 -20.94 6.48 10.55
C GLY H 391 -21.11 6.99 9.14
N ARG H 392 -21.74 6.17 8.31
CA ARG H 392 -22.09 6.56 6.96
C ARG H 392 -23.43 7.27 6.95
N GLY H 393 -23.64 8.06 5.89
CA GLY H 393 -24.79 8.95 5.84
C GLY H 393 -25.92 8.52 4.94
N ASP H 394 -25.99 7.22 4.61
CA ASP H 394 -27.14 6.71 3.87
C ASP H 394 -28.45 7.07 4.56
N LYS H 395 -28.52 6.85 5.87
CA LYS H 395 -29.71 7.18 6.65
C LYS H 395 -30.09 8.65 6.57
N ASP H 396 -29.15 9.52 6.17
CA ASP H 396 -29.35 10.96 6.22
C ASP H 396 -29.56 11.58 4.85
N VAL H 397 -29.55 10.78 3.78
CA VAL H 397 -29.61 11.32 2.43
C VAL H 397 -30.86 12.18 2.27
N GLU H 398 -31.99 11.75 2.82
CA GLU H 398 -33.22 12.51 2.65
C GLU H 398 -33.16 13.82 3.42
N THR H 399 -32.67 13.78 4.67
CA THR H 399 -32.48 15.00 5.45
C THR H 399 -31.59 15.99 4.71
N ALA H 400 -30.48 15.50 4.14
CA ALA H 400 -29.54 16.36 3.44
C ALA H 400 -30.07 16.83 2.08
N ALA H 401 -30.86 16.00 1.40
CA ALA H 401 -31.47 16.43 0.15
C ALA H 401 -32.41 17.61 0.37
N LYS H 402 -33.24 17.54 1.41
CA LYS H 402 -34.10 18.67 1.75
C LYS H 402 -33.26 19.90 2.06
N TRP H 403 -32.23 19.74 2.92
CA TRP H 403 -31.40 20.86 3.33
C TRP H 403 -30.83 21.61 2.14
N PHE H 404 -30.31 20.89 1.15
CA PHE H 404 -29.79 21.52 -0.06
C PHE H 404 -30.85 21.65 -1.16
N GLY H 405 -32.12 21.45 -0.83
CA GLY H 405 -33.21 21.54 -1.79
C GLY H 405 -33.00 20.76 -3.06
N LEU H 406 -32.96 19.43 -2.97
CA LEU H 406 -32.77 18.58 -4.12
C LEU H 406 -33.98 17.68 -4.40
N LEU H 407 -35.11 17.93 -3.76
CA LEU H 407 -36.28 17.06 -3.88
C LEU H 407 -37.44 17.84 -4.49
N GLY H 408 -37.97 17.33 -5.60
CA GLY H 408 -39.10 17.96 -6.27
C GLY H 408 -38.71 19.03 -7.26
C1 MLA I . -28.50 10.27 -41.73
O1A MLA I . -28.71 11.37 -41.16
O1B MLA I . -27.38 9.71 -41.71
C2 MLA I . -29.64 9.59 -42.44
C3 MLA I . -30.92 10.40 -42.30
O3A MLA I . -31.01 11.49 -42.90
O3B MLA I . -31.84 9.95 -41.57
C ACT J . -33.86 13.15 -35.76
O ACT J . -34.19 11.97 -35.47
OXT ACT J . -34.71 14.07 -35.78
CH3 ACT J . -32.44 13.46 -36.11
C1 EDO K . -33.62 -0.23 -36.83
O1 EDO K . -34.70 0.14 -35.97
C2 EDO K . -33.76 0.45 -38.19
O2 EDO K . -32.60 0.19 -39.00
C11 HDJ L . -20.02 0.22 -24.76
C12 HDJ L . -21.04 0.13 -25.69
C13 HDJ L . -26.33 -0.24 -29.43
C14 HDJ L . -27.67 -0.93 -29.33
C16 HDJ L . -27.85 -1.98 -28.25
C17 HDJ L . -25.75 -0.16 -31.81
C1 HDJ L . -25.45 0.17 -27.13
C10 HDJ L . -20.17 -0.37 -23.51
C15 HDJ L . -26.02 -1.04 -30.68
C2 HDJ L . -25.27 -0.39 -28.39
C3 HDJ L . -24.05 -1.00 -28.69
C35 HDJ L . -19.04 -0.26 -22.52
C4 HDJ L . -23.04 -1.09 -27.74
C5 HDJ L . -23.25 -0.58 -26.47
C6 HDJ L . -24.45 0.07 -26.18
C7 HDJ L . -22.21 -0.57 -25.40
C8 HDJ L . -22.37 -1.15 -24.16
C9 HDJ L . -21.35 -1.06 -23.21
F1 HDJ L . -20.88 0.71 -26.89
F2 HDJ L . -23.49 -1.82 -23.88
F3 HDJ L . -26.97 -3.02 -28.38
N1 HDJ L . -27.39 -1.58 -30.64
N2 HDJ L . -25.52 0.50 -32.73
C1 MLT M . -4.59 10.03 -9.57
C1 MLT M . -4.19 7.01 -5.03
O1 MLT M . -3.98 10.83 -10.31
O1 MLT M . -4.39 7.12 -3.81
O2 MLT M . -5.75 9.69 -9.90
O2 MLT M . -3.93 5.88 -5.50
C2 MLT M . -3.93 9.52 -8.32
C2 MLT M . -4.26 8.22 -5.94
O3 MLT M . -2.61 9.20 -8.63
O3 MLT M . -5.31 9.06 -5.52
C3 MLT M . -4.66 8.27 -7.78
C3 MLT M . -4.46 7.81 -7.40
C4 MLT M . -4.54 8.20 -6.27
C4 MLT M . -3.99 8.91 -8.33
O4 MLT M . -4.23 7.12 -5.70
O4 MLT M . -4.80 9.70 -8.86
O5 MLT M . -4.73 9.22 -5.57
O5 MLT M . -2.76 9.03 -8.60
C FMT N . -37.46 -12.47 7.54
O1 FMT N . -38.62 -12.21 7.20
O2 FMT N . -36.96 -12.19 8.74
C ACT O . -9.88 -18.21 -24.81
O ACT O . -9.65 -17.42 -25.76
OXT ACT O . -9.68 -17.90 -23.62
CH3 ACT O . -10.25 -19.63 -25.14
C FMT P . -22.19 -23.35 8.20
O1 FMT P . -22.27 -22.79 7.12
O2 FMT P . -21.08 -23.44 8.91
C ACT Q . -11.18 -29.22 -4.02
O ACT Q . -10.97 -29.69 -2.88
OXT ACT Q . -12.32 -28.83 -4.37
CH3 ACT Q . -10.03 -29.06 -4.99
C FMT R . -20.56 -15.53 -34.28
O1 FMT R . -20.20 -15.35 -35.43
O2 FMT R . -21.45 -16.48 -34.02
C FMT S . -28.46 -12.52 -16.77
O1 FMT S . -29.08 -11.48 -16.54
O2 FMT S . -27.53 -12.96 -15.93
C FMT T . -2.39 6.60 -20.74
O1 FMT T . -2.80 6.61 -21.88
O2 FMT T . -2.49 5.48 -20.02
C FMT U . -11.85 -18.70 -20.11
O1 FMT U . -11.89 -17.49 -19.90
O2 FMT U . -11.19 -19.52 -19.30
C1 EDO V . -15.75 -30.08 -9.84
O1 EDO V . -16.79 -31.06 -9.79
C2 EDO V . -15.35 -29.81 -11.28
O2 EDO V . -16.41 -29.18 -12.00
C1 MLA W . 29.80 -20.61 39.10
O1A MLA W . 30.24 -19.94 40.06
O1B MLA W . 30.49 -20.90 38.10
C2 MLA W . 28.38 -21.13 39.16
C3 MLA W . 27.43 -20.00 38.82
O3A MLA W . 27.87 -18.83 38.80
O3B MLA W . 26.23 -20.30 38.59
C FMT X . 19.95 -43.74 22.73
O1 FMT X . 20.96 -44.02 23.38
O2 FMT X . 18.83 -43.34 23.33
C FMT Y . 44.80 -38.28 38.23
O1 FMT Y . 45.75 -37.91 37.57
O2 FMT Y . 44.76 -38.07 39.54
C FMT Z . 15.15 -35.24 19.46
O1 FMT Z . 14.19 -35.17 18.72
O2 FMT Z . 15.97 -36.26 19.37
C11 HDJ AA . 18.04 -17.27 19.57
C12 HDJ AA . 18.95 -18.10 20.23
C13 HDJ AA . 23.87 -21.54 22.80
C14 HDJ AA . 25.06 -22.30 22.27
C16 HDJ AA . 25.10 -22.58 20.77
C17 HDJ AA . 23.17 -22.60 24.86
C1 HDJ AA . 23.21 -19.76 21.18
C10 HDJ AA . 18.20 -17.05 18.21
C15 HDJ AA . 23.34 -22.82 23.42
C2 HDJ AA . 22.84 -20.86 21.94
C3 HDJ AA . 21.51 -21.26 21.95
C35 HDJ AA . 17.20 -16.16 17.51
C4 HDJ AA . 20.56 -20.61 21.17
C5 HDJ AA . 20.94 -19.52 20.37
C6 HDJ AA . 22.27 -19.09 20.40
C7 HDJ AA . 20.00 -18.70 19.56
C8 HDJ AA . 20.17 -18.46 18.21
C9 HDJ AA . 19.26 -17.64 17.53
F1 HDJ AA . 18.77 -18.29 21.56
F2 HDJ AA . 21.18 -19.02 17.54
F3 HDJ AA . 23.93 -23.17 20.37
N1 HDJ AA . 24.60 -23.49 23.04
N2 HDJ AA . 23.02 -22.41 25.99
C FMT BA . 5.76 -30.72 1.67
O1 FMT BA . 4.61 -30.58 1.27
O2 FMT BA . 6.04 -31.55 2.68
C FMT CA . 42.33 -20.60 -8.67
O1 FMT CA . 42.05 -19.54 -8.12
O2 FMT CA . 43.33 -20.65 -9.56
C FMT DA . 4.78 -29.36 9.90
O1 FMT DA . 4.22 -29.46 8.82
O2 FMT DA . 4.81 -30.40 10.73
C FMT EA . 1.38 4.09 -0.09
O1 FMT EA . 2.26 4.93 -0.10
O2 FMT EA . 1.68 2.80 -0.30
C FMT FA . 22.26 -16.22 -27.32
O1 FMT FA . 22.51 -15.49 -28.26
O2 FMT FA . 22.04 -17.51 -27.50
C FMT GA . 12.19 -32.58 -5.16
O1 FMT GA . 11.48 -31.60 -5.37
O2 FMT GA . 13.27 -32.77 -5.91
C1 EDO HA . 45.64 -14.14 -7.89
O1 EDO HA . 44.71 -15.09 -7.37
C2 EDO HA . 46.57 -14.83 -8.89
O2 EDO HA . 47.41 -13.84 -9.50
C1 EDO IA . 26.04 -12.82 6.63
O1 EDO IA . 25.80 -11.90 7.71
C2 EDO IA . 27.53 -12.97 6.37
O2 EDO IA . 28.02 -11.90 5.54
C1 EDO JA . 8.40 -33.14 -7.36
O1 EDO JA . 9.02 -33.50 -6.12
C2 EDO JA . 9.26 -33.63 -8.52
O2 EDO JA . 8.59 -33.38 -9.76
C1 EDO KA . 53.15 -7.27 -9.05
O1 EDO KA . 53.84 -8.25 -9.83
C2 EDO KA . 53.59 -5.84 -9.39
O2 EDO KA . 52.90 -5.41 -10.58
C FMT LA . 21.54 -26.72 13.75
O1 FMT LA . 21.78 -26.62 12.56
O2 FMT LA . 20.55 -27.48 14.21
C FMT MA . 2.48 -6.54 20.51
O1 FMT MA . 2.20 -7.07 19.45
O2 FMT MA . 2.88 -7.27 21.54
C FMT NA . 13.61 -36.66 13.71
O1 FMT NA . 12.80 -36.18 14.47
O2 FMT NA . 13.23 -37.58 12.82
C FMT OA . 20.15 -10.33 -23.31
O1 FMT OA . 20.24 -10.30 -24.53
O2 FMT OA . 20.08 -11.47 -22.63
C FMT PA . 24.44 -24.91 4.78
O1 FMT PA . 23.41 -25.55 4.66
O2 FMT PA . 24.72 -24.26 5.91
C1 EDO QA . 49.00 16.95 -39.97
O1 EDO QA . 47.77 17.39 -40.56
C2 EDO QA . 50.05 18.04 -40.07
O2 EDO QA . 51.24 17.65 -39.37
C11 HDJ RA . 30.80 13.19 -28.81
C12 HDJ RA . 31.89 14.04 -28.92
C13 HDJ RA . 37.31 17.75 -28.58
C14 HDJ RA . 38.05 18.55 -27.52
C16 HDJ RA . 37.28 18.90 -26.25
C17 HDJ RA . 37.59 18.91 -30.75
C1 HDJ RA . 35.98 15.95 -27.47
C10 HDJ RA . 30.25 12.94 -27.55
C15 HDJ RA . 37.13 19.03 -29.38
C2 HDJ RA . 36.02 17.02 -28.36
C3 HDJ RA . 34.88 17.31 -29.10
C35 HDJ RA . 29.08 12.03 -27.44
C4 HDJ RA . 33.70 16.58 -28.94
C5 HDJ RA . 33.64 15.54 -28.01
C6 HDJ RA . 34.81 15.22 -27.30
C7 HDJ RA . 32.44 14.68 -27.80
C8 HDJ RA . 31.90 14.41 -26.55
C9 HDJ RA . 30.81 13.56 -26.43
F1 HDJ RA . 32.38 14.25 -30.15
F2 HDJ RA . 32.41 14.97 -25.44
F3 HDJ RA . 36.20 19.69 -26.55
N1 HDJ RA . 38.07 19.70 -28.43
N2 HDJ RA . 37.97 18.80 -31.82
C FMT SA . 26.35 31.55 -29.67
O1 FMT SA . 25.56 31.62 -30.61
O2 FMT SA . 27.62 31.26 -29.89
C FMT TA . 20.58 15.60 -42.38
O1 FMT TA . 19.38 15.35 -42.34
O2 FMT TA . 21.39 14.89 -43.17
C FMT UA . 43.97 -0.26 -15.98
O1 FMT UA . 43.89 -0.56 -17.16
O2 FMT UA . 44.02 -1.20 -15.05
C FMT VA . 22.04 19.98 4.64
O1 FMT VA . 21.91 21.01 3.99
O2 FMT VA . 23.24 19.49 4.95
C1 EDO WA . 7.26 28.88 -8.56
O1 EDO WA . 6.23 28.56 -7.61
C2 EDO WA . 7.18 27.92 -9.73
O2 EDO WA . 8.30 28.13 -10.61
C1 EDO XA . 9.98 5.24 10.44
O1 EDO XA . 9.72 6.44 11.18
C2 EDO XA . 9.87 5.49 8.93
O2 EDO XA . 10.85 6.45 8.50
C1 EDO YA . -3.29 21.56 -0.80
O1 EDO YA . -3.98 22.50 0.04
C2 EDO YA . -1.97 22.16 -1.24
O2 EDO YA . -1.08 22.27 -0.12
C ACT ZA . -41.29 4.12 44.21
O ACT ZA . -41.05 4.97 43.34
OXT ACT ZA . -41.79 4.43 45.31
CH3 ACT ZA . -40.95 2.68 43.95
C1 EDO AB . -47.95 3.14 45.68
O1 EDO AB . -48.54 4.12 44.82
C2 EDO AB . -46.95 2.29 44.90
O2 EDO AB . -45.98 1.73 45.80
C ACT BB . -20.98 14.94 43.89
O ACT BB . -21.17 13.76 43.50
OXT ACT BB . -21.94 15.68 44.22
CH3 ACT BB . -19.58 15.44 44.05
C11 HDJ CB . -28.83 1.36 33.04
C12 HDJ CB . -29.68 2.24 33.69
C13 HDJ CB . -34.07 6.56 35.90
C14 HDJ CB . -34.66 7.89 35.46
C16 HDJ CB . -33.87 8.74 34.47
C17 HDJ CB . -34.31 6.36 38.29
C1 HDJ CB . -33.10 5.47 33.85
C10 HDJ CB . -28.30 1.71 31.81
C15 HDJ CB . -33.70 7.15 37.23
C2 HDJ CB . -32.98 5.82 35.20
C3 HDJ CB . -31.86 5.37 35.90
C35 HDJ CB . -27.36 0.75 31.11
C4 HDJ CB . -30.86 4.63 35.27
C5 HDJ CB . -30.96 4.32 33.90
C6 HDJ CB . -32.10 4.73 33.22
C7 HDJ CB . -29.99 3.48 33.15
C8 HDJ CB . -29.48 3.83 31.90
C9 HDJ CB . -28.62 2.94 31.24
F1 HDJ CB . -30.18 1.86 34.89
F2 HDJ CB . -29.78 5.01 31.33
F3 HDJ CB . -32.58 8.89 34.91
N1 HDJ CB . -34.45 8.36 36.84
N2 HDJ CB . -34.76 5.68 39.09
C FMT DB . 2.44 15.33 18.57
O1 FMT DB . 1.80 15.79 17.64
O2 FMT DB . 3.25 14.29 18.36
C FMT EB . -11.76 -5.25 26.74
O1 FMT EB . -11.42 -4.86 25.62
O2 FMT EB . -12.55 -6.30 26.84
C FMT FB . -20.23 -15.13 33.17
O1 FMT FB . -20.20 -15.34 34.37
O2 FMT FB . -19.32 -15.71 32.38
C FMT GB . -11.42 -7.39 7.49
O1 FMT GB . -11.03 -8.04 6.54
O2 FMT GB . -12.10 -7.96 8.49
C1 EDO HB . -29.86 3.33 10.88
O1 EDO HB . -28.63 3.97 11.24
C2 EDO HB . -29.56 1.99 10.22
O2 EDO HB . -29.94 2.05 8.83
C1 EDO IB . -1.02 19.12 23.91
O1 EDO IB . -2.41 18.86 24.14
C2 EDO IB . -0.79 19.68 22.51
O2 EDO IB . -1.21 21.04 22.48
C FMT JB . -30.14 -10.53 39.17
O1 FMT JB . -30.89 -10.96 38.31
O2 FMT JB . -28.92 -11.03 39.32
#